data_6E3B
#
_entry.id   6E3B
#
_cell.length_a   92.467
_cell.length_b   160.487
_cell.length_c   360.572
_cell.angle_alpha   90.000
_cell.angle_beta   90.320
_cell.angle_gamma   90.000
#
_symmetry.space_group_name_H-M   'C 1 2 1'
#
loop_
_entity.id
_entity.type
_entity.pdbx_description
1 polymer 'Tyrosine-protein phosphatase SIW14'
2 non-polymer 'SULFATE ION'
3 water water
#
_entity_poly.entity_id   1
_entity_poly.type   'polypeptide(L)'
_entity_poly.pdbx_seq_one_letter_code
;NKEVIPPENFSHVVGEIYRSSFPRQENFSFLHERLKLKSILVLIPEEYPQENLNFLKLTGIKLYQVGMSGNKEPFVNIPS
HLLTKALEIVLNPANQPILIHSNRGKHRTGCLIGCIRKLQNWSLTMIFDEYRRFAFPKARALDQQFIEMYDDDEIKRIAS
KNNWLPLQW
;
_entity_poly.pdbx_strand_id   A,B,C,D,E,F,G,H,I,J,K,L,M,N,O,P,Q,R,S,T,V,W,X,Y
#
loop_
_chem_comp.id
_chem_comp.type
_chem_comp.name
_chem_comp.formula
SO4 non-polymer 'SULFATE ION' 'O4 S -2'
#
# COMPACT_ATOMS: atom_id res chain seq x y z
N ASN A 1 59.42 -33.11 24.51
CA ASN A 1 59.30 -31.98 25.44
C ASN A 1 58.61 -30.80 24.76
N LYS A 2 57.67 -31.12 23.87
CA LYS A 2 56.90 -30.14 23.12
C LYS A 2 55.64 -29.73 23.87
N GLU A 3 55.05 -28.62 23.41
CA GLU A 3 53.84 -28.09 24.04
C GLU A 3 52.61 -28.94 23.73
N VAL A 4 51.91 -29.35 24.79
CA VAL A 4 50.71 -30.17 24.70
C VAL A 4 49.56 -29.39 25.31
N ILE A 5 48.37 -29.54 24.72
CA ILE A 5 47.20 -28.79 25.19
C ILE A 5 46.08 -29.75 25.60
N PRO A 6 45.74 -29.83 26.89
CA PRO A 6 44.60 -30.65 27.31
C PRO A 6 43.29 -29.96 26.93
N PRO A 7 42.20 -30.72 26.82
CA PRO A 7 40.91 -30.11 26.50
C PRO A 7 40.39 -29.26 27.65
N GLU A 8 39.44 -28.39 27.33
CA GLU A 8 38.82 -27.57 28.36
C GLU A 8 37.99 -28.45 29.30
N ASN A 9 37.98 -28.09 30.57
CA ASN A 9 37.26 -28.84 31.60
C ASN A 9 37.75 -30.29 31.68
N PHE A 10 39.03 -30.52 31.39
CA PHE A 10 39.61 -31.84 31.51
C PHE A 10 39.93 -32.13 32.97
N SER A 11 39.60 -33.35 33.40
CA SER A 11 40.02 -33.78 34.73
C SER A 11 40.02 -35.30 34.80
N HIS A 12 40.70 -35.82 35.82
CA HIS A 12 40.68 -37.22 36.17
C HIS A 12 39.57 -37.48 37.18
N VAL A 13 38.88 -38.61 37.04
CA VAL A 13 37.79 -38.92 37.96
C VAL A 13 38.25 -39.95 38.99
N VAL A 14 38.55 -41.17 38.53
CA VAL A 14 39.05 -42.22 39.41
C VAL A 14 39.71 -43.30 38.56
N GLY A 15 40.90 -43.74 38.96
CA GLY A 15 41.63 -44.76 38.22
C GLY A 15 42.05 -44.33 36.83
N GLU A 16 41.44 -44.90 35.80
CA GLU A 16 41.70 -44.54 34.41
C GLU A 16 40.46 -43.97 33.74
N ILE A 17 39.64 -43.25 34.51
CA ILE A 17 38.45 -42.58 34.01
C ILE A 17 38.69 -41.08 34.03
N TYR A 18 38.47 -40.44 32.89
CA TYR A 18 38.73 -39.01 32.74
C TYR A 18 37.49 -38.31 32.20
N ARG A 19 37.47 -36.99 32.39
CA ARG A 19 36.40 -36.14 31.87
C ARG A 19 37.03 -34.99 31.11
N SER A 20 36.31 -34.49 30.12
CA SER A 20 36.75 -33.33 29.34
C SER A 20 35.54 -32.74 28.63
N SER A 21 35.79 -31.65 27.91
CA SER A 21 34.83 -31.13 26.96
C SER A 21 35.07 -31.81 25.61
N PHE A 22 34.42 -31.32 24.57
CA PHE A 22 34.59 -31.92 23.25
C PHE A 22 35.99 -31.61 22.73
N PRO A 23 36.84 -32.61 22.49
CA PRO A 23 38.23 -32.31 22.12
C PRO A 23 38.36 -31.74 20.73
N ARG A 24 39.37 -30.90 20.57
CA ARG A 24 39.71 -30.27 19.30
C ARG A 24 41.02 -30.86 18.79
N GLN A 25 41.51 -30.32 17.68
CA GLN A 25 42.70 -30.90 17.06
C GLN A 25 43.94 -30.70 17.92
N GLU A 26 44.04 -29.57 18.63
CA GLU A 26 45.20 -29.33 19.48
C GLU A 26 45.21 -30.22 20.72
N ASN A 27 44.10 -30.88 21.04
CA ASN A 27 44.03 -31.79 22.18
C ASN A 27 44.38 -33.22 21.81
N PHE A 28 44.58 -33.50 20.53
CA PHE A 28 44.78 -34.87 20.08
C PHE A 28 46.08 -35.44 20.63
N SER A 29 47.13 -34.61 20.65
CA SER A 29 48.41 -35.04 21.20
C SER A 29 48.27 -35.38 22.68
N PHE A 30 47.45 -34.62 23.40
CA PHE A 30 47.23 -34.89 24.82
C PHE A 30 46.45 -36.19 24.99
N LEU A 31 45.51 -36.45 24.08
CA LEU A 31 44.70 -37.65 24.22
C LEU A 31 45.47 -38.93 23.85
N HIS A 32 46.45 -38.83 22.96
CA HIS A 32 47.11 -40.05 22.51
C HIS A 32 48.47 -40.29 23.16
N GLU A 33 49.32 -39.28 23.26
CA GLU A 33 50.69 -39.52 23.69
C GLU A 33 50.88 -39.44 25.20
N ARG A 34 49.91 -38.88 25.94
CA ARG A 34 50.03 -38.78 27.39
C ARG A 34 48.98 -39.60 28.13
N LEU A 35 47.72 -39.58 27.67
CA LEU A 35 46.69 -40.42 28.28
C LEU A 35 46.69 -41.82 27.70
N LYS A 36 46.95 -41.96 26.39
CA LYS A 36 46.89 -43.23 25.69
C LYS A 36 45.55 -43.92 25.92
N LEU A 37 44.50 -43.24 25.48
CA LEU A 37 43.15 -43.74 25.69
C LEU A 37 42.93 -44.98 24.82
N LYS A 38 42.07 -45.88 25.30
CA LYS A 38 41.68 -47.02 24.50
C LYS A 38 40.28 -46.88 23.93
N SER A 39 39.40 -46.15 24.62
CA SER A 39 38.09 -45.83 24.10
C SER A 39 37.68 -44.46 24.62
N ILE A 40 36.66 -43.89 23.99
CA ILE A 40 36.07 -42.63 24.41
C ILE A 40 34.56 -42.76 24.31
N LEU A 41 33.86 -42.38 25.37
CA LEU A 41 32.41 -42.38 25.39
C LEU A 41 31.91 -40.95 25.20
N VAL A 42 31.16 -40.72 24.13
CA VAL A 42 30.58 -39.42 23.84
C VAL A 42 29.09 -39.50 24.12
N LEU A 43 28.53 -38.37 24.56
CA LEU A 43 27.16 -38.28 25.04
C LEU A 43 26.34 -37.30 24.20
N ILE A 44 26.57 -37.30 22.90
CA ILE A 44 25.87 -36.40 21.99
C ILE A 44 24.98 -37.24 21.09
N PRO A 45 23.76 -36.79 20.77
CA PRO A 45 22.95 -37.54 19.79
C PRO A 45 23.36 -37.24 18.36
N GLU A 46 24.08 -36.16 18.12
CA GLU A 46 24.53 -35.80 16.80
C GLU A 46 25.66 -36.72 16.34
N GLU A 47 25.93 -36.71 15.04
CA GLU A 47 26.96 -37.56 14.48
C GLU A 47 28.34 -37.04 14.87
N TYR A 48 29.27 -37.97 15.08
CA TYR A 48 30.62 -37.62 15.50
C TYR A 48 31.38 -37.06 14.30
N PRO A 49 32.14 -35.98 14.47
CA PRO A 49 32.75 -35.33 13.31
C PRO A 49 33.80 -36.21 12.66
N GLN A 50 34.02 -35.96 11.37
CA GLN A 50 34.84 -36.86 10.57
C GLN A 50 36.32 -36.70 10.89
N GLU A 51 36.73 -35.48 11.22
CA GLU A 51 38.14 -35.24 11.56
C GLU A 51 38.53 -35.90 12.87
N ASN A 52 37.59 -36.00 13.81
CA ASN A 52 37.83 -36.73 15.05
C ASN A 52 37.78 -38.25 14.82
N LEU A 53 36.87 -38.70 13.96
CA LEU A 53 36.75 -40.12 13.67
C LEU A 53 38.00 -40.65 12.96
N ASN A 54 38.62 -39.84 12.12
CA ASN A 54 39.84 -40.29 11.46
C ASN A 54 40.97 -40.45 12.47
N PHE A 55 41.05 -39.55 13.45
CA PHE A 55 42.06 -39.69 14.50
C PHE A 55 41.79 -40.93 15.35
N LEU A 56 40.52 -41.24 15.60
CA LEU A 56 40.21 -42.44 16.37
C LEU A 56 40.59 -43.69 15.60
N LYS A 57 40.44 -43.66 14.28
CA LYS A 57 40.89 -44.81 13.48
C LYS A 57 42.40 -44.86 13.37
N LEU A 58 43.06 -43.71 13.49
CA LEU A 58 44.52 -43.68 13.47
C LEU A 58 45.11 -44.29 14.74
N THR A 59 44.43 -44.11 15.88
CA THR A 59 44.98 -44.62 17.13
C THR A 59 44.41 -45.97 17.53
N GLY A 60 43.29 -46.37 16.96
CA GLY A 60 42.63 -47.60 17.38
C GLY A 60 41.70 -47.40 18.55
N ILE A 61 41.37 -46.16 18.87
CA ILE A 61 40.47 -45.84 19.98
C ILE A 61 39.04 -46.12 19.54
N LYS A 62 38.35 -47.01 20.25
CA LYS A 62 36.98 -47.34 19.92
C LYS A 62 36.06 -46.24 20.43
N LEU A 63 35.07 -45.88 19.63
CA LEU A 63 34.13 -44.83 19.98
C LEU A 63 32.88 -45.47 20.55
N TYR A 64 32.49 -45.05 21.74
CA TYR A 64 31.22 -45.42 22.35
C TYR A 64 30.32 -44.20 22.41
N GLN A 65 29.03 -44.41 22.20
CA GLN A 65 28.07 -43.31 22.15
C GLN A 65 26.80 -43.71 22.89
N VAL A 66 26.45 -42.93 23.91
CA VAL A 66 25.17 -43.03 24.59
C VAL A 66 24.52 -41.66 24.39
N GLY A 67 23.58 -41.59 23.44
CA GLY A 67 23.02 -40.32 23.03
C GLY A 67 22.12 -39.73 24.09
N MET A 68 22.51 -38.59 24.67
CA MET A 68 21.71 -37.88 25.65
C MET A 68 21.28 -36.52 25.11
N SER A 69 20.04 -36.13 25.42
CA SER A 69 19.49 -34.90 24.89
C SER A 69 20.13 -33.69 25.57
N GLY A 70 20.48 -32.68 24.77
CA GLY A 70 20.95 -31.44 25.35
C GLY A 70 19.82 -30.73 26.04
N ASN A 71 18.89 -30.17 25.25
CA ASN A 71 17.58 -29.81 25.77
C ASN A 71 16.46 -30.52 25.01
N LYS A 72 16.32 -30.25 23.71
CA LYS A 72 15.33 -30.88 22.82
C LYS A 72 13.93 -30.84 23.41
N GLU A 73 13.76 -30.08 24.48
CA GLU A 73 12.56 -30.04 25.31
C GLU A 73 12.74 -28.93 26.32
N PRO A 74 11.66 -28.38 26.86
CA PRO A 74 11.84 -27.31 27.84
C PRO A 74 12.37 -27.82 29.17
N PHE A 75 13.67 -28.04 29.25
CA PHE A 75 14.40 -27.97 30.52
C PHE A 75 13.94 -28.93 31.61
N VAL A 76 14.27 -30.23 31.57
CA VAL A 76 14.96 -30.99 30.52
C VAL A 76 14.75 -32.40 31.05
N ASN A 77 15.01 -33.45 30.28
CA ASN A 77 15.04 -34.76 30.91
C ASN A 77 16.12 -35.66 30.34
N ILE A 78 16.76 -36.42 31.25
CA ILE A 78 17.77 -37.39 30.91
C ILE A 78 17.36 -38.70 31.59
N PRO A 79 17.18 -39.79 30.85
CA PRO A 79 16.74 -41.04 31.47
C PRO A 79 17.85 -41.77 32.22
N SER A 80 17.43 -42.73 33.04
CA SER A 80 18.34 -43.49 33.90
C SER A 80 18.96 -44.69 33.20
N HIS A 81 18.30 -45.24 32.17
CA HIS A 81 18.87 -46.38 31.48
C HIS A 81 20.06 -45.98 30.63
N LEU A 82 20.07 -44.73 30.13
CA LEU A 82 21.25 -44.26 29.40
C LEU A 82 22.44 -44.13 30.34
N LEU A 83 22.17 -43.69 31.57
CA LEU A 83 23.23 -43.62 32.56
C LEU A 83 23.73 -45.02 32.91
N THR A 84 22.82 -45.99 32.98
CA THR A 84 23.24 -47.35 33.28
C THR A 84 24.12 -47.92 32.18
N LYS A 85 23.76 -47.67 30.91
CA LYS A 85 24.58 -48.17 29.81
C LYS A 85 25.95 -47.50 29.79
N ALA A 86 25.98 -46.18 30.03
CA ALA A 86 27.26 -45.48 30.04
C ALA A 86 28.11 -45.96 31.20
N LEU A 87 27.48 -46.32 32.33
CA LEU A 87 28.23 -46.88 33.44
C LEU A 87 28.79 -48.24 33.10
N GLU A 88 28.03 -49.05 32.33
CA GLU A 88 28.55 -50.34 31.90
C GLU A 88 29.76 -50.16 30.99
N ILE A 89 29.78 -49.07 30.22
CA ILE A 89 30.95 -48.84 29.37
C ILE A 89 32.15 -48.35 30.18
N VAL A 90 31.92 -47.43 31.13
CA VAL A 90 33.06 -46.81 31.79
C VAL A 90 33.65 -47.71 32.87
N LEU A 91 32.85 -48.54 33.53
CA LEU A 91 33.36 -49.37 34.60
C LEU A 91 33.98 -50.66 34.10
N ASN A 92 33.82 -50.99 32.81
CA ASN A 92 34.44 -52.18 32.25
C ASN A 92 35.92 -51.94 32.01
N PRO A 93 36.81 -52.73 32.59
CA PRO A 93 38.26 -52.51 32.41
C PRO A 93 38.76 -52.81 31.00
N ALA A 94 37.96 -53.48 30.16
CA ALA A 94 38.38 -53.70 28.78
C ALA A 94 38.32 -52.45 27.91
N ASN A 95 37.68 -51.38 28.39
CA ASN A 95 37.60 -50.13 27.67
C ASN A 95 38.44 -49.00 28.28
N GLN A 96 39.20 -49.28 29.34
CA GLN A 96 39.95 -48.21 29.99
C GLN A 96 41.40 -48.21 29.52
N PRO A 97 42.07 -47.04 29.44
CA PRO A 97 41.65 -45.67 29.80
C PRO A 97 40.58 -45.08 28.89
N ILE A 98 39.49 -44.59 29.49
CA ILE A 98 38.34 -44.07 28.76
C ILE A 98 38.11 -42.61 29.12
N LEU A 99 37.76 -41.80 28.13
CA LEU A 99 37.44 -40.38 28.31
C LEU A 99 35.96 -40.16 28.04
N ILE A 100 35.24 -39.64 29.03
CA ILE A 100 33.84 -39.27 28.90
C ILE A 100 33.78 -37.78 28.60
N HIS A 101 33.06 -37.41 27.55
CA HIS A 101 32.94 -36.00 27.20
C HIS A 101 31.58 -35.74 26.57
N SER A 102 31.24 -34.45 26.52
CA SER A 102 30.02 -33.97 25.90
C SER A 102 30.39 -32.69 25.16
N ASN A 103 29.40 -31.87 24.83
CA ASN A 103 29.68 -30.64 24.08
C ASN A 103 30.61 -29.72 24.86
N ARG A 104 30.44 -29.64 26.17
CA ARG A 104 31.33 -28.85 27.00
C ARG A 104 31.81 -29.55 28.26
N GLY A 105 31.37 -30.78 28.51
CA GLY A 105 31.83 -31.51 29.67
C GLY A 105 31.26 -31.03 30.99
N LYS A 106 30.06 -30.45 30.98
CA LYS A 106 29.47 -29.87 32.19
C LYS A 106 28.24 -30.62 32.66
N HIS A 107 27.25 -30.83 31.79
CA HIS A 107 25.95 -31.33 32.22
C HIS A 107 25.80 -32.82 32.00
N ARG A 108 26.01 -33.29 30.76
CA ARG A 108 25.89 -34.72 30.49
C ARG A 108 27.04 -35.49 31.10
N THR A 109 28.25 -34.94 31.02
CA THR A 109 29.41 -35.59 31.62
C THR A 109 29.33 -35.58 33.14
N GLY A 110 28.91 -34.44 33.70
CA GLY A 110 28.88 -34.31 35.15
C GLY A 110 27.83 -35.16 35.85
N CYS A 111 26.71 -35.44 35.18
CA CYS A 111 25.69 -36.25 35.84
C CYS A 111 26.09 -37.73 35.88
N LEU A 112 26.70 -38.22 34.80
CA LEU A 112 27.21 -39.59 34.83
C LEU A 112 28.34 -39.71 35.83
N ILE A 113 29.18 -38.66 35.93
CA ILE A 113 30.26 -38.72 36.91
C ILE A 113 29.72 -38.60 38.33
N GLY A 114 28.62 -37.87 38.53
CA GLY A 114 28.01 -37.82 39.85
C GLY A 114 27.44 -39.16 40.27
N CYS A 115 26.93 -39.93 39.32
CA CYS A 115 26.48 -41.28 39.65
C CYS A 115 27.66 -42.24 39.79
N ILE A 116 28.79 -41.95 39.13
CA ILE A 116 30.01 -42.69 39.41
C ILE A 116 30.42 -42.47 40.85
N ARG A 117 30.31 -41.22 41.32
CA ARG A 117 30.63 -40.91 42.72
C ARG A 117 29.61 -41.52 43.67
N LYS A 118 28.38 -41.69 43.20
CA LYS A 118 27.39 -42.39 44.00
C LYS A 118 27.73 -43.86 44.12
N LEU A 119 28.41 -44.42 43.11
CA LEU A 119 28.90 -45.79 43.23
C LEU A 119 30.05 -45.89 44.22
N GLN A 120 30.80 -44.80 44.41
CA GLN A 120 31.87 -44.75 45.40
C GLN A 120 31.37 -44.44 46.81
N ASN A 121 30.05 -44.34 47.00
CA ASN A 121 29.45 -44.05 48.30
C ASN A 121 29.95 -42.72 48.84
N TRP A 122 30.02 -41.72 47.97
CA TRP A 122 30.34 -40.38 48.41
C TRP A 122 29.09 -39.74 49.03
N SER A 123 29.32 -38.75 49.90
CA SER A 123 28.22 -37.94 50.36
C SER A 123 27.74 -37.06 49.20
N LEU A 124 26.43 -36.79 49.18
CA LEU A 124 25.87 -36.02 48.07
C LEU A 124 26.41 -34.60 48.04
N THR A 125 26.87 -34.09 49.18
CA THR A 125 27.44 -32.74 49.23
C THR A 125 28.68 -32.64 48.35
N MET A 126 29.59 -33.62 48.44
CA MET A 126 30.81 -33.55 47.64
C MET A 126 30.53 -33.85 46.17
N ILE A 127 29.54 -34.68 45.89
CA ILE A 127 29.15 -34.94 44.51
C ILE A 127 28.62 -33.67 43.87
N PHE A 128 27.78 -32.93 44.60
CA PHE A 128 27.20 -31.70 44.06
C PHE A 128 28.26 -30.60 43.99
N ASP A 129 29.25 -30.62 44.89
CA ASP A 129 30.30 -29.62 44.83
C ASP A 129 31.19 -29.85 43.62
N GLU A 130 31.48 -31.11 43.29
CA GLU A 130 32.24 -31.38 42.08
C GLU A 130 31.44 -31.02 40.83
N TYR A 131 30.13 -31.32 40.85
CA TYR A 131 29.30 -30.97 39.70
C TYR A 131 29.29 -29.47 39.48
N ARG A 132 29.10 -28.69 40.55
CA ARG A 132 29.05 -27.25 40.39
C ARG A 132 30.42 -26.64 40.11
N ARG A 133 31.51 -27.30 40.53
CA ARG A 133 32.83 -26.81 40.18
C ARG A 133 33.10 -26.96 38.69
N PHE A 134 32.64 -28.05 38.09
CA PHE A 134 32.90 -28.19 36.65
C PHE A 134 31.85 -27.52 35.79
N ALA A 135 30.61 -27.42 36.26
CA ALA A 135 29.49 -26.91 35.48
C ALA A 135 29.27 -25.41 35.67
N PHE A 136 30.14 -24.74 36.42
CA PHE A 136 30.01 -23.30 36.55
C PHE A 136 30.32 -22.63 35.22
N PRO A 137 29.55 -21.61 34.82
CA PRO A 137 28.46 -20.96 35.58
C PRO A 137 27.07 -21.57 35.40
N LYS A 138 26.85 -22.35 34.33
CA LYS A 138 25.53 -22.86 34.01
C LYS A 138 25.27 -24.22 34.69
N ALA A 139 25.38 -24.21 36.02
CA ALA A 139 25.10 -25.38 36.85
C ALA A 139 23.60 -25.53 37.05
N ARG A 140 23.03 -26.65 36.62
CA ARG A 140 21.59 -26.88 36.63
C ARG A 140 21.18 -27.82 37.76
N ALA A 141 20.10 -27.45 38.45
CA ALA A 141 19.61 -28.28 39.57
C ALA A 141 18.94 -29.55 39.10
N LEU A 142 18.52 -29.62 37.83
CA LEU A 142 17.89 -30.84 37.33
C LEU A 142 18.90 -31.97 37.19
N ASP A 143 20.16 -31.65 36.89
CA ASP A 143 21.19 -32.68 36.87
C ASP A 143 21.47 -33.19 38.27
N GLN A 144 21.43 -32.31 39.26
CA GLN A 144 21.60 -32.77 40.63
C GLN A 144 20.42 -33.61 41.08
N GLN A 145 19.22 -33.28 40.61
CA GLN A 145 18.07 -34.13 40.88
C GLN A 145 18.20 -35.50 40.22
N PHE A 146 18.77 -35.52 39.00
CA PHE A 146 18.97 -36.78 38.32
C PHE A 146 20.00 -37.64 39.03
N ILE A 147 21.02 -37.00 39.63
CA ILE A 147 21.99 -37.75 40.42
C ILE A 147 21.36 -38.25 41.70
N GLU A 148 20.51 -37.43 42.32
CA GLU A 148 19.91 -37.81 43.59
C GLU A 148 18.88 -38.93 43.43
N MET A 149 18.16 -38.97 42.30
CA MET A 149 17.09 -39.95 42.10
C MET A 149 17.54 -41.20 41.38
N TYR A 150 18.81 -41.32 41.00
CA TYR A 150 19.24 -42.45 40.19
C TYR A 150 19.33 -43.72 41.03
N ASP A 151 18.62 -44.76 40.61
CA ASP A 151 18.67 -46.06 41.27
C ASP A 151 19.82 -46.88 40.67
N ASP A 152 20.85 -47.13 41.48
CA ASP A 152 22.06 -47.80 41.02
C ASP A 152 22.13 -49.26 41.45
N ASP A 153 21.01 -49.87 41.84
CA ASP A 153 21.11 -51.24 42.35
C ASP A 153 21.42 -52.23 41.23
N GLU A 154 20.89 -51.97 40.03
CA GLU A 154 21.18 -52.85 38.91
C GLU A 154 22.65 -52.73 38.52
N ILE A 155 23.20 -51.52 38.53
CA ILE A 155 24.58 -51.35 38.13
C ILE A 155 25.51 -51.86 39.22
N LYS A 156 25.10 -51.81 40.50
CA LYS A 156 25.92 -52.42 41.55
C LYS A 156 25.93 -53.93 41.47
N ARG A 157 24.81 -54.53 41.07
CA ARG A 157 24.82 -55.97 40.90
C ARG A 157 25.66 -56.37 39.69
N ILE A 158 25.62 -55.57 38.63
CA ILE A 158 26.43 -55.88 37.45
C ILE A 158 27.91 -55.73 37.78
N ALA A 159 28.25 -54.74 38.59
CA ALA A 159 29.63 -54.53 38.98
C ALA A 159 30.10 -55.59 39.96
N SER A 160 29.18 -56.14 40.76
CA SER A 160 29.56 -57.17 41.71
C SER A 160 29.74 -58.54 41.07
N LYS A 161 28.97 -58.89 40.02
CA LYS A 161 29.29 -60.18 39.39
C LYS A 161 30.56 -60.11 38.56
N ASN A 162 30.79 -58.99 37.88
CA ASN A 162 31.95 -58.87 37.02
C ASN A 162 33.14 -58.28 37.77
N ASN A 163 32.99 -58.10 39.09
CA ASN A 163 34.08 -57.65 39.96
C ASN A 163 34.67 -56.33 39.47
N TRP A 164 33.80 -55.38 39.16
CA TRP A 164 34.27 -54.07 38.73
C TRP A 164 34.40 -53.10 39.90
N LEU A 165 33.51 -53.20 40.89
CA LEU A 165 33.58 -52.44 42.13
C LEU A 165 34.43 -53.20 43.13
N PRO A 166 35.23 -52.53 43.97
CA PRO A 166 35.44 -51.08 44.15
C PRO A 166 36.28 -50.40 43.07
N LEU A 167 36.06 -49.09 42.93
CA LEU A 167 36.81 -48.25 42.01
C LEU A 167 38.16 -47.88 42.64
N GLN A 168 39.25 -48.28 42.00
CA GLN A 168 40.59 -48.07 42.54
C GLN A 168 41.24 -46.79 42.01
N TRP A 169 42.02 -46.15 42.86
CA TRP A 169 42.73 -44.93 42.49
C TRP A 169 44.12 -45.23 41.93
N ASN B 1 24.08 18.01 30.48
CA ASN B 1 23.74 17.22 31.65
C ASN B 1 22.48 16.38 31.43
N LYS B 2 22.33 15.83 30.23
CA LYS B 2 21.17 15.02 29.94
C LYS B 2 21.41 13.58 30.40
N GLU B 3 20.32 12.85 30.63
CA GLU B 3 20.46 11.45 31.04
C GLU B 3 20.84 10.62 29.82
N VAL B 4 22.04 10.04 29.85
CA VAL B 4 22.58 9.24 28.75
C VAL B 4 22.97 7.88 29.28
N ILE B 5 22.78 6.86 28.44
CA ILE B 5 23.03 5.46 28.82
C ILE B 5 24.10 4.83 27.93
N PRO B 6 25.26 4.49 28.46
CA PRO B 6 26.26 3.77 27.67
C PRO B 6 25.82 2.33 27.45
N PRO B 7 26.36 1.66 26.43
CA PRO B 7 26.00 0.25 26.20
C PRO B 7 26.53 -0.63 27.33
N GLU B 8 25.99 -1.84 27.40
CA GLU B 8 26.43 -2.77 28.43
C GLU B 8 27.88 -3.18 28.17
N ASN B 9 28.64 -3.30 29.27
CA ASN B 9 30.06 -3.65 29.20
C ASN B 9 30.83 -2.69 28.30
N PHE B 10 30.44 -1.42 28.34
CA PHE B 10 31.23 -0.40 27.66
C PHE B 10 32.44 -0.08 28.52
N SER B 11 33.58 0.07 27.87
CA SER B 11 34.78 0.50 28.56
C SER B 11 35.73 1.12 27.55
N HIS B 12 36.73 1.80 28.07
CA HIS B 12 37.81 2.36 27.27
C HIS B 12 38.88 1.30 27.08
N VAL B 13 39.49 1.26 25.91
CA VAL B 13 40.48 0.23 25.63
C VAL B 13 41.88 0.82 25.75
N VAL B 14 42.23 1.74 24.85
CA VAL B 14 43.50 2.44 24.92
C VAL B 14 43.38 3.67 24.02
N GLY B 15 43.83 4.81 24.53
CA GLY B 15 43.79 6.03 23.72
C GLY B 15 42.40 6.45 23.32
N GLU B 16 42.09 6.29 22.03
CA GLU B 16 40.78 6.61 21.49
C GLU B 16 40.08 5.37 20.93
N ILE B 17 40.32 4.21 21.54
CA ILE B 17 39.66 2.97 21.16
C ILE B 17 38.74 2.54 22.30
N TYR B 18 37.50 2.20 21.98
CA TYR B 18 36.52 1.83 22.98
C TYR B 18 35.94 0.46 22.64
N ARG B 19 35.32 -0.16 23.64
CA ARG B 19 34.64 -1.44 23.47
C ARG B 19 33.23 -1.34 24.00
N SER B 20 32.32 -2.13 23.41
CA SER B 20 30.95 -2.15 23.89
C SER B 20 30.25 -3.42 23.40
N SER B 21 29.00 -3.58 23.80
CA SER B 21 28.10 -4.57 23.24
C SER B 21 27.41 -3.97 22.01
N PHE B 22 26.39 -4.66 21.49
CA PHE B 22 25.67 -4.15 20.33
C PHE B 22 24.85 -2.93 20.76
N PRO B 23 25.05 -1.76 20.17
CA PRO B 23 24.36 -0.56 20.65
C PRO B 23 22.88 -0.59 20.34
N ARG B 24 22.10 -0.02 21.25
CA ARG B 24 20.66 0.15 21.09
C ARG B 24 20.34 1.64 20.98
N GLN B 25 19.06 1.96 20.89
CA GLN B 25 18.68 3.35 20.64
C GLN B 25 19.04 4.26 21.80
N GLU B 26 18.87 3.77 23.03
CA GLU B 26 19.17 4.59 24.20
C GLU B 26 20.65 4.86 24.36
N ASN B 27 21.50 4.13 23.66
CA ASN B 27 22.93 4.34 23.71
C ASN B 27 23.43 5.29 22.63
N PHE B 28 22.58 5.71 21.69
CA PHE B 28 23.09 6.44 20.53
C PHE B 28 23.64 7.80 20.91
N SER B 29 22.95 8.52 21.79
CA SER B 29 23.45 9.81 22.25
C SER B 29 24.78 9.66 22.97
N PHE B 30 25.02 8.49 23.58
CA PHE B 30 26.29 8.28 24.26
C PHE B 30 27.45 8.23 23.26
N LEU B 31 27.22 7.62 22.09
CA LEU B 31 28.33 7.42 21.16
C LEU B 31 28.72 8.70 20.42
N HIS B 32 27.79 9.62 20.21
CA HIS B 32 28.05 10.81 19.43
C HIS B 32 28.29 12.05 20.28
N GLU B 33 27.49 12.26 21.32
CA GLU B 33 27.60 13.50 22.09
C GLU B 33 28.66 13.42 23.17
N ARG B 34 29.06 12.21 23.57
CA ARG B 34 30.07 12.03 24.60
C ARG B 34 31.32 11.35 24.10
N LEU B 35 31.17 10.30 23.30
CA LEU B 35 32.34 9.68 22.70
C LEU B 35 32.81 10.44 21.47
N LYS B 36 31.88 11.05 20.75
CA LYS B 36 32.18 11.74 19.49
C LYS B 36 32.91 10.78 18.56
N LEU B 37 32.27 9.65 18.31
CA LEU B 37 32.92 8.59 17.56
C LEU B 37 33.11 8.99 16.12
N LYS B 38 34.16 8.46 15.53
CA LYS B 38 34.40 8.60 14.09
C LYS B 38 34.20 7.30 13.32
N SER B 39 34.38 6.15 13.97
CA SER B 39 34.13 4.88 13.30
C SER B 39 33.60 3.85 14.29
N ILE B 40 32.99 2.80 13.73
CA ILE B 40 32.50 1.67 14.53
C ILE B 40 32.88 0.38 13.82
N LEU B 41 33.55 -0.52 14.54
CA LEU B 41 33.90 -1.84 14.04
C LEU B 41 32.99 -2.88 14.66
N VAL B 42 32.23 -3.58 13.81
CA VAL B 42 31.36 -4.66 14.23
C VAL B 42 31.97 -5.98 13.77
N LEU B 43 31.90 -7.00 14.63
CA LEU B 43 32.61 -8.26 14.44
C LEU B 43 31.66 -9.44 14.32
N ILE B 44 30.49 -9.20 13.73
CA ILE B 44 29.50 -10.23 13.45
C ILE B 44 29.44 -10.45 11.94
N PRO B 45 29.20 -11.67 11.46
CA PRO B 45 28.98 -11.87 10.03
C PRO B 45 27.59 -11.48 9.57
N GLU B 46 26.64 -11.30 10.50
CA GLU B 46 25.28 -10.92 10.13
C GLU B 46 25.20 -9.48 9.66
N GLU B 47 24.11 -9.17 8.98
CA GLU B 47 23.88 -7.84 8.44
C GLU B 47 23.52 -6.84 9.53
N TYR B 48 23.97 -5.59 9.35
CA TYR B 48 23.74 -4.55 10.36
C TYR B 48 22.30 -4.03 10.25
N PRO B 49 21.59 -3.89 11.36
CA PRO B 49 20.16 -3.53 11.32
C PRO B 49 19.91 -2.11 10.85
N GLN B 50 18.66 -1.87 10.44
CA GLN B 50 18.34 -0.65 9.70
C GLN B 50 18.31 0.57 10.62
N GLU B 51 17.90 0.38 11.89
CA GLU B 51 17.90 1.48 12.87
C GLU B 51 19.31 1.84 13.27
N ASN B 52 20.20 0.85 13.36
CA ASN B 52 21.59 1.13 13.63
C ASN B 52 22.23 1.80 12.42
N LEU B 53 21.85 1.37 11.21
CA LEU B 53 22.35 2.03 10.01
C LEU B 53 21.83 3.46 9.91
N ASN B 54 20.61 3.71 10.41
CA ASN B 54 20.09 5.08 10.41
C ASN B 54 20.88 5.95 11.37
N PHE B 55 21.32 5.38 12.50
CA PHE B 55 22.17 6.14 13.39
C PHE B 55 23.49 6.45 12.70
N LEU B 56 24.00 5.49 11.93
CA LEU B 56 25.25 5.73 11.22
C LEU B 56 25.09 6.78 10.14
N LYS B 57 23.93 6.83 9.49
CA LYS B 57 23.71 7.83 8.44
C LYS B 57 23.42 9.21 9.00
N LEU B 58 22.77 9.29 10.16
CA LEU B 58 22.51 10.60 10.74
C LEU B 58 23.78 11.19 11.34
N THR B 59 24.69 10.35 11.84
CA THR B 59 25.90 10.88 12.45
C THR B 59 27.11 10.88 11.51
N GLY B 60 27.08 10.10 10.43
CA GLY B 60 28.24 10.05 9.57
C GLY B 60 29.31 9.09 10.04
N ILE B 61 29.01 8.22 11.00
CA ILE B 61 29.99 7.29 11.54
C ILE B 61 30.18 6.16 10.53
N LYS B 62 31.42 5.98 10.08
CA LYS B 62 31.69 4.93 9.13
C LYS B 62 31.78 3.59 9.85
N LEU B 63 31.16 2.58 9.26
CA LEU B 63 31.15 1.24 9.83
C LEU B 63 32.15 0.35 9.09
N TYR B 64 32.98 -0.33 9.86
CA TYR B 64 33.82 -1.39 9.38
C TYR B 64 33.29 -2.70 9.94
N GLN B 65 33.37 -3.76 9.15
CA GLN B 65 32.83 -5.05 9.54
C GLN B 65 33.84 -6.13 9.20
N VAL B 66 34.31 -6.84 10.22
CA VAL B 66 35.16 -8.01 10.06
C VAL B 66 34.40 -9.18 10.66
N GLY B 67 33.80 -10.00 9.81
CA GLY B 67 32.93 -11.05 10.27
C GLY B 67 33.65 -12.19 10.95
N MET B 68 33.40 -12.36 12.25
CA MET B 68 33.94 -13.48 13.02
C MET B 68 32.77 -14.34 13.47
N SER B 69 32.94 -15.66 13.36
CA SER B 69 31.82 -16.57 13.53
C SER B 69 31.38 -16.64 14.99
N GLY B 70 30.07 -16.59 15.21
CA GLY B 70 29.52 -16.80 16.53
C GLY B 70 29.60 -18.25 16.97
N ASN B 71 28.75 -19.11 16.38
CA ASN B 71 28.94 -20.55 16.49
C ASN B 71 29.09 -21.22 15.12
N LYS B 72 28.03 -21.22 14.30
CA LYS B 72 27.96 -21.72 12.93
C LYS B 72 28.22 -23.21 12.79
N GLU B 73 28.77 -23.84 13.85
CA GLU B 73 29.16 -25.24 14.01
C GLU B 73 29.77 -25.33 15.41
N PRO B 74 30.02 -26.52 15.98
CA PRO B 74 30.23 -26.57 17.43
C PRO B 74 31.49 -25.90 17.96
N PHE B 75 31.42 -24.58 18.11
CA PHE B 75 32.16 -23.91 19.16
C PHE B 75 33.69 -23.96 19.24
N VAL B 76 34.48 -23.17 18.48
CA VAL B 76 34.24 -22.21 17.39
C VAL B 76 35.70 -22.05 16.93
N ASN B 77 35.95 -21.47 15.76
CA ASN B 77 37.31 -21.03 15.44
C ASN B 77 37.25 -19.75 14.62
N ILE B 78 38.21 -18.88 14.88
CA ILE B 78 38.37 -17.63 14.15
C ILE B 78 39.82 -17.57 13.67
N PRO B 79 40.05 -17.31 12.40
CA PRO B 79 41.42 -17.27 11.86
C PRO B 79 42.15 -16.00 12.26
N SER B 80 43.45 -15.99 11.99
CA SER B 80 44.30 -14.88 12.38
C SER B 80 44.24 -13.71 11.41
N HIS B 81 43.86 -13.94 10.16
CA HIS B 81 43.85 -12.85 9.19
C HIS B 81 42.70 -11.88 9.47
N LEU B 82 41.59 -12.35 10.02
CA LEU B 82 40.53 -11.42 10.41
C LEU B 82 40.96 -10.57 11.59
N LEU B 83 41.73 -11.14 12.51
CA LEU B 83 42.27 -10.36 13.61
C LEU B 83 43.24 -9.31 13.09
N THR B 84 44.06 -9.68 12.11
CA THR B 84 45.01 -8.73 11.55
C THR B 84 44.31 -7.60 10.82
N LYS B 85 43.23 -7.90 10.09
CA LYS B 85 42.50 -6.86 9.38
C LYS B 85 41.79 -5.92 10.35
N ALA B 86 41.18 -6.47 11.40
CA ALA B 86 40.52 -5.60 12.38
C ALA B 86 41.54 -4.75 13.12
N LEU B 87 42.73 -5.28 13.34
CA LEU B 87 43.77 -4.46 13.98
C LEU B 87 44.24 -3.36 13.06
N GLU B 88 44.32 -3.65 11.75
CA GLU B 88 44.68 -2.58 10.80
C GLU B 88 43.61 -1.50 10.77
N ILE B 89 42.36 -1.87 11.03
CA ILE B 89 41.31 -0.86 11.05
C ILE B 89 41.38 -0.04 12.34
N VAL B 90 41.58 -0.69 13.48
CA VAL B 90 41.45 0.03 14.74
C VAL B 90 42.70 0.84 15.08
N LEU B 91 43.88 0.39 14.66
CA LEU B 91 45.11 1.07 15.06
C LEU B 91 45.42 2.30 14.22
N ASN B 92 44.64 2.55 13.17
CA ASN B 92 44.82 3.75 12.36
C ASN B 92 44.24 4.96 13.10
N PRO B 93 45.05 5.99 13.39
CA PRO B 93 44.50 7.16 14.09
C PRO B 93 43.53 7.96 13.25
N ALA B 94 43.47 7.72 11.94
CA ALA B 94 42.47 8.33 11.09
C ALA B 94 41.10 7.70 11.28
N ASN B 95 41.02 6.58 11.99
CA ASN B 95 39.76 5.92 12.29
C ASN B 95 39.32 6.09 13.74
N GLN B 96 40.09 6.81 14.56
CA GLN B 96 39.73 6.97 15.96
C GLN B 96 39.11 8.34 16.20
N PRO B 97 38.14 8.46 17.13
CA PRO B 97 37.59 7.44 18.05
C PRO B 97 36.79 6.32 17.38
N ILE B 98 37.16 5.08 17.68
CA ILE B 98 36.53 3.90 17.09
C ILE B 98 35.92 3.07 18.22
N LEU B 99 34.74 2.51 17.97
CA LEU B 99 34.09 1.64 18.93
C LEU B 99 34.05 0.21 18.39
N ILE B 100 34.65 -0.72 19.12
CA ILE B 100 34.63 -2.13 18.76
C ILE B 100 33.49 -2.81 19.51
N HIS B 101 32.63 -3.51 18.79
CA HIS B 101 31.54 -4.19 19.48
C HIS B 101 31.11 -5.46 18.74
N SER B 102 30.37 -6.29 19.47
CA SER B 102 29.80 -7.52 18.96
C SER B 102 28.39 -7.62 19.54
N ASN B 103 27.80 -8.80 19.49
CA ASN B 103 26.45 -8.96 20.02
C ASN B 103 26.40 -8.69 21.52
N ARG B 104 27.36 -9.21 22.28
CA ARG B 104 27.44 -8.98 23.71
C ARG B 104 28.69 -8.22 24.14
N GLY B 105 29.68 -8.07 23.26
CA GLY B 105 30.91 -7.40 23.64
C GLY B 105 31.81 -8.19 24.55
N LYS B 106 31.75 -9.52 24.49
CA LYS B 106 32.49 -10.39 25.39
C LYS B 106 33.55 -11.23 24.68
N HIS B 107 33.18 -11.94 23.62
CA HIS B 107 34.01 -12.99 23.05
C HIS B 107 34.83 -12.51 21.86
N ARG B 108 34.19 -11.96 20.83
CA ARG B 108 34.94 -11.46 19.68
C ARG B 108 35.66 -10.16 20.00
N THR B 109 34.97 -9.27 20.72
CA THR B 109 35.58 -8.01 21.14
C THR B 109 36.70 -8.26 22.13
N GLY B 110 36.50 -9.18 23.06
CA GLY B 110 37.53 -9.44 24.05
C GLY B 110 38.78 -10.08 23.47
N CYS B 111 38.62 -10.87 22.41
CA CYS B 111 39.81 -11.46 21.81
C CYS B 111 40.58 -10.45 20.96
N LEU B 112 39.86 -9.58 20.24
CA LEU B 112 40.59 -8.52 19.54
C LEU B 112 41.30 -7.60 20.52
N ILE B 113 40.64 -7.31 21.65
CA ILE B 113 41.27 -6.45 22.64
C ILE B 113 42.44 -7.16 23.32
N GLY B 114 42.38 -8.47 23.46
CA GLY B 114 43.53 -9.19 23.95
C GLY B 114 44.71 -9.09 23.00
N CYS B 115 44.43 -9.03 21.69
CA CYS B 115 45.55 -8.84 20.77
C CYS B 115 46.05 -7.40 20.79
N ILE B 116 45.16 -6.44 21.06
CA ILE B 116 45.60 -5.06 21.27
C ILE B 116 46.51 -4.99 22.49
N ARG B 117 46.15 -5.70 23.55
CA ARG B 117 46.96 -5.72 24.76
C ARG B 117 48.28 -6.43 24.52
N LYS B 118 48.30 -7.37 23.57
CA LYS B 118 49.56 -7.98 23.17
C LYS B 118 50.44 -6.99 22.41
N LEU B 119 49.83 -6.03 21.71
CA LEU B 119 50.66 -5.04 21.02
C LEU B 119 51.40 -4.12 21.99
N GLN B 120 50.82 -3.82 23.15
CA GLN B 120 51.53 -3.07 24.17
C GLN B 120 52.39 -3.95 25.07
N ASN B 121 52.47 -5.24 24.75
CA ASN B 121 53.30 -6.20 25.49
C ASN B 121 52.89 -6.34 26.94
N TRP B 122 51.58 -6.48 27.17
CA TRP B 122 51.16 -6.84 28.52
C TRP B 122 51.46 -8.32 28.75
N SER B 123 51.64 -8.69 30.02
CA SER B 123 51.74 -10.09 30.38
C SER B 123 50.39 -10.77 30.18
N LEU B 124 50.44 -12.07 29.86
CA LEU B 124 49.21 -12.79 29.58
C LEU B 124 48.30 -12.85 30.78
N THR B 125 48.85 -12.73 31.99
CA THR B 125 48.02 -12.69 33.20
C THR B 125 47.07 -11.51 33.17
N MET B 126 47.57 -10.32 32.84
CA MET B 126 46.72 -9.14 32.83
C MET B 126 45.78 -9.14 31.64
N ILE B 127 46.22 -9.70 30.51
CA ILE B 127 45.35 -9.80 29.35
C ILE B 127 44.17 -10.71 29.64
N PHE B 128 44.43 -11.87 30.25
CA PHE B 128 43.35 -12.80 30.52
C PHE B 128 42.45 -12.30 31.64
N ASP B 129 43.01 -11.55 32.60
CA ASP B 129 42.16 -11.01 33.65
C ASP B 129 41.24 -9.92 33.09
N GLU B 130 41.74 -9.13 32.16
CA GLU B 130 40.90 -8.12 31.51
C GLU B 130 39.83 -8.79 30.64
N TYR B 131 40.19 -9.85 29.93
CA TYR B 131 39.18 -10.56 29.13
C TYR B 131 38.10 -11.17 30.00
N ARG B 132 38.49 -11.81 31.11
CA ARG B 132 37.54 -12.48 31.97
C ARG B 132 36.69 -11.50 32.78
N ARG B 133 37.17 -10.28 33.01
CA ARG B 133 36.32 -9.32 33.69
C ARG B 133 35.10 -8.95 32.83
N PHE B 134 35.28 -8.85 31.52
CA PHE B 134 34.19 -8.51 30.63
C PHE B 134 33.39 -9.72 30.16
N ALA B 135 34.01 -10.89 30.09
CA ALA B 135 33.33 -12.06 29.56
C ALA B 135 32.63 -12.90 30.62
N PHE B 136 32.67 -12.49 31.88
CA PHE B 136 31.95 -13.22 32.91
C PHE B 136 30.45 -13.06 32.71
N PRO B 137 29.67 -14.13 32.88
CA PRO B 137 30.05 -15.46 33.37
C PRO B 137 30.57 -16.42 32.28
N LYS B 138 30.29 -16.13 31.02
CA LYS B 138 30.62 -17.05 29.92
C LYS B 138 32.06 -16.81 29.44
N ALA B 139 32.99 -17.01 30.36
CA ALA B 139 34.41 -16.86 30.08
C ALA B 139 34.88 -18.08 29.29
N ARG B 140 35.38 -17.84 28.09
CA ARG B 140 35.72 -18.89 27.14
C ARG B 140 37.23 -19.10 27.11
N ALA B 141 37.67 -20.36 27.25
CA ALA B 141 39.10 -20.63 27.21
C ALA B 141 39.66 -20.60 25.79
N LEU B 142 38.81 -20.80 24.79
CA LEU B 142 39.29 -20.80 23.42
C LEU B 142 39.67 -19.40 22.95
N ASP B 143 38.98 -18.36 23.45
CA ASP B 143 39.35 -17.00 23.07
C ASP B 143 40.70 -16.61 23.67
N GLN B 144 40.96 -17.02 24.91
CA GLN B 144 42.25 -16.74 25.51
C GLN B 144 43.35 -17.54 24.83
N GLN B 145 43.04 -18.76 24.41
CA GLN B 145 44.02 -19.52 23.63
C GLN B 145 44.25 -18.88 22.27
N PHE B 146 43.22 -18.30 21.66
CA PHE B 146 43.39 -17.61 20.37
C PHE B 146 44.24 -16.36 20.53
N ILE B 147 44.13 -15.69 21.67
CA ILE B 147 45.01 -14.56 21.94
C ILE B 147 46.44 -15.06 22.12
N GLU B 148 46.58 -16.21 22.77
CA GLU B 148 47.91 -16.76 23.05
C GLU B 148 48.60 -17.26 21.78
N MET B 149 47.83 -17.76 20.81
CA MET B 149 48.41 -18.36 19.60
C MET B 149 48.59 -17.38 18.46
N TYR B 150 48.18 -16.13 18.63
CA TYR B 150 48.23 -15.15 17.55
C TYR B 150 49.67 -14.67 17.36
N ASP B 151 50.15 -14.76 16.12
CA ASP B 151 51.47 -14.23 15.78
C ASP B 151 51.32 -12.75 15.46
N ASP B 152 51.92 -11.90 16.29
CA ASP B 152 51.76 -10.46 16.18
C ASP B 152 52.91 -9.81 15.43
N ASP B 153 53.72 -10.58 14.71
CA ASP B 153 54.87 -10.00 14.05
C ASP B 153 54.45 -9.18 12.83
N GLU B 154 53.42 -9.63 12.12
CA GLU B 154 52.97 -8.92 10.92
C GLU B 154 52.31 -7.59 11.29
N ILE B 155 51.46 -7.61 12.30
CA ILE B 155 50.76 -6.39 12.66
C ILE B 155 51.69 -5.43 13.39
N LYS B 156 52.70 -5.95 14.08
CA LYS B 156 53.70 -5.04 14.65
C LYS B 156 54.56 -4.42 13.57
N ARG B 157 54.81 -5.15 12.47
CA ARG B 157 55.54 -4.56 11.36
C ARG B 157 54.72 -3.44 10.73
N ILE B 158 53.42 -3.66 10.59
CA ILE B 158 52.56 -2.63 9.98
C ILE B 158 52.39 -1.44 10.93
N ALA B 159 52.32 -1.68 12.24
CA ALA B 159 52.15 -0.58 13.18
C ALA B 159 53.43 0.24 13.34
N SER B 160 54.59 -0.41 13.21
CA SER B 160 55.85 0.32 13.27
C SER B 160 56.13 1.06 11.97
N LYS B 161 55.57 0.59 10.84
CA LYS B 161 55.78 1.32 9.59
C LYS B 161 55.06 2.66 9.59
N ASN B 162 53.87 2.72 10.18
CA ASN B 162 53.07 3.94 10.21
C ASN B 162 53.16 4.68 11.55
N ASN B 163 54.10 4.31 12.41
CA ASN B 163 54.30 4.96 13.71
C ASN B 163 53.03 4.89 14.56
N TRP B 164 52.43 3.70 14.60
CA TRP B 164 51.29 3.47 15.48
C TRP B 164 51.75 2.98 16.84
N LEU B 165 52.83 2.20 16.86
CA LEU B 165 53.44 1.82 18.12
C LEU B 165 54.44 2.91 18.53
N PRO B 166 54.51 3.26 19.82
CA PRO B 166 53.70 2.70 20.90
C PRO B 166 52.30 3.30 20.96
N LEU B 167 51.35 2.54 21.49
CA LEU B 167 49.99 3.04 21.68
C LEU B 167 49.97 3.93 22.92
N GLN B 168 49.66 5.21 22.73
CA GLN B 168 49.71 6.18 23.82
C GLN B 168 48.34 6.37 24.45
N TRP B 169 48.34 6.57 25.76
CA TRP B 169 47.11 6.72 26.54
C TRP B 169 46.62 8.17 26.54
N ASN C 1 4.98 -36.43 55.96
CA ASN C 1 6.22 -37.14 55.66
C ASN C 1 6.27 -37.48 54.17
N LYS C 2 5.74 -36.57 53.37
CA LYS C 2 5.70 -36.72 51.91
C LYS C 2 6.86 -35.95 51.28
N GLU C 3 7.65 -36.64 50.46
CA GLU C 3 8.79 -35.99 49.82
C GLU C 3 8.30 -35.06 48.72
N VAL C 4 8.64 -33.77 48.84
CA VAL C 4 8.18 -32.73 47.94
C VAL C 4 9.38 -32.01 47.31
N ILE C 5 9.25 -31.66 46.04
CA ILE C 5 10.30 -30.97 45.31
C ILE C 5 9.77 -29.65 44.78
N PRO C 6 10.21 -28.51 45.30
CA PRO C 6 9.80 -27.22 44.75
C PRO C 6 10.49 -26.98 43.42
N PRO C 7 9.91 -26.14 42.56
CA PRO C 7 10.54 -25.85 41.27
C PRO C 7 11.81 -25.04 41.44
N GLU C 8 12.62 -25.03 40.38
CA GLU C 8 13.84 -24.24 40.39
C GLU C 8 13.50 -22.75 40.42
N ASN C 9 14.36 -21.99 41.11
CA ASN C 9 14.19 -20.55 41.27
C ASN C 9 12.85 -20.19 41.90
N PHE C 10 12.34 -21.06 42.77
CA PHE C 10 11.13 -20.76 43.52
C PHE C 10 11.45 -19.88 44.72
N SER C 11 10.61 -18.86 44.94
CA SER C 11 10.69 -18.06 46.16
C SER C 11 9.36 -17.35 46.36
N HIS C 12 9.19 -16.77 47.54
CA HIS C 12 8.03 -15.94 47.83
C HIS C 12 8.31 -14.53 47.37
N VAL C 13 7.30 -13.90 46.78
CA VAL C 13 7.46 -12.54 46.26
C VAL C 13 6.83 -11.59 47.26
N VAL C 14 5.51 -11.66 47.43
CA VAL C 14 4.87 -10.82 48.43
C VAL C 14 3.46 -11.33 48.74
N GLY C 15 3.13 -11.42 50.02
CA GLY C 15 1.79 -11.84 50.38
C GLY C 15 1.48 -13.25 49.94
N GLU C 16 0.64 -13.38 48.91
CA GLU C 16 0.30 -14.67 48.33
C GLU C 16 0.77 -14.75 46.87
N ILE C 17 1.82 -14.03 46.53
CA ILE C 17 2.40 -14.06 45.20
C ILE C 17 3.77 -14.72 45.28
N TYR C 18 3.99 -15.74 44.43
CA TYR C 18 5.20 -16.52 44.42
C TYR C 18 5.79 -16.52 43.02
N ARG C 19 7.08 -16.85 42.92
CA ARG C 19 7.80 -16.90 41.66
C ARG C 19 8.47 -18.26 41.51
N SER C 20 8.64 -18.70 40.26
CA SER C 20 9.34 -19.96 40.02
C SER C 20 9.81 -19.99 38.57
N SER C 21 10.52 -21.07 38.23
CA SER C 21 10.81 -21.40 36.85
C SER C 21 9.65 -22.23 36.31
N PHE C 22 9.79 -22.81 35.13
CA PHE C 22 8.69 -23.59 34.58
C PHE C 22 8.54 -24.88 35.37
N PRO C 23 7.37 -25.15 35.96
CA PRO C 23 7.22 -26.32 36.82
C PRO C 23 7.19 -27.61 36.02
N ARG C 24 7.70 -28.66 36.63
CA ARG C 24 7.67 -30.00 36.07
C ARG C 24 6.68 -30.84 36.89
N GLN C 25 6.56 -32.12 36.53
CA GLN C 25 5.54 -32.94 37.19
C GLN C 25 5.89 -33.20 38.65
N GLU C 26 7.18 -33.30 38.97
CA GLU C 26 7.58 -33.55 40.35
C GLU C 26 7.24 -32.37 41.25
N ASN C 27 6.95 -31.22 40.67
CA ASN C 27 6.58 -30.03 41.43
C ASN C 27 5.08 -29.89 41.61
N PHE C 28 4.28 -30.77 41.00
CA PHE C 28 2.84 -30.56 41.01
C PHE C 28 2.28 -30.66 42.42
N SER C 29 2.75 -31.65 43.18
CA SER C 29 2.31 -31.78 44.57
C SER C 29 2.71 -30.55 45.38
N PHE C 30 3.82 -29.91 45.04
CA PHE C 30 4.22 -28.71 45.77
C PHE C 30 3.25 -27.58 45.50
N LEU C 31 2.76 -27.45 44.26
CA LEU C 31 1.88 -26.35 43.93
C LEU C 31 0.47 -26.54 44.48
N HIS C 32 0.06 -27.80 44.68
CA HIS C 32 -1.30 -28.11 45.10
C HIS C 32 -1.41 -28.44 46.57
N GLU C 33 -0.52 -29.28 47.09
CA GLU C 33 -0.65 -29.76 48.46
C GLU C 33 0.01 -28.83 49.47
N ARG C 34 0.92 -27.98 49.04
CA ARG C 34 1.59 -27.06 49.94
C ARG C 34 1.31 -25.60 49.65
N LEU C 35 1.30 -25.19 48.38
CA LEU C 35 0.96 -23.81 48.06
C LEU C 35 -0.54 -23.59 48.02
N LYS C 36 -1.31 -24.57 47.54
CA LYS C 36 -2.75 -24.43 47.37
C LYS C 36 -3.08 -23.19 46.53
N LEU C 37 -2.55 -23.21 45.31
CA LEU C 37 -2.65 -22.07 44.41
C LEU C 37 -4.06 -21.90 43.87
N LYS C 38 -4.41 -20.65 43.55
CA LYS C 38 -5.64 -20.35 42.83
C LYS C 38 -5.40 -19.95 41.38
N SER C 39 -4.25 -19.37 41.06
CA SER C 39 -3.92 -19.06 39.69
C SER C 39 -2.43 -19.23 39.43
N ILE C 40 -2.11 -19.37 38.15
CA ILE C 40 -0.73 -19.45 37.70
C ILE C 40 -0.62 -18.56 36.47
N LEU C 41 0.31 -17.61 36.51
CA LEU C 41 0.59 -16.73 35.39
C LEU C 41 1.88 -17.16 34.71
N VAL C 42 1.78 -17.53 33.44
CA VAL C 42 2.94 -17.91 32.65
C VAL C 42 3.26 -16.76 31.70
N LEU C 43 4.53 -16.38 31.66
CA LEU C 43 4.95 -15.18 30.95
C LEU C 43 5.52 -15.48 29.57
N ILE C 44 5.37 -16.72 29.09
CA ILE C 44 5.90 -17.12 27.80
C ILE C 44 4.77 -17.10 26.78
N PRO C 45 5.05 -16.75 25.52
CA PRO C 45 4.00 -16.79 24.48
C PRO C 45 3.68 -18.17 23.96
N GLU C 46 4.48 -19.18 24.27
CA GLU C 46 4.18 -20.51 23.77
C GLU C 46 2.93 -21.07 24.43
N GLU C 47 2.33 -22.05 23.78
CA GLU C 47 1.12 -22.67 24.30
C GLU C 47 1.49 -23.56 25.50
N TYR C 48 0.57 -23.62 26.44
CA TYR C 48 0.86 -24.34 27.67
C TYR C 48 0.80 -25.85 27.45
N PRO C 49 1.74 -26.60 28.01
CA PRO C 49 1.80 -28.04 27.73
C PRO C 49 0.60 -28.78 28.29
N GLN C 50 0.34 -29.94 27.69
CA GLN C 50 -0.89 -30.66 27.98
C GLN C 50 -0.84 -31.30 29.36
N GLU C 51 0.34 -31.76 29.79
CA GLU C 51 0.46 -32.36 31.12
C GLU C 51 0.32 -31.31 32.21
N ASN C 52 0.76 -30.08 31.96
CA ASN C 52 0.57 -29.00 32.93
C ASN C 52 -0.87 -28.50 32.95
N LEU C 53 -1.48 -28.39 31.77
CA LEU C 53 -2.87 -27.94 31.71
C LEU C 53 -3.80 -28.96 32.35
N ASN C 54 -3.46 -30.25 32.27
CA ASN C 54 -4.30 -31.26 32.90
C ASN C 54 -4.27 -31.14 34.41
N PHE C 55 -3.09 -30.90 34.98
CA PHE C 55 -3.03 -30.72 36.42
C PHE C 55 -3.73 -29.44 36.85
N LEU C 56 -3.62 -28.39 36.03
CA LEU C 56 -4.29 -27.15 36.42
C LEU C 56 -5.81 -27.31 36.40
N LYS C 57 -6.32 -28.11 35.46
CA LYS C 57 -7.76 -28.35 35.45
C LYS C 57 -8.19 -29.34 36.53
N LEU C 58 -7.33 -30.29 36.92
CA LEU C 58 -7.70 -31.22 37.99
C LEU C 58 -7.70 -30.54 39.34
N THR C 59 -6.86 -29.52 39.52
CA THR C 59 -6.76 -28.86 40.82
C THR C 59 -7.64 -27.63 40.92
N GLY C 60 -8.12 -27.11 39.80
CA GLY C 60 -8.89 -25.89 39.77
C GLY C 60 -8.09 -24.62 39.67
N ILE C 61 -6.79 -24.72 39.39
CA ILE C 61 -5.95 -23.54 39.22
C ILE C 61 -6.13 -23.01 37.80
N LYS C 62 -6.57 -21.76 37.67
CA LYS C 62 -6.69 -21.16 36.36
C LYS C 62 -5.34 -20.63 35.89
N LEU C 63 -5.09 -20.77 34.59
CA LEU C 63 -3.88 -20.29 33.95
C LEU C 63 -4.14 -18.96 33.27
N TYR C 64 -3.29 -17.97 33.55
CA TYR C 64 -3.25 -16.70 32.84
C TYR C 64 -1.94 -16.66 32.05
N GLN C 65 -1.98 -16.02 30.89
CA GLN C 65 -0.82 -15.99 30.00
C GLN C 65 -0.60 -14.59 29.48
N VAL C 66 0.58 -14.03 29.75
CA VAL C 66 1.00 -12.76 29.20
C VAL C 66 2.24 -13.05 28.36
N GLY C 67 2.05 -13.15 27.04
CA GLY C 67 3.14 -13.54 26.18
C GLY C 67 4.16 -12.44 26.01
N MET C 68 5.35 -12.63 26.57
CA MET C 68 6.46 -11.70 26.42
C MET C 68 7.58 -12.40 25.68
N SER C 69 8.25 -11.68 24.79
CA SER C 69 9.17 -12.32 23.86
C SER C 69 10.39 -12.86 24.59
N GLY C 70 10.77 -14.09 24.26
CA GLY C 70 11.99 -14.64 24.81
C GLY C 70 13.22 -14.00 24.19
N ASN C 71 13.52 -14.35 22.94
CA ASN C 71 14.45 -13.57 22.13
C ASN C 71 13.77 -13.09 20.84
N LYS C 72 13.46 -14.00 19.93
CA LYS C 72 12.72 -13.79 18.68
C LYS C 72 13.40 -12.79 17.74
N GLU C 73 14.35 -12.02 18.27
CA GLU C 73 15.17 -10.96 17.68
C GLU C 73 16.18 -10.57 18.75
N PRO C 74 17.41 -10.25 18.39
CA PRO C 74 18.48 -10.21 19.40
C PRO C 74 18.41 -9.08 20.44
N PHE C 75 17.97 -9.40 21.66
CA PHE C 75 18.46 -8.67 22.83
C PHE C 75 18.16 -7.18 22.90
N VAL C 76 16.96 -6.74 23.29
CA VAL C 76 15.77 -7.52 23.66
C VAL C 76 14.69 -6.43 23.72
N ASN C 77 13.41 -6.80 23.75
CA ASN C 77 12.42 -5.78 24.05
C ASN C 77 11.27 -6.37 24.86
N ILE C 78 10.81 -5.62 25.86
CA ILE C 78 9.64 -5.98 26.63
C ILE C 78 8.76 -4.73 26.72
N PRO C 79 7.49 -4.79 26.33
CA PRO C 79 6.63 -3.61 26.38
C PRO C 79 6.14 -3.32 27.78
N SER C 80 5.66 -2.09 27.97
CA SER C 80 5.19 -1.66 29.29
C SER C 80 3.72 -1.98 29.54
N HIS C 81 2.91 -2.06 28.49
CA HIS C 81 1.49 -2.33 28.68
C HIS C 81 1.25 -3.78 29.07
N LEU C 82 2.10 -4.70 28.60
CA LEU C 82 2.00 -6.07 29.06
C LEU C 82 2.43 -6.19 30.51
N LEU C 83 3.38 -5.36 30.94
CA LEU C 83 3.72 -5.32 32.36
C LEU C 83 2.53 -4.83 33.17
N THR C 84 1.80 -3.84 32.64
CA THR C 84 0.62 -3.35 33.33
C THR C 84 -0.46 -4.42 33.41
N LYS C 85 -0.61 -5.20 32.34
CA LYS C 85 -1.60 -6.27 32.33
C LYS C 85 -1.23 -7.38 33.32
N ALA C 86 0.05 -7.76 33.36
CA ALA C 86 0.44 -8.81 34.29
C ALA C 86 0.34 -8.35 35.73
N LEU C 87 0.58 -7.07 35.99
CA LEU C 87 0.37 -6.56 37.34
C LEU C 87 -1.10 -6.56 37.69
N GLU C 88 -1.96 -6.26 36.69
CA GLU C 88 -3.40 -6.31 36.91
C GLU C 88 -3.87 -7.71 37.22
N ILE C 89 -3.21 -8.71 36.64
CA ILE C 89 -3.61 -10.08 36.92
C ILE C 89 -3.15 -10.51 38.31
N VAL C 90 -1.92 -10.20 38.68
CA VAL C 90 -1.39 -10.78 39.92
C VAL C 90 -1.86 -10.02 41.15
N LEU C 91 -2.11 -8.71 41.05
CA LEU C 91 -2.42 -7.95 42.26
C LEU C 91 -3.86 -8.06 42.72
N ASN C 92 -4.73 -8.71 41.96
CA ASN C 92 -6.10 -8.94 42.41
C ASN C 92 -6.10 -10.04 43.47
N PRO C 93 -6.62 -9.79 44.67
CA PRO C 93 -6.59 -10.83 45.71
C PRO C 93 -7.49 -12.03 45.42
N ALA C 94 -8.40 -11.93 44.46
CA ALA C 94 -9.19 -13.08 44.04
C ALA C 94 -8.38 -14.06 43.20
N ASN C 95 -7.20 -13.66 42.74
CA ASN C 95 -6.32 -14.53 41.97
C ASN C 95 -5.18 -15.09 42.80
N GLN C 96 -5.12 -14.73 44.09
CA GLN C 96 -4.07 -15.21 44.96
C GLN C 96 -4.58 -16.37 45.80
N PRO C 97 -3.76 -17.38 46.11
CA PRO C 97 -2.33 -17.54 45.82
C PRO C 97 -2.01 -17.74 44.34
N ILE C 98 -1.12 -16.92 43.79
CA ILE C 98 -0.78 -16.96 42.38
C ILE C 98 0.72 -17.25 42.24
N LEU C 99 1.05 -18.06 41.23
CA LEU C 99 2.43 -18.41 40.92
C LEU C 99 2.81 -17.83 39.57
N ILE C 100 3.85 -16.97 39.56
CA ILE C 100 4.39 -16.40 38.33
C ILE C 100 5.57 -17.23 37.88
N HIS C 101 5.56 -17.68 36.63
CA HIS C 101 6.71 -18.41 36.13
C HIS C 101 6.91 -18.15 34.64
N SER C 102 8.12 -18.47 34.19
CA SER C 102 8.55 -18.34 32.80
C SER C 102 9.42 -19.57 32.51
N ASN C 103 10.25 -19.49 31.47
CA ASN C 103 11.08 -20.64 31.10
C ASN C 103 12.01 -21.04 32.25
N ARG C 104 12.84 -20.13 32.73
CA ARG C 104 13.68 -20.43 33.90
C ARG C 104 13.49 -19.44 35.04
N GLY C 105 12.52 -18.54 34.96
CA GLY C 105 12.21 -17.69 36.10
C GLY C 105 13.27 -16.68 36.45
N LYS C 106 14.03 -16.20 35.48
CA LYS C 106 15.16 -15.30 35.71
C LYS C 106 14.92 -13.91 35.16
N HIS C 107 14.50 -13.80 33.89
CA HIS C 107 14.46 -12.52 33.20
C HIS C 107 13.07 -11.91 33.16
N ARG C 108 12.09 -12.65 32.64
CA ARG C 108 10.74 -12.08 32.58
C ARG C 108 10.11 -12.02 33.96
N THR C 109 10.34 -13.06 34.77
CA THR C 109 9.82 -13.08 36.13
C THR C 109 10.45 -11.99 36.98
N GLY C 110 11.77 -11.82 36.87
CA GLY C 110 12.45 -10.80 37.66
C GLY C 110 12.10 -9.40 37.22
N CYS C 111 11.79 -9.22 35.94
CA CYS C 111 11.43 -7.89 35.45
C CYS C 111 10.02 -7.51 35.91
N LEU C 112 9.12 -8.50 35.96
CA LEU C 112 7.79 -8.21 36.52
C LEU C 112 7.88 -7.95 38.02
N ILE C 113 8.72 -8.71 38.72
CA ILE C 113 8.83 -8.53 40.16
C ILE C 113 9.51 -7.21 40.50
N GLY C 114 10.39 -6.70 39.64
CA GLY C 114 10.95 -5.39 39.90
C GLY C 114 9.91 -4.28 39.88
N CYS C 115 8.88 -4.42 39.05
CA CYS C 115 7.82 -3.43 39.07
C CYS C 115 6.88 -3.66 40.24
N ILE C 116 6.74 -4.91 40.68
CA ILE C 116 6.00 -5.15 41.92
C ILE C 116 6.70 -4.46 43.08
N ARG C 117 8.03 -4.54 43.12
CA ARG C 117 8.79 -3.89 44.18
C ARG C 117 8.77 -2.38 44.03
N LYS C 118 8.63 -1.87 42.81
CA LYS C 118 8.47 -0.44 42.64
C LYS C 118 7.13 0.04 43.18
N LEU C 119 6.10 -0.82 43.12
CA LEU C 119 4.86 -0.46 43.81
C LEU C 119 5.02 -0.54 45.32
N GLN C 120 5.93 -1.40 45.78
CA GLN C 120 6.26 -1.49 47.19
C GLN C 120 7.25 -0.43 47.62
N ASN C 121 7.65 0.45 46.72
CA ASN C 121 8.54 1.57 47.01
C ASN C 121 9.87 1.11 47.60
N TRP C 122 10.43 0.04 47.05
CA TRP C 122 11.78 -0.34 47.42
C TRP C 122 12.80 0.55 46.70
N SER C 123 13.99 0.63 47.27
CA SER C 123 15.09 1.28 46.57
C SER C 123 15.53 0.47 45.37
N LEU C 124 16.00 1.16 44.32
CA LEU C 124 16.41 0.45 43.13
C LEU C 124 17.62 -0.45 43.38
N THR C 125 18.42 -0.11 44.39
CA THR C 125 19.55 -0.97 44.75
C THR C 125 19.07 -2.34 45.21
N MET C 126 18.03 -2.38 46.05
CA MET C 126 17.55 -3.67 46.54
C MET C 126 16.74 -4.41 45.48
N ILE C 127 16.04 -3.69 44.60
CA ILE C 127 15.34 -4.33 43.50
C ILE C 127 16.33 -5.01 42.58
N PHE C 128 17.43 -4.31 42.25
CA PHE C 128 18.43 -4.89 41.37
C PHE C 128 19.20 -6.00 42.05
N ASP C 129 19.39 -5.92 43.37
CA ASP C 129 20.11 -6.98 44.06
C ASP C 129 19.27 -8.27 44.10
N GLU C 130 17.96 -8.13 44.29
CA GLU C 130 17.10 -9.32 44.23
C GLU C 130 17.07 -9.89 42.81
N TYR C 131 17.01 -9.01 41.81
CA TYR C 131 17.01 -9.48 40.43
C TYR C 131 18.29 -10.25 40.13
N ARG C 132 19.44 -9.72 40.55
CA ARG C 132 20.70 -10.40 40.27
C ARG C 132 20.86 -11.67 41.10
N ARG C 133 20.23 -11.73 42.27
CA ARG C 133 20.28 -12.98 43.02
C ARG C 133 19.51 -14.08 42.31
N PHE C 134 18.40 -13.74 41.64
CA PHE C 134 17.66 -14.80 40.95
C PHE C 134 18.14 -15.06 39.52
N ALA C 135 18.68 -14.05 38.85
CA ALA C 135 19.07 -14.15 37.45
C ALA C 135 20.51 -14.59 37.24
N PHE C 136 21.21 -14.93 38.32
CA PHE C 136 22.58 -15.40 38.19
C PHE C 136 22.60 -16.75 37.49
N PRO C 137 23.52 -16.99 36.55
CA PRO C 137 24.62 -16.09 36.15
C PRO C 137 24.25 -15.11 35.04
N LYS C 138 23.15 -15.37 34.32
CA LYS C 138 22.77 -14.59 33.14
C LYS C 138 21.91 -13.40 33.52
N ALA C 139 22.46 -12.54 34.38
CA ALA C 139 21.80 -11.31 34.79
C ALA C 139 21.99 -10.24 33.72
N ARG C 140 20.88 -9.75 33.16
CA ARG C 140 20.90 -8.81 32.05
C ARG C 140 20.59 -7.41 32.54
N ALA C 141 21.37 -6.43 32.06
CA ALA C 141 21.14 -5.05 32.44
C ALA C 141 19.91 -4.47 31.75
N LEU C 142 19.44 -5.11 30.68
CA LEU C 142 18.25 -4.63 29.99
C LEU C 142 17.01 -4.80 30.83
N ASP C 143 16.95 -5.85 31.65
CA ASP C 143 15.82 -6.03 32.55
C ASP C 143 15.82 -4.98 33.65
N GLN C 144 17.00 -4.63 34.15
CA GLN C 144 17.06 -3.56 35.15
C GLN C 144 16.73 -2.21 34.54
N GLN C 145 17.10 -1.98 33.28
CA GLN C 145 16.69 -0.75 32.61
C GLN C 145 15.18 -0.72 32.42
N PHE C 146 14.57 -1.86 32.11
CA PHE C 146 13.12 -1.92 31.97
C PHE C 146 12.43 -1.70 33.30
N ILE C 147 13.05 -2.15 34.40
CA ILE C 147 12.47 -1.92 35.72
C ILE C 147 12.56 -0.45 36.10
N GLU C 148 13.71 0.18 35.85
CA GLU C 148 13.89 1.57 36.25
C GLU C 148 13.07 2.51 35.38
N MET C 149 12.83 2.16 34.12
CA MET C 149 12.13 3.06 33.21
C MET C 149 10.63 2.85 33.17
N TYR C 150 10.09 1.88 33.91
CA TYR C 150 8.66 1.62 33.88
C TYR C 150 7.91 2.66 34.69
N ASP C 151 6.90 3.28 34.07
CA ASP C 151 6.06 4.25 34.76
C ASP C 151 4.97 3.50 35.52
N ASP C 152 5.00 3.59 36.85
CA ASP C 152 4.11 2.82 37.70
C ASP C 152 2.89 3.63 38.14
N ASP C 153 2.60 4.72 37.45
CA ASP C 153 1.50 5.59 37.85
C ASP C 153 0.15 5.00 37.48
N GLU C 154 0.06 4.33 36.33
CA GLU C 154 -1.20 3.76 35.88
C GLU C 154 -1.61 2.57 36.75
N ILE C 155 -0.64 1.72 37.07
CA ILE C 155 -0.99 0.55 37.87
C ILE C 155 -1.22 0.95 39.32
N LYS C 156 -0.59 2.03 39.78
CA LYS C 156 -0.93 2.56 41.09
C LYS C 156 -2.32 3.16 41.08
N ARG C 157 -2.73 3.73 39.94
CA ARG C 157 -4.08 4.26 39.83
C ARG C 157 -5.11 3.14 39.89
N ILE C 158 -4.84 2.03 39.21
CA ILE C 158 -5.79 0.92 39.23
C ILE C 158 -5.77 0.22 40.60
N ALA C 159 -4.61 0.14 41.24
CA ALA C 159 -4.55 -0.47 42.56
C ALA C 159 -5.20 0.43 43.61
N SER C 160 -5.18 1.75 43.36
CA SER C 160 -5.84 2.70 44.24
C SER C 160 -7.35 2.65 44.04
N LYS C 161 -7.80 2.29 42.84
CA LYS C 161 -9.23 2.18 42.62
C LYS C 161 -9.82 0.97 43.33
N ASN C 162 -9.09 -0.15 43.38
CA ASN C 162 -9.57 -1.39 43.98
C ASN C 162 -9.01 -1.70 45.37
N ASN C 163 -8.27 -0.78 46.00
CA ASN C 163 -7.73 -0.98 47.35
C ASN C 163 -6.84 -2.22 47.43
N TRP C 164 -5.87 -2.33 46.51
CA TRP C 164 -4.92 -3.42 46.57
C TRP C 164 -3.64 -3.04 47.32
N LEU C 165 -3.20 -1.78 47.21
CA LEU C 165 -2.04 -1.24 47.92
C LEU C 165 -2.47 -0.74 49.30
N PRO C 166 -1.65 -0.93 50.35
CA PRO C 166 -0.33 -1.58 50.33
C PRO C 166 -0.39 -3.11 50.27
N LEU C 167 0.65 -3.71 49.74
CA LEU C 167 0.78 -5.17 49.69
C LEU C 167 1.24 -5.70 51.04
N GLN C 168 0.43 -6.57 51.63
CA GLN C 168 0.69 -7.04 52.98
C GLN C 168 1.52 -8.32 52.95
N TRP C 169 2.40 -8.46 53.94
CA TRP C 169 3.28 -9.62 54.04
C TRP C 169 2.60 -10.73 54.84
N ASN D 1 -11.30 58.33 -1.03
CA ASN D 1 -10.44 57.40 -1.77
C ASN D 1 -9.42 56.75 -0.84
N LYS D 2 -9.84 56.43 0.38
CA LYS D 2 -8.95 55.81 1.35
C LYS D 2 -8.95 54.30 1.19
N GLU D 3 -7.88 53.66 1.68
CA GLU D 3 -7.82 52.21 1.71
C GLU D 3 -8.71 51.73 2.86
N VAL D 4 -9.69 50.89 2.56
CA VAL D 4 -10.65 50.44 3.54
C VAL D 4 -10.59 48.93 3.66
N ILE D 5 -10.62 48.42 4.90
CA ILE D 5 -10.55 46.98 5.14
C ILE D 5 -11.74 46.53 5.98
N PRO D 6 -12.69 45.81 5.41
CA PRO D 6 -13.76 45.22 6.22
C PRO D 6 -13.24 44.04 7.01
N PRO D 7 -13.90 43.68 8.10
CA PRO D 7 -13.47 42.51 8.89
C PRO D 7 -13.73 41.20 8.13
N GLU D 8 -13.09 40.15 8.62
CA GLU D 8 -13.29 38.82 8.04
C GLU D 8 -14.73 38.39 8.28
N ASN D 9 -15.28 37.65 7.31
CA ASN D 9 -16.66 37.18 7.35
C ASN D 9 -17.65 38.33 7.49
N PHE D 10 -17.32 39.50 6.93
CA PHE D 10 -18.27 40.60 6.93
C PHE D 10 -19.32 40.40 5.85
N SER D 11 -20.57 40.64 6.20
CA SER D 11 -21.63 40.65 5.21
C SER D 11 -22.82 41.44 5.74
N HIS D 12 -23.71 41.82 4.84
CA HIS D 12 -24.97 42.44 5.19
C HIS D 12 -26.01 41.35 5.35
N VAL D 13 -26.84 41.47 6.38
CA VAL D 13 -27.84 40.44 6.63
C VAL D 13 -29.18 40.93 6.11
N VAL D 14 -29.70 42.01 6.69
CA VAL D 14 -30.97 42.52 6.18
C VAL D 14 -31.20 43.96 6.63
N GLY D 15 -31.63 44.81 5.69
CA GLY D 15 -31.89 46.19 5.99
C GLY D 15 -30.62 46.90 6.42
N GLU D 16 -30.53 47.24 7.70
CA GLU D 16 -29.33 47.83 8.28
C GLU D 16 -28.73 46.93 9.37
N ILE D 17 -28.89 45.62 9.23
CA ILE D 17 -28.32 44.64 10.15
C ILE D 17 -27.21 43.91 9.41
N TYR D 18 -26.01 43.91 10.02
CA TYR D 18 -24.78 43.39 9.43
C TYR D 18 -24.16 42.35 10.35
N ARG D 19 -23.28 41.53 9.77
CA ARG D 19 -22.53 40.52 10.50
C ARG D 19 -21.04 40.66 10.19
N SER D 20 -20.21 40.28 11.15
CA SER D 20 -18.77 40.27 10.94
C SER D 20 -18.11 39.40 12.00
N SER D 21 -16.79 39.25 11.89
CA SER D 21 -15.97 38.68 12.94
C SER D 21 -15.58 39.79 13.91
N PHE D 22 -14.68 39.50 14.82
CA PHE D 22 -14.26 40.53 15.78
C PHE D 22 -13.43 41.60 15.07
N PRO D 23 -13.84 42.85 15.09
CA PRO D 23 -13.13 43.88 14.33
C PRO D 23 -11.79 44.23 14.98
N ARG D 24 -10.84 44.59 14.13
CA ARG D 24 -9.52 45.04 14.55
C ARG D 24 -9.42 46.53 14.25
N GLN D 25 -8.24 47.11 14.52
CA GLN D 25 -8.09 48.54 14.33
C GLN D 25 -8.18 48.93 12.86
N GLU D 26 -7.66 48.07 11.98
CA GLU D 26 -7.68 48.39 10.55
C GLU D 26 -9.08 48.37 9.98
N ASN D 27 -10.04 47.79 10.68
CA ASN D 27 -11.41 47.78 10.20
C ASN D 27 -12.22 48.97 10.67
N PHE D 28 -11.66 49.80 11.56
CA PHE D 28 -12.49 50.79 12.24
C PHE D 28 -13.04 51.83 11.29
N SER D 29 -12.25 52.29 10.32
CA SER D 29 -12.77 53.26 9.37
C SER D 29 -13.95 52.69 8.60
N PHE D 30 -13.89 51.41 8.26
CA PHE D 30 -14.99 50.81 7.52
C PHE D 30 -16.25 50.82 8.35
N LEU D 31 -16.11 50.60 9.67
CA LEU D 31 -17.27 50.57 10.53
C LEU D 31 -17.84 51.96 10.75
N HIS D 32 -17.02 53.00 10.61
CA HIS D 32 -17.44 54.34 10.97
C HIS D 32 -17.82 55.20 9.77
N GLU D 33 -16.98 55.23 8.74
CA GLU D 33 -17.22 56.12 7.61
C GLU D 33 -18.01 55.48 6.47
N ARG D 34 -18.01 54.15 6.41
CA ARG D 34 -18.68 53.42 5.30
C ARG D 34 -20.02 52.87 5.79
N LEU D 35 -20.01 52.08 6.86
CA LEU D 35 -21.25 51.50 7.37
C LEU D 35 -22.10 52.54 8.07
N LYS D 36 -21.45 53.53 8.69
CA LYS D 36 -22.12 54.56 9.47
C LYS D 36 -23.00 53.90 10.54
N LEU D 37 -22.32 53.08 11.34
CA LEU D 37 -22.99 52.26 12.35
C LEU D 37 -23.46 53.12 13.52
N LYS D 38 -24.53 52.64 14.15
CA LYS D 38 -25.01 53.21 15.41
C LYS D 38 -24.85 52.28 16.60
N SER D 39 -24.86 50.96 16.40
CA SER D 39 -24.68 50.04 17.51
C SER D 39 -23.89 48.80 17.09
N ILE D 40 -23.34 48.13 18.09
CA ILE D 40 -22.59 46.90 17.88
C ILE D 40 -23.03 45.91 18.94
N LEU D 41 -23.48 44.74 18.51
CA LEU D 41 -23.84 43.64 19.41
C LEU D 41 -22.75 42.58 19.34
N VAL D 42 -22.10 42.34 20.47
CA VAL D 42 -21.08 41.32 20.59
C VAL D 42 -21.68 40.16 21.39
N LEU D 43 -21.25 38.95 21.05
CA LEU D 43 -21.85 37.73 21.59
C LEU D 43 -20.84 36.88 22.33
N ILE D 44 -19.87 37.51 22.99
CA ILE D 44 -18.88 36.79 23.77
C ILE D 44 -19.07 37.16 25.24
N PRO D 45 -18.89 36.22 26.17
CA PRO D 45 -19.01 36.56 27.60
C PRO D 45 -17.80 37.28 28.17
N GLU D 46 -16.66 37.28 27.47
CA GLU D 46 -15.48 37.99 27.95
C GLU D 46 -15.65 39.50 27.81
N GLU D 47 -14.81 40.24 28.53
CA GLU D 47 -14.86 41.69 28.51
C GLU D 47 -14.33 42.23 27.18
N TYR D 48 -14.92 43.33 26.75
CA TYR D 48 -14.60 43.96 25.47
C TYR D 48 -13.26 44.68 25.59
N PRO D 49 -12.38 44.56 24.60
CA PRO D 49 -11.04 45.13 24.72
C PRO D 49 -11.10 46.64 24.80
N GLN D 50 -10.09 47.21 25.45
CA GLN D 50 -10.13 48.63 25.79
C GLN D 50 -9.94 49.50 24.56
N GLU D 51 -9.15 49.04 23.58
CA GLU D 51 -8.99 49.83 22.37
C GLU D 51 -10.28 49.87 21.56
N ASN D 52 -11.03 48.76 21.58
CA ASN D 52 -12.32 48.76 20.89
C ASN D 52 -13.33 49.63 21.63
N LEU D 53 -13.31 49.59 22.97
CA LEU D 53 -14.21 50.43 23.74
C LEU D 53 -13.88 51.90 23.55
N ASN D 54 -12.60 52.23 23.40
CA ASN D 54 -12.22 53.62 23.16
C ASN D 54 -12.65 54.07 21.78
N PHE D 55 -12.60 53.18 20.80
CA PHE D 55 -13.11 53.53 19.47
C PHE D 55 -14.62 53.76 19.53
N LEU D 56 -15.33 52.96 20.33
CA LEU D 56 -16.77 53.11 20.45
C LEU D 56 -17.12 54.41 21.17
N LYS D 57 -16.30 54.83 22.13
CA LYS D 57 -16.54 56.10 22.78
C LYS D 57 -16.18 57.26 21.85
N LEU D 58 -15.25 57.03 20.93
CA LEU D 58 -14.88 58.07 19.98
C LEU D 58 -15.97 58.31 18.95
N THR D 59 -16.66 57.26 18.52
CA THR D 59 -17.65 57.42 17.46
C THR D 59 -19.08 57.53 17.97
N GLY D 60 -19.36 57.15 19.20
CA GLY D 60 -20.72 57.13 19.71
C GLY D 60 -21.47 55.85 19.46
N ILE D 61 -20.78 54.77 19.10
CA ILE D 61 -21.41 53.48 18.86
C ILE D 61 -21.66 52.78 20.20
N LYS D 62 -22.93 52.47 20.48
CA LYS D 62 -23.26 51.78 21.72
C LYS D 62 -22.98 50.29 21.60
N LEU D 63 -22.42 49.72 22.66
CA LEU D 63 -22.11 48.29 22.70
C LEU D 63 -23.20 47.57 23.47
N TYR D 64 -23.75 46.53 22.83
CA TYR D 64 -24.65 45.58 23.47
C TYR D 64 -23.91 44.25 23.59
N GLN D 65 -24.17 43.53 24.67
CA GLN D 65 -23.47 42.27 24.91
C GLN D 65 -24.46 41.24 25.44
N VAL D 66 -24.58 40.14 24.72
CA VAL D 66 -25.31 38.97 25.17
C VAL D 66 -24.28 37.85 25.21
N GLY D 67 -23.78 37.55 26.42
CA GLY D 67 -22.70 36.59 26.54
C GLY D 67 -23.16 35.19 26.27
N MET D 68 -22.70 34.62 25.15
CA MET D 68 -23.05 33.28 24.74
C MET D 68 -21.82 32.39 24.71
N SER D 69 -22.00 31.14 25.15
CA SER D 69 -20.88 30.21 25.32
C SER D 69 -20.32 29.75 23.97
N GLY D 70 -18.99 29.68 23.89
CA GLY D 70 -18.36 29.10 22.72
C GLY D 70 -18.53 27.59 22.69
N ASN D 71 -17.87 26.88 23.60
CA ASN D 71 -18.19 25.50 23.90
C ASN D 71 -18.54 25.32 25.38
N LYS D 72 -17.64 25.69 26.29
CA LYS D 72 -17.86 25.68 27.74
C LYS D 72 -18.03 24.27 28.29
N GLU D 73 -18.09 23.29 27.39
CA GLU D 73 -18.43 21.91 27.72
C GLU D 73 -18.30 21.09 26.45
N PRO D 74 -18.34 19.76 26.52
CA PRO D 74 -18.19 18.98 25.29
C PRO D 74 -19.41 19.03 24.38
N PHE D 75 -19.47 20.05 23.51
CA PHE D 75 -20.20 19.92 22.26
C PHE D 75 -21.71 19.65 22.36
N VAL D 76 -22.56 20.64 22.62
CA VAL D 76 -22.33 22.07 22.92
C VAL D 76 -23.71 22.52 23.39
N ASN D 77 -23.86 23.68 24.02
CA ASN D 77 -25.23 24.15 24.24
C ASN D 77 -25.32 25.67 24.20
N ILE D 78 -26.40 26.17 23.56
CA ILE D 78 -26.71 27.58 23.53
C ILE D 78 -28.19 27.72 23.87
N PRO D 79 -28.56 28.50 24.89
CA PRO D 79 -29.98 28.65 25.24
C PRO D 79 -30.73 29.57 24.28
N SER D 80 -32.06 29.47 24.33
CA SER D 80 -32.92 30.22 23.41
C SER D 80 -33.27 31.61 23.89
N HIS D 81 -33.23 31.86 25.20
CA HIS D 81 -33.60 33.19 25.69
C HIS D 81 -32.52 34.21 25.35
N LEU D 82 -31.25 33.79 25.26
CA LEU D 82 -30.21 34.70 24.82
C LEU D 82 -30.39 35.07 23.35
N LEU D 83 -30.87 34.12 22.54
CA LEU D 83 -31.18 34.42 21.16
C LEU D 83 -32.34 35.40 21.07
N THR D 84 -33.35 35.23 21.93
CA THR D 84 -34.46 36.16 21.92
C THR D 84 -34.02 37.56 22.33
N LYS D 85 -33.10 37.64 23.29
CA LYS D 85 -32.58 38.94 23.72
C LYS D 85 -31.79 39.60 22.61
N ALA D 86 -30.97 38.83 21.90
CA ALA D 86 -30.20 39.41 20.80
C ALA D 86 -31.11 39.86 19.67
N LEU D 87 -32.21 39.14 19.45
CA LEU D 87 -33.18 39.58 18.44
C LEU D 87 -33.88 40.85 18.86
N GLU D 88 -34.16 40.98 20.17
CA GLU D 88 -34.78 42.22 20.66
C GLU D 88 -33.84 43.40 20.47
N ILE D 89 -32.54 43.16 20.55
CA ILE D 89 -31.61 44.26 20.32
C ILE D 89 -31.50 44.59 18.84
N VAL D 90 -31.40 43.57 17.97
CA VAL D 90 -31.06 43.84 16.57
C VAL D 90 -32.28 44.27 15.74
N LEU D 91 -33.48 43.83 16.08
CA LEU D 91 -34.62 44.14 15.21
C LEU D 91 -35.20 45.53 15.46
N ASN D 92 -34.75 46.24 16.49
CA ASN D 92 -35.21 47.60 16.74
C ASN D 92 -34.55 48.56 15.77
N PRO D 93 -35.32 49.31 14.96
CA PRO D 93 -34.69 50.24 14.01
C PRO D 93 -34.05 51.46 14.68
N ALA D 94 -34.33 51.71 15.95
CA ALA D 94 -33.64 52.76 16.67
C ALA D 94 -32.22 52.36 17.03
N ASN D 95 -31.87 51.08 16.88
CA ASN D 95 -30.53 50.57 17.12
C ASN D 95 -29.76 50.28 15.85
N GLN D 96 -30.33 50.56 14.71
CA GLN D 96 -29.74 50.27 13.40
C GLN D 96 -29.14 51.54 12.79
N PRO D 97 -28.04 51.44 12.01
CA PRO D 97 -27.30 50.24 11.57
C PRO D 97 -26.54 49.55 12.69
N ILE D 98 -26.75 48.24 12.86
CA ILE D 98 -26.14 47.47 13.95
C ILE D 98 -25.26 46.37 13.36
N LEU D 99 -24.13 46.13 14.02
CA LEU D 99 -23.17 45.10 13.63
C LEU D 99 -23.14 43.98 14.66
N ILE D 100 -23.46 42.75 14.23
CA ILE D 100 -23.37 41.58 15.10
C ILE D 100 -22.04 40.89 14.85
N HIS D 101 -21.29 40.62 15.92
CA HIS D 101 -20.04 39.91 15.73
C HIS D 101 -19.69 39.07 16.96
N SER D 102 -18.78 38.14 16.73
CA SER D 102 -18.22 37.25 17.74
C SER D 102 -16.74 37.12 17.42
N ASN D 103 -16.09 36.10 17.97
CA ASN D 103 -14.66 35.91 17.69
C ASN D 103 -14.41 35.70 16.21
N ARG D 104 -15.13 34.76 15.60
CA ARG D 104 -14.95 34.45 14.20
C ARG D 104 -16.16 34.79 13.33
N GLY D 105 -17.30 35.13 13.94
CA GLY D 105 -18.49 35.43 13.15
C GLY D 105 -19.07 34.24 12.43
N LYS D 106 -18.87 33.03 12.95
CA LYS D 106 -19.28 31.80 12.28
C LYS D 106 -20.39 31.06 13.01
N HIS D 107 -20.21 30.80 14.32
CA HIS D 107 -21.07 29.86 15.05
C HIS D 107 -22.17 30.59 15.80
N ARG D 108 -21.81 31.51 16.70
CA ARG D 108 -22.83 32.24 17.45
C ARG D 108 -23.54 33.24 16.56
N THR D 109 -22.76 33.94 15.72
CA THR D 109 -23.34 34.91 14.79
C THR D 109 -24.23 34.21 13.78
N GLY D 110 -23.80 33.06 13.28
CA GLY D 110 -24.59 32.35 12.30
C GLY D 110 -25.86 31.79 12.89
N CYS D 111 -25.85 31.46 14.17
CA CYS D 111 -27.06 30.94 14.80
C CYS D 111 -28.08 32.05 15.06
N LEU D 112 -27.61 33.23 15.50
CA LEU D 112 -28.55 34.34 15.64
C LEU D 112 -29.09 34.76 14.29
N ILE D 113 -28.25 34.75 13.26
CA ILE D 113 -28.71 35.14 11.94
C ILE D 113 -29.62 34.07 11.35
N GLY D 114 -29.43 32.81 11.70
CA GLY D 114 -30.39 31.80 11.29
C GLY D 114 -31.75 32.04 11.90
N CYS D 115 -31.78 32.56 13.13
CA CYS D 115 -33.07 32.89 13.70
C CYS D 115 -33.66 34.15 13.07
N ILE D 116 -32.81 35.06 12.61
CA ILE D 116 -33.30 36.22 11.85
C ILE D 116 -33.92 35.77 10.53
N ARG D 117 -33.27 34.82 9.84
CA ARG D 117 -33.81 34.32 8.58
C ARG D 117 -35.07 33.50 8.81
N LYS D 118 -35.18 32.87 9.98
CA LYS D 118 -36.42 32.19 10.32
C LYS D 118 -37.53 33.20 10.57
N LEU D 119 -37.19 34.40 11.06
CA LEU D 119 -38.21 35.44 11.19
C LEU D 119 -38.64 35.99 9.83
N GLN D 120 -37.77 35.93 8.83
CA GLN D 120 -38.17 36.28 7.48
C GLN D 120 -38.85 35.12 6.79
N ASN D 121 -39.02 34.00 7.49
CA ASN D 121 -39.70 32.81 6.98
C ASN D 121 -39.03 32.27 5.73
N TRP D 122 -37.70 32.20 5.78
CA TRP D 122 -36.97 31.56 4.70
C TRP D 122 -37.13 30.05 4.78
N SER D 123 -36.91 29.39 3.65
CA SER D 123 -36.86 27.94 3.65
C SER D 123 -35.63 27.48 4.43
N LEU D 124 -35.77 26.34 5.11
CA LEU D 124 -34.67 25.86 5.93
C LEU D 124 -33.45 25.51 5.10
N THR D 125 -33.66 25.15 3.83
CA THR D 125 -32.54 24.83 2.95
C THR D 125 -31.63 26.04 2.76
N MET D 126 -32.21 27.21 2.48
CA MET D 126 -31.41 28.40 2.24
C MET D 126 -30.80 28.95 3.52
N ILE D 127 -31.49 28.77 4.66
CA ILE D 127 -30.93 29.20 5.93
C ILE D 127 -29.68 28.38 6.24
N PHE D 128 -29.75 27.07 6.05
CA PHE D 128 -28.59 26.23 6.34
C PHE D 128 -27.49 26.41 5.32
N ASP D 129 -27.84 26.74 4.07
CA ASP D 129 -26.80 26.98 3.08
C ASP D 129 -26.06 28.27 3.37
N GLU D 130 -26.76 29.31 3.83
CA GLU D 130 -26.06 30.53 4.23
C GLU D 130 -25.22 30.29 5.47
N TYR D 131 -25.74 29.50 6.41
CA TYR D 131 -24.95 29.20 7.61
C TYR D 131 -23.66 28.49 7.25
N ARG D 132 -23.74 27.48 6.38
CA ARG D 132 -22.53 26.74 6.03
C ARG D 132 -21.61 27.54 5.11
N ARG D 133 -22.14 28.49 4.34
CA ARG D 133 -21.26 29.36 3.56
C ARG D 133 -20.44 30.26 4.48
N PHE D 134 -21.03 30.71 5.58
CA PHE D 134 -20.26 31.57 6.47
C PHE D 134 -19.45 30.79 7.51
N ALA D 135 -19.90 29.60 7.90
CA ALA D 135 -19.27 28.81 8.95
C ALA D 135 -18.29 27.79 8.41
N PHE D 136 -18.03 27.79 7.11
CA PHE D 136 -17.07 26.86 6.56
C PHE D 136 -15.66 27.22 7.04
N PRO D 137 -14.83 26.23 7.42
CA PRO D 137 -15.11 24.79 7.35
C PRO D 137 -15.75 24.12 8.59
N LYS D 138 -15.62 24.69 9.79
CA LYS D 138 -16.12 24.02 10.99
C LYS D 138 -17.57 24.41 11.26
N ALA D 139 -18.41 24.11 10.27
CA ALA D 139 -19.84 24.32 10.38
C ALA D 139 -20.41 23.19 11.22
N ARG D 140 -21.04 23.53 12.34
CA ARG D 140 -21.44 22.54 13.32
C ARG D 140 -22.92 22.23 13.17
N ALA D 141 -23.25 20.94 13.20
CA ALA D 141 -24.65 20.54 13.03
C ALA D 141 -25.49 20.94 14.22
N LEU D 142 -24.86 21.19 15.38
CA LEU D 142 -25.60 21.62 16.55
C LEU D 142 -26.10 23.04 16.41
N ASP D 143 -25.39 23.90 15.67
CA ASP D 143 -25.88 25.26 15.45
C ASP D 143 -27.12 25.28 14.57
N GLN D 144 -27.14 24.46 13.51
CA GLN D 144 -28.36 24.39 12.72
C GLN D 144 -29.46 23.66 13.48
N GLN D 145 -29.10 22.74 14.38
CA GLN D 145 -30.12 22.13 15.23
C GLN D 145 -30.75 23.16 16.14
N PHE D 146 -29.94 24.08 16.67
CA PHE D 146 -30.45 25.16 17.50
C PHE D 146 -31.30 26.13 16.69
N ILE D 147 -30.95 26.33 15.42
CA ILE D 147 -31.79 27.19 14.58
C ILE D 147 -33.11 26.51 14.28
N GLU D 148 -33.08 25.22 13.98
CA GLU D 148 -34.30 24.50 13.60
C GLU D 148 -35.24 24.34 14.79
N MET D 149 -34.71 24.24 15.99
CA MET D 149 -35.54 23.99 17.17
C MET D 149 -35.97 25.26 17.89
N TYR D 150 -35.60 26.44 17.38
CA TYR D 150 -35.90 27.70 18.07
C TYR D 150 -37.37 28.05 17.89
N ASP D 151 -38.07 28.26 19.01
CA ASP D 151 -39.46 28.69 19.00
C ASP D 151 -39.51 30.21 18.88
N ASP D 152 -39.99 30.71 17.75
CA ASP D 152 -39.98 32.13 17.42
C ASP D 152 -41.31 32.82 17.66
N ASP D 153 -42.19 32.24 18.48
CA ASP D 153 -43.50 32.84 18.65
C ASP D 153 -43.42 34.12 19.49
N GLU D 154 -42.55 34.13 20.49
CA GLU D 154 -42.44 35.29 21.38
C GLU D 154 -41.82 36.48 20.65
N ILE D 155 -40.78 36.23 19.86
CA ILE D 155 -40.14 37.33 19.16
C ILE D 155 -40.99 37.78 17.98
N LYS D 156 -41.80 36.88 17.40
CA LYS D 156 -42.70 37.31 16.33
C LYS D 156 -43.81 38.19 16.88
N ARG D 157 -44.35 37.86 18.06
CA ARG D 157 -45.37 38.71 18.63
C ARG D 157 -44.80 40.04 19.09
N ILE D 158 -43.57 40.04 19.62
CA ILE D 158 -43.00 41.32 20.04
C ILE D 158 -42.67 42.19 18.82
N ALA D 159 -42.24 41.57 17.71
CA ALA D 159 -41.91 42.36 16.53
C ALA D 159 -43.17 42.87 15.84
N SER D 160 -44.29 42.14 15.95
CA SER D 160 -45.55 42.62 15.42
C SER D 160 -46.18 43.67 16.33
N LYS D 161 -45.86 43.62 17.62
CA LYS D 161 -46.36 44.63 18.55
C LYS D 161 -45.72 45.99 18.27
N ASN D 162 -44.44 45.99 17.90
CA ASN D 162 -43.72 47.21 17.60
C ASN D 162 -43.65 47.51 16.10
N ASN D 163 -44.39 46.75 15.28
CA ASN D 163 -44.45 46.96 13.84
C ASN D 163 -43.06 46.86 13.21
N TRP D 164 -42.33 45.81 13.57
CA TRP D 164 -41.00 45.61 13.00
C TRP D 164 -41.00 44.74 11.75
N LEU D 165 -41.90 43.75 11.66
CA LEU D 165 -42.01 42.97 10.43
C LEU D 165 -42.99 43.65 9.48
N PRO D 166 -42.77 43.54 8.16
CA PRO D 166 -41.71 42.79 7.49
C PRO D 166 -40.34 43.46 7.49
N LEU D 167 -39.29 42.65 7.39
CA LEU D 167 -37.94 43.16 7.32
C LEU D 167 -37.66 43.67 5.91
N GLN D 168 -37.36 44.96 5.79
CA GLN D 168 -37.16 45.59 4.49
C GLN D 168 -35.69 45.52 4.13
N TRP D 169 -35.41 45.35 2.84
CA TRP D 169 -34.04 45.21 2.35
C TRP D 169 -33.39 46.55 2.08
N ASN E 1 17.27 2.31 -0.45
CA ASN E 1 15.94 2.28 -1.05
C ASN E 1 14.89 1.80 -0.04
N LYS E 2 15.02 2.29 1.19
CA LYS E 2 14.15 1.99 2.29
C LYS E 2 12.93 2.93 2.28
N GLU E 3 11.90 2.54 3.04
CA GLU E 3 10.71 3.38 3.16
C GLU E 3 11.03 4.64 3.95
N VAL E 4 10.74 5.79 3.35
CA VAL E 4 11.01 7.10 3.93
C VAL E 4 9.71 7.86 4.08
N ILE E 5 9.59 8.62 5.17
CA ILE E 5 8.37 9.35 5.49
C ILE E 5 8.65 10.85 5.55
N PRO E 6 8.15 11.64 4.62
CA PRO E 6 8.27 13.10 4.72
C PRO E 6 7.31 13.64 5.77
N PRO E 7 7.60 14.83 6.30
CA PRO E 7 6.66 15.43 7.26
C PRO E 7 5.38 15.85 6.58
N GLU E 8 4.34 16.03 7.39
CA GLU E 8 3.07 16.48 6.84
C GLU E 8 3.21 17.92 6.34
N ASN E 9 2.50 18.23 5.26
CA ASN E 9 2.52 19.55 4.64
C ASN E 9 3.94 19.97 4.26
N PHE E 10 4.78 19.00 3.93
CA PHE E 10 6.12 19.29 3.43
C PHE E 10 6.04 19.69 1.98
N SER E 11 6.81 20.72 1.60
CA SER E 11 6.91 21.10 0.21
C SER E 11 8.23 21.84 0.00
N HIS E 12 8.57 21.99 -1.27
CA HIS E 12 9.72 22.80 -1.66
C HIS E 12 9.26 24.24 -1.82
N VAL E 13 10.09 25.18 -1.37
CA VAL E 13 9.72 26.58 -1.45
C VAL E 13 10.45 27.20 -2.63
N VAL E 14 11.78 27.27 -2.53
CA VAL E 14 12.55 27.78 -3.65
C VAL E 14 14.02 27.42 -3.49
N GLY E 15 14.63 26.93 -4.57
CA GLY E 15 16.04 26.56 -4.50
C GLY E 15 16.30 25.47 -3.48
N GLU E 16 16.94 25.84 -2.37
CA GLU E 16 17.20 24.91 -1.27
C GLU E 16 16.49 25.36 0.00
N ILE E 17 15.34 26.01 -0.14
CA ILE E 17 14.49 26.42 0.98
C ILE E 17 13.23 25.57 0.92
N TYR E 18 12.91 24.91 2.04
CA TYR E 18 11.80 23.97 2.12
C TYR E 18 10.88 24.38 3.26
N ARG E 19 9.66 23.85 3.23
CA ARG E 19 8.68 24.07 4.28
C ARG E 19 8.15 22.73 4.75
N SER E 20 7.72 22.67 6.01
CA SER E 20 7.15 21.44 6.52
C SER E 20 6.32 21.75 7.77
N SER E 21 5.74 20.70 8.35
CA SER E 21 5.13 20.73 9.67
C SER E 21 6.20 20.43 10.71
N PHE E 22 5.78 20.20 11.95
CA PHE E 22 6.71 19.86 12.99
C PHE E 22 7.23 18.44 12.71
N PRO E 23 8.52 18.25 12.51
CA PRO E 23 9.01 16.92 12.13
C PRO E 23 8.94 15.95 13.31
N ARG E 24 8.70 14.69 12.98
CA ARG E 24 8.65 13.63 13.97
C ARG E 24 9.84 12.69 13.79
N GLN E 25 9.87 11.64 14.62
CA GLN E 25 11.00 10.72 14.60
C GLN E 25 11.07 9.94 13.30
N GLU E 26 9.91 9.62 12.72
CA GLU E 26 9.87 8.92 11.44
C GLU E 26 10.28 9.80 10.27
N ASN E 27 10.28 11.12 10.45
CA ASN E 27 10.65 12.06 9.40
C ASN E 27 12.12 12.46 9.43
N PHE E 28 12.87 12.03 10.45
CA PHE E 28 14.25 12.49 10.60
C PHE E 28 15.12 11.95 9.48
N SER E 29 14.90 10.69 9.09
CA SER E 29 15.64 10.12 7.98
C SER E 29 15.38 10.88 6.69
N PHE E 30 14.15 11.33 6.48
CA PHE E 30 13.85 12.09 5.28
C PHE E 30 14.54 13.45 5.32
N LEU E 31 14.59 14.06 6.50
CA LEU E 31 15.16 15.40 6.57
C LEU E 31 16.68 15.37 6.42
N HIS E 32 17.32 14.28 6.83
CA HIS E 32 18.77 14.28 6.78
C HIS E 32 19.35 13.51 5.60
N GLU E 33 18.83 12.33 5.29
CA GLU E 33 19.46 11.45 4.32
C GLU E 33 19.04 11.71 2.88
N ARG E 34 17.94 12.42 2.63
CA ARG E 34 17.56 12.75 1.27
C ARG E 34 17.58 14.25 1.01
N LEU E 35 17.11 15.05 1.96
CA LEU E 35 17.22 16.51 1.82
C LEU E 35 18.62 17.00 2.14
N LYS E 36 19.32 16.32 3.04
CA LYS E 36 20.65 16.71 3.49
C LYS E 36 20.61 18.14 4.04
N LEU E 37 19.79 18.32 5.06
CA LEU E 37 19.57 19.66 5.60
C LEU E 37 20.80 20.12 6.38
N LYS E 38 21.05 21.43 6.31
CA LYS E 38 22.08 22.07 7.10
C LYS E 38 21.51 22.97 8.19
N SER E 39 20.30 23.49 7.99
CA SER E 39 19.69 24.32 9.00
C SER E 39 18.19 24.07 9.05
N ILE E 40 17.62 24.42 10.21
CA ILE E 40 16.18 24.34 10.44
C ILE E 40 15.75 25.61 11.14
N LEU E 41 14.79 26.32 10.57
CA LEU E 41 14.19 27.49 11.18
C LEU E 41 12.81 27.12 11.71
N VAL E 42 12.63 27.26 13.02
CA VAL E 42 11.36 27.03 13.66
C VAL E 42 10.78 28.38 14.04
N LEU E 43 9.44 28.50 13.95
CA LEU E 43 8.78 29.79 14.08
C LEU E 43 7.87 29.84 15.30
N ILE E 44 8.07 28.95 16.26
CA ILE E 44 7.26 28.90 17.47
C ILE E 44 8.05 29.47 18.64
N PRO E 45 7.41 30.15 19.59
CA PRO E 45 8.13 30.65 20.76
C PRO E 45 8.44 29.57 21.78
N GLU E 46 7.83 28.39 21.68
CA GLU E 46 8.05 27.31 22.63
C GLU E 46 9.44 26.70 22.48
N GLU E 47 9.82 25.96 23.52
CA GLU E 47 11.10 25.27 23.57
C GLU E 47 11.11 24.07 22.63
N TYR E 48 12.26 23.79 22.06
CA TYR E 48 12.37 22.68 21.12
C TYR E 48 12.41 21.37 21.91
N PRO E 49 11.63 20.37 21.52
CA PRO E 49 11.57 19.12 22.30
C PRO E 49 12.88 18.35 22.27
N GLN E 50 13.04 17.49 23.28
CA GLN E 50 14.34 16.87 23.50
C GLN E 50 14.68 15.83 22.45
N GLU E 51 13.68 15.12 21.89
CA GLU E 51 13.99 14.21 20.80
C GLU E 51 14.38 14.98 19.54
N ASN E 52 13.77 16.14 19.32
CA ASN E 52 14.12 16.97 18.19
C ASN E 52 15.50 17.60 18.39
N LEU E 53 15.80 18.04 19.61
CA LEU E 53 17.12 18.60 19.89
C LEU E 53 18.19 17.52 19.81
N ASN E 54 17.83 16.28 20.14
CA ASN E 54 18.77 15.19 19.99
C ASN E 54 19.02 14.89 18.52
N PHE E 55 18.01 15.02 17.68
CA PHE E 55 18.23 14.86 16.24
C PHE E 55 19.16 15.95 15.72
N LEU E 56 18.99 17.17 16.22
CA LEU E 56 19.87 18.26 15.79
C LEU E 56 21.29 18.06 16.30
N LYS E 57 21.44 17.49 17.50
CA LYS E 57 22.78 17.26 18.05
C LYS E 57 23.48 16.08 17.40
N LEU E 58 22.74 15.05 16.97
CA LEU E 58 23.36 13.95 16.26
C LEU E 58 23.72 14.31 14.82
N THR E 59 22.94 15.18 14.17
CA THR E 59 23.21 15.47 12.77
C THR E 59 24.04 16.72 12.53
N GLY E 60 24.11 17.65 13.49
CA GLY E 60 24.82 18.88 13.23
C GLY E 60 24.00 19.92 12.50
N ILE E 61 22.69 19.74 12.40
CA ILE E 61 21.82 20.70 11.73
C ILE E 61 21.61 21.86 12.68
N LYS E 62 21.96 23.07 12.22
CA LYS E 62 21.86 24.25 13.07
C LYS E 62 20.42 24.70 13.21
N LEU E 63 20.05 25.06 14.44
CA LEU E 63 18.69 25.50 14.75
C LEU E 63 18.63 27.02 14.81
N TYR E 64 17.71 27.59 14.04
CA TYR E 64 17.34 28.99 14.10
C TYR E 64 15.90 29.09 14.60
N GLN E 65 15.64 30.13 15.39
CA GLN E 65 14.32 30.29 16.00
C GLN E 65 13.89 31.74 15.94
N VAL E 66 12.76 31.99 15.28
CA VAL E 66 12.09 33.29 15.30
C VAL E 66 10.69 33.03 15.87
N GLY E 67 10.50 33.33 17.15
CA GLY E 67 9.28 32.97 17.83
C GLY E 67 8.08 33.79 17.38
N MET E 68 7.08 33.14 16.79
CA MET E 68 5.85 33.82 16.38
C MET E 68 4.68 33.27 17.18
N SER E 69 3.83 34.17 17.64
CA SER E 69 2.75 33.81 18.56
C SER E 69 1.63 33.05 17.85
N GLY E 70 1.14 32.00 18.48
CA GLY E 70 -0.02 31.29 17.95
C GLY E 70 -1.32 32.05 18.09
N ASN E 71 -1.86 32.14 19.31
CA ASN E 71 -2.94 33.07 19.61
C ASN E 71 -2.57 34.06 20.71
N LYS E 72 -2.19 33.57 21.89
CA LYS E 72 -1.74 34.30 23.08
C LYS E 72 -2.83 35.24 23.63
N GLU E 73 -3.89 35.46 22.84
CA GLU E 73 -5.08 36.28 23.09
C GLU E 73 -5.91 36.19 21.82
N PRO E 74 -7.17 36.68 21.79
CA PRO E 74 -8.03 36.33 20.65
C PRO E 74 -7.62 36.87 19.29
N PHE E 75 -6.67 36.18 18.66
CA PHE E 75 -6.65 36.05 17.21
C PHE E 75 -6.52 37.29 16.31
N VAL E 76 -5.33 37.86 16.06
CA VAL E 76 -4.00 37.67 16.66
C VAL E 76 -3.20 38.74 15.88
N ASN E 77 -1.97 39.04 16.28
CA ASN E 77 -1.11 39.86 15.42
C ASN E 77 0.31 39.32 15.45
N ILE E 78 0.98 39.45 14.31
CA ILE E 78 2.34 38.97 14.11
C ILE E 78 3.19 40.16 13.61
N PRO E 79 4.34 40.42 14.21
CA PRO E 79 5.13 41.59 13.81
C PRO E 79 5.86 41.38 12.49
N SER E 80 6.31 42.51 11.92
CA SER E 80 7.00 42.51 10.62
C SER E 80 8.51 42.35 10.75
N HIS E 81 9.11 42.78 11.86
CA HIS E 81 10.54 42.63 12.00
C HIS E 81 10.94 41.19 12.24
N LEU E 82 10.03 40.39 12.82
CA LEU E 82 10.30 38.96 12.92
C LEU E 82 10.32 38.34 11.53
N LEU E 83 9.48 38.85 10.63
CA LEU E 83 9.52 38.39 9.24
C LEU E 83 10.84 38.79 8.58
N THR E 84 11.31 40.01 8.87
CA THR E 84 12.58 40.43 8.28
C THR E 84 13.74 39.60 8.80
N LYS E 85 13.74 39.26 10.08
CA LYS E 85 14.81 38.44 10.65
C LYS E 85 14.78 37.03 10.08
N ALA E 86 13.58 36.45 9.96
CA ALA E 86 13.51 35.10 9.38
C ALA E 86 13.89 35.10 7.92
N LEU E 87 13.59 36.19 7.19
CA LEU E 87 14.00 36.26 5.79
C LEU E 87 15.51 36.39 5.67
N GLU E 88 16.13 37.15 6.58
CA GLU E 88 17.58 37.25 6.54
C GLU E 88 18.23 35.91 6.87
N ILE E 89 17.54 35.10 7.68
CA ILE E 89 18.10 33.78 7.99
C ILE E 89 17.94 32.84 6.80
N VAL E 90 16.78 32.85 6.14
CA VAL E 90 16.50 31.84 5.12
C VAL E 90 17.14 32.18 3.76
N LEU E 91 17.27 33.46 3.43
CA LEU E 91 17.77 33.80 2.10
C LEU E 91 19.29 33.72 2.02
N ASN E 92 19.96 33.51 3.13
CA ASN E 92 21.41 33.34 3.14
C ASN E 92 21.77 31.95 2.63
N PRO E 93 22.55 31.83 1.55
CA PRO E 93 22.93 30.49 1.05
C PRO E 93 23.87 29.75 1.98
N ALA E 94 24.47 30.44 2.95
CA ALA E 94 25.31 29.78 3.94
C ALA E 94 24.50 28.98 4.94
N ASN E 95 23.18 29.14 4.95
CA ASN E 95 22.30 28.38 5.81
C ASN E 95 21.46 27.36 5.05
N GLN E 96 21.64 27.23 3.71
CA GLN E 96 20.82 26.32 2.92
C GLN E 96 21.56 25.01 2.67
N PRO E 97 20.85 23.87 2.59
CA PRO E 97 19.40 23.67 2.65
C PRO E 97 18.77 23.93 4.01
N ILE E 98 17.73 24.76 4.04
CA ILE E 98 17.07 25.16 5.28
C ILE E 98 15.62 24.68 5.23
N LEU E 99 15.13 24.22 6.37
CA LEU E 99 13.75 23.77 6.50
C LEU E 99 13.01 24.73 7.42
N ILE E 100 11.96 25.36 6.90
CA ILE E 100 11.10 26.23 7.70
C ILE E 100 9.93 25.41 8.20
N HIS E 101 9.70 25.43 9.51
CA HIS E 101 8.55 24.70 10.01
C HIS E 101 8.04 25.36 11.28
N SER E 102 6.78 25.04 11.59
CA SER E 102 6.10 25.52 12.79
C SER E 102 5.27 24.36 13.32
N ASN E 103 4.28 24.66 14.16
CA ASN E 103 3.45 23.59 14.73
C ASN E 103 2.68 22.83 13.66
N ARG E 104 2.30 23.49 12.57
CA ARG E 104 1.59 22.81 11.49
C ARG E 104 2.06 23.19 10.10
N GLY E 105 2.88 24.22 9.93
CA GLY E 105 3.33 24.61 8.61
C GLY E 105 2.24 25.27 7.77
N LYS E 106 1.27 25.91 8.41
CA LYS E 106 0.12 26.47 7.71
C LYS E 106 0.06 27.99 7.77
N HIS E 107 0.14 28.59 8.96
CA HIS E 107 -0.18 30.01 9.10
C HIS E 107 1.07 30.90 9.14
N ARG E 108 1.97 30.68 10.11
CA ARG E 108 3.16 31.52 10.16
C ARG E 108 4.18 31.11 9.10
N THR E 109 4.29 29.80 8.83
CA THR E 109 5.16 29.35 7.77
C THR E 109 4.66 29.87 6.42
N GLY E 110 3.34 29.85 6.22
CA GLY E 110 2.79 30.35 4.98
C GLY E 110 2.95 31.84 4.82
N CYS E 111 2.96 32.58 5.93
CA CYS E 111 3.13 34.03 5.83
C CYS E 111 4.58 34.39 5.51
N LEU E 112 5.52 33.68 6.11
CA LEU E 112 6.92 33.91 5.77
C LEU E 112 7.19 33.53 4.31
N ILE E 113 6.61 32.42 3.87
CA ILE E 113 6.82 32.01 2.49
C ILE E 113 6.11 32.95 1.52
N GLY E 114 4.98 33.53 1.93
CA GLY E 114 4.35 34.54 1.08
C GLY E 114 5.22 35.77 0.93
N CYS E 115 5.97 36.12 1.97
CA CYS E 115 6.88 37.24 1.80
C CYS E 115 8.09 36.85 0.96
N ILE E 116 8.49 35.58 1.00
CA ILE E 116 9.52 35.11 0.07
C ILE E 116 9.01 35.23 -1.36
N ARG E 117 7.74 34.87 -1.60
CA ARG E 117 7.18 34.95 -2.93
C ARG E 117 7.00 36.39 -3.39
N LYS E 118 6.80 37.32 -2.45
CA LYS E 118 6.81 38.73 -2.83
C LYS E 118 8.23 39.18 -3.16
N LEU E 119 9.25 38.53 -2.58
CA LEU E 119 10.62 38.85 -2.97
C LEU E 119 10.92 38.40 -4.40
N GLN E 120 10.26 37.35 -4.87
CA GLN E 120 10.38 36.93 -6.26
C GLN E 120 9.42 37.68 -7.18
N ASN E 121 8.67 38.65 -6.62
CA ASN E 121 7.72 39.47 -7.37
C ASN E 121 6.69 38.60 -8.07
N TRP E 122 6.14 37.64 -7.33
CA TRP E 122 5.03 36.86 -7.83
C TRP E 122 3.75 37.68 -7.80
N SER E 123 2.77 37.25 -8.59
CA SER E 123 1.46 37.85 -8.49
C SER E 123 0.85 37.49 -7.15
N LEU E 124 0.11 38.44 -6.57
CA LEU E 124 -0.47 38.17 -5.26
C LEU E 124 -1.55 37.11 -5.32
N THR E 125 -2.17 36.93 -6.49
CA THR E 125 -3.17 35.87 -6.63
C THR E 125 -2.54 34.51 -6.44
N MET E 126 -1.36 34.28 -7.05
CA MET E 126 -0.72 32.98 -6.93
C MET E 126 -0.10 32.80 -5.54
N ILE E 127 0.34 33.89 -4.92
CA ILE E 127 0.85 33.80 -3.55
C ILE E 127 -0.26 33.38 -2.60
N PHE E 128 -1.45 33.99 -2.75
CA PHE E 128 -2.56 33.63 -1.88
C PHE E 128 -3.08 32.24 -2.21
N ASP E 129 -2.97 31.82 -3.47
CA ASP E 129 -3.42 30.47 -3.82
C ASP E 129 -2.49 29.42 -3.22
N GLU E 130 -1.18 29.68 -3.20
CA GLU E 130 -0.28 28.73 -2.55
C GLU E 130 -0.50 28.70 -1.04
N TYR E 131 -0.73 29.88 -0.45
CA TYR E 131 -1.02 29.93 0.98
C TYR E 131 -2.27 29.14 1.32
N ARG E 132 -3.33 29.32 0.53
CA ARG E 132 -4.58 28.61 0.82
C ARG E 132 -4.47 27.12 0.51
N ARG E 133 -3.61 26.73 -0.43
CA ARG E 133 -3.42 25.31 -0.67
C ARG E 133 -2.72 24.64 0.50
N PHE E 134 -1.79 25.33 1.14
CA PHE E 134 -1.10 24.69 2.25
C PHE E 134 -1.81 24.87 3.59
N ALA E 135 -2.56 25.95 3.77
CA ALA E 135 -3.21 26.25 5.04
C ALA E 135 -4.62 25.70 5.13
N PHE E 136 -5.07 24.96 4.12
CA PHE E 136 -6.40 24.36 4.16
C PHE E 136 -6.45 23.28 5.24
N PRO E 137 -7.55 23.21 6.02
CA PRO E 137 -8.77 24.01 5.91
C PRO E 137 -8.73 25.33 6.67
N LYS E 138 -7.80 25.48 7.60
CA LYS E 138 -7.78 26.65 8.49
C LYS E 138 -6.99 27.79 7.83
N ALA E 139 -7.43 28.14 6.63
CA ALA E 139 -6.84 29.27 5.92
C ALA E 139 -7.45 30.56 6.47
N ARG E 140 -6.59 31.34 7.09
CA ARG E 140 -6.99 32.59 7.77
C ARG E 140 -6.49 33.82 7.00
N ALA E 141 -7.40 34.75 6.77
CA ALA E 141 -7.22 35.99 5.98
C ALA E 141 -6.20 36.91 6.62
N LEU E 142 -5.99 36.84 7.90
CA LEU E 142 -5.05 37.77 8.58
C LEU E 142 -3.62 37.60 8.07
N ASP E 143 -3.16 36.39 7.83
CA ASP E 143 -1.82 36.13 7.27
C ASP E 143 -1.71 36.67 5.85
N GLN E 144 -2.74 36.56 5.09
CA GLN E 144 -2.75 37.15 3.77
C GLN E 144 -2.74 38.67 3.86
N GLN E 145 -3.38 39.23 4.89
CA GLN E 145 -3.27 40.66 5.14
C GLN E 145 -1.85 41.05 5.55
N PHE E 146 -1.20 40.21 6.35
CA PHE E 146 0.18 40.48 6.76
C PHE E 146 1.14 40.38 5.60
N ILE E 147 0.88 39.48 4.65
CA ILE E 147 1.69 39.38 3.45
C ILE E 147 1.49 40.60 2.57
N GLU E 148 0.24 41.05 2.46
CA GLU E 148 -0.04 42.20 1.60
C GLU E 148 0.52 43.49 2.18
N MET E 149 0.56 43.62 3.50
CA MET E 149 0.98 44.85 4.16
C MET E 149 2.46 44.89 4.51
N TYR E 150 3.21 43.84 4.18
CA TYR E 150 4.62 43.77 4.56
C TYR E 150 5.47 44.67 3.68
N ASP E 151 6.24 45.55 4.31
CA ASP E 151 7.18 46.41 3.59
C ASP E 151 8.48 45.64 3.39
N ASP E 152 8.78 45.28 2.15
CA ASP E 152 9.92 44.44 1.82
C ASP E 152 11.12 45.27 1.36
N ASP E 153 11.18 46.56 1.65
CA ASP E 153 12.27 47.37 1.15
C ASP E 153 13.59 47.15 1.84
N GLU E 154 13.61 46.88 3.13
CA GLU E 154 14.88 46.67 3.81
C GLU E 154 15.47 45.32 3.38
N ILE E 155 14.63 44.29 3.24
CA ILE E 155 15.14 42.98 2.84
C ILE E 155 15.55 42.97 1.35
N LYS E 156 14.96 43.84 0.52
CA LYS E 156 15.46 44.01 -0.84
C LYS E 156 16.83 44.67 -0.82
N ARG E 157 17.05 45.58 0.13
CA ARG E 157 18.38 46.16 0.16
C ARG E 157 19.41 45.12 0.60
N ILE E 158 19.07 44.32 1.60
CA ILE E 158 20.06 43.37 2.11
C ILE E 158 20.27 42.21 1.14
N ALA E 159 19.21 41.78 0.45
CA ALA E 159 19.37 40.66 -0.46
C ALA E 159 20.13 41.08 -1.72
N SER E 160 20.00 42.34 -2.14
CA SER E 160 20.83 42.78 -3.25
C SER E 160 22.26 43.09 -2.80
N LYS E 161 22.43 43.44 -1.52
CA LYS E 161 23.77 43.76 -1.00
C LYS E 161 24.67 42.54 -0.91
N ASN E 162 24.12 41.38 -0.56
CA ASN E 162 24.88 40.15 -0.45
C ASN E 162 24.75 39.27 -1.68
N ASN E 163 24.19 39.82 -2.77
CA ASN E 163 24.01 39.12 -4.03
C ASN E 163 23.17 37.85 -3.85
N TRP E 164 22.06 37.99 -3.14
CA TRP E 164 21.11 36.90 -2.97
C TRP E 164 20.02 36.92 -4.03
N LEU E 165 19.62 38.11 -4.50
CA LEU E 165 18.63 38.33 -5.55
C LEU E 165 19.28 38.29 -6.94
N PRO E 166 18.61 37.71 -7.93
CA PRO E 166 17.30 37.06 -7.80
C PRO E 166 17.41 35.64 -7.22
N LEU E 167 16.33 35.15 -6.62
CA LEU E 167 16.29 33.79 -6.08
C LEU E 167 16.15 32.80 -7.23
N GLN E 168 17.14 31.92 -7.36
CA GLN E 168 17.22 30.97 -8.46
C GLN E 168 16.63 29.63 -8.04
N TRP E 169 16.00 28.95 -9.00
CA TRP E 169 15.36 27.66 -8.72
C TRP E 169 16.36 26.52 -8.85
N ASN F 1 -43.27 6.00 15.46
CA ASN F 1 -43.10 7.08 14.49
C ASN F 1 -42.82 8.42 15.18
N LYS F 2 -41.97 8.39 16.21
CA LYS F 2 -41.64 9.61 16.92
C LYS F 2 -40.53 10.34 16.17
N GLU F 3 -40.47 11.65 16.35
CA GLU F 3 -39.43 12.43 15.70
C GLU F 3 -38.10 12.17 16.40
N VAL F 4 -37.13 11.64 15.66
CA VAL F 4 -35.89 11.13 16.22
C VAL F 4 -34.70 11.84 15.63
N ILE F 5 -33.68 12.06 16.45
CA ILE F 5 -32.45 12.73 16.04
C ILE F 5 -31.28 11.78 16.28
N PRO F 6 -30.65 11.25 15.25
CA PRO F 6 -29.44 10.44 15.44
C PRO F 6 -28.27 11.33 15.80
N PRO F 7 -27.22 10.78 16.41
CA PRO F 7 -26.07 11.61 16.78
C PRO F 7 -25.34 12.13 15.55
N GLU F 8 -24.56 13.19 15.77
CA GLU F 8 -23.78 13.77 14.70
C GLU F 8 -22.69 12.80 14.24
N ASN F 9 -22.41 12.80 12.95
CA ASN F 9 -21.41 11.92 12.35
C ASN F 9 -21.69 10.46 12.65
N PHE F 10 -22.98 10.11 12.73
CA PHE F 10 -23.38 8.72 12.91
C PHE F 10 -23.27 7.96 11.60
N SER F 11 -22.77 6.73 11.67
CA SER F 11 -22.77 5.87 10.51
C SER F 11 -22.69 4.41 10.95
N HIS F 12 -23.00 3.51 10.02
CA HIS F 12 -22.84 2.08 10.24
C HIS F 12 -21.45 1.67 9.79
N VAL F 13 -20.83 0.76 10.55
CA VAL F 13 -19.48 0.33 10.24
C VAL F 13 -19.46 -1.04 9.56
N VAL F 14 -19.86 -2.07 10.30
CA VAL F 14 -19.91 -3.42 9.76
C VAL F 14 -20.80 -4.29 10.64
N GLY F 15 -21.69 -5.06 10.03
CA GLY F 15 -22.58 -5.91 10.79
C GLY F 15 -23.51 -5.12 11.67
N GLU F 16 -23.28 -5.17 12.99
CA GLU F 16 -24.04 -4.40 13.97
C GLU F 16 -23.12 -3.46 14.73
N ILE F 17 -22.11 -2.92 14.05
CA ILE F 17 -21.15 -1.98 14.61
C ILE F 17 -21.40 -0.60 14.01
N TYR F 18 -21.51 0.41 14.88
CA TYR F 18 -21.85 1.76 14.47
C TYR F 18 -20.83 2.76 15.02
N ARG F 19 -20.80 3.94 14.39
CA ARG F 19 -19.95 5.05 14.80
C ARG F 19 -20.79 6.31 14.95
N SER F 20 -20.37 7.20 15.84
CA SER F 20 -21.01 8.49 16.01
C SER F 20 -20.05 9.40 16.76
N SER F 21 -20.48 10.65 16.96
CA SER F 21 -19.78 11.56 17.86
C SER F 21 -20.29 11.33 19.28
N PHE F 22 -19.93 12.21 20.20
CA PHE F 22 -20.37 12.06 21.59
C PHE F 22 -21.87 12.30 21.67
N PRO F 23 -22.65 11.34 22.14
CA PRO F 23 -24.11 11.50 22.12
C PRO F 23 -24.58 12.52 23.14
N ARG F 24 -25.65 13.21 22.79
CA ARG F 24 -26.30 14.16 23.68
C ARG F 24 -27.64 13.56 24.10
N GLN F 25 -28.41 14.33 24.87
CA GLN F 25 -29.65 13.78 25.39
C GLN F 25 -30.65 13.51 24.29
N GLU F 26 -30.70 14.38 23.29
CA GLU F 26 -31.64 14.26 22.19
C GLU F 26 -31.34 13.07 21.28
N ASN F 27 -30.16 12.48 21.39
CA ASN F 27 -29.84 11.31 20.59
C ASN F 27 -30.20 10.02 21.29
N PHE F 28 -30.60 10.08 22.56
CA PHE F 28 -30.87 8.84 23.29
C PHE F 28 -32.01 8.09 22.64
N SER F 29 -32.99 8.85 22.12
CA SER F 29 -34.14 8.27 21.44
C SER F 29 -33.68 7.37 20.31
N PHE F 30 -32.66 7.78 19.58
CA PHE F 30 -32.15 7.01 18.45
C PHE F 30 -31.40 5.75 18.91
N LEU F 31 -30.65 5.84 20.01
CA LEU F 31 -29.79 4.73 20.40
C LEU F 31 -30.55 3.56 21.01
N HIS F 32 -31.67 3.81 21.65
CA HIS F 32 -32.39 2.78 22.39
C HIS F 32 -33.60 2.25 21.64
N GLU F 33 -34.42 3.12 21.06
CA GLU F 33 -35.65 2.67 20.47
C GLU F 33 -35.45 2.21 19.05
N ARG F 34 -34.34 2.62 18.43
CA ARG F 34 -34.12 2.25 17.04
C ARG F 34 -32.84 1.49 16.78
N LEU F 35 -31.75 1.81 17.47
CA LEU F 35 -30.55 1.02 17.33
C LEU F 35 -30.60 -0.25 18.15
N LYS F 36 -31.27 -0.22 19.30
CA LYS F 36 -31.30 -1.37 20.22
C LYS F 36 -29.88 -1.82 20.59
N LEU F 37 -29.12 -0.89 21.14
CA LEU F 37 -27.72 -1.16 21.43
C LEU F 37 -27.57 -2.12 22.60
N LYS F 38 -26.50 -2.92 22.56
CA LYS F 38 -26.14 -3.80 23.66
C LYS F 38 -24.90 -3.32 24.40
N SER F 39 -24.00 -2.63 23.72
CA SER F 39 -22.83 -2.06 24.35
C SER F 39 -22.50 -0.74 23.70
N ILE F 40 -21.69 0.05 24.39
CA ILE F 40 -21.17 1.31 23.86
C ILE F 40 -19.71 1.38 24.24
N LEU F 41 -18.83 1.58 23.26
CA LEU F 41 -17.41 1.75 23.49
C LEU F 41 -17.06 3.22 23.30
N VAL F 42 -16.54 3.83 24.35
CA VAL F 42 -16.08 5.21 24.30
C VAL F 42 -14.56 5.18 24.26
N LEU F 43 -13.97 6.16 23.58
CA LEU F 43 -12.53 6.17 23.31
C LEU F 43 -11.81 7.34 23.97
N ILE F 44 -12.51 8.13 24.78
CA ILE F 44 -11.89 9.26 25.45
C ILE F 44 -11.46 8.81 26.85
N PRO F 45 -10.35 9.34 27.37
CA PRO F 45 -9.94 9.01 28.74
C PRO F 45 -10.73 9.74 29.81
N GLU F 46 -11.50 10.77 29.45
CA GLU F 46 -12.25 11.52 30.44
C GLU F 46 -13.40 10.69 31.01
N GLU F 47 -13.90 11.13 32.15
CA GLU F 47 -14.99 10.43 32.82
C GLU F 47 -16.30 10.66 32.08
N TYR F 48 -17.14 9.64 32.06
CA TYR F 48 -18.38 9.72 31.28
C TYR F 48 -19.42 10.55 32.02
N PRO F 49 -20.11 11.46 31.33
CA PRO F 49 -21.05 12.35 32.03
C PRO F 49 -22.22 11.59 32.63
N GLN F 50 -22.82 12.19 33.66
CA GLN F 50 -23.78 11.49 34.49
C GLN F 50 -25.13 11.29 33.81
N GLU F 51 -25.58 12.25 32.99
CA GLU F 51 -26.87 12.07 32.32
C GLU F 51 -26.79 10.98 31.24
N ASN F 52 -25.64 10.90 30.56
CA ASN F 52 -25.46 9.84 29.58
C ASN F 52 -25.28 8.49 30.27
N LEU F 53 -24.55 8.48 31.39
CA LEU F 53 -24.36 7.24 32.14
C LEU F 53 -25.67 6.78 32.76
N ASN F 54 -26.52 7.72 33.16
CA ASN F 54 -27.83 7.37 33.70
C ASN F 54 -28.72 6.77 32.62
N PHE F 55 -28.62 7.28 31.40
CA PHE F 55 -29.36 6.65 30.31
C PHE F 55 -28.83 5.24 30.06
N LEU F 56 -27.50 5.06 30.15
CA LEU F 56 -26.94 3.72 29.91
C LEU F 56 -27.35 2.74 30.99
N LYS F 57 -27.47 3.20 32.24
CA LYS F 57 -27.92 2.32 33.31
C LYS F 57 -29.42 2.08 33.24
N LEU F 58 -30.17 3.04 32.71
CA LEU F 58 -31.61 2.87 32.54
C LEU F 58 -31.93 1.88 31.43
N THR F 59 -31.08 1.81 30.41
CA THR F 59 -31.35 1.00 29.24
C THR F 59 -30.72 -0.40 29.29
N GLY F 60 -29.73 -0.62 30.15
CA GLY F 60 -29.02 -1.88 30.18
C GLY F 60 -27.86 -1.98 29.22
N ILE F 61 -27.43 -0.86 28.64
CA ILE F 61 -26.30 -0.82 27.72
C ILE F 61 -25.00 -0.80 28.53
N LYS F 62 -24.14 -1.78 28.29
CA LYS F 62 -22.86 -1.85 29.00
C LYS F 62 -21.87 -0.89 28.36
N LEU F 63 -21.12 -0.17 29.19
CA LEU F 63 -20.14 0.80 28.72
C LEU F 63 -18.73 0.21 28.80
N TYR F 64 -18.01 0.26 27.68
CA TYR F 64 -16.59 -0.06 27.65
C TYR F 64 -15.80 1.22 27.34
N GLN F 65 -14.65 1.38 27.98
CA GLN F 65 -13.85 2.60 27.82
C GLN F 65 -12.38 2.26 27.67
N VAL F 66 -11.80 2.67 26.55
CA VAL F 66 -10.35 2.59 26.31
C VAL F 66 -9.84 4.00 26.07
N GLY F 67 -9.19 4.59 27.07
CA GLY F 67 -8.78 5.97 27.00
C GLY F 67 -7.61 6.23 26.07
N MET F 68 -7.88 6.94 24.98
CA MET F 68 -6.87 7.32 23.99
C MET F 68 -6.72 8.83 23.95
N SER F 69 -5.47 9.29 23.80
CA SER F 69 -5.15 10.70 23.94
C SER F 69 -5.73 11.52 22.80
N GLY F 70 -6.34 12.65 23.15
CA GLY F 70 -6.71 13.56 22.10
C GLY F 70 -5.46 14.21 21.57
N ASN F 71 -4.87 15.12 22.34
CA ASN F 71 -3.49 15.46 22.06
C ASN F 71 -2.58 15.35 23.27
N LYS F 72 -2.86 16.16 24.30
CA LYS F 72 -2.07 16.24 25.53
C LYS F 72 -0.58 16.43 25.26
N GLU F 73 -0.23 16.83 24.03
CA GLU F 73 1.12 16.76 23.50
C GLU F 73 1.13 17.42 22.12
N PRO F 74 2.30 17.79 21.55
CA PRO F 74 2.28 18.41 20.22
C PRO F 74 1.96 17.48 19.05
N PHE F 75 0.69 17.03 18.96
CA PHE F 75 0.07 16.65 17.69
C PHE F 75 0.80 15.56 16.91
N VAL F 76 0.72 14.24 17.20
CA VAL F 76 -0.02 13.43 18.18
C VAL F 76 0.65 12.08 18.20
N ASN F 77 0.35 11.25 19.20
CA ASN F 77 0.70 9.84 19.07
C ASN F 77 -0.32 8.99 19.79
N ILE F 78 -0.67 7.85 19.17
CA ILE F 78 -1.62 6.90 19.72
C ILE F 78 -1.00 5.51 19.72
N PRO F 79 -0.99 4.80 20.84
CA PRO F 79 -0.40 3.47 20.87
C PRO F 79 -1.30 2.42 20.21
N SER F 80 -0.70 1.28 19.89
CA SER F 80 -1.39 0.20 19.20
C SER F 80 -2.07 -0.79 20.13
N HIS F 81 -1.61 -0.88 21.39
CA HIS F 81 -2.23 -1.84 22.30
C HIS F 81 -3.64 -1.38 22.70
N LEU F 82 -3.88 -0.07 22.71
CA LEU F 82 -5.22 0.42 22.95
C LEU F 82 -6.14 0.06 21.79
N LEU F 83 -5.61 0.09 20.57
CA LEU F 83 -6.37 -0.35 19.41
C LEU F 83 -6.68 -1.83 19.49
N THR F 84 -5.71 -2.62 19.97
CA THR F 84 -5.96 -4.05 20.09
C THR F 84 -7.04 -4.34 21.12
N LYS F 85 -7.02 -3.64 22.25
CA LYS F 85 -8.04 -3.87 23.27
C LYS F 85 -9.42 -3.44 22.76
N ALA F 86 -9.49 -2.29 22.07
CA ALA F 86 -10.78 -1.85 21.56
C ALA F 86 -11.30 -2.77 20.48
N LEU F 87 -10.42 -3.35 19.68
CA LEU F 87 -10.87 -4.32 18.67
C LEU F 87 -11.36 -5.60 19.31
N GLU F 88 -10.70 -6.03 20.40
CA GLU F 88 -11.19 -7.23 21.09
C GLU F 88 -12.56 -6.97 21.69
N ILE F 89 -12.85 -5.74 22.09
CA ILE F 89 -14.18 -5.46 22.61
C ILE F 89 -15.21 -5.40 21.48
N VAL F 90 -14.86 -4.77 20.36
CA VAL F 90 -15.87 -4.50 19.34
C VAL F 90 -16.18 -5.74 18.50
N LEU F 91 -15.20 -6.62 18.30
CA LEU F 91 -15.43 -7.77 17.42
C LEU F 91 -16.16 -8.92 18.12
N ASN F 92 -16.39 -8.84 19.41
CA ASN F 92 -17.13 -9.88 20.11
C ASN F 92 -18.62 -9.73 19.84
N PRO F 93 -19.30 -10.75 19.30
CA PRO F 93 -20.74 -10.63 19.01
C PRO F 93 -21.61 -10.56 20.25
N ALA F 94 -21.07 -10.88 21.44
CA ALA F 94 -21.83 -10.76 22.68
C ALA F 94 -22.02 -9.31 23.11
N ASN F 95 -21.31 -8.37 22.49
CA ASN F 95 -21.44 -6.95 22.81
C ASN F 95 -22.17 -6.16 21.74
N GLN F 96 -22.69 -6.81 20.71
CA GLN F 96 -23.34 -6.13 19.60
C GLN F 96 -24.86 -6.16 19.75
N PRO F 97 -25.59 -5.12 19.30
CA PRO F 97 -25.16 -3.88 18.61
C PRO F 97 -24.37 -2.91 19.47
N ILE F 98 -23.20 -2.50 19.00
CA ILE F 98 -22.29 -1.63 19.75
C ILE F 98 -22.08 -0.33 18.99
N LEU F 99 -22.02 0.77 19.73
CA LEU F 99 -21.76 2.10 19.17
C LEU F 99 -20.41 2.59 19.65
N ILE F 100 -19.50 2.87 18.72
CA ILE F 100 -18.19 3.43 19.00
C ILE F 100 -18.26 4.94 18.85
N HIS F 101 -17.82 5.68 19.86
CA HIS F 101 -17.87 7.13 19.73
C HIS F 101 -16.73 7.78 20.51
N SER F 102 -16.47 9.03 20.15
CA SER F 102 -15.48 9.89 20.79
C SER F 102 -16.10 11.28 20.85
N ASN F 103 -15.26 12.30 21.07
CA ASN F 103 -15.78 13.66 21.12
C ASN F 103 -16.40 14.08 19.79
N ARG F 104 -15.79 13.69 18.68
CA ARG F 104 -16.29 14.02 17.35
C ARG F 104 -16.54 12.82 16.46
N GLY F 105 -16.01 11.65 16.79
CA GLY F 105 -16.16 10.49 15.93
C GLY F 105 -15.34 10.56 14.66
N LYS F 106 -14.23 11.28 14.69
CA LYS F 106 -13.39 11.51 13.52
C LYS F 106 -12.01 10.88 13.66
N HIS F 107 -11.30 11.14 14.76
CA HIS F 107 -9.88 10.82 14.88
C HIS F 107 -9.65 9.51 15.61
N ARG F 108 -10.15 9.38 16.85
CA ARG F 108 -9.96 8.10 17.55
C ARG F 108 -10.88 7.04 16.95
N THR F 109 -12.12 7.44 16.65
CA THR F 109 -13.08 6.53 16.06
C THR F 109 -12.66 6.14 14.66
N GLY F 110 -12.14 7.08 13.87
CA GLY F 110 -11.78 6.76 12.51
C GLY F 110 -10.60 5.81 12.43
N CYS F 111 -9.67 5.89 13.39
CA CYS F 111 -8.54 4.97 13.39
C CYS F 111 -8.93 3.59 13.87
N LEU F 112 -9.84 3.52 14.85
CA LEU F 112 -10.32 2.20 15.25
C LEU F 112 -11.10 1.53 14.12
N ILE F 113 -11.91 2.31 13.41
CA ILE F 113 -12.67 1.74 12.32
C ILE F 113 -11.77 1.42 11.13
N GLY F 114 -10.69 2.17 10.94
CA GLY F 114 -9.72 1.81 9.93
C GLY F 114 -9.02 0.50 10.23
N CYS F 115 -8.82 0.21 11.52
CA CYS F 115 -8.24 -1.10 11.84
C CYS F 115 -9.26 -2.21 11.66
N ILE F 116 -10.54 -1.92 11.85
CA ILE F 116 -11.56 -2.89 11.48
C ILE F 116 -11.54 -3.15 9.98
N ARG F 117 -11.36 -2.09 9.19
CA ARG F 117 -11.33 -2.24 7.74
C ARG F 117 -10.12 -3.02 7.29
N LYS F 118 -9.00 -2.90 8.00
CA LYS F 118 -7.86 -3.76 7.68
C LYS F 118 -8.13 -5.19 8.10
N LEU F 119 -8.96 -5.41 9.12
CA LEU F 119 -9.36 -6.78 9.43
C LEU F 119 -10.26 -7.35 8.34
N GLN F 120 -10.98 -6.50 7.61
CA GLN F 120 -11.78 -6.93 6.47
C GLN F 120 -10.99 -7.03 5.17
N ASN F 121 -9.66 -6.81 5.20
CA ASN F 121 -8.80 -6.88 4.01
C ASN F 121 -9.23 -5.87 2.94
N TRP F 122 -9.53 -4.65 3.36
CA TRP F 122 -9.82 -3.59 2.39
C TRP F 122 -8.54 -3.00 1.81
N SER F 123 -8.69 -2.38 0.64
CA SER F 123 -7.61 -1.59 0.07
C SER F 123 -7.39 -0.32 0.89
N LEU F 124 -6.12 0.12 0.95
CA LEU F 124 -5.81 1.29 1.75
C LEU F 124 -6.44 2.56 1.17
N THR F 125 -6.68 2.58 -0.15
CA THR F 125 -7.32 3.74 -0.74
C THR F 125 -8.72 3.94 -0.19
N MET F 126 -9.50 2.87 -0.10
CA MET F 126 -10.87 3.01 0.38
C MET F 126 -10.92 3.25 1.87
N ILE F 127 -9.98 2.70 2.63
CA ILE F 127 -9.95 2.98 4.06
C ILE F 127 -9.65 4.45 4.30
N PHE F 128 -8.68 5.00 3.57
CA PHE F 128 -8.33 6.39 3.77
C PHE F 128 -9.41 7.32 3.23
N ASP F 129 -10.12 6.90 2.18
CA ASP F 129 -11.22 7.71 1.65
C ASP F 129 -12.39 7.74 2.64
N GLU F 130 -12.66 6.61 3.31
CA GLU F 130 -13.70 6.61 4.34
C GLU F 130 -13.29 7.45 5.55
N TYR F 131 -12.02 7.35 5.95
CA TYR F 131 -11.56 8.16 7.08
C TYR F 131 -11.68 9.64 6.76
N ARG F 132 -11.29 10.03 5.53
CA ARG F 132 -11.36 11.45 5.20
C ARG F 132 -12.79 11.91 4.99
N ARG F 133 -13.70 11.00 4.62
CA ARG F 133 -15.11 11.37 4.55
C ARG F 133 -15.66 11.66 5.94
N PHE F 134 -15.20 10.92 6.95
CA PHE F 134 -15.73 11.18 8.29
C PHE F 134 -14.96 12.25 9.06
N ALA F 135 -13.68 12.47 8.77
CA ALA F 135 -12.83 13.37 9.52
C ALA F 135 -12.77 14.79 8.97
N PHE F 136 -13.60 15.12 7.98
CA PHE F 136 -13.63 16.47 7.45
C PHE F 136 -14.15 17.45 8.49
N PRO F 137 -13.55 18.65 8.62
CA PRO F 137 -12.49 19.19 7.76
C PRO F 137 -11.05 18.88 8.17
N LYS F 138 -10.81 18.57 9.44
CA LYS F 138 -9.44 18.37 9.93
C LYS F 138 -9.03 16.90 9.83
N ALA F 139 -9.01 16.40 8.59
CA ALA F 139 -8.50 15.07 8.35
C ALA F 139 -6.98 15.14 8.39
N ARG F 140 -6.38 14.49 9.38
CA ARG F 140 -4.96 14.56 9.65
C ARG F 140 -4.28 13.25 9.26
N ALA F 141 -3.10 13.37 8.66
CA ALA F 141 -2.38 12.21 8.13
C ALA F 141 -1.80 11.30 9.19
N LEU F 142 -1.71 11.73 10.45
CA LEU F 142 -1.15 10.84 11.45
C LEU F 142 -2.10 9.69 11.75
N ASP F 143 -3.40 9.89 11.63
CA ASP F 143 -4.34 8.80 11.80
C ASP F 143 -4.20 7.78 10.68
N GLN F 144 -3.99 8.26 9.45
CA GLN F 144 -3.77 7.36 8.34
C GLN F 144 -2.45 6.62 8.46
N GLN F 145 -1.44 7.29 9.03
CA GLN F 145 -0.18 6.61 9.30
C GLN F 145 -0.35 5.53 10.36
N PHE F 146 -1.21 5.79 11.37
CA PHE F 146 -1.49 4.77 12.37
C PHE F 146 -2.21 3.58 11.74
N ILE F 147 -3.05 3.84 10.75
CA ILE F 147 -3.73 2.75 10.04
C ILE F 147 -2.74 1.96 9.20
N GLU F 148 -1.84 2.66 8.52
CA GLU F 148 -0.92 2.00 7.60
C GLU F 148 0.13 1.18 8.35
N MET F 149 0.54 1.62 9.53
CA MET F 149 1.61 0.95 10.26
C MET F 149 1.14 -0.05 11.30
N TYR F 150 -0.17 -0.22 11.49
CA TYR F 150 -0.65 -1.10 12.55
C TYR F 150 -0.49 -2.57 12.17
N ASP F 151 0.14 -3.34 13.03
CA ASP F 151 0.28 -4.78 12.83
C ASP F 151 -0.99 -5.46 13.33
N ASP F 152 -1.77 -6.02 12.41
CA ASP F 152 -3.06 -6.61 12.72
C ASP F 152 -3.00 -8.13 12.82
N ASP F 153 -1.81 -8.70 12.97
CA ASP F 153 -1.69 -10.16 13.00
C ASP F 153 -2.12 -10.73 14.34
N GLU F 154 -1.86 -10.01 15.43
CA GLU F 154 -2.22 -10.50 16.77
C GLU F 154 -3.73 -10.54 16.93
N ILE F 155 -4.41 -9.49 16.45
CA ILE F 155 -5.86 -9.43 16.61
C ILE F 155 -6.54 -10.39 15.63
N LYS F 156 -5.92 -10.66 14.48
CA LYS F 156 -6.47 -11.69 13.60
C LYS F 156 -6.24 -13.07 14.17
N ARG F 157 -5.12 -13.28 14.87
CA ARG F 157 -4.88 -14.56 15.50
C ARG F 157 -5.89 -14.83 16.60
N ILE F 158 -6.23 -13.80 17.38
CA ILE F 158 -7.24 -13.99 18.41
C ILE F 158 -8.63 -14.14 17.80
N ALA F 159 -8.91 -13.42 16.70
CA ALA F 159 -10.23 -13.50 16.08
C ALA F 159 -10.44 -14.84 15.37
N SER F 160 -9.37 -15.52 14.97
CA SER F 160 -9.56 -16.82 14.33
C SER F 160 -10.12 -17.82 15.33
N LYS F 161 -9.66 -17.71 16.58
CA LYS F 161 -10.04 -18.63 17.64
C LYS F 161 -11.48 -18.47 18.10
N ASN F 162 -11.99 -17.24 18.09
CA ASN F 162 -13.32 -16.95 18.60
C ASN F 162 -14.39 -16.86 17.50
N ASN F 163 -14.06 -17.27 16.27
CA ASN F 163 -15.00 -17.30 15.15
C ASN F 163 -15.62 -15.93 14.92
N TRP F 164 -14.78 -14.90 14.92
CA TRP F 164 -15.22 -13.54 14.64
C TRP F 164 -15.09 -13.21 13.16
N LEU F 165 -14.09 -13.77 12.49
CA LEU F 165 -13.89 -13.64 11.05
C LEU F 165 -14.67 -14.72 10.32
N PRO F 166 -15.32 -14.41 9.19
CA PRO F 166 -15.43 -13.11 8.51
C PRO F 166 -16.50 -12.19 9.11
N LEU F 167 -16.33 -10.88 8.92
CA LEU F 167 -17.34 -9.90 9.34
C LEU F 167 -18.43 -9.79 8.28
N GLN F 168 -19.67 -10.09 8.67
CA GLN F 168 -20.80 -10.12 7.75
C GLN F 168 -21.53 -8.78 7.75
N TRP F 169 -22.07 -8.42 6.59
CA TRP F 169 -22.80 -7.16 6.43
C TRP F 169 -24.27 -7.32 6.76
N ASN G 1 -17.29 -10.97 -83.58
CA ASN G 1 -18.71 -10.91 -83.88
C ASN G 1 -19.56 -11.04 -82.62
N LYS G 2 -19.15 -10.38 -81.55
CA LYS G 2 -19.88 -10.46 -80.30
C LYS G 2 -21.07 -9.50 -80.32
N GLU G 3 -22.02 -9.75 -79.43
CA GLU G 3 -23.23 -8.92 -79.36
C GLU G 3 -22.89 -7.57 -78.75
N VAL G 4 -23.22 -6.50 -79.49
CA VAL G 4 -22.92 -5.13 -79.10
C VAL G 4 -24.23 -4.36 -78.96
N ILE G 5 -24.30 -3.48 -77.97
CA ILE G 5 -25.52 -2.73 -77.66
C ILE G 5 -25.27 -1.23 -77.76
N PRO G 6 -25.84 -0.55 -78.74
CA PRO G 6 -25.73 0.91 -78.79
C PRO G 6 -26.61 1.55 -77.71
N PRO G 7 -26.31 2.77 -77.31
CA PRO G 7 -27.16 3.44 -76.32
C PRO G 7 -28.52 3.78 -76.90
N GLU G 8 -29.47 4.03 -75.99
CA GLU G 8 -30.82 4.41 -76.41
C GLU G 8 -30.80 5.77 -77.10
N ASN G 9 -31.63 5.91 -78.12
CA ASN G 9 -31.73 7.15 -78.91
C ASN G 9 -30.40 7.56 -79.52
N PHE G 10 -29.56 6.59 -79.84
CA PHE G 10 -28.30 6.88 -80.51
C PHE G 10 -28.55 7.12 -81.99
N SER G 11 -27.84 8.10 -82.55
CA SER G 11 -27.90 8.33 -83.98
C SER G 11 -26.63 9.04 -84.44
N HIS G 12 -26.44 9.04 -85.76
CA HIS G 12 -25.38 9.79 -86.41
C HIS G 12 -25.87 11.18 -86.76
N VAL G 13 -25.01 12.18 -86.57
CA VAL G 13 -25.39 13.55 -86.86
C VAL G 13 -24.79 13.98 -88.19
N VAL G 14 -23.46 14.06 -88.24
CA VAL G 14 -22.82 14.42 -89.51
C VAL G 14 -21.34 14.05 -89.51
N GLY G 15 -20.88 13.42 -90.59
CA GLY G 15 -19.49 13.02 -90.71
C GLY G 15 -19.13 12.01 -89.66
N GLU G 16 -18.31 12.40 -88.68
CA GLU G 16 -17.98 11.56 -87.56
C GLU G 16 -18.43 12.19 -86.25
N ILE G 17 -19.54 12.92 -86.28
CA ILE G 17 -20.17 13.51 -85.11
C ILE G 17 -21.45 12.72 -84.89
N TYR G 18 -21.60 12.17 -83.67
CA TYR G 18 -22.73 11.31 -83.35
C TYR G 18 -23.46 11.84 -82.12
N ARG G 19 -24.69 11.38 -81.95
CA ARG G 19 -25.53 11.76 -80.82
C ARG G 19 -26.05 10.52 -80.12
N SER G 20 -26.31 10.65 -78.83
CA SER G 20 -26.86 9.55 -78.05
C SER G 20 -27.52 10.09 -76.79
N SER G 21 -28.10 9.17 -76.02
CA SER G 21 -28.50 9.45 -74.65
C SER G 21 -27.29 9.18 -73.76
N PHE G 22 -27.49 9.17 -72.46
CA PHE G 22 -26.36 8.91 -71.57
C PHE G 22 -25.93 7.45 -71.68
N PRO G 23 -24.68 7.17 -72.02
CA PRO G 23 -24.26 5.78 -72.20
C PRO G 23 -24.17 5.05 -70.88
N ARG G 24 -24.42 3.75 -70.93
CA ARG G 24 -24.28 2.90 -69.76
C ARG G 24 -23.11 1.95 -69.96
N GLN G 25 -22.88 1.08 -68.98
CA GLN G 25 -21.73 0.18 -69.08
C GLN G 25 -21.95 -0.86 -70.18
N GLU G 26 -23.20 -1.21 -70.44
CA GLU G 26 -23.50 -2.15 -71.52
C GLU G 26 -23.26 -1.54 -72.90
N ASN G 27 -23.16 -0.22 -73.00
CA ASN G 27 -22.94 0.47 -74.25
C ASN G 27 -21.46 0.80 -74.52
N PHE G 28 -20.57 0.54 -73.56
CA PHE G 28 -19.19 1.00 -73.69
C PHE G 28 -18.47 0.30 -74.84
N SER G 29 -18.74 -0.99 -75.02
CA SER G 29 -18.14 -1.72 -76.14
C SER G 29 -18.50 -1.07 -77.46
N PHE G 30 -19.69 -0.47 -77.54
CA PHE G 30 -20.10 0.19 -78.78
C PHE G 30 -19.28 1.44 -79.05
N LEU G 31 -18.92 2.18 -78.00
CA LEU G 31 -18.29 3.48 -78.20
C LEU G 31 -16.82 3.41 -78.62
N HIS G 32 -16.09 2.38 -78.20
CA HIS G 32 -14.65 2.31 -78.48
C HIS G 32 -14.27 1.33 -79.58
N GLU G 33 -14.89 0.15 -79.62
CA GLU G 33 -14.40 -0.88 -80.53
C GLU G 33 -14.90 -0.68 -81.94
N ARG G 34 -15.97 0.07 -82.13
CA ARG G 34 -16.46 0.37 -83.47
C ARG G 34 -16.51 1.86 -83.78
N LEU G 35 -16.92 2.69 -82.83
CA LEU G 35 -16.88 4.13 -83.06
C LEU G 35 -15.49 4.71 -82.86
N LYS G 36 -14.76 4.21 -81.86
CA LYS G 36 -13.42 4.70 -81.52
C LYS G 36 -13.41 6.22 -81.37
N LEU G 37 -14.18 6.69 -80.39
CA LEU G 37 -14.38 8.11 -80.21
C LEU G 37 -13.09 8.80 -79.76
N LYS G 38 -12.98 10.08 -80.10
CA LYS G 38 -11.92 10.94 -79.60
C LYS G 38 -12.40 11.92 -78.55
N SER G 39 -13.67 12.30 -78.58
CA SER G 39 -14.23 13.18 -77.56
C SER G 39 -15.67 12.81 -77.25
N ILE G 40 -16.12 13.28 -76.09
CA ILE G 40 -17.50 13.14 -75.68
C ILE G 40 -17.92 14.48 -75.09
N LEU G 41 -19.00 15.05 -75.62
CA LEU G 41 -19.57 16.29 -75.12
C LEU G 41 -20.83 15.96 -74.33
N VAL G 42 -20.82 16.32 -73.06
CA VAL G 42 -21.97 16.11 -72.18
C VAL G 42 -22.65 17.45 -71.97
N LEU G 43 -23.98 17.44 -72.05
CA LEU G 43 -24.78 18.65 -71.96
C LEU G 43 -25.57 18.71 -70.66
N ILE G 44 -25.06 18.08 -69.61
CA ILE G 44 -25.71 18.07 -68.30
C ILE G 44 -24.85 18.87 -67.31
N PRO G 45 -25.45 19.57 -66.36
CA PRO G 45 -24.67 20.25 -65.32
C PRO G 45 -24.21 19.35 -64.19
N GLU G 46 -24.76 18.14 -64.08
CA GLU G 46 -24.45 17.20 -63.01
C GLU G 46 -23.03 16.65 -63.13
N GLU G 47 -22.57 16.04 -62.03
CA GLU G 47 -21.25 15.45 -61.99
C GLU G 47 -21.22 14.18 -62.85
N TYR G 48 -20.11 13.96 -63.54
CA TYR G 48 -20.00 12.82 -64.43
C TYR G 48 -19.73 11.55 -63.62
N PRO G 49 -20.43 10.45 -63.89
CA PRO G 49 -20.26 9.26 -63.05
C PRO G 49 -18.89 8.65 -63.18
N GLN G 50 -18.48 7.94 -62.12
CA GLN G 50 -17.10 7.47 -62.02
C GLN G 50 -16.83 6.27 -62.92
N GLU G 51 -17.84 5.42 -63.15
CA GLU G 51 -17.61 4.30 -64.06
C GLU G 51 -17.48 4.75 -65.51
N ASN G 52 -18.19 5.82 -65.92
CA ASN G 52 -18.04 6.40 -67.25
C ASN G 52 -16.76 7.21 -67.35
N LEU G 53 -16.43 7.97 -66.32
CA LEU G 53 -15.25 8.83 -66.36
C LEU G 53 -14.00 7.96 -66.37
N ASN G 54 -14.10 6.82 -65.69
CA ASN G 54 -12.96 5.90 -65.69
C ASN G 54 -12.78 5.32 -67.09
N PHE G 55 -13.88 4.98 -67.75
CA PHE G 55 -13.84 4.40 -69.09
C PHE G 55 -13.25 5.41 -70.10
N LEU G 56 -13.63 6.69 -69.97
CA LEU G 56 -13.12 7.69 -70.89
C LEU G 56 -11.64 7.92 -70.65
N LYS G 57 -11.17 7.87 -69.39
CA LYS G 57 -9.73 7.99 -69.15
C LYS G 57 -9.00 6.75 -69.62
N LEU G 58 -9.73 5.66 -69.69
CA LEU G 58 -9.23 4.35 -70.04
C LEU G 58 -8.96 4.24 -71.55
N THR G 59 -9.82 4.85 -72.37
CA THR G 59 -9.72 4.80 -73.82
C THR G 59 -8.98 6.00 -74.39
N GLY G 60 -8.74 7.01 -73.56
CA GLY G 60 -8.11 8.23 -73.99
C GLY G 60 -9.08 9.23 -74.58
N ILE G 61 -10.37 8.99 -74.41
CA ILE G 61 -11.41 9.87 -74.95
C ILE G 61 -11.51 11.10 -74.07
N LYS G 62 -11.35 12.28 -74.67
CA LYS G 62 -11.42 13.51 -73.92
C LYS G 62 -12.87 13.85 -73.59
N LEU G 63 -13.09 14.29 -72.37
CA LEU G 63 -14.41 14.64 -71.89
C LEU G 63 -14.56 16.17 -71.91
N TYR G 64 -15.55 16.65 -72.63
CA TYR G 64 -15.98 18.04 -72.60
C TYR G 64 -17.37 18.11 -72.00
N GLN G 65 -17.65 19.17 -71.24
CA GLN G 65 -18.94 19.31 -70.59
C GLN G 65 -19.41 20.75 -70.75
N VAL G 66 -20.58 20.91 -71.38
CA VAL G 66 -21.25 22.21 -71.45
C VAL G 66 -22.56 22.03 -70.71
N GLY G 67 -22.60 22.48 -69.46
CA GLY G 67 -23.74 22.25 -68.60
C GLY G 67 -24.94 23.08 -69.00
N MET G 68 -25.98 22.42 -69.49
CA MET G 68 -27.21 23.07 -69.88
C MET G 68 -28.32 22.64 -68.93
N SER G 69 -29.18 23.59 -68.57
CA SER G 69 -30.18 23.33 -67.53
C SER G 69 -31.23 22.36 -68.02
N GLY G 70 -31.57 21.38 -67.18
CA GLY G 70 -32.66 20.50 -67.55
C GLY G 70 -34.01 21.20 -67.48
N ASN G 71 -34.50 21.44 -66.27
CA ASN G 71 -35.58 22.40 -66.07
C ASN G 71 -35.18 23.48 -65.07
N LYS G 72 -34.82 23.09 -63.84
CA LYS G 72 -34.42 23.97 -62.74
C LYS G 72 -35.58 24.85 -62.29
N GLU G 73 -36.68 24.79 -63.04
CA GLU G 73 -37.84 25.68 -62.95
C GLU G 73 -38.82 25.15 -63.99
N PRO G 74 -40.10 25.50 -63.93
CA PRO G 74 -41.04 24.98 -64.93
C PRO G 74 -40.84 25.55 -66.33
N PHE G 75 -39.97 24.91 -67.12
CA PHE G 75 -40.15 24.94 -68.57
C PHE G 75 -40.05 26.30 -69.27
N VAL G 76 -38.85 26.80 -69.61
CA VAL G 76 -37.50 26.26 -69.37
C VAL G 76 -36.59 27.39 -69.83
N ASN G 77 -35.29 27.35 -69.57
CA ASN G 77 -34.41 28.28 -70.27
C ASN G 77 -33.08 27.63 -70.62
N ILE G 78 -32.64 27.86 -71.87
CA ILE G 78 -31.36 27.39 -72.37
C ILE G 78 -30.67 28.57 -73.05
N PRO G 79 -29.45 28.93 -72.67
CA PRO G 79 -28.76 30.08 -73.28
C PRO G 79 -28.15 29.76 -74.64
N SER G 80 -27.82 30.84 -75.36
CA SER G 80 -27.23 30.72 -76.69
C SER G 80 -25.71 30.59 -76.65
N HIS G 81 -25.07 31.13 -75.62
CA HIS G 81 -23.62 31.07 -75.53
C HIS G 81 -23.15 29.66 -75.20
N LEU G 82 -23.96 28.89 -74.46
CA LEU G 82 -23.61 27.49 -74.22
C LEU G 82 -23.70 26.70 -75.51
N LEU G 83 -24.67 27.03 -76.36
CA LEU G 83 -24.78 26.38 -77.65
C LEU G 83 -23.60 26.72 -78.54
N THR G 84 -23.16 27.97 -78.52
CA THR G 84 -22.01 28.33 -79.36
C THR G 84 -20.74 27.64 -78.85
N LYS G 85 -20.57 27.51 -77.53
CA LYS G 85 -19.40 26.82 -77.01
C LYS G 85 -19.43 25.34 -77.39
N ALA G 86 -20.61 24.71 -77.31
CA ALA G 86 -20.72 23.31 -77.69
C ALA G 86 -20.50 23.13 -79.18
N LEU G 87 -20.91 24.10 -79.99
CA LEU G 87 -20.65 24.04 -81.42
C LEU G 87 -19.16 24.20 -81.70
N GLU G 88 -18.48 25.02 -80.92
CA GLU G 88 -17.03 25.15 -81.07
C GLU G 88 -16.33 23.86 -80.73
N ILE G 89 -16.88 23.08 -79.79
CA ILE G 89 -16.28 21.80 -79.45
C ILE G 89 -16.55 20.77 -80.54
N VAL G 90 -17.77 20.75 -81.07
CA VAL G 90 -18.15 19.68 -81.99
C VAL G 90 -17.65 19.97 -83.42
N LEU G 91 -17.51 21.23 -83.81
CA LEU G 91 -17.13 21.55 -85.18
C LEU G 91 -15.63 21.43 -85.42
N ASN G 92 -14.85 21.25 -84.37
CA ASN G 92 -13.42 21.06 -84.50
C ASN G 92 -13.09 19.63 -84.91
N PRO G 93 -12.43 19.42 -86.06
CA PRO G 93 -12.07 18.04 -86.46
C PRO G 93 -10.99 17.43 -85.58
N ALA G 94 -10.31 18.22 -84.76
CA ALA G 94 -9.33 17.69 -83.82
C ALA G 94 -10.00 16.97 -82.65
N ASN G 95 -11.32 17.10 -82.50
CA ASN G 95 -12.07 16.40 -81.47
C ASN G 95 -12.94 15.28 -82.02
N GLN G 96 -12.91 15.02 -83.34
CA GLN G 96 -13.79 13.98 -83.86
C GLN G 96 -13.02 12.68 -84.07
N PRO G 97 -13.65 11.49 -83.89
CA PRO G 97 -15.07 11.25 -83.56
C PRO G 97 -15.52 11.69 -82.18
N ILE G 98 -16.59 12.50 -82.12
CA ILE G 98 -17.13 13.04 -80.89
C ILE G 98 -18.57 12.57 -80.75
N LEU G 99 -18.95 12.26 -79.51
CA LEU G 99 -20.31 11.83 -79.16
C LEU G 99 -20.95 12.89 -78.28
N ILE G 100 -22.07 13.45 -78.74
CA ILE G 100 -22.85 14.41 -77.98
C ILE G 100 -23.97 13.67 -77.27
N HIS G 101 -24.09 13.86 -75.96
CA HIS G 101 -25.17 13.17 -75.26
C HIS G 101 -25.66 14.00 -74.08
N SER G 102 -26.84 13.60 -73.59
CA SER G 102 -27.50 14.19 -72.42
C SER G 102 -28.12 13.04 -71.65
N ASN G 103 -29.06 13.37 -70.75
CA ASN G 103 -29.74 12.33 -69.99
C ASN G 103 -30.56 11.43 -70.92
N ARG G 104 -31.53 12.02 -71.63
CA ARG G 104 -32.43 11.31 -72.52
C ARG G 104 -31.95 11.29 -73.96
N GLY G 105 -31.12 12.25 -74.37
CA GLY G 105 -30.82 12.44 -75.77
C GLY G 105 -31.97 12.98 -76.59
N LYS G 106 -32.88 13.71 -75.96
CA LYS G 106 -34.09 14.21 -76.61
C LYS G 106 -34.13 15.72 -76.71
N HIS G 107 -33.90 16.45 -75.61
CA HIS G 107 -34.19 17.88 -75.54
C HIS G 107 -32.95 18.75 -75.74
N ARG G 108 -31.91 18.58 -74.92
CA ARG G 108 -30.71 19.39 -75.08
C ARG G 108 -29.90 18.95 -76.29
N THR G 109 -29.84 17.63 -76.50
CA THR G 109 -29.11 17.10 -77.65
C THR G 109 -29.75 17.55 -78.95
N GLY G 110 -31.08 17.51 -79.01
CA GLY G 110 -31.77 17.91 -80.24
C GLY G 110 -31.66 19.39 -80.51
N CYS G 111 -31.56 20.20 -79.45
CA CYS G 111 -31.42 21.64 -79.67
C CYS G 111 -30.04 21.98 -80.18
N LEU G 112 -29.00 21.28 -79.73
CA LEU G 112 -27.68 21.51 -80.32
C LEU G 112 -27.62 21.01 -81.77
N ILE G 113 -28.23 19.84 -82.03
CA ILE G 113 -28.16 19.28 -83.37
C ILE G 113 -28.96 20.10 -84.37
N GLY G 114 -30.05 20.74 -83.94
CA GLY G 114 -30.81 21.59 -84.86
C GLY G 114 -30.02 22.79 -85.35
N CYS G 115 -29.17 23.35 -84.50
CA CYS G 115 -28.30 24.42 -84.96
C CYS G 115 -27.12 23.91 -85.75
N ILE G 116 -26.71 22.65 -85.53
CA ILE G 116 -25.75 22.07 -86.47
C ILE G 116 -26.37 22.00 -87.86
N ARG G 117 -27.64 21.63 -87.94
CA ARG G 117 -28.34 21.59 -89.22
C ARG G 117 -28.59 22.99 -89.76
N LYS G 118 -28.72 23.98 -88.88
CA LYS G 118 -28.81 25.36 -89.35
C LYS G 118 -27.49 25.84 -89.92
N LEU G 119 -26.37 25.29 -89.43
CA LEU G 119 -25.09 25.59 -90.06
C LEU G 119 -24.99 24.94 -91.43
N GLN G 120 -25.71 23.84 -91.64
CA GLN G 120 -25.84 23.26 -92.97
C GLN G 120 -26.92 23.94 -93.78
N ASN G 121 -27.62 24.92 -93.19
CA ASN G 121 -28.66 25.70 -93.86
C ASN G 121 -29.78 24.80 -94.40
N TRP G 122 -30.25 23.89 -93.55
CA TRP G 122 -31.41 23.10 -93.88
C TRP G 122 -32.69 23.93 -93.72
N SER G 123 -33.76 23.45 -94.32
CA SER G 123 -35.06 24.05 -94.07
C SER G 123 -35.47 23.78 -92.62
N LEU G 124 -36.20 24.74 -92.04
CA LEU G 124 -36.61 24.56 -90.64
C LEU G 124 -37.56 23.40 -90.48
N THR G 125 -38.28 23.04 -91.54
CA THR G 125 -39.20 21.91 -91.47
C THR G 125 -38.47 20.61 -91.20
N MET G 126 -37.35 20.37 -91.89
CA MET G 126 -36.63 19.12 -91.69
C MET G 126 -35.86 19.12 -90.38
N ILE G 127 -35.41 20.29 -89.93
CA ILE G 127 -34.75 20.39 -88.63
C ILE G 127 -35.73 20.05 -87.52
N PHE G 128 -36.93 20.63 -87.59
CA PHE G 128 -37.91 20.38 -86.54
C PHE G 128 -38.47 18.97 -86.64
N ASP G 129 -38.52 18.40 -87.85
CA ASP G 129 -39.01 17.03 -87.98
C ASP G 129 -38.00 16.05 -87.39
N GLU G 130 -36.70 16.30 -87.55
CA GLU G 130 -35.71 15.46 -86.91
C GLU G 130 -35.77 15.61 -85.38
N TYR G 131 -35.97 16.85 -84.91
CA TYR G 131 -36.08 17.05 -83.47
C TYR G 131 -37.28 16.30 -82.91
N ARG G 132 -38.42 16.39 -83.58
CA ARG G 132 -39.62 15.72 -83.08
C ARG G 132 -39.53 14.21 -83.23
N ARG G 133 -38.78 13.72 -84.22
CA ARG G 133 -38.59 12.29 -84.34
C ARG G 133 -37.75 11.75 -83.21
N PHE G 134 -36.75 12.50 -82.77
CA PHE G 134 -35.91 11.99 -81.69
C PHE G 134 -36.44 12.29 -80.30
N ALA G 135 -37.18 13.38 -80.14
CA ALA G 135 -37.67 13.81 -78.83
C ALA G 135 -39.06 13.27 -78.50
N PHE G 136 -39.60 12.39 -79.34
CA PHE G 136 -40.91 11.82 -79.05
C PHE G 136 -40.84 10.93 -77.81
N PRO G 137 -41.85 11.02 -76.92
CA PRO G 137 -43.08 11.81 -77.00
C PRO G 137 -42.96 13.23 -76.46
N LYS G 138 -41.92 13.49 -75.66
CA LYS G 138 -41.78 14.76 -74.96
C LYS G 138 -41.11 15.80 -75.85
N ALA G 139 -41.72 16.04 -77.00
CA ALA G 139 -41.26 17.06 -77.93
C ALA G 139 -41.75 18.42 -77.44
N ARG G 140 -40.81 19.30 -77.09
CA ARG G 140 -41.14 20.59 -76.51
C ARG G 140 -40.97 21.67 -77.57
N ALA G 141 -41.95 22.58 -77.65
CA ALA G 141 -41.87 23.63 -78.65
C ALA G 141 -40.83 24.69 -78.29
N LEU G 142 -40.39 24.74 -77.03
CA LEU G 142 -39.39 25.73 -76.66
C LEU G 142 -38.03 25.39 -77.24
N ASP G 143 -37.73 24.10 -77.42
CA ASP G 143 -36.46 23.73 -78.05
C ASP G 143 -36.43 24.13 -79.52
N GLN G 144 -37.57 23.97 -80.22
CA GLN G 144 -37.63 24.43 -81.59
C GLN G 144 -37.60 25.95 -81.66
N GLN G 145 -38.15 26.62 -80.65
CA GLN G 145 -38.04 28.07 -80.61
C GLN G 145 -36.58 28.51 -80.41
N PHE G 146 -35.83 27.77 -79.59
CA PHE G 146 -34.42 28.08 -79.38
C PHE G 146 -33.61 27.80 -80.64
N ILE G 147 -33.98 26.77 -81.40
CA ILE G 147 -33.31 26.52 -82.67
C ILE G 147 -33.65 27.62 -83.67
N GLU G 148 -34.90 28.07 -83.67
CA GLU G 148 -35.33 29.08 -84.63
C GLU G 148 -34.73 30.45 -84.32
N MET G 149 -34.49 30.75 -83.05
CA MET G 149 -34.03 32.07 -82.64
C MET G 149 -32.51 32.19 -82.52
N TYR G 150 -31.76 31.13 -82.81
CA TYR G 150 -30.31 31.18 -82.69
C TYR G 150 -29.70 31.91 -83.88
N ASP G 151 -28.93 32.96 -83.62
CA ASP G 151 -28.20 33.68 -84.65
C ASP G 151 -26.84 33.02 -84.87
N ASP G 152 -26.58 32.57 -86.09
CA ASP G 152 -25.45 31.73 -86.45
C ASP G 152 -24.26 32.49 -87.04
N ASP G 153 -24.15 33.80 -86.81
CA ASP G 153 -23.05 34.52 -87.45
C ASP G 153 -21.70 34.25 -86.79
N GLU G 154 -21.67 34.08 -85.48
CA GLU G 154 -20.41 33.90 -84.77
C GLU G 154 -19.77 32.56 -85.11
N ILE G 155 -20.56 31.49 -85.11
CA ILE G 155 -19.99 30.18 -85.38
C ILE G 155 -19.67 30.03 -86.85
N LYS G 156 -20.35 30.78 -87.72
CA LYS G 156 -19.95 30.79 -89.12
C LYS G 156 -18.62 31.53 -89.29
N ARG G 157 -18.36 32.56 -88.47
CA ARG G 157 -17.05 33.20 -88.57
C ARG G 157 -15.95 32.24 -88.15
N ILE G 158 -16.22 31.47 -87.09
CA ILE G 158 -15.21 30.53 -86.61
C ILE G 158 -15.02 29.38 -87.61
N ALA G 159 -16.10 28.95 -88.26
CA ALA G 159 -16.00 27.85 -89.21
C ALA G 159 -15.36 28.29 -90.52
N SER G 160 -15.54 29.55 -90.93
CA SER G 160 -14.90 30.02 -92.15
C SER G 160 -13.42 30.31 -91.94
N LYS G 161 -13.04 30.73 -90.73
CA LYS G 161 -11.62 30.97 -90.51
C LYS G 161 -10.82 29.68 -90.46
N ASN G 162 -11.37 28.63 -89.86
CA ASN G 162 -10.67 27.37 -89.71
C ASN G 162 -11.03 26.35 -90.77
N ASN G 163 -11.78 26.76 -91.80
CA ASN G 163 -12.16 25.88 -92.90
C ASN G 163 -12.89 24.64 -92.39
N TRP G 164 -13.86 24.89 -91.50
CA TRP G 164 -14.70 23.82 -90.98
C TRP G 164 -15.96 23.62 -91.81
N LEU G 165 -16.49 24.69 -92.40
CA LEU G 165 -17.58 24.45 -93.34
C LEU G 165 -16.99 24.22 -94.73
N PRO G 166 -17.59 23.34 -95.56
CA PRO G 166 -18.78 22.55 -95.25
C PRO G 166 -18.53 21.31 -94.40
N LEU G 167 -19.54 20.86 -93.67
CA LEU G 167 -19.45 19.62 -92.91
C LEU G 167 -19.67 18.46 -93.89
N GLN G 168 -18.66 17.60 -94.02
CA GLN G 168 -18.69 16.54 -95.01
C GLN G 168 -19.20 15.23 -94.44
N TRP G 169 -19.91 14.48 -95.27
CA TRP G 169 -20.49 13.20 -94.90
C TRP G 169 -19.51 12.05 -95.11
N ASN H 1 -77.22 -4.09 -60.42
CA ASN H 1 -76.04 -3.93 -61.26
C ASN H 1 -75.43 -2.54 -61.08
N LYS H 2 -74.51 -2.42 -60.12
CA LYS H 2 -73.91 -1.13 -59.79
C LYS H 2 -72.73 -0.82 -60.70
N GLU H 3 -72.43 0.48 -60.81
CA GLU H 3 -71.33 0.97 -61.63
C GLU H 3 -69.98 0.70 -60.95
N VAL H 4 -69.08 0.06 -61.67
CA VAL H 4 -67.77 -0.32 -61.16
C VAL H 4 -66.69 0.34 -62.01
N ILE H 5 -65.59 0.70 -61.35
CA ILE H 5 -64.50 1.41 -62.03
C ILE H 5 -63.23 0.57 -62.02
N PRO H 6 -62.82 0.01 -63.14
CA PRO H 6 -61.52 -0.65 -63.20
C PRO H 6 -60.40 0.37 -63.26
N PRO H 7 -59.20 0.02 -62.82
CA PRO H 7 -58.08 0.98 -62.86
C PRO H 7 -57.61 1.25 -64.28
N GLU H 8 -56.87 2.35 -64.42
CA GLU H 8 -56.29 2.67 -65.72
C GLU H 8 -55.22 1.66 -66.07
N ASN H 9 -55.11 1.38 -67.38
CA ASN H 9 -54.17 0.37 -67.90
C ASN H 9 -54.40 -1.00 -67.29
N PHE H 10 -55.63 -1.31 -66.92
CA PHE H 10 -55.96 -2.64 -66.42
C PHE H 10 -56.12 -3.59 -67.59
N SER H 11 -55.56 -4.79 -67.46
CA SER H 11 -55.78 -5.83 -68.45
C SER H 11 -55.50 -7.18 -67.80
N HIS H 12 -55.97 -8.23 -68.48
CA HIS H 12 -55.69 -9.60 -68.08
C HIS H 12 -54.42 -10.08 -68.76
N VAL H 13 -53.62 -10.87 -68.02
CA VAL H 13 -52.36 -11.36 -68.58
C VAL H 13 -52.51 -12.80 -69.03
N VAL H 14 -52.73 -13.70 -68.08
CA VAL H 14 -52.93 -15.12 -68.38
C VAL H 14 -53.61 -15.80 -67.20
N GLY H 15 -54.65 -16.58 -67.48
CA GLY H 15 -55.35 -17.29 -66.42
C GLY H 15 -56.00 -16.38 -65.40
N GLU H 16 -55.43 -16.35 -64.20
CA GLU H 16 -55.88 -15.47 -63.12
C GLU H 16 -54.78 -14.50 -62.70
N ILE H 17 -53.96 -14.08 -63.64
CA ILE H 17 -52.91 -13.09 -63.42
C ILE H 17 -53.31 -11.81 -64.15
N TYR H 18 -53.31 -10.69 -63.43
CA TYR H 18 -53.80 -9.42 -63.96
C TYR H 18 -52.77 -8.31 -63.82
N ARG H 19 -52.98 -7.25 -64.60
CA ARG H 19 -52.16 -6.05 -64.55
C ARG H 19 -53.05 -4.83 -64.45
N SER H 20 -52.58 -3.82 -63.72
CA SER H 20 -53.25 -2.52 -63.66
C SER H 20 -52.26 -1.51 -63.12
N SER H 21 -52.69 -0.26 -63.05
CA SER H 21 -51.93 0.78 -62.37
C SER H 21 -52.27 0.77 -60.88
N PHE H 22 -51.85 1.81 -60.17
CA PHE H 22 -52.06 1.89 -58.73
C PHE H 22 -53.53 2.04 -58.41
N PRO H 23 -54.11 1.15 -57.61
CA PRO H 23 -55.56 1.20 -57.39
C PRO H 23 -55.97 2.40 -56.56
N ARG H 24 -57.14 2.95 -56.89
CA ARG H 24 -57.71 4.07 -56.18
C ARG H 24 -58.96 3.59 -55.44
N GLN H 25 -59.65 4.53 -54.81
CA GLN H 25 -60.79 4.16 -53.98
C GLN H 25 -61.94 3.60 -54.80
N GLU H 26 -62.12 4.08 -56.04
CA GLU H 26 -63.23 3.64 -56.87
C GLU H 26 -63.00 2.27 -57.46
N ASN H 27 -61.75 1.79 -57.46
CA ASN H 27 -61.38 0.51 -58.04
C ASN H 27 -61.48 -0.64 -57.04
N PHE H 28 -61.73 -0.33 -55.78
CA PHE H 28 -61.70 -1.34 -54.74
C PHE H 28 -62.87 -2.31 -54.87
N SER H 29 -64.06 -1.81 -55.24
CA SER H 29 -65.19 -2.70 -55.46
C SER H 29 -64.95 -3.63 -56.65
N PHE H 30 -64.34 -3.11 -57.72
CA PHE H 30 -64.10 -3.91 -58.90
C PHE H 30 -63.04 -4.97 -58.64
N LEU H 31 -62.02 -4.63 -57.84
CA LEU H 31 -60.96 -5.59 -57.61
C LEU H 31 -61.41 -6.74 -56.72
N HIS H 32 -62.42 -6.52 -55.88
CA HIS H 32 -62.80 -7.54 -54.92
C HIS H 32 -64.03 -8.34 -55.32
N GLU H 33 -65.12 -7.69 -55.75
CA GLU H 33 -66.33 -8.48 -55.97
C GLU H 33 -66.46 -9.00 -57.40
N ARG H 34 -65.65 -8.51 -58.34
CA ARG H 34 -65.70 -8.97 -59.72
C ARG H 34 -64.45 -9.74 -60.13
N LEU H 35 -63.27 -9.30 -59.70
CA LEU H 35 -62.05 -10.07 -59.95
C LEU H 35 -61.88 -11.18 -58.92
N LYS H 36 -62.35 -10.96 -57.69
CA LYS H 36 -62.20 -11.92 -56.59
C LYS H 36 -60.73 -12.27 -56.37
N LEU H 37 -59.93 -11.24 -56.11
CA LEU H 37 -58.49 -11.40 -55.95
C LEU H 37 -58.17 -12.09 -54.62
N LYS H 38 -57.07 -12.82 -54.62
CA LYS H 38 -56.51 -13.40 -53.41
C LYS H 38 -55.23 -12.72 -52.95
N SER H 39 -54.47 -12.13 -53.89
CA SER H 39 -53.25 -11.43 -53.55
C SER H 39 -53.14 -10.18 -54.42
N ILE H 40 -52.29 -9.26 -53.97
CA ILE H 40 -51.96 -8.05 -54.71
C ILE H 40 -50.47 -7.83 -54.60
N LEU H 41 -49.79 -7.70 -55.74
CA LEU H 41 -48.35 -7.46 -55.77
C LEU H 41 -48.07 -6.01 -56.13
N VAL H 42 -47.39 -5.31 -55.23
CA VAL H 42 -46.92 -3.96 -55.49
C VAL H 42 -45.41 -4.05 -55.68
N LEU H 43 -44.90 -3.34 -56.67
CA LEU H 43 -43.53 -3.54 -57.12
C LEU H 43 -42.60 -2.40 -56.68
N ILE H 44 -42.95 -1.70 -55.60
CA ILE H 44 -42.24 -0.47 -55.26
C ILE H 44 -41.83 -0.42 -53.79
N PRO H 45 -40.63 0.09 -53.49
CA PRO H 45 -40.18 0.11 -52.10
C PRO H 45 -40.85 1.17 -51.23
N GLU H 46 -41.58 2.13 -51.78
CA GLU H 46 -42.23 3.09 -50.93
C GLU H 46 -43.33 2.39 -50.14
N GLU H 47 -43.73 2.98 -49.02
CA GLU H 47 -44.73 2.35 -48.17
C GLU H 47 -46.11 2.43 -48.82
N TYR H 48 -46.89 1.37 -48.65
CA TYR H 48 -48.21 1.28 -49.24
C TYR H 48 -49.18 2.16 -48.45
N PRO H 49 -50.03 2.92 -49.14
CA PRO H 49 -50.87 3.91 -48.46
C PRO H 49 -51.89 3.29 -47.51
N GLN H 50 -52.35 4.13 -46.58
CA GLN H 50 -53.16 3.65 -45.46
C GLN H 50 -54.57 3.26 -45.90
N GLU H 51 -55.14 4.00 -46.86
CA GLU H 51 -56.46 3.61 -47.36
C GLU H 51 -56.38 2.32 -48.15
N ASN H 52 -55.25 2.10 -48.83
CA ASN H 52 -55.05 0.84 -49.55
C ASN H 52 -54.86 -0.30 -48.55
N LEU H 53 -54.17 -0.03 -47.44
CA LEU H 53 -54.00 -1.05 -46.41
C LEU H 53 -55.31 -1.38 -45.74
N ASN H 54 -56.19 -0.39 -45.57
CA ASN H 54 -57.50 -0.66 -44.99
C ASN H 54 -58.40 -1.44 -45.93
N PHE H 55 -58.30 -1.19 -47.24
CA PHE H 55 -59.05 -2.01 -48.19
C PHE H 55 -58.56 -3.45 -48.15
N LEU H 56 -57.24 -3.63 -48.03
CA LEU H 56 -56.69 -4.97 -47.95
C LEU H 56 -57.06 -5.65 -46.63
N LYS H 57 -57.20 -4.88 -45.55
CA LYS H 57 -57.58 -5.46 -44.26
C LYS H 57 -59.05 -5.84 -44.20
N LEU H 58 -59.93 -5.07 -44.86
CA LEU H 58 -61.34 -5.46 -44.90
C LEU H 58 -61.58 -6.62 -45.86
N THR H 59 -60.77 -6.73 -46.91
CA THR H 59 -61.02 -7.75 -47.92
C THR H 59 -60.25 -9.05 -47.67
N GLY H 60 -59.21 -9.02 -46.85
CA GLY H 60 -58.42 -10.21 -46.63
C GLY H 60 -57.42 -10.51 -47.72
N ILE H 61 -57.19 -9.56 -48.63
CA ILE H 61 -56.25 -9.75 -49.72
C ILE H 61 -54.84 -9.58 -49.17
N LYS H 62 -54.02 -10.62 -49.32
CA LYS H 62 -52.66 -10.54 -48.81
C LYS H 62 -51.81 -9.72 -49.76
N LEU H 63 -50.99 -8.84 -49.19
CA LEU H 63 -50.13 -7.97 -49.96
C LEU H 63 -48.71 -8.49 -49.94
N TYR H 64 -48.14 -8.66 -51.12
CA TYR H 64 -46.72 -8.94 -51.30
C TYR H 64 -46.07 -7.75 -52.00
N GLN H 65 -44.82 -7.48 -51.65
CA GLN H 65 -44.12 -6.30 -52.15
C GLN H 65 -42.72 -6.70 -52.60
N VAL H 66 -42.43 -6.42 -53.86
CA VAL H 66 -41.10 -6.59 -54.42
C VAL H 66 -40.66 -5.19 -54.84
N GLY H 67 -39.88 -4.53 -53.97
CA GLY H 67 -39.55 -3.14 -54.19
C GLY H 67 -38.56 -2.91 -55.32
N MET H 68 -39.02 -2.32 -56.42
CA MET H 68 -38.18 -2.01 -57.56
C MET H 68 -38.10 -0.50 -57.79
N SER H 69 -36.90 -0.04 -58.15
CA SER H 69 -36.63 1.40 -58.23
C SER H 69 -37.34 2.03 -59.42
N GLY H 70 -37.92 3.21 -59.20
CA GLY H 70 -38.48 3.95 -60.31
C GLY H 70 -37.39 4.53 -61.18
N ASN H 71 -36.70 5.54 -60.67
CA ASN H 71 -35.42 5.98 -61.23
C ASN H 71 -34.34 5.93 -60.17
N LYS H 72 -34.56 6.60 -59.04
CA LYS H 72 -33.67 6.77 -57.88
C LYS H 72 -32.49 7.65 -58.26
N GLU H 73 -32.32 7.85 -59.57
CA GLU H 73 -31.50 8.79 -60.31
C GLU H 73 -31.69 8.37 -61.77
N PRO H 74 -31.30 9.17 -62.76
CA PRO H 74 -31.70 8.88 -64.14
C PRO H 74 -31.24 7.53 -64.67
N PHE H 75 -32.22 6.69 -65.01
CA PHE H 75 -32.09 5.73 -66.10
C PHE H 75 -31.06 4.60 -66.10
N VAL H 76 -31.29 3.46 -65.43
CA VAL H 76 -31.98 3.12 -64.18
C VAL H 76 -31.52 1.67 -64.23
N ASN H 77 -31.56 0.88 -63.14
CA ASN H 77 -31.35 -0.55 -63.30
C ASN H 77 -32.09 -1.34 -62.22
N ILE H 78 -32.63 -2.50 -62.60
CA ILE H 78 -33.33 -3.42 -61.70
C ILE H 78 -32.73 -4.82 -61.79
N PRO H 79 -32.38 -5.43 -60.65
CA PRO H 79 -31.70 -6.73 -60.66
C PRO H 79 -32.62 -7.90 -61.02
N SER H 80 -31.98 -9.07 -61.18
CA SER H 80 -32.63 -10.29 -61.61
C SER H 80 -33.30 -11.05 -60.47
N HIS H 81 -32.82 -10.90 -59.23
CA HIS H 81 -33.39 -11.66 -58.12
C HIS H 81 -34.77 -11.16 -57.71
N LEU H 82 -35.06 -9.86 -57.84
CA LEU H 82 -36.40 -9.38 -57.55
C LEU H 82 -37.40 -9.84 -58.59
N LEU H 83 -36.98 -9.94 -59.85
CA LEU H 83 -37.87 -10.48 -60.86
C LEU H 83 -38.17 -11.94 -60.57
N THR H 84 -37.16 -12.69 -60.13
CA THR H 84 -37.41 -14.09 -59.80
C THR H 84 -38.34 -14.21 -58.58
N LYS H 85 -38.19 -13.32 -57.60
CA LYS H 85 -39.04 -13.35 -56.42
C LYS H 85 -40.50 -13.04 -56.76
N ALA H 86 -40.72 -12.02 -57.59
CA ALA H 86 -42.08 -11.69 -57.97
C ALA H 86 -42.70 -12.79 -58.83
N LEU H 87 -41.88 -13.48 -59.63
CA LEU H 87 -42.40 -14.60 -60.41
C LEU H 87 -42.75 -15.77 -59.49
N GLU H 88 -41.97 -15.98 -58.43
CA GLU H 88 -42.31 -17.03 -57.47
C GLU H 88 -43.63 -16.73 -56.79
N ILE H 89 -43.92 -15.45 -56.58
CA ILE H 89 -45.21 -15.11 -55.95
C ILE H 89 -46.36 -15.26 -56.93
N VAL H 90 -46.19 -14.78 -58.17
CA VAL H 90 -47.34 -14.70 -59.06
C VAL H 90 -47.67 -16.03 -59.73
N LEU H 91 -46.68 -16.90 -59.99
CA LEU H 91 -47.00 -18.10 -60.75
C LEU H 91 -47.58 -19.22 -59.89
N ASN H 92 -47.57 -19.08 -58.58
CA ASN H 92 -48.18 -20.09 -57.71
C ASN H 92 -49.70 -19.93 -57.71
N PRO H 93 -50.46 -20.97 -58.07
CA PRO H 93 -51.93 -20.84 -58.08
C PRO H 93 -52.54 -20.66 -56.71
N ALA H 94 -51.79 -20.91 -55.63
CA ALA H 94 -52.29 -20.63 -54.30
C ALA H 94 -52.32 -19.14 -54.00
N ASN H 95 -51.68 -18.32 -54.82
CA ASN H 95 -51.69 -16.88 -54.68
C ASN H 95 -52.58 -16.19 -55.70
N GLN H 96 -53.27 -16.95 -56.54
CA GLN H 96 -54.12 -16.44 -57.61
C GLN H 96 -55.58 -16.44 -57.19
N PRO H 97 -56.39 -15.45 -57.64
CA PRO H 97 -56.05 -14.33 -58.53
C PRO H 97 -55.17 -13.25 -57.87
N ILE H 98 -54.06 -12.89 -58.53
CA ILE H 98 -53.14 -11.89 -58.02
C ILE H 98 -53.05 -10.75 -59.04
N LEU H 99 -52.97 -9.53 -58.54
CA LEU H 99 -52.85 -8.34 -59.38
C LEU H 99 -51.47 -7.74 -59.18
N ILE H 100 -50.74 -7.59 -60.29
CA ILE H 100 -49.42 -6.96 -60.28
C ILE H 100 -49.61 -5.49 -60.64
N HIS H 101 -49.14 -4.59 -59.78
CA HIS H 101 -49.26 -3.17 -60.09
C HIS H 101 -48.14 -2.37 -59.45
N SER H 102 -47.93 -1.18 -60.01
CA SER H 102 -47.03 -0.18 -59.47
C SER H 102 -47.70 1.17 -59.74
N ASN H 103 -46.92 2.26 -59.72
CA ASN H 103 -47.51 3.59 -59.86
C ASN H 103 -48.30 3.74 -61.16
N ARG H 104 -47.65 3.49 -62.30
CA ARG H 104 -48.30 3.64 -63.60
C ARG H 104 -48.66 2.32 -64.25
N GLY H 105 -48.11 1.20 -63.79
CA GLY H 105 -48.38 -0.07 -64.43
C GLY H 105 -47.77 -0.21 -65.81
N LYS H 106 -46.67 0.50 -66.07
CA LYS H 106 -46.07 0.54 -67.40
C LYS H 106 -44.73 -0.18 -67.45
N HIS H 107 -43.81 0.18 -66.57
CA HIS H 107 -42.41 -0.24 -66.68
C HIS H 107 -42.08 -1.43 -65.80
N ARG H 108 -42.32 -1.34 -64.49
CA ARG H 108 -42.01 -2.46 -63.60
C ARG H 108 -43.01 -3.60 -63.80
N THR H 109 -44.29 -3.24 -63.94
CA THR H 109 -45.32 -4.24 -64.24
C THR H 109 -45.07 -4.84 -65.62
N GLY H 110 -44.69 -3.99 -66.58
CA GLY H 110 -44.44 -4.47 -67.92
C GLY H 110 -43.22 -5.37 -68.00
N CYS H 111 -42.23 -5.15 -67.12
CA CYS H 111 -41.06 -6.02 -67.14
C CYS H 111 -41.35 -7.38 -66.50
N LEU H 112 -42.11 -7.39 -65.40
CA LEU H 112 -42.47 -8.70 -64.84
C LEU H 112 -43.36 -9.47 -65.79
N ILE H 113 -44.31 -8.78 -66.43
CA ILE H 113 -45.18 -9.49 -67.35
C ILE H 113 -44.46 -9.87 -68.63
N GLY H 114 -43.47 -9.09 -69.06
CA GLY H 114 -42.67 -9.51 -70.20
C GLY H 114 -41.87 -10.76 -69.92
N CYS H 115 -41.41 -10.91 -68.67
CA CYS H 115 -40.74 -12.17 -68.34
C CYS H 115 -41.75 -13.30 -68.18
N ILE H 116 -42.99 -12.98 -67.81
CA ILE H 116 -44.04 -14.00 -67.83
C ILE H 116 -44.29 -14.50 -69.25
N ARG H 117 -44.34 -13.56 -70.20
CA ARG H 117 -44.56 -13.95 -71.59
C ARG H 117 -43.35 -14.67 -72.19
N LYS H 118 -42.15 -14.34 -71.71
CA LYS H 118 -40.98 -15.09 -72.16
C LYS H 118 -40.96 -16.49 -71.57
N LEU H 119 -41.48 -16.66 -70.36
CA LEU H 119 -41.69 -17.99 -69.79
C LEU H 119 -42.82 -18.73 -70.51
N GLN H 120 -43.72 -17.99 -71.13
CA GLN H 120 -44.83 -18.52 -71.91
C GLN H 120 -44.41 -18.93 -73.32
N ASN H 121 -43.11 -18.89 -73.60
CA ASN H 121 -42.53 -19.29 -74.89
C ASN H 121 -43.07 -18.44 -76.05
N TRP H 122 -43.22 -17.14 -75.80
CA TRP H 122 -43.54 -16.18 -76.85
C TRP H 122 -42.29 -15.67 -77.57
N SER H 123 -42.50 -15.21 -78.79
CA SER H 123 -41.48 -14.47 -79.51
C SER H 123 -41.30 -13.08 -78.90
N LEU H 124 -40.08 -12.55 -79.01
CA LEU H 124 -39.82 -11.23 -78.44
C LEU H 124 -40.60 -10.13 -79.14
N THR H 125 -41.00 -10.35 -80.39
CA THR H 125 -41.78 -9.34 -81.11
C THR H 125 -43.11 -9.07 -80.41
N MET H 126 -43.83 -10.13 -80.05
CA MET H 126 -45.14 -9.93 -79.44
C MET H 126 -45.02 -9.43 -78.01
N ILE H 127 -43.98 -9.85 -77.29
CA ILE H 127 -43.77 -9.34 -75.94
C ILE H 127 -43.47 -7.85 -75.98
N PHE H 128 -42.64 -7.42 -76.93
CA PHE H 128 -42.32 -5.99 -77.02
C PHE H 128 -43.52 -5.19 -77.49
N ASP H 129 -44.38 -5.79 -78.32
CA ASP H 129 -45.58 -5.08 -78.76
C ASP H 129 -46.57 -4.90 -77.61
N GLU H 130 -46.67 -5.90 -76.74
CA GLU H 130 -47.53 -5.76 -75.56
C GLU H 130 -46.97 -4.73 -74.59
N TYR H 131 -45.65 -4.74 -74.38
CA TYR H 131 -45.03 -3.77 -73.49
C TYR H 131 -45.25 -2.36 -74.01
N ARG H 132 -45.06 -2.15 -75.32
CA ARG H 132 -45.22 -0.81 -75.86
C ARG H 132 -46.68 -0.40 -75.91
N ARG H 133 -47.61 -1.35 -76.02
CA ARG H 133 -49.02 -0.97 -75.97
C ARG H 133 -49.40 -0.47 -74.59
N PHE H 134 -48.85 -1.06 -73.54
CA PHE H 134 -49.24 -0.60 -72.22
C PHE H 134 -48.40 0.55 -71.68
N ALA H 135 -47.14 0.68 -72.10
CA ALA H 135 -46.25 1.69 -71.55
C ALA H 135 -46.26 3.00 -72.34
N PHE H 136 -47.11 3.12 -73.35
CA PHE H 136 -47.20 4.38 -74.10
C PHE H 136 -47.79 5.47 -73.21
N PRO H 137 -47.24 6.70 -73.26
CA PRO H 137 -46.20 7.18 -74.16
C PRO H 137 -44.76 6.95 -73.69
N LYS H 138 -44.54 6.72 -72.40
CA LYS H 138 -43.19 6.57 -71.89
C LYS H 138 -42.73 5.12 -71.96
N ALA H 139 -42.82 4.52 -73.13
CA ALA H 139 -42.32 3.16 -73.35
C ALA H 139 -40.82 3.24 -73.60
N ARG H 140 -40.03 2.68 -72.70
CA ARG H 140 -38.58 2.81 -72.74
C ARG H 140 -37.94 1.50 -73.17
N ALA H 141 -36.94 1.60 -74.06
CA ALA H 141 -36.28 0.41 -74.59
C ALA H 141 -35.38 -0.26 -73.56
N LEU H 142 -35.04 0.42 -72.48
CA LEU H 142 -34.16 -0.18 -71.47
C LEU H 142 -34.87 -1.32 -70.74
N ASP H 143 -36.18 -1.19 -70.53
CA ASP H 143 -36.96 -2.26 -69.92
C ASP H 143 -37.06 -3.47 -70.85
N GLN H 144 -37.20 -3.23 -72.16
CA GLN H 144 -37.19 -4.33 -73.10
C GLN H 144 -35.83 -4.99 -73.17
N GLN H 145 -34.77 -4.20 -72.96
CA GLN H 145 -33.44 -4.78 -72.87
C GLN H 145 -33.34 -5.72 -71.68
N PHE H 146 -34.00 -5.35 -70.58
CA PHE H 146 -34.04 -6.25 -69.43
C PHE H 146 -34.83 -7.50 -69.71
N ILE H 147 -35.88 -7.38 -70.52
CA ILE H 147 -36.63 -8.57 -70.89
C ILE H 147 -35.78 -9.48 -71.75
N GLU H 148 -34.99 -8.90 -72.64
CA GLU H 148 -34.16 -9.71 -73.52
C GLU H 148 -33.02 -10.38 -72.77
N MET H 149 -32.49 -9.74 -71.73
CA MET H 149 -31.32 -10.27 -71.02
C MET H 149 -31.66 -11.08 -69.77
N TYR H 150 -32.94 -11.25 -69.42
CA TYR H 150 -33.29 -11.98 -68.21
C TYR H 150 -33.15 -13.48 -68.42
N ASP H 151 -32.38 -14.15 -67.56
CA ASP H 151 -32.25 -15.60 -67.60
C ASP H 151 -33.40 -16.23 -66.82
N ASP H 152 -34.27 -16.95 -67.53
CA ASP H 152 -35.49 -17.52 -66.96
C ASP H 152 -35.36 -19.01 -66.66
N ASP H 153 -34.15 -19.55 -66.63
CA ASP H 153 -34.01 -21.00 -66.44
C ASP H 153 -34.25 -21.40 -64.98
N GLU H 154 -33.80 -20.57 -64.03
CA GLU H 154 -33.97 -20.93 -62.62
C GLU H 154 -35.43 -20.85 -62.21
N ILE H 155 -36.19 -19.89 -62.76
CA ILE H 155 -37.59 -19.82 -62.39
C ILE H 155 -38.34 -20.97 -63.03
N LYS H 156 -37.82 -21.49 -64.14
CA LYS H 156 -38.36 -22.73 -64.70
C LYS H 156 -38.06 -23.93 -63.81
N ARG H 157 -36.96 -23.91 -63.05
CA ARG H 157 -36.72 -25.06 -62.18
C ARG H 157 -37.83 -25.23 -61.15
N ILE H 158 -38.24 -24.13 -60.51
CA ILE H 158 -39.32 -24.21 -59.53
C ILE H 158 -40.65 -24.43 -60.23
N ALA H 159 -40.82 -23.91 -61.45
CA ALA H 159 -42.05 -24.16 -62.18
C ALA H 159 -42.15 -25.62 -62.62
N SER H 160 -41.01 -26.29 -62.81
CA SER H 160 -41.01 -27.70 -63.15
C SER H 160 -41.26 -28.57 -61.93
N LYS H 161 -40.77 -28.17 -60.76
CA LYS H 161 -41.09 -28.97 -59.58
C LYS H 161 -42.52 -28.76 -59.12
N ASN H 162 -43.03 -27.52 -59.19
CA ASN H 162 -44.35 -27.19 -58.67
C ASN H 162 -45.44 -27.29 -59.72
N ASN H 163 -45.13 -27.80 -60.91
CA ASN H 163 -46.11 -28.05 -61.96
C ASN H 163 -46.91 -26.79 -62.31
N TRP H 164 -46.19 -25.68 -62.50
CA TRP H 164 -46.83 -24.46 -62.96
C TRP H 164 -46.84 -24.35 -64.47
N LEU H 165 -45.85 -24.92 -65.12
CA LEU H 165 -45.85 -24.96 -66.57
C LEU H 165 -46.63 -26.17 -67.07
N PRO H 166 -47.36 -26.04 -68.18
CA PRO H 166 -47.49 -24.80 -68.96
C PRO H 166 -48.50 -23.83 -68.33
N LEU H 167 -48.39 -22.55 -68.64
CA LEU H 167 -49.34 -21.58 -68.13
C LEU H 167 -50.66 -21.70 -68.88
N GLN H 168 -51.73 -22.02 -68.16
CA GLN H 168 -53.03 -22.30 -68.77
C GLN H 168 -53.87 -21.04 -68.81
N TRP H 169 -54.69 -20.94 -69.87
CA TRP H 169 -55.54 -19.78 -70.09
C TRP H 169 -56.88 -19.92 -69.37
N ASN I 1 -47.26 43.22 -88.80
CA ASN I 1 -46.00 43.07 -89.52
C ASN I 1 -44.83 42.74 -88.58
N LYS I 2 -45.01 42.96 -87.28
CA LYS I 2 -43.99 42.62 -86.30
C LYS I 2 -44.20 41.20 -85.76
N GLU I 3 -43.14 40.65 -85.17
CA GLU I 3 -43.10 39.28 -84.68
C GLU I 3 -43.91 39.07 -83.40
N VAL I 4 -44.83 38.10 -83.44
CA VAL I 4 -45.66 37.73 -82.30
C VAL I 4 -45.44 36.26 -82.03
N ILE I 5 -45.32 35.90 -80.75
CA ILE I 5 -45.12 34.51 -80.36
C ILE I 5 -46.24 34.14 -79.39
N PRO I 6 -47.20 33.31 -79.80
CA PRO I 6 -48.23 32.86 -78.87
C PRO I 6 -47.67 31.84 -77.89
N PRO I 7 -48.29 31.67 -76.74
CA PRO I 7 -47.80 30.67 -75.78
C PRO I 7 -48.00 29.25 -76.27
N GLU I 8 -47.24 28.34 -75.66
CA GLU I 8 -47.36 26.92 -75.98
C GLU I 8 -48.72 26.40 -75.53
N ASN I 9 -49.26 25.47 -76.32
CA ASN I 9 -50.56 24.85 -76.03
C ASN I 9 -51.69 25.89 -75.90
N PHE I 10 -51.57 27.00 -76.63
CA PHE I 10 -52.62 28.01 -76.65
C PHE I 10 -53.74 27.61 -77.60
N SER I 11 -54.98 27.87 -77.18
CA SER I 11 -56.10 27.70 -78.09
C SER I 11 -57.25 28.58 -77.62
N HIS I 12 -58.21 28.76 -78.52
CA HIS I 12 -59.46 29.44 -78.20
C HIS I 12 -60.45 28.41 -77.68
N VAL I 13 -61.21 28.78 -76.66
CA VAL I 13 -62.15 27.84 -76.07
C VAL I 13 -63.55 28.17 -76.52
N VAL I 14 -64.06 29.34 -76.13
CA VAL I 14 -65.41 29.69 -76.57
C VAL I 14 -65.67 31.18 -76.42
N GLY I 15 -66.21 31.80 -77.47
CA GLY I 15 -66.50 33.22 -77.40
C GLY I 15 -65.24 34.02 -77.19
N GLU I 16 -65.09 34.57 -75.98
CA GLU I 16 -63.89 35.31 -75.59
C GLU I 16 -63.19 34.65 -74.41
N ILE I 17 -63.27 33.32 -74.32
CA ILE I 17 -62.59 32.54 -73.29
C ILE I 17 -61.49 31.73 -73.98
N TYR I 18 -60.26 31.83 -73.45
CA TYR I 18 -59.10 31.19 -74.04
C TYR I 18 -58.39 30.30 -73.02
N ARG I 19 -57.57 29.39 -73.54
CA ARG I 19 -56.76 28.49 -72.72
C ARG I 19 -55.30 28.57 -73.18
N SER I 20 -54.38 28.33 -72.25
CA SER I 20 -52.97 28.34 -72.61
C SER I 20 -52.15 27.60 -71.56
N SER I 21 -50.84 27.50 -71.83
CA SER I 21 -49.84 27.09 -70.86
C SER I 21 -49.37 28.30 -70.08
N PHE I 22 -48.32 28.14 -69.30
CA PHE I 22 -47.79 29.27 -68.54
C PHE I 22 -47.11 30.24 -69.49
N PRO I 23 -47.55 31.50 -69.56
CA PRO I 23 -46.94 32.43 -70.50
C PRO I 23 -45.56 32.86 -70.03
N ARG I 24 -44.70 33.14 -71.00
CA ARG I 24 -43.37 33.65 -70.72
C ARG I 24 -43.31 35.10 -71.18
N GLN I 25 -42.12 35.72 -71.06
CA GLN I 25 -42.01 37.14 -71.36
C GLN I 25 -42.24 37.41 -72.85
N GLU I 26 -41.85 36.48 -73.71
CA GLU I 26 -42.07 36.64 -75.15
C GLU I 26 -43.54 36.47 -75.55
N ASN I 27 -44.39 35.96 -74.66
CA ASN I 27 -45.81 35.76 -74.97
C ASN I 27 -46.66 36.97 -74.62
N PHE I 28 -46.06 37.97 -73.98
CA PHE I 28 -46.81 39.13 -73.51
C PHE I 28 -47.32 39.96 -74.68
N SER I 29 -46.57 40.02 -75.78
CA SER I 29 -47.04 40.75 -76.95
C SER I 29 -48.35 40.16 -77.46
N PHE I 30 -48.44 38.81 -77.48
CA PHE I 30 -49.65 38.15 -77.93
C PHE I 30 -50.78 38.35 -76.92
N LEU I 31 -50.45 38.33 -75.63
CA LEU I 31 -51.51 38.41 -74.64
C LEU I 31 -52.09 39.81 -74.52
N HIS I 32 -51.29 40.86 -74.76
CA HIS I 32 -51.82 42.21 -74.53
C HIS I 32 -52.16 42.95 -75.81
N GLU I 33 -51.29 42.95 -76.81
CA GLU I 33 -51.58 43.81 -77.94
C GLU I 33 -52.47 43.13 -78.95
N ARG I 34 -52.62 41.82 -78.86
CA ARG I 34 -53.39 41.09 -79.85
C ARG I 34 -54.61 40.38 -79.29
N LEU I 35 -54.50 39.73 -78.14
CA LEU I 35 -55.69 39.14 -77.52
C LEU I 35 -56.50 40.19 -76.79
N LYS I 36 -55.83 41.20 -76.24
CA LYS I 36 -56.45 42.26 -75.45
C LYS I 36 -57.22 41.66 -74.28
N LEU I 37 -56.50 40.89 -73.48
CA LEU I 37 -57.11 40.22 -72.34
C LEU I 37 -57.39 41.22 -71.23
N LYS I 38 -58.44 40.94 -70.45
CA LYS I 38 -58.71 41.70 -69.24
C LYS I 38 -58.48 40.89 -67.98
N SER I 39 -58.54 39.55 -68.04
CA SER I 39 -58.27 38.74 -66.86
C SER I 39 -57.51 37.47 -67.23
N ILE I 40 -56.84 36.93 -66.20
CA ILE I 40 -56.06 35.71 -66.29
C ILE I 40 -56.40 34.86 -65.08
N LEU I 41 -56.83 33.63 -65.32
CA LEU I 41 -57.09 32.67 -64.27
C LEU I 41 -55.93 31.67 -64.29
N VAL I 42 -55.18 31.62 -63.21
CA VAL I 42 -54.08 30.68 -63.07
C VAL I 42 -54.48 29.60 -62.08
N LEU I 43 -54.01 28.38 -62.32
CA LEU I 43 -54.42 27.21 -61.57
C LEU I 43 -53.24 26.54 -60.87
N ILE I 44 -52.24 27.33 -60.50
CA ILE I 44 -51.08 26.84 -59.74
C ILE I 44 -51.25 27.25 -58.28
N PRO I 45 -50.88 26.40 -57.31
CA PRO I 45 -50.94 26.84 -55.91
C PRO I 45 -49.74 27.66 -55.47
N GLU I 46 -48.62 27.59 -56.19
CA GLU I 46 -47.43 28.36 -55.86
C GLU I 46 -47.60 29.82 -56.25
N GLU I 47 -46.70 30.65 -55.73
CA GLU I 47 -46.76 32.09 -55.98
C GLU I 47 -46.39 32.41 -57.43
N TYR I 48 -47.03 33.45 -57.95
CA TYR I 48 -46.89 33.88 -59.33
C TYR I 48 -45.56 34.61 -59.52
N PRO I 49 -44.86 34.35 -60.61
CA PRO I 49 -43.54 34.95 -60.80
C PRO I 49 -43.65 36.46 -60.97
N GLN I 50 -42.57 37.16 -60.60
CA GLN I 50 -42.63 38.61 -60.48
C GLN I 50 -42.63 39.29 -61.85
N GLU I 51 -41.94 38.71 -62.84
CA GLU I 51 -41.90 39.31 -64.16
C GLU I 51 -43.25 39.24 -64.86
N ASN I 52 -44.05 38.21 -64.56
CA ASN I 52 -45.41 38.15 -65.09
C ASN I 52 -46.32 39.15 -64.37
N LEU I 53 -46.15 39.27 -63.05
CA LEU I 53 -46.98 40.18 -62.28
C LEU I 53 -46.71 41.64 -62.63
N ASN I 54 -45.47 41.99 -63.00
CA ASN I 54 -45.21 43.37 -63.37
C ASN I 54 -45.90 43.72 -64.69
N PHE I 55 -45.94 42.77 -65.62
CA PHE I 55 -46.67 42.99 -66.85
C PHE I 55 -48.17 43.10 -66.58
N LEU I 56 -48.68 42.27 -65.67
CA LEU I 56 -50.12 42.31 -65.37
C LEU I 56 -50.50 43.60 -64.64
N LYS I 57 -49.61 44.12 -63.79
CA LYS I 57 -49.89 45.37 -63.09
C LYS I 57 -49.70 46.58 -63.99
N LEU I 58 -48.76 46.53 -64.93
CA LEU I 58 -48.60 47.65 -65.86
C LEU I 58 -49.72 47.70 -66.88
N THR I 59 -50.30 46.54 -67.21
CA THR I 59 -51.33 46.49 -68.22
C THR I 59 -52.73 46.57 -67.63
N GLY I 60 -52.88 46.32 -66.34
CA GLY I 60 -54.19 46.33 -65.71
C GLY I 60 -54.96 45.04 -65.82
N ILE I 61 -54.31 43.96 -66.22
CA ILE I 61 -54.98 42.67 -66.37
C ILE I 61 -55.16 42.08 -64.98
N LYS I 62 -56.40 41.78 -64.63
CA LYS I 62 -56.70 41.23 -63.31
C LYS I 62 -56.33 39.77 -63.22
N LEU I 63 -55.73 39.39 -62.10
CA LEU I 63 -55.32 38.01 -61.84
C LEU I 63 -56.33 37.36 -60.89
N TYR I 64 -56.86 36.22 -61.30
CA TYR I 64 -57.60 35.33 -60.41
C TYR I 64 -56.83 34.02 -60.31
N GLN I 65 -56.86 33.42 -59.13
CA GLN I 65 -56.05 32.23 -58.88
C GLN I 65 -56.91 31.20 -58.16
N VAL I 66 -57.07 30.04 -58.78
CA VAL I 66 -57.71 28.90 -58.17
C VAL I 66 -56.62 27.84 -58.08
N GLY I 67 -56.02 27.72 -56.91
CA GLY I 67 -54.87 26.84 -56.76
C GLY I 67 -55.26 25.38 -56.81
N MET I 68 -54.87 24.69 -57.87
CA MET I 68 -55.13 23.26 -58.01
C MET I 68 -53.82 22.51 -58.00
N SER I 69 -53.79 21.42 -57.23
CA SER I 69 -52.57 20.66 -57.05
C SER I 69 -52.24 19.87 -58.29
N GLY I 70 -50.96 19.82 -58.64
CA GLY I 70 -50.56 18.95 -59.73
C GLY I 70 -50.72 17.50 -59.32
N ASN I 71 -49.85 17.01 -58.43
CA ASN I 71 -50.12 15.76 -57.75
C ASN I 71 -50.16 15.90 -56.23
N LYS I 72 -49.05 16.29 -55.60
CA LYS I 72 -48.93 16.44 -54.14
C LYS I 72 -49.25 15.16 -53.37
N GLU I 73 -49.51 14.08 -54.10
CA GLU I 73 -50.01 12.82 -53.56
C GLU I 73 -49.89 11.77 -54.66
N PRO I 74 -49.87 10.47 -54.33
CA PRO I 74 -49.87 9.48 -55.41
C PRO I 74 -51.20 9.35 -56.14
N PHE I 75 -51.44 10.22 -57.12
CA PHE I 75 -52.32 9.86 -58.22
C PHE I 75 -53.75 9.51 -57.82
N VAL I 76 -54.63 10.48 -57.53
CA VAL I 76 -54.43 11.93 -57.57
C VAL I 76 -55.67 12.48 -56.87
N ASN I 77 -55.70 13.76 -56.49
CA ASN I 77 -56.96 14.35 -56.07
C ASN I 77 -57.07 15.81 -56.49
N ILE I 78 -58.24 16.15 -57.07
CA ILE I 78 -58.56 17.54 -57.43
C ILE I 78 -60.06 17.73 -57.02
N PRO I 79 -60.33 18.77 -56.20
CA PRO I 79 -61.72 18.94 -55.71
C PRO I 79 -62.67 19.55 -56.73
N SER I 80 -63.97 19.45 -56.41
CA SER I 80 -65.03 19.96 -57.27
C SER I 80 -65.35 21.42 -57.00
N HIS I 81 -65.10 21.90 -55.78
CA HIS I 81 -65.39 23.29 -55.46
C HIS I 81 -64.37 24.23 -56.12
N LEU I 82 -63.15 23.73 -56.38
CA LEU I 82 -62.20 24.53 -57.13
C LEU I 82 -62.67 24.70 -58.57
N LEU I 83 -63.28 23.64 -59.13
CA LEU I 83 -63.87 23.75 -60.45
C LEU I 83 -65.04 24.71 -60.45
N THR I 84 -65.85 24.69 -59.38
CA THR I 84 -67.01 25.59 -59.32
C THR I 84 -66.57 27.05 -59.24
N LYS I 85 -65.54 27.33 -58.45
CA LYS I 85 -65.04 28.70 -58.32
C LYS I 85 -64.41 29.19 -59.61
N ALA I 86 -63.61 28.33 -60.26
CA ALA I 86 -63.01 28.74 -61.52
C ALA I 86 -64.07 28.93 -62.60
N LEU I 87 -65.16 28.15 -62.55
CA LEU I 87 -66.23 28.32 -63.51
C LEU I 87 -66.96 29.63 -63.28
N GLU I 88 -67.16 30.03 -62.02
CA GLU I 88 -67.79 31.32 -61.80
C GLU I 88 -66.91 32.46 -62.25
N ILE I 89 -65.58 32.29 -62.21
CA ILE I 89 -64.73 33.37 -62.71
C ILE I 89 -64.77 33.42 -64.25
N VAL I 90 -64.76 32.26 -64.90
CA VAL I 90 -64.63 32.29 -66.36
C VAL I 90 -65.98 32.61 -67.02
N LEU I 91 -67.10 32.24 -66.42
CA LEU I 91 -68.38 32.46 -67.06
C LEU I 91 -68.92 33.87 -66.82
N ASN I 92 -68.28 34.64 -65.94
CA ASN I 92 -68.67 36.02 -65.75
C ASN I 92 -68.14 36.86 -66.91
N PRO I 93 -69.01 37.50 -67.69
CA PRO I 93 -68.51 38.31 -68.82
C PRO I 93 -67.81 39.59 -68.40
N ALA I 94 -67.94 40.01 -67.14
CA ALA I 94 -67.21 41.18 -66.68
C ALA I 94 -65.73 40.90 -66.49
N ASN I 95 -65.33 39.63 -66.51
CA ASN I 95 -63.93 39.25 -66.45
C ASN I 95 -63.41 38.77 -67.80
N GLN I 96 -64.24 38.82 -68.84
CA GLN I 96 -63.83 38.34 -70.14
C GLN I 96 -63.35 39.52 -70.99
N PRO I 97 -62.32 39.34 -71.83
CA PRO I 97 -61.59 38.09 -72.15
C PRO I 97 -60.75 37.51 -71.00
N ILE I 98 -60.94 36.23 -70.74
CA ILE I 98 -60.26 35.53 -69.66
C ILE I 98 -59.40 34.44 -70.26
N LEU I 99 -58.19 34.30 -69.73
CA LEU I 99 -57.26 33.25 -70.16
C LEU I 99 -57.06 32.27 -69.01
N ILE I 100 -57.39 31.00 -69.24
CA ILE I 100 -57.17 29.95 -68.24
C ILE I 100 -55.84 29.29 -68.53
N HIS I 101 -54.95 29.26 -67.53
CA HIS I 101 -53.68 28.59 -67.76
C HIS I 101 -53.15 27.98 -66.47
N SER I 102 -52.24 27.03 -66.65
CA SER I 102 -51.56 26.34 -65.56
C SER I 102 -50.11 26.17 -66.01
N ASN I 103 -49.38 25.24 -65.39
CA ASN I 103 -48.00 25.00 -65.79
C ASN I 103 -47.92 24.56 -67.24
N ARG I 104 -48.47 23.40 -67.55
CA ARG I 104 -48.43 22.88 -68.91
C ARG I 104 -49.64 23.24 -69.75
N GLY I 105 -50.76 23.56 -69.11
CA GLY I 105 -51.99 23.80 -69.85
C GLY I 105 -52.63 22.54 -70.38
N LYS I 106 -52.39 21.40 -69.73
CA LYS I 106 -52.86 20.10 -70.21
C LYS I 106 -53.88 19.46 -69.29
N HIS I 107 -53.59 19.34 -68.00
CA HIS I 107 -54.35 18.49 -67.10
C HIS I 107 -55.39 19.25 -66.28
N ARG I 108 -54.97 20.25 -65.51
CA ARG I 108 -55.94 21.02 -64.74
C ARG I 108 -56.75 21.92 -65.67
N THR I 109 -56.08 22.49 -66.67
CA THR I 109 -56.76 23.29 -67.67
C THR I 109 -57.71 22.43 -68.48
N GLY I 110 -57.29 21.21 -68.81
CA GLY I 110 -58.15 20.36 -69.62
C GLY I 110 -59.39 19.90 -68.88
N CYS I 111 -59.29 19.72 -67.56
CA CYS I 111 -60.47 19.32 -66.80
C CYS I 111 -61.43 20.49 -66.60
N LEU I 112 -60.91 21.69 -66.35
CA LEU I 112 -61.82 22.84 -66.25
C LEU I 112 -62.50 23.13 -67.59
N ILE I 113 -61.75 23.04 -68.69
CA ILE I 113 -62.35 23.30 -69.99
C ILE I 113 -63.33 22.19 -70.37
N GLY I 114 -63.07 20.96 -69.94
CA GLY I 114 -64.03 19.90 -70.16
C GLY I 114 -65.31 20.12 -69.39
N CYS I 115 -65.23 20.75 -68.22
CA CYS I 115 -66.46 21.08 -67.52
C CYS I 115 -67.18 22.26 -68.17
N ILE I 116 -66.43 23.14 -68.84
CA ILE I 116 -67.11 24.16 -69.64
C ILE I 116 -67.86 23.52 -70.80
N ARG I 117 -67.24 22.53 -71.44
CA ARG I 117 -67.91 21.83 -72.55
C ARG I 117 -69.10 21.02 -72.04
N LYS I 118 -69.03 20.55 -70.79
CA LYS I 118 -70.21 19.97 -70.16
C LYS I 118 -71.29 20.99 -69.92
N LEU I 119 -70.93 22.22 -69.64
CA LEU I 119 -71.96 23.24 -69.56
C LEU I 119 -72.56 23.53 -70.94
N GLN I 120 -71.80 23.28 -72.00
CA GLN I 120 -72.32 23.36 -73.35
C GLN I 120 -73.09 22.11 -73.76
N ASN I 121 -73.19 21.12 -72.87
CA ASN I 121 -73.94 19.89 -73.08
C ASN I 121 -73.46 19.14 -74.32
N TRP I 122 -72.14 19.05 -74.46
CA TRP I 122 -71.54 18.22 -75.49
C TRP I 122 -71.57 16.76 -75.06
N SER I 123 -71.44 15.87 -76.04
CA SER I 123 -71.27 14.45 -75.77
C SER I 123 -69.91 14.20 -75.14
N LEU I 124 -69.85 13.16 -74.30
CA LEU I 124 -68.61 12.84 -73.60
C LEU I 124 -67.51 12.38 -74.56
N THR I 125 -67.88 11.86 -75.73
CA THR I 125 -66.88 11.45 -76.71
C THR I 125 -66.04 12.63 -77.17
N MET I 126 -66.70 13.75 -77.51
CA MET I 126 -65.98 14.91 -77.98
C MET I 126 -65.25 15.64 -76.87
N ILE I 127 -65.79 15.62 -75.66
CA ILE I 127 -65.09 16.24 -74.54
C ILE I 127 -63.81 15.48 -74.25
N PHE I 128 -63.86 14.15 -74.26
CA PHE I 128 -62.66 13.38 -73.99
C PHE I 128 -61.68 13.47 -75.15
N ASP I 129 -62.18 13.62 -76.38
CA ASP I 129 -61.29 13.75 -77.52
C ASP I 129 -60.56 15.09 -77.49
N GLU I 130 -61.25 16.16 -77.09
CA GLU I 130 -60.58 17.46 -76.95
C GLU I 130 -59.55 17.42 -75.83
N TYR I 131 -59.91 16.77 -74.71
CA TYR I 131 -58.95 16.66 -73.61
C TYR I 131 -57.70 15.89 -74.06
N ARG I 132 -57.89 14.80 -74.78
CA ARG I 132 -56.75 14.00 -75.21
C ARG I 132 -55.94 14.69 -76.30
N ARG I 133 -56.59 15.55 -77.10
CA ARG I 133 -55.81 16.31 -78.07
C ARG I 133 -54.91 17.32 -77.37
N PHE I 134 -55.38 17.92 -76.28
CA PHE I 134 -54.54 18.90 -75.61
C PHE I 134 -53.56 18.30 -74.59
N ALA I 135 -53.90 17.17 -74.00
CA ALA I 135 -53.10 16.57 -72.94
C ALA I 135 -52.08 15.56 -73.48
N PHE I 136 -51.95 15.44 -74.79
CA PHE I 136 -50.97 14.55 -75.36
C PHE I 136 -49.56 15.08 -75.07
N PRO I 137 -48.62 14.20 -74.69
CA PRO I 137 -48.74 12.75 -74.56
C PRO I 137 -49.22 12.27 -73.19
N LYS I 138 -49.18 13.16 -72.20
CA LYS I 138 -49.47 12.79 -70.81
C LYS I 138 -50.97 12.93 -70.53
N ALA I 139 -51.76 12.20 -71.32
CA ALA I 139 -53.20 12.14 -71.16
C ALA I 139 -53.57 11.15 -70.05
N ARG I 140 -54.22 11.66 -69.00
CA ARG I 140 -54.57 10.86 -67.82
C ARG I 140 -56.06 10.57 -67.80
N ALA I 141 -56.41 9.31 -67.54
CA ALA I 141 -57.83 8.93 -67.50
C ALA I 141 -58.53 9.44 -66.25
N LEU I 142 -57.77 9.78 -65.21
CA LEU I 142 -58.38 10.29 -63.99
C LEU I 142 -58.93 11.69 -64.19
N ASP I 143 -58.30 12.49 -65.05
CA ASP I 143 -58.87 13.79 -65.37
C ASP I 143 -60.16 13.64 -66.14
N GLN I 144 -60.25 12.64 -67.01
CA GLN I 144 -61.51 12.36 -67.68
C GLN I 144 -62.55 11.86 -66.70
N GLN I 145 -62.12 11.14 -65.67
CA GLN I 145 -63.04 10.71 -64.61
C GLN I 145 -63.56 11.91 -63.82
N PHE I 146 -62.70 12.89 -63.57
CA PHE I 146 -63.11 14.09 -62.86
C PHE I 146 -64.03 14.94 -63.72
N ILE I 147 -63.83 14.91 -65.05
CA ILE I 147 -64.79 15.57 -65.92
C ILE I 147 -66.11 14.83 -65.88
N GLU I 148 -66.06 13.51 -65.91
CA GLU I 148 -67.27 12.70 -66.00
C GLU I 148 -68.09 12.74 -64.71
N MET I 149 -67.45 12.85 -63.55
CA MET I 149 -68.16 12.78 -62.28
C MET I 149 -68.51 14.13 -61.66
N TYR I 150 -68.15 15.25 -62.29
CA TYR I 150 -68.45 16.55 -61.69
C TYR I 150 -69.93 16.87 -61.86
N ASP I 151 -70.60 17.16 -60.75
CA ASP I 151 -72.01 17.53 -60.80
C ASP I 151 -72.11 19.02 -61.11
N ASP I 152 -72.71 19.33 -62.26
CA ASP I 152 -72.75 20.69 -62.78
C ASP I 152 -74.07 21.40 -62.48
N ASP I 153 -74.83 20.92 -61.49
CA ASP I 153 -76.14 21.52 -61.24
C ASP I 153 -76.03 22.86 -60.53
N GLU I 154 -75.07 23.00 -59.60
CA GLU I 154 -74.93 24.25 -58.86
C GLU I 154 -74.45 25.36 -59.78
N ILE I 155 -73.49 25.05 -60.64
CA ILE I 155 -72.96 26.07 -61.53
C ILE I 155 -73.95 26.35 -62.66
N LYS I 156 -74.80 25.39 -63.01
CA LYS I 156 -75.86 25.70 -63.97
C LYS I 156 -76.89 26.63 -63.35
N ARG I 157 -77.18 26.48 -62.05
CA ARG I 157 -78.11 27.41 -61.42
C ARG I 157 -77.51 28.81 -61.37
N ILE I 158 -76.22 28.92 -61.05
CA ILE I 158 -75.63 30.26 -60.97
C ILE I 158 -75.51 30.88 -62.36
N ALA I 159 -75.25 30.08 -63.39
CA ALA I 159 -75.13 30.66 -64.73
C ALA I 159 -76.48 31.03 -65.33
N SER I 160 -77.54 30.26 -65.02
CA SER I 160 -78.86 30.62 -65.52
C SER I 160 -79.52 31.74 -64.73
N LYS I 161 -79.20 31.87 -63.44
CA LYS I 161 -79.75 32.98 -62.66
C LYS I 161 -79.16 34.30 -63.13
N ASN I 162 -77.91 34.28 -63.59
CA ASN I 162 -77.26 35.47 -64.14
C ASN I 162 -77.39 35.49 -65.66
N ASN I 163 -78.14 34.55 -66.22
CA ASN I 163 -78.41 34.48 -67.66
C ASN I 163 -77.12 34.47 -68.47
N TRP I 164 -76.21 33.60 -68.06
CA TRP I 164 -74.97 33.39 -68.79
C TRP I 164 -75.14 32.36 -69.89
N LEU I 165 -76.26 31.63 -69.87
CA LEU I 165 -76.66 30.70 -70.91
C LEU I 165 -77.38 31.46 -72.01
N PRO I 166 -77.18 31.11 -73.29
CA PRO I 166 -76.29 30.07 -73.82
C PRO I 166 -74.84 30.54 -73.91
N LEU I 167 -73.88 29.61 -73.95
CA LEU I 167 -72.50 30.02 -74.15
C LEU I 167 -72.36 30.42 -75.61
N GLN I 168 -72.08 31.70 -75.84
CA GLN I 168 -72.08 32.24 -77.20
C GLN I 168 -70.69 32.22 -77.80
N TRP I 169 -70.62 31.92 -79.09
CA TRP I 169 -69.35 31.87 -79.80
C TRP I 169 -69.00 33.24 -80.38
N ASN J 1 25.17 -45.73 -59.33
CA ASN J 1 24.86 -44.58 -58.48
C ASN J 1 24.17 -43.48 -59.25
N LYS J 2 23.25 -43.84 -60.13
CA LYS J 2 22.56 -42.82 -60.90
C LYS J 2 21.40 -42.25 -60.08
N GLU J 3 20.98 -41.04 -60.43
CA GLU J 3 19.89 -40.40 -59.72
C GLU J 3 18.57 -41.07 -60.08
N VAL J 4 17.85 -41.54 -59.06
CA VAL J 4 16.62 -42.29 -59.23
C VAL J 4 15.48 -41.49 -58.63
N ILE J 5 14.34 -41.48 -59.33
CA ILE J 5 13.19 -40.72 -58.85
C ILE J 5 12.01 -41.68 -58.70
N PRO J 6 11.64 -42.02 -57.47
CA PRO J 6 10.46 -42.87 -57.26
C PRO J 6 9.18 -42.08 -57.49
N PRO J 7 8.07 -42.75 -57.77
CA PRO J 7 6.82 -42.04 -58.00
C PRO J 7 6.28 -41.39 -56.72
N GLU J 8 5.39 -40.44 -56.91
CA GLU J 8 4.76 -39.76 -55.77
C GLU J 8 3.88 -40.74 -55.02
N ASN J 9 3.85 -40.59 -53.69
CA ASN J 9 3.08 -41.47 -52.82
C ASN J 9 3.48 -42.93 -52.98
N PHE J 10 4.76 -43.19 -53.26
CA PHE J 10 5.25 -44.56 -53.34
C PHE J 10 5.47 -45.13 -51.95
N SER J 11 5.07 -46.38 -51.76
CA SER J 11 5.41 -47.08 -50.54
C SER J 11 5.33 -48.58 -50.76
N HIS J 12 5.96 -49.32 -49.85
CA HIS J 12 5.81 -50.76 -49.78
C HIS J 12 4.67 -51.05 -48.80
N VAL J 13 3.83 -52.03 -49.13
CA VAL J 13 2.72 -52.34 -48.25
C VAL J 13 3.05 -53.63 -47.49
N VAL J 14 3.24 -54.73 -48.21
CA VAL J 14 3.57 -56.00 -47.59
C VAL J 14 4.21 -56.94 -48.61
N GLY J 15 5.29 -57.61 -48.20
CA GLY J 15 6.00 -58.58 -49.01
C GLY J 15 6.61 -58.00 -50.27
N GLU J 16 6.04 -58.35 -51.41
CA GLU J 16 6.47 -57.84 -52.70
C GLU J 16 5.36 -57.02 -53.36
N ILE J 17 4.52 -56.38 -52.54
CA ILE J 17 3.43 -55.55 -53.03
C ILE J 17 3.76 -54.10 -52.71
N TYR J 18 3.64 -53.23 -53.72
CA TYR J 18 3.98 -51.82 -53.57
C TYR J 18 2.81 -50.98 -54.02
N ARG J 19 2.81 -49.72 -53.60
CA ARG J 19 1.80 -48.76 -54.01
C ARG J 19 2.48 -47.49 -54.52
N SER J 20 1.83 -46.81 -55.45
CA SER J 20 2.35 -45.54 -55.95
C SER J 20 1.23 -44.76 -56.61
N SER J 21 1.56 -43.57 -57.08
CA SER J 21 0.69 -42.81 -57.96
C SER J 21 0.92 -43.26 -59.39
N PHE J 22 0.38 -42.51 -60.35
CA PHE J 22 0.55 -42.86 -61.75
C PHE J 22 2.00 -42.66 -62.16
N PRO J 23 2.69 -43.69 -62.66
CA PRO J 23 4.13 -43.54 -62.94
C PRO J 23 4.39 -42.65 -64.14
N ARG J 24 5.51 -41.94 -64.08
CA ARG J 24 5.96 -41.07 -65.15
C ARG J 24 7.23 -41.62 -65.78
N GLN J 25 7.80 -40.86 -66.72
CA GLN J 25 8.97 -41.32 -67.45
C GLN J 25 10.19 -41.40 -66.55
N GLU J 26 10.32 -40.48 -65.60
CA GLU J 26 11.46 -40.47 -64.70
C GLU J 26 11.40 -41.59 -63.66
N ASN J 27 10.25 -42.22 -63.46
CA ASN J 27 10.08 -43.28 -62.47
C ASN J 27 10.26 -44.68 -63.04
N PHE J 28 10.43 -44.83 -64.35
CA PHE J 28 10.48 -46.17 -64.95
C PHE J 28 11.74 -46.91 -64.50
N SER J 29 12.85 -46.18 -64.38
CA SER J 29 14.09 -46.78 -63.90
C SER J 29 13.92 -47.30 -62.47
N PHE J 30 13.16 -46.58 -61.65
CA PHE J 30 12.91 -47.07 -60.30
C PHE J 30 12.02 -48.29 -60.32
N LEU J 31 11.05 -48.33 -61.24
CA LEU J 31 10.12 -49.45 -61.23
C LEU J 31 10.79 -50.73 -61.71
N HIS J 32 11.77 -50.63 -62.59
CA HIS J 32 12.35 -51.85 -63.14
C HIS J 32 13.71 -52.20 -62.54
N GLU J 33 14.60 -51.23 -62.38
CA GLU J 33 15.97 -51.53 -61.98
C GLU J 33 16.15 -51.61 -60.48
N ARG J 34 15.21 -51.07 -59.70
CA ARG J 34 15.31 -51.10 -58.25
C ARG J 34 14.20 -51.91 -57.58
N LEU J 35 12.97 -51.80 -58.07
CA LEU J 35 11.89 -52.65 -57.55
C LEU J 35 11.92 -54.04 -58.17
N LYS J 36 12.35 -54.15 -59.43
CA LYS J 36 12.33 -55.41 -60.17
C LYS J 36 10.92 -55.98 -60.21
N LEU J 37 10.01 -55.15 -60.71
CA LEU J 37 8.60 -55.50 -60.71
C LEU J 37 8.29 -56.57 -61.74
N LYS J 38 7.28 -57.38 -61.44
CA LYS J 38 6.73 -58.36 -62.36
C LYS J 38 5.37 -57.97 -62.91
N SER J 39 4.57 -57.24 -62.14
CA SER J 39 3.24 -56.83 -62.58
C SER J 39 2.93 -55.43 -62.11
N ILE J 40 1.94 -54.83 -62.77
CA ILE J 40 1.42 -53.51 -62.39
C ILE J 40 -0.09 -53.62 -62.43
N LEU J 41 -0.73 -53.30 -61.31
CA LEU J 41 -2.19 -53.26 -61.21
C LEU J 41 -2.61 -51.81 -61.18
N VAL J 42 -3.38 -51.41 -62.18
CA VAL J 42 -3.91 -50.06 -62.28
C VAL J 42 -5.39 -50.11 -61.94
N LEU J 43 -5.86 -49.12 -61.19
CA LEU J 43 -7.21 -49.11 -60.63
C LEU J 43 -8.06 -48.01 -61.23
N ILE J 44 -7.73 -47.60 -62.45
CA ILE J 44 -8.48 -46.55 -63.14
C ILE J 44 -9.20 -47.16 -64.33
N PRO J 45 -10.40 -46.69 -64.68
CA PRO J 45 -11.06 -47.16 -65.89
C PRO J 45 -10.49 -46.55 -67.16
N GLU J 46 -9.62 -45.53 -67.05
CA GLU J 46 -9.07 -44.90 -68.23
C GLU J 46 -8.14 -45.85 -68.98
N GLU J 47 -7.98 -45.58 -70.29
CA GLU J 47 -7.10 -46.38 -71.12
C GLU J 47 -5.66 -46.03 -70.81
N TYR J 48 -4.78 -47.02 -70.87
CA TYR J 48 -3.40 -46.79 -70.45
C TYR J 48 -2.63 -46.03 -71.53
N PRO J 49 -1.86 -45.00 -71.17
CA PRO J 49 -1.19 -44.18 -72.18
C PRO J 49 -0.08 -44.96 -72.88
N GLN J 50 0.19 -44.55 -74.13
CA GLN J 50 1.11 -45.29 -74.99
C GLN J 50 2.55 -45.08 -74.56
N GLU J 51 2.87 -43.93 -73.98
CA GLU J 51 4.22 -43.72 -73.47
C GLU J 51 4.48 -44.69 -72.32
N ASN J 52 3.44 -45.03 -71.55
CA ASN J 52 3.51 -46.07 -70.53
C ASN J 52 3.53 -47.46 -71.16
N LEU J 53 2.78 -47.64 -72.25
CA LEU J 53 2.74 -48.93 -72.93
C LEU J 53 4.10 -49.29 -73.52
N ASN J 54 4.88 -48.29 -73.95
CA ASN J 54 6.21 -48.61 -74.47
C ASN J 54 7.11 -49.13 -73.36
N PHE J 55 6.99 -48.57 -72.16
CA PHE J 55 7.76 -49.07 -71.03
C PHE J 55 7.32 -50.49 -70.65
N LEU J 56 6.01 -50.74 -70.71
CA LEU J 56 5.51 -52.07 -70.35
C LEU J 56 5.91 -53.12 -71.38
N LYS J 57 5.95 -52.76 -72.66
CA LYS J 57 6.40 -53.73 -73.67
C LYS J 57 7.91 -53.90 -73.62
N LEU J 58 8.65 -52.87 -73.22
CA LEU J 58 10.10 -53.01 -73.13
C LEU J 58 10.51 -53.86 -71.94
N THR J 59 9.75 -53.85 -70.85
CA THR J 59 10.16 -54.65 -69.70
C THR J 59 9.46 -56.01 -69.60
N GLY J 60 8.31 -56.19 -70.24
CA GLY J 60 7.59 -57.43 -70.11
C GLY J 60 6.73 -57.52 -68.87
N ILE J 61 6.50 -56.41 -68.18
CA ILE J 61 5.71 -56.40 -66.96
C ILE J 61 4.23 -56.48 -67.33
N LYS J 62 3.54 -57.46 -66.75
CA LYS J 62 2.13 -57.67 -67.08
C LYS J 62 1.26 -56.58 -66.44
N LEU J 63 0.33 -56.07 -67.23
CA LEU J 63 -0.60 -55.04 -66.78
C LEU J 63 -1.91 -55.70 -66.41
N TYR J 64 -2.35 -55.48 -65.18
CA TYR J 64 -3.68 -55.85 -64.72
C TYR J 64 -4.47 -54.57 -64.51
N GLN J 65 -5.75 -54.61 -64.83
CA GLN J 65 -6.59 -53.43 -64.71
C GLN J 65 -7.91 -53.83 -64.08
N VAL J 66 -8.18 -53.29 -62.92
CA VAL J 66 -9.48 -53.39 -62.28
C VAL J 66 -9.98 -51.96 -62.17
N GLY J 67 -10.83 -51.56 -63.10
CA GLY J 67 -11.26 -50.19 -63.21
C GLY J 67 -12.18 -49.81 -62.07
N MET J 68 -11.72 -48.90 -61.21
CA MET J 68 -12.49 -48.42 -60.08
C MET J 68 -12.87 -46.98 -60.33
N SER J 69 -14.08 -46.61 -59.87
CA SER J 69 -14.67 -45.35 -60.27
C SER J 69 -13.87 -44.18 -59.71
N GLY J 70 -13.61 -43.19 -60.56
CA GLY J 70 -13.01 -41.96 -60.10
C GLY J 70 -14.06 -41.23 -59.29
N ASN J 71 -15.08 -40.72 -59.98
CA ASN J 71 -16.32 -40.32 -59.32
C ASN J 71 -17.50 -41.12 -59.82
N LYS J 72 -17.80 -41.08 -61.13
CA LYS J 72 -18.84 -41.88 -61.79
C LYS J 72 -20.21 -41.64 -61.17
N GLU J 73 -20.26 -40.72 -60.21
CA GLU J 73 -21.34 -40.48 -59.29
C GLU J 73 -20.90 -39.29 -58.45
N PRO J 74 -21.81 -38.55 -57.85
CA PRO J 74 -21.36 -37.50 -56.92
C PRO J 74 -20.87 -38.07 -55.61
N PHE J 75 -19.60 -38.48 -55.58
CA PHE J 75 -18.86 -38.48 -54.33
C PHE J 75 -19.48 -39.42 -53.28
N VAL J 76 -19.32 -40.75 -53.38
CA VAL J 76 -18.69 -41.53 -54.47
C VAL J 76 -19.08 -42.99 -54.17
N ASN J 77 -18.93 -43.92 -55.13
CA ASN J 77 -19.12 -45.32 -54.77
C ASN J 77 -18.20 -46.25 -55.55
N ILE J 78 -17.71 -47.27 -54.85
CA ILE J 78 -16.85 -48.32 -55.40
C ILE J 78 -17.42 -49.69 -55.01
N PRO J 79 -17.58 -50.61 -55.96
CA PRO J 79 -18.14 -51.93 -55.63
C PRO J 79 -17.12 -52.84 -54.94
N SER J 80 -17.64 -53.92 -54.35
CA SER J 80 -16.82 -54.86 -53.60
C SER J 80 -16.21 -55.96 -54.45
N HIS J 81 -16.81 -56.29 -55.59
CA HIS J 81 -16.26 -57.36 -56.42
C HIS J 81 -14.99 -56.91 -57.14
N LEU J 82 -14.88 -55.61 -57.44
CA LEU J 82 -13.62 -55.12 -58.00
C LEU J 82 -12.51 -55.20 -56.96
N LEU J 83 -12.85 -54.96 -55.68
CA LEU J 83 -11.87 -55.09 -54.62
C LEU J 83 -11.44 -56.54 -54.44
N THR J 84 -12.37 -57.48 -54.52
CA THR J 84 -11.99 -58.88 -54.39
C THR J 84 -11.13 -59.34 -55.56
N LYS J 85 -11.46 -58.86 -56.76
CA LYS J 85 -10.67 -59.22 -57.94
C LYS J 85 -9.25 -58.67 -57.83
N ALA J 86 -9.11 -57.41 -57.40
CA ALA J 86 -7.77 -56.86 -57.24
C ALA J 86 -7.01 -57.54 -56.11
N LEU J 87 -7.72 -57.99 -55.06
CA LEU J 87 -7.05 -58.69 -53.97
C LEU J 87 -6.52 -60.04 -54.41
N GLU J 88 -7.29 -60.76 -55.21
CA GLU J 88 -6.79 -62.03 -55.72
C GLU J 88 -5.64 -61.79 -56.69
N ILE J 89 -5.64 -60.64 -57.37
CA ILE J 89 -4.55 -60.36 -58.30
C ILE J 89 -3.26 -60.10 -57.53
N VAL J 90 -3.34 -59.31 -56.46
CA VAL J 90 -2.12 -58.90 -55.77
C VAL J 90 -1.59 -59.97 -54.83
N LEU J 91 -2.47 -60.81 -54.27
CA LEU J 91 -2.01 -61.78 -53.29
C LEU J 91 -1.40 -63.03 -53.93
N ASN J 92 -1.48 -63.17 -55.24
CA ASN J 92 -0.83 -64.29 -55.91
C ASN J 92 0.67 -64.03 -56.00
N PRO J 93 1.52 -64.90 -55.43
CA PRO J 93 2.97 -64.67 -55.48
C PRO J 93 3.58 -64.83 -56.86
N ALA J 94 2.86 -65.41 -57.82
CA ALA J 94 3.37 -65.50 -59.18
C ALA J 94 3.34 -64.17 -59.92
N ASN J 95 2.63 -63.18 -59.40
CA ASN J 95 2.57 -61.85 -60.01
C ASN J 95 3.38 -60.81 -59.24
N GLN J 96 4.07 -61.22 -58.18
CA GLN J 96 4.83 -60.29 -57.36
C GLN J 96 6.31 -60.35 -57.74
N PRO J 97 7.05 -59.22 -57.70
CA PRO J 97 6.68 -57.87 -57.25
C PRO J 97 5.64 -57.16 -58.12
N ILE J 98 4.57 -56.68 -57.49
CA ILE J 98 3.45 -56.03 -58.15
C ILE J 98 3.34 -54.60 -57.62
N LEU J 99 3.05 -53.66 -58.52
CA LEU J 99 2.86 -52.25 -58.16
C LEU J 99 1.40 -51.85 -58.39
N ILE J 100 0.74 -51.43 -57.33
CA ILE J 100 -0.63 -50.93 -57.41
C ILE J 100 -0.59 -49.42 -57.55
N HIS J 101 -1.30 -48.89 -58.53
CA HIS J 101 -1.33 -47.44 -58.68
C HIS J 101 -2.68 -46.99 -59.22
N SER J 102 -2.92 -45.69 -59.07
CA SER J 102 -4.12 -45.03 -59.56
C SER J 102 -3.68 -43.67 -60.11
N ASN J 103 -4.62 -42.74 -60.29
CA ASN J 103 -4.26 -41.43 -60.81
C ASN J 103 -3.32 -40.68 -59.86
N ARG J 104 -3.55 -40.82 -58.55
CA ARG J 104 -2.76 -40.11 -57.56
C ARG J 104 -2.35 -40.99 -56.38
N GLY J 105 -2.77 -42.24 -56.36
CA GLY J 105 -2.30 -43.18 -55.34
C GLY J 105 -2.81 -42.89 -53.95
N LYS J 106 -3.96 -42.24 -53.81
CA LYS J 106 -4.48 -41.85 -52.52
C LYS J 106 -5.78 -42.56 -52.15
N HIS J 107 -6.76 -42.54 -53.04
CA HIS J 107 -8.13 -42.94 -52.72
C HIS J 107 -8.45 -44.36 -53.18
N ARG J 108 -8.26 -44.67 -54.46
CA ARG J 108 -8.54 -46.04 -54.90
C ARG J 108 -7.47 -46.99 -54.37
N THR J 109 -6.21 -46.55 -54.42
CA THR J 109 -5.10 -47.34 -53.92
C THR J 109 -5.22 -47.56 -52.43
N GLY J 110 -5.61 -46.51 -51.70
CA GLY J 110 -5.74 -46.63 -50.27
C GLY J 110 -6.89 -47.50 -49.84
N CYS J 111 -7.96 -47.56 -50.64
CA CYS J 111 -9.07 -48.42 -50.26
C CYS J 111 -8.74 -49.89 -50.48
N LEU J 112 -8.05 -50.20 -51.59
CA LEU J 112 -7.63 -51.58 -51.77
C LEU J 112 -6.62 -51.98 -50.71
N ILE J 113 -5.69 -51.09 -50.38
CA ILE J 113 -4.68 -51.42 -49.38
C ILE J 113 -5.27 -51.50 -47.98
N GLY J 114 -6.33 -50.73 -47.69
CA GLY J 114 -7.01 -50.91 -46.42
C GLY J 114 -7.67 -52.26 -46.29
N CYS J 115 -8.15 -52.80 -47.42
CA CYS J 115 -8.68 -54.16 -47.32
C CYS J 115 -7.56 -55.19 -47.21
N ILE J 116 -6.38 -54.89 -47.77
CA ILE J 116 -5.22 -55.75 -47.53
C ILE J 116 -4.84 -55.74 -46.06
N ARG J 117 -4.86 -54.56 -45.43
CA ARG J 117 -4.52 -54.48 -44.02
C ARG J 117 -5.57 -55.16 -43.15
N LYS J 118 -6.82 -55.19 -43.61
CA LYS J 118 -7.81 -55.97 -42.90
C LYS J 118 -7.58 -57.47 -43.06
N LEU J 119 -6.96 -57.89 -44.17
CA LEU J 119 -6.65 -59.30 -44.31
C LEU J 119 -5.57 -59.76 -43.32
N GLN J 120 -4.68 -58.87 -42.92
CA GLN J 120 -3.78 -59.20 -41.83
C GLN J 120 -4.43 -58.96 -40.49
N ASN J 121 -5.70 -58.52 -40.50
CA ASN J 121 -6.51 -58.28 -39.32
C ASN J 121 -5.82 -57.29 -38.37
N TRP J 122 -5.37 -56.17 -38.96
CA TRP J 122 -4.86 -55.06 -38.19
C TRP J 122 -6.01 -54.36 -37.48
N SER J 123 -5.68 -53.61 -36.44
CA SER J 123 -6.69 -52.77 -35.83
C SER J 123 -7.11 -51.71 -36.84
N LEU J 124 -8.40 -51.36 -36.82
CA LEU J 124 -8.91 -50.40 -37.78
C LEU J 124 -8.32 -49.02 -37.58
N THR J 125 -7.88 -48.71 -36.35
CA THR J 125 -7.23 -47.44 -36.11
C THR J 125 -5.96 -47.30 -36.93
N MET J 126 -5.15 -48.35 -36.99
CA MET J 126 -3.90 -48.25 -37.75
C MET J 126 -4.16 -48.27 -39.25
N ILE J 127 -5.20 -48.98 -39.69
CA ILE J 127 -5.55 -48.97 -41.10
C ILE J 127 -5.98 -47.58 -41.53
N PHE J 128 -6.81 -46.93 -40.73
CA PHE J 128 -7.30 -45.60 -41.08
C PHE J 128 -6.20 -44.56 -40.93
N ASP J 129 -5.27 -44.77 -40.00
CA ASP J 129 -4.17 -43.83 -39.85
C ASP J 129 -3.22 -43.90 -41.05
N GLU J 130 -2.98 -45.10 -41.57
CA GLU J 130 -2.17 -45.22 -42.77
C GLU J 130 -2.90 -44.65 -43.98
N TYR J 131 -4.21 -44.88 -44.06
CA TYR J 131 -4.98 -44.33 -45.16
C TYR J 131 -4.91 -42.81 -45.15
N ARG J 132 -5.05 -42.19 -43.98
CA ARG J 132 -4.99 -40.74 -43.94
C ARG J 132 -3.57 -40.22 -44.16
N ARG J 133 -2.54 -41.02 -43.83
CA ARG J 133 -1.19 -40.57 -44.12
C ARG J 133 -0.95 -40.49 -45.61
N PHE J 134 -1.52 -41.43 -46.37
CA PHE J 134 -1.33 -41.37 -47.81
C PHE J 134 -2.36 -40.49 -48.52
N ALA J 135 -3.56 -40.36 -47.98
CA ALA J 135 -4.65 -39.64 -48.60
C ALA J 135 -4.71 -38.18 -48.20
N PHE J 136 -3.73 -37.69 -47.46
CA PHE J 136 -3.72 -36.28 -47.10
C PHE J 136 -3.50 -35.43 -48.36
N PRO J 137 -4.25 -34.33 -48.53
CA PRO J 137 -5.25 -33.75 -47.62
C PRO J 137 -6.65 -34.31 -47.85
N LYS J 138 -6.86 -34.98 -48.98
CA LYS J 138 -8.18 -35.42 -49.42
C LYS J 138 -8.54 -36.78 -48.82
N ALA J 139 -8.55 -36.82 -47.50
CA ALA J 139 -8.96 -38.03 -46.79
C ALA J 139 -10.48 -38.11 -46.82
N ARG J 140 -11.00 -39.15 -47.46
CA ARG J 140 -12.43 -39.30 -47.65
C ARG J 140 -12.94 -40.36 -46.68
N ALA J 141 -14.02 -40.03 -45.97
CA ALA J 141 -14.57 -40.99 -45.01
C ALA J 141 -15.25 -42.13 -45.74
N LEU J 142 -15.58 -41.95 -47.01
CA LEU J 142 -16.21 -43.01 -47.78
C LEU J 142 -15.23 -44.13 -48.08
N ASP J 143 -13.95 -43.83 -48.25
CA ASP J 143 -12.97 -44.89 -48.46
C ASP J 143 -12.77 -45.71 -47.19
N GLN J 144 -12.75 -45.05 -46.04
CA GLN J 144 -12.65 -45.78 -44.78
C GLN J 144 -13.92 -46.56 -44.49
N GLN J 145 -15.07 -46.04 -44.92
CA GLN J 145 -16.31 -46.81 -44.79
C GLN J 145 -16.31 -48.02 -45.71
N PHE J 146 -15.78 -47.89 -46.92
CA PHE J 146 -15.70 -49.01 -47.83
C PHE J 146 -14.73 -50.06 -47.32
N ILE J 147 -13.66 -49.62 -46.64
CA ILE J 147 -12.74 -50.57 -46.03
C ILE J 147 -13.41 -51.27 -44.85
N GLU J 148 -14.16 -50.50 -44.06
CA GLU J 148 -14.76 -51.04 -42.84
C GLU J 148 -15.88 -52.03 -43.15
N MET J 149 -16.62 -51.83 -44.23
CA MET J 149 -17.76 -52.65 -44.57
C MET J 149 -17.44 -53.75 -45.57
N TYR J 150 -16.20 -53.87 -46.01
CA TYR J 150 -15.85 -54.90 -46.99
C TYR J 150 -15.80 -56.25 -46.30
N ASP J 151 -16.53 -57.22 -46.84
CA ASP J 151 -16.55 -58.57 -46.29
C ASP J 151 -15.34 -59.34 -46.79
N ASP J 152 -14.48 -59.76 -45.86
CA ASP J 152 -13.20 -60.40 -46.18
C ASP J 152 -13.30 -61.91 -46.14
N ASP J 153 -14.51 -62.47 -46.13
CA ASP J 153 -14.67 -63.91 -45.99
C ASP J 153 -14.38 -64.68 -47.27
N GLU J 154 -14.67 -64.11 -48.44
CA GLU J 154 -14.43 -64.83 -49.69
C GLU J 154 -12.93 -64.94 -49.98
N ILE J 155 -12.22 -63.82 -49.83
CA ILE J 155 -10.79 -63.82 -50.11
C ILE J 155 -10.00 -64.49 -49.00
N LYS J 156 -10.56 -64.60 -47.78
CA LYS J 156 -9.87 -65.33 -46.73
C LYS J 156 -9.75 -66.81 -47.08
N ARG J 157 -10.85 -67.42 -47.53
CA ARG J 157 -10.79 -68.81 -47.93
C ARG J 157 -10.01 -68.96 -49.24
N ILE J 158 -10.06 -67.97 -50.12
CA ILE J 158 -9.29 -68.09 -51.35
C ILE J 158 -7.80 -68.04 -51.06
N ALA J 159 -7.38 -67.23 -50.09
CA ALA J 159 -5.97 -67.14 -49.76
C ALA J 159 -5.50 -68.37 -48.98
N SER J 160 -6.37 -68.96 -48.17
CA SER J 160 -5.99 -70.19 -47.48
C SER J 160 -6.04 -71.42 -48.40
N LYS J 161 -6.83 -71.36 -49.48
CA LYS J 161 -6.90 -72.48 -50.42
C LYS J 161 -5.59 -72.62 -51.19
N ASN J 162 -4.96 -71.50 -51.54
CA ASN J 162 -3.70 -71.51 -52.26
C ASN J 162 -2.50 -71.26 -51.35
N ASN J 163 -2.69 -71.31 -50.02
CA ASN J 163 -1.63 -71.11 -49.04
C ASN J 163 -0.97 -69.74 -49.18
N TRP J 164 -1.81 -68.70 -49.22
CA TRP J 164 -1.31 -67.33 -49.27
C TRP J 164 -1.20 -66.69 -47.88
N LEU J 165 -2.06 -67.09 -46.94
CA LEU J 165 -1.98 -66.61 -45.57
C LEU J 165 -1.01 -67.44 -44.74
N PRO J 166 -0.22 -66.83 -43.84
CA PRO J 166 -0.16 -65.40 -43.53
C PRO J 166 0.66 -64.62 -44.54
N LEU J 167 0.38 -63.32 -44.65
CA LEU J 167 1.16 -62.46 -45.52
C LEU J 167 2.49 -62.17 -44.87
N GLN J 168 3.57 -62.58 -45.52
CA GLN J 168 4.91 -62.45 -44.96
C GLN J 168 5.56 -61.15 -45.45
N TRP J 169 6.35 -60.55 -44.58
CA TRP J 169 7.00 -59.28 -44.88
C TRP J 169 8.32 -59.49 -45.62
N ASN K 1 -6.95 6.24 -46.92
CA ASN K 1 -6.85 5.44 -45.71
C ASN K 1 -8.08 4.58 -45.32
N LYS K 2 -8.84 4.17 -46.34
CA LYS K 2 -10.00 3.28 -46.33
C LYS K 2 -9.55 1.82 -46.47
N GLU K 3 -10.50 0.90 -46.27
CA GLU K 3 -10.20 -0.53 -46.23
C GLU K 3 -9.73 -1.09 -47.57
N VAL K 4 -8.57 -1.77 -47.53
CA VAL K 4 -7.96 -2.36 -48.72
C VAL K 4 -7.89 -3.87 -48.52
N ILE K 5 -8.13 -4.61 -49.60
CA ILE K 5 -8.12 -6.06 -49.50
C ILE K 5 -7.13 -6.64 -50.49
N PRO K 6 -6.01 -7.18 -50.03
CA PRO K 6 -5.06 -7.84 -50.94
C PRO K 6 -5.61 -9.17 -51.42
N PRO K 7 -5.10 -9.68 -52.55
CA PRO K 7 -5.57 -10.98 -53.04
C PRO K 7 -5.10 -12.12 -52.15
N GLU K 8 -5.75 -13.26 -52.31
CA GLU K 8 -5.36 -14.44 -51.53
C GLU K 8 -3.96 -14.88 -51.96
N ASN K 9 -3.19 -15.37 -50.98
CA ASN K 9 -1.81 -15.81 -51.21
C ASN K 9 -0.95 -14.69 -51.80
N PHE K 10 -1.22 -13.45 -51.40
CA PHE K 10 -0.37 -12.33 -51.80
C PHE K 10 0.87 -12.34 -50.93
N SER K 11 2.04 -12.15 -51.55
CA SER K 11 3.27 -12.01 -50.79
C SER K 11 4.33 -11.32 -51.63
N HIS K 12 5.39 -10.90 -50.96
CA HIS K 12 6.59 -10.32 -51.56
C HIS K 12 7.63 -11.39 -51.87
N VAL K 13 8.36 -11.23 -52.98
CA VAL K 13 9.40 -12.17 -53.36
C VAL K 13 10.78 -11.61 -53.04
N VAL K 14 11.16 -10.55 -53.74
CA VAL K 14 12.44 -9.87 -53.51
C VAL K 14 12.36 -8.51 -54.19
N GLY K 15 12.85 -7.48 -53.49
CA GLY K 15 12.84 -6.13 -54.02
C GLY K 15 11.44 -5.60 -54.25
N GLU K 16 11.04 -5.45 -55.51
CA GLU K 16 9.67 -5.05 -55.82
C GLU K 16 8.97 -6.09 -56.68
N ILE K 17 9.29 -7.36 -56.48
CA ILE K 17 8.62 -8.48 -57.14
C ILE K 17 7.74 -9.15 -56.10
N TYR K 18 6.46 -9.31 -56.44
CA TYR K 18 5.47 -9.81 -55.51
C TYR K 18 4.74 -11.00 -56.11
N ARG K 19 4.00 -11.70 -55.25
CA ARG K 19 3.17 -12.84 -55.63
C ARG K 19 1.74 -12.61 -55.21
N SER K 20 0.82 -13.19 -55.96
CA SER K 20 -0.59 -13.17 -55.57
C SER K 20 -1.32 -14.26 -56.34
N SER K 21 -2.58 -14.46 -55.99
CA SER K 21 -3.49 -15.25 -56.79
C SER K 21 -4.12 -14.33 -57.83
N PHE K 22 -5.15 -14.79 -58.50
CA PHE K 22 -5.80 -13.95 -59.52
C PHE K 22 -6.50 -12.78 -58.85
N PRO K 23 -6.17 -11.54 -59.20
CA PRO K 23 -6.77 -10.39 -58.51
C PRO K 23 -8.23 -10.23 -58.86
N ARG K 24 -8.99 -9.74 -57.89
CA ARG K 24 -10.41 -9.43 -58.02
C ARG K 24 -10.58 -7.92 -57.98
N GLN K 25 -11.84 -7.48 -58.01
CA GLN K 25 -12.09 -6.04 -58.09
C GLN K 25 -11.67 -5.34 -56.80
N GLU K 26 -11.91 -5.98 -55.64
CA GLU K 26 -11.58 -5.34 -54.38
C GLU K 26 -10.09 -5.22 -54.16
N ASN K 27 -9.28 -5.93 -54.95
CA ASN K 27 -7.84 -5.83 -54.82
C ASN K 27 -7.26 -4.75 -55.71
N PHE K 28 -8.07 -4.13 -56.57
CA PHE K 28 -7.51 -3.20 -57.56
C PHE K 28 -6.89 -1.99 -56.89
N SER K 29 -7.60 -1.41 -55.92
CA SER K 29 -7.06 -0.27 -55.20
C SER K 29 -5.77 -0.66 -54.46
N PHE K 30 -5.70 -1.89 -53.98
CA PHE K 30 -4.48 -2.31 -53.30
C PHE K 30 -3.33 -2.41 -54.29
N LEU K 31 -3.61 -2.88 -55.51
CA LEU K 31 -2.55 -3.05 -56.49
C LEU K 31 -2.14 -1.73 -57.14
N HIS K 32 -3.04 -0.75 -57.20
CA HIS K 32 -2.75 0.48 -57.91
C HIS K 32 -2.37 1.62 -56.98
N GLU K 33 -3.14 1.82 -55.90
CA GLU K 33 -2.93 2.97 -55.04
C GLU K 33 -1.91 2.68 -53.95
N ARG K 34 -1.62 1.42 -53.67
CA ARG K 34 -0.65 1.06 -52.64
C ARG K 34 0.58 0.34 -53.16
N LEU K 35 0.42 -0.59 -54.12
CA LEU K 35 1.60 -1.23 -54.69
C LEU K 35 2.29 -0.36 -55.72
N LYS K 36 1.51 0.42 -56.48
CA LYS K 36 2.03 1.25 -57.57
C LYS K 36 2.85 0.40 -58.55
N LEU K 37 2.19 -0.63 -59.08
CA LEU K 37 2.83 -1.53 -60.01
C LEU K 37 3.04 -0.85 -61.36
N LYS K 38 4.08 -1.27 -62.07
CA LYS K 38 4.30 -0.83 -63.44
C LYS K 38 3.99 -1.91 -64.46
N SER K 39 4.11 -3.19 -64.08
CA SER K 39 3.76 -4.30 -64.94
C SER K 39 3.18 -5.41 -64.08
N ILE K 40 2.47 -6.33 -64.73
CA ILE K 40 1.91 -7.51 -64.09
C ILE K 40 2.13 -8.68 -65.02
N LEU K 41 2.70 -9.77 -64.50
CA LEU K 41 2.91 -10.98 -65.28
C LEU K 41 1.84 -12.00 -64.92
N VAL K 42 1.07 -12.42 -65.92
CA VAL K 42 0.05 -13.45 -65.76
C VAL K 42 0.59 -14.72 -66.39
N LEU K 43 0.32 -15.85 -65.74
CA LEU K 43 0.84 -17.14 -66.17
C LEU K 43 -0.27 -18.05 -66.69
N ILE K 44 -1.44 -17.50 -66.96
CA ILE K 44 -2.61 -18.29 -67.35
C ILE K 44 -2.65 -18.39 -68.87
N PRO K 45 -2.98 -19.56 -69.43
CA PRO K 45 -3.15 -19.64 -70.89
C PRO K 45 -4.49 -19.14 -71.37
N GLU K 46 -5.47 -19.00 -70.48
CA GLU K 46 -6.78 -18.49 -70.86
C GLU K 46 -6.72 -17.00 -71.15
N GLU K 47 -7.75 -16.51 -71.82
CA GLU K 47 -7.80 -15.09 -72.18
C GLU K 47 -8.02 -14.24 -70.95
N TYR K 48 -7.40 -13.07 -70.93
CA TYR K 48 -7.46 -12.21 -69.75
C TYR K 48 -8.82 -11.53 -69.67
N PRO K 49 -9.45 -11.51 -68.49
CA PRO K 49 -10.82 -10.98 -68.38
C PRO K 49 -10.88 -9.49 -68.67
N GLN K 50 -12.08 -9.05 -69.03
CA GLN K 50 -12.24 -7.69 -69.53
C GLN K 50 -12.09 -6.66 -68.43
N GLU K 51 -12.63 -6.94 -67.23
CA GLU K 51 -12.55 -5.96 -66.15
C GLU K 51 -11.11 -5.79 -65.65
N ASN K 52 -10.35 -6.87 -65.61
CA ASN K 52 -8.97 -6.77 -65.12
C ASN K 52 -8.05 -6.09 -66.12
N LEU K 53 -8.15 -6.43 -67.41
CA LEU K 53 -7.32 -5.78 -68.40
C LEU K 53 -7.69 -4.31 -68.49
N ASN K 54 -8.96 -4.02 -68.28
CA ASN K 54 -9.43 -2.65 -68.36
C ASN K 54 -8.87 -1.84 -67.20
N PHE K 55 -8.77 -2.45 -66.01
CA PHE K 55 -8.15 -1.79 -64.87
C PHE K 55 -6.66 -1.57 -65.09
N LEU K 56 -5.98 -2.56 -65.69
CA LEU K 56 -4.55 -2.42 -65.91
C LEU K 56 -4.25 -1.32 -66.91
N LYS K 57 -5.10 -1.18 -67.92
CA LYS K 57 -4.93 -0.09 -68.87
C LYS K 57 -5.36 1.24 -68.26
N LEU K 58 -6.27 1.21 -67.28
CA LEU K 58 -6.69 2.42 -66.59
C LEU K 58 -5.59 2.99 -65.76
N THR K 59 -4.77 2.13 -65.18
CA THR K 59 -3.71 2.59 -64.31
C THR K 59 -2.38 2.72 -65.01
N GLY K 60 -2.24 2.14 -66.19
CA GLY K 60 -0.98 2.08 -66.89
C GLY K 60 -0.13 0.88 -66.57
N ILE K 61 -0.68 -0.12 -65.91
CA ILE K 61 0.05 -1.35 -65.61
C ILE K 61 0.04 -2.22 -66.86
N LYS K 62 1.23 -2.52 -67.38
CA LYS K 62 1.34 -3.35 -68.56
C LYS K 62 1.20 -4.83 -68.19
N LEU K 63 0.48 -5.57 -69.02
CA LEU K 63 0.29 -7.01 -68.79
C LEU K 63 1.22 -7.80 -69.68
N TYR K 64 1.99 -8.70 -69.09
CA TYR K 64 2.78 -9.69 -69.82
C TYR K 64 2.18 -11.07 -69.56
N GLN K 65 2.20 -11.93 -70.58
CA GLN K 65 1.56 -13.24 -70.47
C GLN K 65 2.49 -14.32 -70.99
N VAL K 66 2.83 -15.26 -70.12
CA VAL K 66 3.53 -16.49 -70.49
C VAL K 66 2.61 -17.64 -70.10
N GLY K 67 1.88 -18.18 -71.07
CA GLY K 67 0.87 -19.16 -70.77
C GLY K 67 1.33 -20.57 -70.44
N MET K 68 1.19 -20.99 -69.19
CA MET K 68 1.43 -22.36 -68.78
C MET K 68 0.13 -22.93 -68.23
N SER K 69 -0.26 -24.11 -68.68
CA SER K 69 -1.53 -24.67 -68.26
C SER K 69 -1.42 -25.30 -66.87
N GLY K 70 -2.57 -25.46 -66.23
CA GLY K 70 -2.70 -26.15 -64.96
C GLY K 70 -2.50 -27.64 -65.02
N ASN K 71 -3.38 -28.35 -65.72
CA ASN K 71 -3.23 -29.79 -65.94
C ASN K 71 -3.02 -30.15 -67.39
N LYS K 72 -3.97 -29.83 -68.27
CA LYS K 72 -3.87 -29.97 -69.73
C LYS K 72 -3.79 -31.43 -70.18
N GLU K 73 -3.46 -32.32 -69.24
CA GLU K 73 -3.37 -33.77 -69.30
C GLU K 73 -2.97 -34.20 -67.89
N PRO K 74 -3.19 -35.44 -67.48
CA PRO K 74 -3.19 -35.74 -66.04
C PRO K 74 -1.85 -35.66 -65.31
N PHE K 75 -1.46 -34.46 -64.86
CA PHE K 75 -0.63 -34.37 -63.66
C PHE K 75 0.76 -35.02 -63.72
N VAL K 76 1.79 -34.35 -64.26
CA VAL K 76 1.87 -32.94 -64.70
C VAL K 76 3.11 -32.87 -65.59
N ASN K 77 3.26 -31.83 -66.42
CA ASN K 77 4.59 -31.55 -66.95
C ASN K 77 4.72 -30.10 -67.38
N ILE K 78 5.95 -29.62 -67.29
CA ILE K 78 6.37 -28.24 -67.59
C ILE K 78 7.45 -28.22 -68.67
N PRO K 79 7.34 -27.37 -69.69
CA PRO K 79 8.53 -26.95 -70.40
C PRO K 79 9.26 -25.86 -69.61
N SER K 80 10.56 -25.74 -69.86
CA SER K 80 11.41 -24.79 -69.14
C SER K 80 11.56 -23.44 -69.83
N HIS K 81 11.33 -23.37 -71.13
CA HIS K 81 11.50 -22.10 -71.83
C HIS K 81 10.44 -21.09 -71.42
N LEU K 82 9.27 -21.55 -70.96
CA LEU K 82 8.29 -20.61 -70.43
C LEU K 82 8.80 -19.95 -69.16
N LEU K 83 9.49 -20.72 -68.32
CA LEU K 83 10.09 -20.15 -67.12
C LEU K 83 11.22 -19.20 -67.46
N THR K 84 12.01 -19.52 -68.49
CA THR K 84 13.09 -18.60 -68.85
C THR K 84 12.53 -17.29 -69.41
N LYS K 85 11.44 -17.37 -70.18
CA LYS K 85 10.83 -16.16 -70.70
C LYS K 85 10.24 -15.31 -69.58
N ALA K 86 9.57 -15.97 -68.62
CA ALA K 86 9.02 -15.23 -67.49
C ALA K 86 10.12 -14.65 -66.62
N LEU K 87 11.27 -15.31 -66.53
CA LEU K 87 12.38 -14.77 -65.76
C LEU K 87 12.96 -13.53 -66.44
N GLU K 88 13.04 -13.56 -67.78
CA GLU K 88 13.51 -12.38 -68.49
C GLU K 88 12.53 -11.22 -68.32
N ILE K 89 11.24 -11.53 -68.16
CA ILE K 89 10.29 -10.45 -67.93
C ILE K 89 10.39 -9.90 -66.51
N VAL K 90 10.49 -10.77 -65.51
CA VAL K 90 10.37 -10.31 -64.13
C VAL K 90 11.67 -9.72 -63.59
N LEU K 91 12.83 -10.21 -64.05
CA LEU K 91 14.08 -9.70 -63.49
C LEU K 91 14.53 -8.40 -64.14
N ASN K 92 13.82 -7.96 -65.17
CA ASN K 92 14.12 -6.68 -65.81
C ASN K 92 13.60 -5.55 -64.93
N PRO K 93 14.46 -4.63 -64.47
CA PRO K 93 13.98 -3.55 -63.59
C PRO K 93 13.11 -2.51 -64.29
N ALA K 94 13.08 -2.47 -65.62
CA ALA K 94 12.20 -1.55 -66.32
C ALA K 94 10.74 -1.98 -66.25
N ASN K 95 10.46 -3.21 -65.83
CA ASN K 95 9.11 -3.72 -65.68
C ASN K 95 8.67 -3.78 -64.22
N GLN K 96 9.52 -3.33 -63.29
CA GLN K 96 9.26 -3.38 -61.87
C GLN K 96 8.74 -2.04 -61.36
N PRO K 97 7.84 -2.03 -60.35
CA PRO K 97 7.30 -3.15 -59.59
C PRO K 97 6.39 -4.08 -60.39
N ILE K 98 6.66 -5.38 -60.35
CA ILE K 98 5.93 -6.37 -61.14
C ILE K 98 5.27 -7.37 -60.20
N LEU K 99 4.05 -7.78 -60.53
CA LEU K 99 3.30 -8.79 -59.80
C LEU K 99 3.09 -10.02 -60.66
N ILE K 100 3.57 -11.17 -60.20
CA ILE K 100 3.38 -12.46 -60.86
C ILE K 100 2.18 -13.15 -60.21
N HIS K 101 1.23 -13.61 -61.03
CA HIS K 101 0.07 -14.30 -60.48
C HIS K 101 -0.45 -15.34 -61.47
N SER K 102 -1.28 -16.22 -60.94
CA SER K 102 -1.95 -17.26 -61.72
C SER K 102 -3.37 -17.37 -61.15
N ASN K 103 -4.05 -18.48 -61.46
CA ASN K 103 -5.40 -18.69 -60.93
C ASN K 103 -5.39 -18.77 -59.40
N ARG K 104 -4.33 -19.35 -58.83
CA ARG K 104 -4.27 -19.60 -57.39
C ARG K 104 -3.01 -19.06 -56.73
N GLY K 105 -1.98 -18.68 -57.48
CA GLY K 105 -0.73 -18.27 -56.89
C GLY K 105 -0.02 -19.35 -56.12
N LYS K 106 -0.27 -20.62 -56.44
CA LYS K 106 0.27 -21.75 -55.70
C LYS K 106 1.25 -22.59 -56.51
N HIS K 107 0.85 -23.07 -57.69
CA HIS K 107 1.61 -24.08 -58.40
C HIS K 107 2.49 -23.49 -59.49
N ARG K 108 1.89 -22.78 -60.45
CA ARG K 108 2.65 -22.19 -61.53
C ARG K 108 3.38 -20.92 -61.08
N THR K 109 2.75 -20.13 -60.21
CA THR K 109 3.44 -18.95 -59.66
C THR K 109 4.61 -19.39 -58.78
N GLY K 110 4.39 -20.43 -57.98
CA GLY K 110 5.41 -20.90 -57.06
C GLY K 110 6.59 -21.55 -57.75
N CYS K 111 6.39 -22.12 -58.93
CA CYS K 111 7.52 -22.74 -59.64
C CYS K 111 8.45 -21.68 -60.21
N LEU K 112 7.90 -20.60 -60.73
CA LEU K 112 8.73 -19.48 -61.18
C LEU K 112 9.40 -18.80 -60.01
N ILE K 113 8.70 -18.68 -58.88
CA ILE K 113 9.33 -18.05 -57.73
C ILE K 113 10.42 -18.94 -57.15
N GLY K 114 10.24 -20.26 -57.20
CA GLY K 114 11.32 -21.15 -56.83
C GLY K 114 12.51 -21.04 -57.76
N CYS K 115 12.27 -20.73 -59.04
CA CYS K 115 13.39 -20.55 -59.93
C CYS K 115 14.09 -19.21 -59.65
N ILE K 116 13.34 -18.21 -59.20
CA ILE K 116 13.96 -16.97 -58.76
C ILE K 116 14.81 -17.21 -57.51
N ARG K 117 14.30 -18.02 -56.57
CA ARG K 117 15.05 -18.31 -55.36
C ARG K 117 16.29 -19.14 -55.65
N LYS K 118 16.24 -19.96 -56.71
CA LYS K 118 17.46 -20.64 -57.14
C LYS K 118 18.42 -19.64 -57.78
N LEU K 119 17.90 -18.56 -58.37
CA LEU K 119 18.80 -17.54 -58.89
C LEU K 119 19.50 -16.76 -57.77
N GLN K 120 18.87 -16.66 -56.59
CA GLN K 120 19.50 -16.08 -55.43
C GLN K 120 20.38 -17.06 -54.66
N ASN K 121 20.51 -18.29 -55.17
CA ASN K 121 21.35 -19.33 -54.59
C ASN K 121 20.94 -19.66 -53.16
N TRP K 122 19.64 -19.80 -52.93
CA TRP K 122 19.14 -20.28 -51.65
C TRP K 122 19.31 -21.78 -51.55
N SER K 123 19.27 -22.29 -50.32
CA SER K 123 19.20 -23.73 -50.15
C SER K 123 17.85 -24.24 -50.65
N LEU K 124 17.85 -25.42 -51.26
CA LEU K 124 16.60 -25.95 -51.79
C LEU K 124 15.61 -26.31 -50.71
N THR K 125 16.07 -26.56 -49.48
CA THR K 125 15.14 -26.83 -48.39
C THR K 125 14.23 -25.64 -48.16
N MET K 126 14.80 -24.43 -48.13
CA MET K 126 13.97 -23.24 -47.91
C MET K 126 13.14 -22.91 -49.14
N ILE K 127 13.63 -23.23 -50.33
CA ILE K 127 12.85 -23.03 -51.55
C ILE K 127 11.62 -23.92 -51.52
N PHE K 128 11.79 -25.17 -51.12
CA PHE K 128 10.67 -26.10 -51.08
C PHE K 128 9.72 -25.80 -49.94
N ASP K 129 10.25 -25.30 -48.81
CA ASP K 129 9.37 -24.93 -47.71
C ASP K 129 8.55 -23.69 -48.07
N GLU K 130 9.14 -22.75 -48.80
CA GLU K 130 8.37 -21.60 -49.26
C GLU K 130 7.33 -22.00 -50.30
N TYR K 131 7.67 -22.95 -51.18
CA TYR K 131 6.66 -23.41 -52.14
C TYR K 131 5.49 -24.08 -51.41
N ARG K 132 5.80 -24.93 -50.42
CA ARG K 132 4.75 -25.64 -49.69
C ARG K 132 3.95 -24.72 -48.77
N ARG K 133 4.53 -23.59 -48.35
CA ARG K 133 3.78 -22.64 -47.54
C ARG K 133 2.63 -22.01 -48.32
N PHE K 134 2.86 -21.71 -49.59
CA PHE K 134 1.82 -21.11 -50.42
C PHE K 134 0.94 -22.13 -51.12
N ALA K 135 1.47 -23.33 -51.40
CA ALA K 135 0.74 -24.32 -52.17
C ALA K 135 -0.10 -25.26 -51.30
N PHE K 136 -0.14 -25.02 -49.99
CA PHE K 136 -0.97 -25.83 -49.12
C PHE K 136 -2.45 -25.59 -49.41
N PRO K 137 -3.27 -26.65 -49.46
CA PRO K 137 -2.96 -28.06 -49.18
C PRO K 137 -2.45 -28.85 -50.39
N LYS K 138 -2.60 -28.34 -51.60
CA LYS K 138 -2.28 -29.08 -52.83
C LYS K 138 -0.81 -28.92 -53.20
N ALA K 139 0.07 -29.35 -52.29
CA ALA K 139 1.49 -29.31 -52.56
C ALA K 139 1.83 -30.46 -53.51
N ARG K 140 2.34 -30.13 -54.69
CA ARG K 140 2.62 -31.12 -55.72
C ARG K 140 4.13 -31.33 -55.79
N ALA K 141 4.54 -32.61 -55.79
CA ALA K 141 5.96 -32.92 -55.82
C ALA K 141 6.57 -32.67 -57.19
N LEU K 142 5.73 -32.61 -58.22
CA LEU K 142 6.24 -32.38 -59.56
C LEU K 142 6.74 -30.94 -59.72
N ASP K 143 6.12 -29.99 -59.01
CA ASP K 143 6.59 -28.60 -59.10
C ASP K 143 7.96 -28.43 -58.45
N GLN K 144 8.19 -29.07 -57.30
CA GLN K 144 9.50 -28.97 -56.68
C GLN K 144 10.53 -29.74 -57.49
N GLN K 145 10.12 -30.83 -58.14
CA GLN K 145 11.04 -31.52 -59.05
C GLN K 145 11.40 -30.63 -60.23
N PHE K 146 10.45 -29.84 -60.72
CA PHE K 146 10.73 -28.90 -61.80
C PHE K 146 11.68 -27.80 -61.33
N ILE K 147 11.53 -27.35 -60.08
CA ILE K 147 12.44 -26.34 -59.54
C ILE K 147 13.83 -26.91 -59.34
N GLU K 148 13.91 -28.15 -58.87
CA GLU K 148 15.20 -28.78 -58.60
C GLU K 148 15.95 -29.11 -59.88
N MET K 149 15.24 -29.41 -60.97
CA MET K 149 15.86 -29.83 -62.22
C MET K 149 16.10 -28.70 -63.23
N TYR K 150 15.75 -27.46 -62.90
CA TYR K 150 15.84 -26.35 -63.85
C TYR K 150 17.28 -25.90 -64.06
N ASP K 151 17.70 -25.82 -65.33
CA ASP K 151 19.03 -25.32 -65.68
C ASP K 151 19.00 -23.80 -65.75
N ASP K 152 19.71 -23.14 -64.84
CA ASP K 152 19.68 -21.69 -64.67
C ASP K 152 20.89 -20.98 -65.28
N ASP K 153 21.63 -21.62 -66.19
CA ASP K 153 22.85 -20.98 -66.70
C ASP K 153 22.54 -19.86 -67.71
N GLU K 154 21.53 -20.08 -68.54
CA GLU K 154 21.18 -19.12 -69.60
C GLU K 154 20.60 -17.85 -69.00
N ILE K 155 19.75 -17.99 -67.98
CA ILE K 155 19.16 -16.81 -67.37
C ILE K 155 20.20 -16.09 -66.53
N LYS K 156 21.22 -16.80 -66.07
CA LYS K 156 22.32 -16.10 -65.41
C LYS K 156 23.12 -15.28 -66.41
N ARG K 157 23.27 -15.75 -67.65
CA ARG K 157 23.90 -14.86 -68.63
C ARG K 157 23.03 -13.66 -68.92
N ILE K 158 21.72 -13.86 -69.00
CA ILE K 158 20.86 -12.73 -69.34
C ILE K 158 20.87 -11.71 -68.20
N ALA K 159 20.95 -12.16 -66.96
CA ALA K 159 20.98 -11.23 -65.83
C ALA K 159 22.34 -10.56 -65.68
N SER K 160 23.44 -11.24 -66.04
CA SER K 160 24.75 -10.60 -65.96
C SER K 160 25.02 -9.66 -67.13
N LYS K 161 24.43 -9.94 -68.29
CA LYS K 161 24.62 -9.05 -69.45
C LYS K 161 23.88 -7.74 -69.26
N ASN K 162 22.69 -7.79 -68.66
CA ASN K 162 21.87 -6.61 -68.43
C ASN K 162 22.00 -6.07 -67.01
N ASN K 163 22.95 -6.60 -66.22
CA ASN K 163 23.23 -6.13 -64.87
C ASN K 163 22.00 -6.23 -63.96
N TRP K 164 21.37 -7.40 -63.95
CA TRP K 164 20.24 -7.64 -63.07
C TRP K 164 20.63 -8.28 -61.74
N LEU K 165 21.65 -9.14 -61.73
CA LEU K 165 22.23 -9.85 -60.58
C LEU K 165 23.30 -8.99 -59.91
N PRO K 166 23.38 -9.01 -58.56
CA PRO K 166 22.54 -9.76 -57.63
C PRO K 166 21.19 -9.08 -57.40
N LEU K 167 20.17 -9.85 -57.02
CA LEU K 167 18.86 -9.29 -56.73
C LEU K 167 18.86 -8.66 -55.34
N GLN K 168 18.67 -7.35 -55.29
CA GLN K 168 18.74 -6.58 -54.05
C GLN K 168 17.34 -6.43 -53.46
N TRP K 169 17.28 -6.41 -52.13
CA TRP K 169 16.00 -6.33 -51.43
C TRP K 169 15.53 -4.89 -51.28
N ASN L 1 -30.48 -50.37 -30.56
CA ASN L 1 -29.04 -50.58 -30.71
C ASN L 1 -28.67 -51.01 -32.12
N LYS L 2 -29.35 -50.45 -33.12
CA LYS L 2 -29.07 -50.80 -34.51
C LYS L 2 -28.03 -49.85 -35.10
N GLU L 3 -27.45 -50.26 -36.24
CA GLU L 3 -26.39 -49.50 -36.88
C GLU L 3 -26.90 -48.20 -37.50
N VAL L 4 -26.34 -47.07 -37.07
CA VAL L 4 -26.71 -45.76 -37.58
C VAL L 4 -25.46 -45.07 -38.11
N ILE L 5 -25.58 -44.41 -39.26
CA ILE L 5 -24.46 -43.71 -39.89
C ILE L 5 -24.83 -42.27 -40.21
N PRO L 6 -24.25 -41.29 -39.54
CA PRO L 6 -24.50 -39.88 -39.90
C PRO L 6 -23.77 -39.53 -41.19
N PRO L 7 -24.21 -38.50 -41.91
CA PRO L 7 -23.52 -38.09 -43.13
C PRO L 7 -22.15 -37.51 -42.80
N GLU L 8 -21.30 -37.46 -43.82
CA GLU L 8 -19.97 -36.90 -43.64
C GLU L 8 -20.08 -35.40 -43.34
N ASN L 9 -19.20 -34.91 -42.48
CA ASN L 9 -19.18 -33.50 -42.07
C ASN L 9 -20.53 -33.08 -41.46
N PHE L 10 -21.21 -34.01 -40.80
CA PHE L 10 -22.45 -33.69 -40.10
C PHE L 10 -22.17 -33.03 -38.78
N SER L 11 -22.96 -32.02 -38.43
CA SER L 11 -22.88 -31.42 -37.12
C SER L 11 -24.19 -30.71 -36.80
N HIS L 12 -24.37 -30.38 -35.51
CA HIS L 12 -25.46 -29.54 -35.07
C HIS L 12 -25.01 -28.09 -35.13
N VAL L 13 -25.89 -27.21 -35.60
CA VAL L 13 -25.51 -25.80 -35.71
C VAL L 13 -26.08 -25.03 -34.53
N VAL L 14 -27.41 -24.94 -34.46
CA VAL L 14 -28.03 -24.25 -33.32
C VAL L 14 -29.50 -24.64 -33.24
N GLY L 15 -29.95 -24.98 -32.03
CA GLY L 15 -31.34 -25.35 -31.84
C GLY L 15 -31.68 -26.60 -32.62
N GLU L 16 -32.47 -26.48 -33.68
CA GLU L 16 -32.64 -27.65 -34.53
C GLU L 16 -32.15 -27.43 -35.92
N ILE L 17 -31.09 -26.66 -36.06
CA ILE L 17 -30.50 -26.41 -37.34
C ILE L 17 -29.23 -27.21 -37.34
N TYR L 18 -29.12 -28.10 -38.33
CA TYR L 18 -28.00 -29.01 -38.44
C TYR L 18 -27.38 -28.80 -39.81
N ARG L 19 -26.13 -29.20 -39.95
CA ARG L 19 -25.42 -29.11 -41.21
C ARG L 19 -24.82 -30.47 -41.55
N SER L 20 -24.67 -30.73 -42.84
CA SER L 20 -24.06 -32.00 -43.24
C SER L 20 -23.56 -31.88 -44.68
N SER L 21 -22.96 -32.95 -45.16
CA SER L 21 -22.67 -33.11 -46.57
C SER L 21 -23.89 -33.73 -47.24
N PHE L 22 -23.74 -34.13 -48.49
CA PHE L 22 -24.86 -34.74 -49.20
C PHE L 22 -25.14 -36.11 -48.62
N PRO L 23 -26.34 -36.37 -48.11
CA PRO L 23 -26.62 -37.67 -47.48
C PRO L 23 -26.72 -38.78 -48.51
N ARG L 24 -26.31 -39.96 -48.09
CA ARG L 24 -26.37 -41.17 -48.89
C ARG L 24 -27.42 -42.11 -48.30
N GLN L 25 -27.52 -43.30 -48.87
CA GLN L 25 -28.54 -44.23 -48.40
C GLN L 25 -28.26 -44.68 -46.98
N GLU L 26 -26.98 -44.86 -46.63
CA GLU L 26 -26.64 -45.29 -45.28
C GLU L 26 -26.95 -44.22 -44.25
N ASN L 27 -27.16 -42.99 -44.69
CA ASN L 27 -27.49 -41.90 -43.78
C ASN L 27 -28.99 -41.74 -43.61
N PHE L 28 -29.79 -42.45 -44.40
CA PHE L 28 -31.23 -42.22 -44.39
C PHE L 28 -31.83 -42.60 -43.04
N SER L 29 -31.32 -43.68 -42.43
CA SER L 29 -31.77 -44.05 -41.10
C SER L 29 -31.45 -42.99 -40.06
N PHE L 30 -30.30 -42.31 -40.20
CA PHE L 30 -29.93 -41.32 -39.17
C PHE L 30 -30.80 -40.08 -39.24
N LEU L 31 -31.14 -39.61 -40.44
CA LEU L 31 -31.85 -38.35 -40.58
C LEU L 31 -33.32 -38.46 -40.17
N HIS L 32 -33.90 -39.65 -40.28
CA HIS L 32 -35.33 -39.81 -40.05
C HIS L 32 -35.66 -40.39 -38.68
N GLU L 33 -34.95 -41.42 -38.24
CA GLU L 33 -35.33 -42.12 -37.03
C GLU L 33 -34.69 -41.56 -35.76
N ARG L 34 -33.62 -40.79 -35.87
CA ARG L 34 -32.99 -40.21 -34.70
C ARG L 34 -33.02 -38.70 -34.68
N LEU L 35 -32.78 -38.04 -35.81
CA LEU L 35 -32.89 -36.59 -35.87
C LEU L 35 -34.33 -36.13 -35.92
N LYS L 36 -35.20 -36.92 -36.55
CA LYS L 36 -36.61 -36.59 -36.73
C LYS L 36 -36.76 -35.22 -37.39
N LEU L 37 -36.16 -35.11 -38.57
CA LEU L 37 -36.13 -33.87 -39.31
C LEU L 37 -37.51 -33.57 -39.91
N LYS L 38 -37.77 -32.28 -40.14
CA LYS L 38 -38.95 -31.87 -40.88
C LYS L 38 -38.64 -31.23 -42.22
N SER L 39 -37.47 -30.61 -42.40
CA SER L 39 -37.13 -30.01 -43.68
C SER L 39 -35.65 -30.19 -44.00
N ILE L 40 -35.35 -30.06 -45.30
CA ILE L 40 -33.97 -30.13 -45.77
C ILE L 40 -33.74 -29.03 -46.79
N LEU L 41 -32.74 -28.19 -46.54
CA LEU L 41 -32.33 -27.13 -47.45
C LEU L 41 -31.04 -27.52 -48.15
N VAL L 42 -31.06 -27.59 -49.47
CA VAL L 42 -29.89 -27.88 -50.28
C VAL L 42 -29.45 -26.59 -50.97
N LEU L 43 -28.15 -26.31 -50.92
CA LEU L 43 -27.56 -25.12 -51.52
C LEU L 43 -26.94 -25.45 -52.88
N ILE L 44 -27.60 -26.31 -53.62
CA ILE L 44 -27.06 -26.86 -54.87
C ILE L 44 -27.88 -26.33 -56.03
N PRO L 45 -27.24 -25.93 -57.14
CA PRO L 45 -28.03 -25.53 -58.32
C PRO L 45 -28.46 -26.70 -59.18
N GLU L 46 -27.82 -27.86 -59.05
CA GLU L 46 -28.18 -29.05 -59.82
C GLU L 46 -29.45 -29.68 -59.26
N GLU L 47 -30.08 -30.53 -60.08
CA GLU L 47 -31.31 -31.20 -59.69
C GLU L 47 -31.02 -32.27 -58.65
N TYR L 48 -31.99 -32.46 -57.74
CA TYR L 48 -31.92 -33.37 -56.60
C TYR L 48 -32.12 -34.81 -57.07
N PRO L 49 -31.31 -35.75 -56.58
CA PRO L 49 -31.36 -37.13 -57.08
C PRO L 49 -32.68 -37.82 -56.74
N GLN L 50 -33.01 -38.82 -57.55
CA GLN L 50 -34.35 -39.41 -57.49
C GLN L 50 -34.52 -40.32 -56.28
N GLU L 51 -33.48 -41.03 -55.84
CA GLU L 51 -33.63 -41.85 -54.64
C GLU L 51 -33.72 -40.97 -53.40
N ASN L 52 -33.06 -39.82 -53.41
CA ASN L 52 -33.19 -38.88 -52.30
C ASN L 52 -34.59 -38.28 -52.28
N LEU L 53 -35.13 -37.95 -53.46
CA LEU L 53 -36.49 -37.43 -53.53
C LEU L 53 -37.49 -38.48 -53.12
N ASN L 54 -37.22 -39.75 -53.44
CA ASN L 54 -38.11 -40.83 -53.02
C ASN L 54 -38.04 -41.05 -51.52
N PHE L 55 -36.87 -40.86 -50.92
CA PHE L 55 -36.77 -40.93 -49.47
C PHE L 55 -37.53 -39.78 -48.81
N LEU L 56 -37.47 -38.59 -49.41
CA LEU L 56 -38.19 -37.45 -48.85
C LEU L 56 -39.69 -37.63 -48.99
N LYS L 57 -40.14 -38.26 -50.08
CA LYS L 57 -41.56 -38.55 -50.25
C LYS L 57 -42.01 -39.71 -49.38
N LEU L 58 -41.08 -40.62 -49.08
CA LEU L 58 -41.38 -41.73 -48.19
C LEU L 58 -41.50 -41.26 -46.74
N THR L 59 -40.71 -40.25 -46.36
CA THR L 59 -40.71 -39.73 -45.00
C THR L 59 -41.54 -38.46 -44.82
N GLY L 60 -41.85 -37.75 -45.90
CA GLY L 60 -42.59 -36.51 -45.81
C GLY L 60 -41.77 -35.26 -45.56
N ILE L 61 -40.44 -35.33 -45.70
CA ILE L 61 -39.57 -34.19 -45.44
C ILE L 61 -39.61 -33.24 -46.63
N LYS L 62 -39.96 -31.98 -46.38
CA LYS L 62 -40.04 -30.99 -47.45
C LYS L 62 -38.64 -30.53 -47.84
N LEU L 63 -38.43 -30.42 -49.15
CA LEU L 63 -37.16 -29.99 -49.71
C LEU L 63 -37.23 -28.52 -50.12
N TYR L 64 -36.28 -27.73 -49.63
CA TYR L 64 -36.07 -26.36 -50.07
C TYR L 64 -34.74 -26.29 -50.81
N GLN L 65 -34.70 -25.44 -51.84
CA GLN L 65 -33.50 -25.33 -52.67
C GLN L 65 -33.20 -23.87 -52.94
N VAL L 66 -32.03 -23.43 -52.52
CA VAL L 66 -31.48 -22.13 -52.87
C VAL L 66 -30.19 -22.42 -53.61
N GLY L 67 -30.24 -22.37 -54.93
CA GLY L 67 -29.10 -22.75 -55.76
C GLY L 67 -28.00 -21.72 -55.67
N MET L 68 -26.88 -22.11 -55.07
CA MET L 68 -25.73 -21.24 -54.92
C MET L 68 -24.57 -21.79 -55.74
N SER L 69 -23.78 -20.88 -56.31
CA SER L 69 -22.79 -21.27 -57.31
C SER L 69 -21.69 -22.12 -56.69
N GLY L 70 -21.42 -23.26 -57.32
CA GLY L 70 -20.27 -24.09 -57.03
C GLY L 70 -19.02 -23.48 -57.60
N ASN L 71 -18.94 -23.47 -58.93
CA ASN L 71 -17.94 -22.70 -59.65
C ASN L 71 -18.57 -21.63 -60.55
N LYS L 72 -19.35 -22.03 -61.56
CA LYS L 72 -20.23 -21.13 -62.31
C LYS L 72 -19.48 -20.04 -63.07
N GLU L 73 -18.19 -19.86 -62.79
CA GLU L 73 -17.43 -18.71 -63.27
C GLU L 73 -16.00 -18.85 -62.75
N PRO L 74 -15.06 -18.04 -63.20
CA PRO L 74 -13.73 -18.21 -62.58
C PRO L 74 -13.66 -17.68 -61.15
N PHE L 75 -14.07 -18.51 -60.17
CA PHE L 75 -13.51 -18.33 -58.83
C PHE L 75 -13.70 -17.03 -58.04
N VAL L 76 -14.89 -16.66 -57.53
CA VAL L 76 -16.29 -17.09 -57.71
C VAL L 76 -16.92 -15.92 -56.95
N ASN L 77 -18.21 -15.65 -57.05
CA ASN L 77 -18.85 -14.73 -56.11
C ASN L 77 -20.27 -15.21 -55.85
N ILE L 78 -20.71 -15.08 -54.60
CA ILE L 78 -22.04 -15.49 -54.17
C ILE L 78 -22.80 -14.24 -53.74
N PRO L 79 -23.98 -13.98 -54.29
CA PRO L 79 -24.75 -12.80 -53.90
C PRO L 79 -25.41 -13.00 -52.55
N SER L 80 -25.87 -11.89 -51.99
CA SER L 80 -26.44 -11.87 -50.65
C SER L 80 -27.92 -12.23 -50.61
N HIS L 81 -28.63 -12.09 -51.72
CA HIS L 81 -30.06 -12.40 -51.71
C HIS L 81 -30.31 -13.88 -51.55
N LEU L 82 -29.38 -14.73 -52.02
CA LEU L 82 -29.53 -16.15 -51.78
C LEU L 82 -29.37 -16.48 -50.30
N LEU L 83 -28.45 -15.79 -49.63
CA LEU L 83 -28.30 -15.98 -48.19
C LEU L 83 -29.53 -15.49 -47.44
N THR L 84 -30.11 -14.37 -47.90
CA THR L 84 -31.30 -13.85 -47.22
C THR L 84 -32.48 -14.81 -47.35
N LYS L 85 -32.66 -15.39 -48.56
CA LYS L 85 -33.76 -16.33 -48.75
C LYS L 85 -33.53 -17.62 -47.96
N ALA L 86 -32.30 -18.13 -47.95
CA ALA L 86 -32.03 -19.35 -47.21
C ALA L 86 -32.18 -19.15 -45.71
N LEU L 87 -31.85 -17.95 -45.22
CA LEU L 87 -32.06 -17.67 -43.80
C LEU L 87 -33.54 -17.61 -43.48
N GLU L 88 -34.34 -17.04 -44.39
CA GLU L 88 -35.79 -17.04 -44.18
C GLU L 88 -36.33 -18.44 -44.14
N ILE L 89 -35.70 -19.36 -44.89
CA ILE L 89 -36.18 -20.73 -44.89
C ILE L 89 -35.79 -21.43 -43.59
N VAL L 90 -34.55 -21.26 -43.13
CA VAL L 90 -34.07 -22.10 -42.04
C VAL L 90 -34.49 -21.60 -40.67
N LEU L 91 -34.60 -20.29 -40.45
CA LEU L 91 -34.86 -19.84 -39.09
C LEU L 91 -36.33 -19.82 -38.69
N ASN L 92 -37.23 -20.12 -39.61
CA ASN L 92 -38.64 -20.21 -39.24
C ASN L 92 -38.86 -21.50 -38.46
N PRO L 93 -39.33 -21.44 -37.21
CA PRO L 93 -39.49 -22.68 -36.43
C PRO L 93 -40.58 -23.59 -36.97
N ALA L 94 -41.44 -23.10 -37.86
CA ALA L 94 -42.42 -23.96 -38.51
C ALA L 94 -41.79 -24.87 -39.55
N ASN L 95 -40.55 -24.63 -39.95
CA ASN L 95 -39.85 -25.48 -40.92
C ASN L 95 -38.77 -26.36 -40.30
N GLN L 96 -38.57 -26.29 -39.05
CA GLN L 96 -37.54 -27.01 -38.33
C GLN L 96 -38.14 -28.23 -37.64
N PRO L 97 -37.36 -29.30 -37.41
CA PRO L 97 -35.91 -29.53 -37.59
C PRO L 97 -35.45 -29.53 -39.04
N ILE L 98 -34.42 -28.73 -39.33
CA ILE L 98 -33.94 -28.54 -40.69
C ILE L 98 -32.48 -28.97 -40.81
N LEU L 99 -32.18 -29.61 -41.94
CA LEU L 99 -30.82 -30.02 -42.28
C LEU L 99 -30.35 -29.21 -43.48
N ILE L 100 -29.27 -28.46 -43.31
CA ILE L 100 -28.64 -27.70 -44.39
C ILE L 100 -27.48 -28.52 -44.94
N HIS L 101 -27.50 -28.77 -46.25
CA HIS L 101 -26.37 -29.49 -46.82
C HIS L 101 -26.14 -29.11 -48.26
N SER L 102 -24.94 -29.47 -48.74
CA SER L 102 -24.52 -29.27 -50.12
C SER L 102 -23.74 -30.53 -50.50
N ASN L 103 -22.95 -30.45 -51.58
CA ASN L 103 -22.18 -31.61 -52.00
C ASN L 103 -21.20 -32.05 -50.93
N ARG L 104 -20.22 -31.21 -50.63
CA ARG L 104 -19.23 -31.53 -49.61
C ARG L 104 -19.59 -31.01 -48.23
N GLY L 105 -20.54 -30.08 -48.14
CA GLY L 105 -20.88 -29.52 -46.85
C GLY L 105 -19.82 -28.60 -46.28
N LYS L 106 -19.02 -27.97 -47.14
CA LYS L 106 -17.90 -27.16 -46.70
C LYS L 106 -18.06 -25.69 -47.02
N HIS L 107 -18.40 -25.34 -48.26
CA HIS L 107 -18.31 -23.97 -48.73
C HIS L 107 -19.65 -23.24 -48.70
N ARG L 108 -20.68 -23.78 -49.34
CA ARG L 108 -21.98 -23.11 -49.31
C ARG L 108 -22.63 -23.24 -47.94
N THR L 109 -22.50 -24.42 -47.32
CA THR L 109 -23.05 -24.65 -46.01
C THR L 109 -22.37 -23.78 -44.97
N GLY L 110 -21.05 -23.67 -45.05
CA GLY L 110 -20.32 -22.86 -44.09
C GLY L 110 -20.57 -21.38 -44.25
N CYS L 111 -20.87 -20.94 -45.47
CA CYS L 111 -21.15 -19.53 -45.67
C CYS L 111 -22.52 -19.14 -45.13
N LEU L 112 -23.53 -19.99 -45.36
CA LEU L 112 -24.83 -19.69 -44.78
C LEU L 112 -24.78 -19.78 -43.26
N ILE L 113 -24.05 -20.76 -42.73
CA ILE L 113 -23.98 -20.90 -41.29
C ILE L 113 -23.15 -19.77 -40.67
N GLY L 114 -22.17 -19.24 -41.39
CA GLY L 114 -21.48 -18.06 -40.92
C GLY L 114 -22.41 -16.87 -40.82
N CYS L 115 -23.39 -16.79 -41.72
CA CYS L 115 -24.35 -15.70 -41.57
C CYS L 115 -25.30 -15.96 -40.41
N ILE L 116 -25.59 -17.23 -40.13
CA ILE L 116 -26.37 -17.57 -38.94
C ILE L 116 -25.61 -17.18 -37.68
N ARG L 117 -24.30 -17.44 -37.66
CA ARG L 117 -23.51 -17.09 -36.49
C ARG L 117 -23.38 -15.59 -36.33
N LYS L 118 -23.39 -14.85 -37.45
CA LYS L 118 -23.44 -13.39 -37.33
C LYS L 118 -24.79 -12.91 -36.80
N LEU L 119 -25.86 -13.65 -37.09
CA LEU L 119 -27.13 -13.30 -36.47
C LEU L 119 -27.12 -13.61 -34.97
N GLN L 120 -26.29 -14.54 -34.54
CA GLN L 120 -26.07 -14.81 -33.12
C GLN L 120 -25.10 -13.82 -32.48
N ASN L 121 -24.64 -12.83 -33.25
CA ASN L 121 -23.69 -11.81 -32.78
C ASN L 121 -22.40 -12.46 -32.28
N TRP L 122 -21.92 -13.44 -33.02
CA TRP L 122 -20.65 -14.04 -32.69
C TRP L 122 -19.51 -13.14 -33.17
N SER L 123 -18.36 -13.32 -32.52
CA SER L 123 -17.14 -12.67 -33.00
C SER L 123 -16.69 -13.32 -34.29
N LEU L 124 -16.09 -12.52 -35.17
CA LEU L 124 -15.63 -13.05 -36.45
C LEU L 124 -14.50 -14.04 -36.28
N THR L 125 -13.76 -13.95 -35.17
CA THR L 125 -12.69 -14.92 -34.92
C THR L 125 -13.26 -16.34 -34.80
N MET L 126 -14.32 -16.50 -34.00
CA MET L 126 -14.89 -17.83 -33.82
C MET L 126 -15.73 -18.26 -35.01
N ILE L 127 -16.33 -17.32 -35.73
CA ILE L 127 -17.06 -17.68 -36.95
C ILE L 127 -16.09 -18.25 -37.97
N PHE L 128 -14.96 -17.58 -38.15
CA PHE L 128 -13.99 -18.06 -39.12
C PHE L 128 -13.31 -19.34 -38.63
N ASP L 129 -13.16 -19.50 -37.32
CA ASP L 129 -12.54 -20.72 -36.81
C ASP L 129 -13.46 -21.93 -37.00
N GLU L 130 -14.77 -21.76 -36.81
CA GLU L 130 -15.70 -22.86 -37.08
C GLU L 130 -15.76 -23.16 -38.57
N TYR L 131 -15.70 -22.11 -39.40
CA TYR L 131 -15.67 -22.34 -40.84
C TYR L 131 -14.43 -23.13 -41.23
N ARG L 132 -13.27 -22.78 -40.66
CA ARG L 132 -12.05 -23.50 -41.01
C ARG L 132 -12.04 -24.91 -40.45
N ARG L 133 -12.74 -25.13 -39.32
CA ARG L 133 -12.83 -26.48 -38.78
C ARG L 133 -13.65 -27.37 -39.70
N PHE L 134 -14.70 -26.84 -40.30
CA PHE L 134 -15.51 -27.69 -41.18
C PHE L 134 -15.04 -27.72 -42.62
N ALA L 135 -14.38 -26.68 -43.10
CA ALA L 135 -14.02 -26.57 -44.52
C ALA L 135 -12.64 -27.11 -44.83
N PHE L 136 -11.95 -27.69 -43.85
CA PHE L 136 -10.67 -28.29 -44.17
C PHE L 136 -10.90 -29.53 -45.04
N PRO L 137 -10.09 -29.72 -46.10
CA PRO L 137 -8.91 -28.95 -46.48
C PRO L 137 -9.17 -27.74 -47.39
N LYS L 138 -10.30 -27.72 -48.08
CA LYS L 138 -10.54 -26.68 -49.08
C LYS L 138 -11.24 -25.46 -48.49
N ALA L 139 -10.66 -24.87 -47.45
CA ALA L 139 -11.21 -23.64 -46.88
C ALA L 139 -10.72 -22.46 -47.69
N ARG L 140 -11.63 -21.75 -48.37
CA ARG L 140 -11.26 -20.64 -49.22
C ARG L 140 -11.63 -19.32 -48.55
N ALA L 141 -10.74 -18.35 -48.65
CA ALA L 141 -10.91 -17.07 -47.98
C ALA L 141 -12.05 -16.24 -48.57
N LEU L 142 -12.54 -16.60 -49.76
CA LEU L 142 -13.64 -15.85 -50.34
C LEU L 142 -14.91 -16.05 -49.53
N ASP L 143 -15.09 -17.22 -48.90
CA ASP L 143 -16.28 -17.43 -48.07
C ASP L 143 -16.24 -16.57 -46.81
N GLN L 144 -15.08 -16.45 -46.17
CA GLN L 144 -14.99 -15.59 -45.00
C GLN L 144 -15.13 -14.12 -45.38
N GLN L 145 -14.64 -13.74 -46.56
CA GLN L 145 -14.86 -12.38 -47.04
C GLN L 145 -16.34 -12.13 -47.31
N PHE L 146 -17.04 -13.14 -47.82
CA PHE L 146 -18.48 -13.01 -48.06
C PHE L 146 -19.24 -12.93 -46.74
N ILE L 147 -18.79 -13.63 -45.72
CA ILE L 147 -19.46 -13.57 -44.43
C ILE L 147 -19.26 -12.22 -43.78
N GLU L 148 -18.03 -11.70 -43.81
CA GLU L 148 -17.77 -10.42 -43.16
C GLU L 148 -18.43 -9.27 -43.93
N MET L 149 -18.60 -9.41 -45.24
CA MET L 149 -19.20 -8.35 -46.03
C MET L 149 -20.72 -8.48 -46.17
N TYR L 150 -21.33 -9.51 -45.58
CA TYR L 150 -22.77 -9.69 -45.71
C TYR L 150 -23.49 -8.75 -44.74
N ASP L 151 -24.38 -7.90 -45.27
CA ASP L 151 -25.18 -6.99 -44.45
C ASP L 151 -26.45 -7.71 -44.02
N ASP L 152 -26.57 -7.97 -42.71
CA ASP L 152 -27.66 -8.77 -42.16
C ASP L 152 -28.79 -7.95 -41.53
N ASP L 153 -28.93 -6.67 -41.89
CA ASP L 153 -29.94 -5.85 -41.22
C ASP L 153 -31.35 -6.23 -41.64
N GLU L 154 -31.57 -6.61 -42.90
CA GLU L 154 -32.90 -6.95 -43.35
C GLU L 154 -33.37 -8.26 -42.73
N ILE L 155 -32.48 -9.25 -42.63
CA ILE L 155 -32.90 -10.52 -42.06
C ILE L 155 -33.03 -10.41 -40.55
N LYS L 156 -32.28 -9.51 -39.91
CA LYS L 156 -32.51 -9.25 -38.50
C LYS L 156 -33.85 -8.55 -38.30
N ARG L 157 -34.23 -7.70 -39.26
CA ARG L 157 -35.54 -7.08 -39.21
C ARG L 157 -36.65 -8.11 -39.38
N ILE L 158 -36.41 -9.11 -40.24
CA ILE L 158 -37.42 -10.15 -40.46
C ILE L 158 -37.55 -11.03 -39.23
N ALA L 159 -36.43 -11.33 -38.56
CA ALA L 159 -36.50 -12.16 -37.37
C ALA L 159 -37.06 -11.38 -36.19
N SER L 160 -36.84 -10.07 -36.15
CA SER L 160 -37.41 -9.23 -35.10
C SER L 160 -38.89 -8.94 -35.32
N LYS L 161 -39.36 -8.96 -36.56
CA LYS L 161 -40.78 -8.74 -36.81
C LYS L 161 -41.61 -9.91 -36.31
N ASN L 162 -41.12 -11.12 -36.49
CA ASN L 162 -41.82 -12.32 -36.03
C ASN L 162 -41.26 -12.85 -34.71
N ASN L 163 -40.36 -12.10 -34.08
CA ASN L 163 -39.79 -12.45 -32.77
C ASN L 163 -39.13 -13.82 -32.79
N TRP L 164 -38.22 -14.01 -33.75
CA TRP L 164 -37.44 -15.26 -33.85
C TRP L 164 -36.16 -15.22 -33.05
N LEU L 165 -35.55 -14.03 -32.89
CA LEU L 165 -34.35 -13.86 -32.09
C LEU L 165 -34.71 -13.68 -30.61
N PRO L 166 -33.85 -14.18 -29.71
CA PRO L 166 -32.57 -14.87 -29.93
C PRO L 166 -32.70 -16.33 -30.35
N LEU L 167 -31.67 -16.84 -31.01
CA LEU L 167 -31.63 -18.26 -31.37
C LEU L 167 -31.26 -19.04 -30.11
N GLN L 168 -32.16 -19.92 -29.68
CA GLN L 168 -31.98 -20.63 -28.43
C GLN L 168 -31.29 -21.97 -28.65
N TRP L 169 -30.43 -22.33 -27.71
CA TRP L 169 -29.66 -23.56 -27.79
C TRP L 169 -30.39 -24.74 -27.14
N ASN M 1 -46.19 37.01 5.30
CA ASN M 1 -45.99 35.95 6.27
C ASN M 1 -45.92 34.60 5.54
N LYS M 2 -45.35 34.67 4.34
CA LYS M 2 -45.16 33.56 3.42
C LYS M 2 -43.86 32.82 3.69
N GLU M 3 -43.79 31.57 3.24
CA GLU M 3 -42.51 30.91 3.07
C GLU M 3 -41.91 31.39 1.76
N VAL M 4 -40.74 32.01 1.82
CA VAL M 4 -40.08 32.56 0.63
C VAL M 4 -38.71 31.92 0.49
N ILE M 5 -38.32 31.67 -0.75
CA ILE M 5 -37.07 30.97 -1.04
C ILE M 5 -36.15 31.86 -1.86
N PRO M 6 -35.05 32.33 -1.28
CA PRO M 6 -34.06 33.09 -2.04
C PRO M 6 -33.28 32.18 -2.98
N PRO M 7 -32.67 32.72 -4.03
CA PRO M 7 -31.87 31.87 -4.92
C PRO M 7 -30.65 31.34 -4.19
N GLU M 8 -30.06 30.30 -4.76
CA GLU M 8 -28.87 29.71 -4.16
C GLU M 8 -27.70 30.67 -4.26
N ASN M 9 -26.86 30.68 -3.21
CA ASN M 9 -25.69 31.54 -3.13
C ASN M 9 -26.04 33.02 -3.28
N PHE M 10 -27.23 33.40 -2.81
CA PHE M 10 -27.66 34.79 -2.81
C PHE M 10 -27.10 35.56 -1.61
N SER M 11 -26.67 36.79 -1.87
CA SER M 11 -26.28 37.70 -0.80
C SER M 11 -26.35 39.13 -1.32
N HIS M 12 -26.25 40.07 -0.39
CA HIS M 12 -26.20 41.50 -0.72
C HIS M 12 -24.78 41.92 -1.03
N VAL M 13 -24.62 42.76 -2.04
CA VAL M 13 -23.29 43.22 -2.43
C VAL M 13 -23.07 44.62 -1.89
N VAL M 14 -23.83 45.60 -2.40
CA VAL M 14 -23.69 46.95 -1.86
C VAL M 14 -24.86 47.84 -2.25
N GLY M 15 -25.40 48.58 -1.29
CA GLY M 15 -26.49 49.48 -1.57
C GLY M 15 -27.73 48.74 -2.05
N GLU M 16 -28.04 48.87 -3.34
CA GLU M 16 -29.15 48.13 -3.94
C GLU M 16 -28.66 47.20 -5.05
N ILE M 17 -27.43 46.70 -4.92
CA ILE M 17 -26.88 45.72 -5.85
C ILE M 17 -26.73 44.41 -5.11
N TYR M 18 -27.31 43.35 -5.69
CA TYR M 18 -27.33 42.02 -5.08
C TYR M 18 -26.74 41.01 -6.06
N ARG M 19 -26.36 39.85 -5.53
CA ARG M 19 -25.79 38.77 -6.33
C ARG M 19 -26.56 37.48 -6.07
N SER M 20 -26.58 36.61 -7.07
CA SER M 20 -27.24 35.31 -6.89
C SER M 20 -26.75 34.34 -7.94
N SER M 21 -27.24 33.11 -7.84
CA SER M 21 -27.15 32.11 -8.90
C SER M 21 -28.35 32.29 -9.82
N PHE M 22 -28.59 31.33 -10.69
CA PHE M 22 -29.69 31.40 -11.64
C PHE M 22 -31.03 31.31 -10.93
N PRO M 23 -31.92 32.29 -11.06
CA PRO M 23 -33.19 32.24 -10.34
C PRO M 23 -34.11 31.18 -10.94
N ARG M 24 -34.88 30.54 -10.08
CA ARG M 24 -35.85 29.53 -10.45
C ARG M 24 -37.26 30.02 -10.16
N GLN M 25 -38.24 29.15 -10.36
CA GLN M 25 -39.64 29.56 -10.19
C GLN M 25 -39.95 29.89 -8.74
N GLU M 26 -39.36 29.16 -7.79
CA GLU M 26 -39.62 29.41 -6.39
C GLU M 26 -38.96 30.69 -5.87
N ASN M 27 -37.99 31.25 -6.59
CA ASN M 27 -37.30 32.46 -6.14
C ASN M 27 -37.92 33.74 -6.68
N PHE M 28 -38.91 33.65 -7.57
CA PHE M 28 -39.43 34.85 -8.21
C PHE M 28 -40.17 35.72 -7.20
N SER M 29 -40.89 35.09 -6.27
CA SER M 29 -41.56 35.84 -5.21
C SER M 29 -40.55 36.60 -4.35
N PHE M 30 -39.38 36.00 -4.12
CA PHE M 30 -38.35 36.70 -3.36
C PHE M 30 -37.79 37.87 -4.15
N LEU M 31 -37.61 37.68 -5.47
CA LEU M 31 -36.98 38.70 -6.29
C LEU M 31 -37.89 39.88 -6.58
N HIS M 32 -39.21 39.69 -6.56
CA HIS M 32 -40.01 40.78 -7.11
C HIS M 32 -40.42 41.84 -6.08
N GLU M 33 -40.91 41.43 -4.92
CA GLU M 33 -41.39 42.43 -3.97
C GLU M 33 -40.57 42.50 -2.68
N ARG M 34 -39.71 41.53 -2.40
CA ARG M 34 -38.87 41.67 -1.21
C ARG M 34 -37.59 42.43 -1.55
N LEU M 35 -36.97 42.09 -2.68
CA LEU M 35 -35.86 42.87 -3.21
C LEU M 35 -36.37 44.06 -3.99
N LYS M 36 -37.53 43.91 -4.65
CA LYS M 36 -38.12 44.92 -5.50
C LYS M 36 -37.13 45.36 -6.57
N LEU M 37 -36.71 44.38 -7.35
CA LEU M 37 -35.68 44.60 -8.34
C LEU M 37 -36.21 45.47 -9.48
N LYS M 38 -35.32 46.24 -10.07
CA LYS M 38 -35.64 47.01 -11.27
C LYS M 38 -34.98 46.45 -12.51
N SER M 39 -33.81 45.82 -12.38
CA SER M 39 -33.17 45.17 -13.51
C SER M 39 -32.41 43.94 -13.04
N ILE M 40 -32.11 43.08 -13.99
CA ILE M 40 -31.34 41.87 -13.73
C ILE M 40 -30.32 41.71 -14.83
N LEU M 41 -29.05 41.56 -14.43
CA LEU M 41 -27.95 41.32 -15.35
C LEU M 41 -27.57 39.85 -15.26
N VAL M 42 -27.63 39.16 -16.39
CA VAL M 42 -27.21 37.77 -16.47
C VAL M 42 -25.87 37.73 -17.21
N LEU M 43 -24.99 36.84 -16.75
CA LEU M 43 -23.60 36.80 -17.21
C LEU M 43 -23.30 35.54 -18.00
N ILE M 44 -24.27 35.05 -18.76
CA ILE M 44 -24.09 33.83 -19.55
C ILE M 44 -24.29 34.15 -21.03
N PRO M 45 -23.54 33.51 -21.91
CA PRO M 45 -23.77 33.71 -23.35
C PRO M 45 -25.00 32.98 -23.86
N GLU M 46 -25.55 32.06 -23.08
CA GLU M 46 -26.74 31.36 -23.50
C GLU M 46 -27.94 32.29 -23.50
N GLU M 47 -28.96 31.90 -24.24
CA GLU M 47 -30.17 32.70 -24.28
C GLU M 47 -30.91 32.56 -22.96
N TYR M 48 -31.58 33.62 -22.55
CA TYR M 48 -32.27 33.56 -21.28
C TYR M 48 -33.52 32.70 -21.47
N PRO M 49 -33.75 31.71 -20.61
CA PRO M 49 -34.89 30.81 -20.84
C PRO M 49 -36.21 31.52 -20.63
N GLN M 50 -37.25 31.03 -21.31
CA GLN M 50 -38.52 31.71 -21.25
C GLN M 50 -39.23 31.49 -19.91
N GLU M 51 -38.79 30.50 -19.14
CA GLU M 51 -39.39 30.32 -17.82
C GLU M 51 -39.06 31.51 -16.92
N ASN M 52 -37.87 32.08 -17.08
CA ASN M 52 -37.44 33.32 -16.44
C ASN M 52 -37.89 34.56 -17.23
N LEU M 53 -37.88 34.47 -18.57
CA LEU M 53 -38.29 35.60 -19.40
C LEU M 53 -39.76 35.91 -19.23
N ASN M 54 -40.60 34.90 -18.96
CA ASN M 54 -42.01 35.15 -18.72
C ASN M 54 -42.20 35.91 -17.42
N PHE M 55 -41.38 35.60 -16.42
CA PHE M 55 -41.39 36.35 -15.17
C PHE M 55 -40.96 37.79 -15.42
N LEU M 56 -39.99 37.98 -16.32
CA LEU M 56 -39.56 39.33 -16.66
C LEU M 56 -40.64 40.10 -17.39
N LYS M 57 -41.42 39.43 -18.23
CA LYS M 57 -42.51 40.08 -18.95
C LYS M 57 -43.68 40.38 -18.03
N LEU M 58 -43.91 39.55 -17.02
CA LEU M 58 -44.98 39.82 -16.07
C LEU M 58 -44.62 40.93 -15.08
N THR M 59 -43.35 41.03 -14.71
CA THR M 59 -42.95 41.98 -13.67
C THR M 59 -42.40 43.31 -14.17
N GLY M 60 -41.95 43.38 -15.42
CA GLY M 60 -41.35 44.60 -15.92
C GLY M 60 -39.88 44.76 -15.61
N ILE M 61 -39.21 43.71 -15.15
CA ILE M 61 -37.79 43.77 -14.83
C ILE M 61 -36.99 43.70 -16.13
N LYS M 62 -36.16 44.71 -16.37
CA LYS M 62 -35.38 44.77 -17.60
C LYS M 62 -34.19 43.82 -17.52
N LEU M 63 -33.93 43.12 -18.62
CA LEU M 63 -32.84 42.16 -18.70
C LEU M 63 -31.64 42.79 -19.37
N TYR M 64 -30.49 42.72 -18.70
CA TYR M 64 -29.20 43.08 -19.26
C TYR M 64 -28.36 41.83 -19.37
N GLN M 65 -27.56 41.75 -20.42
CA GLN M 65 -26.79 40.54 -20.69
C GLN M 65 -25.38 40.88 -21.12
N VAL M 66 -24.40 40.41 -20.35
CA VAL M 66 -23.00 40.46 -20.75
C VAL M 66 -22.52 39.00 -20.75
N GLY M 67 -22.48 38.39 -21.92
CA GLY M 67 -22.16 36.98 -22.04
C GLY M 67 -20.70 36.63 -21.86
N MET M 68 -20.36 35.94 -20.77
CA MET M 68 -18.99 35.49 -20.53
C MET M 68 -18.93 33.96 -20.48
N SER M 69 -17.92 33.38 -21.11
CA SER M 69 -17.81 31.93 -21.21
C SER M 69 -17.37 31.35 -19.87
N GLY M 70 -17.97 30.22 -19.49
CA GLY M 70 -17.52 29.55 -18.28
C GLY M 70 -16.17 28.88 -18.45
N ASN M 71 -16.11 27.76 -19.15
CA ASN M 71 -14.83 27.25 -19.66
C ASN M 71 -14.85 27.11 -21.17
N LYS M 72 -15.68 26.21 -21.71
CA LYS M 72 -15.90 25.97 -23.14
C LYS M 72 -14.64 25.46 -23.83
N GLU M 73 -13.50 25.50 -23.13
CA GLU M 73 -12.16 25.27 -23.65
C GLU M 73 -11.19 25.24 -22.46
N PRO M 74 -9.91 24.87 -22.65
CA PRO M 74 -9.04 24.71 -21.47
C PRO M 74 -8.55 25.99 -20.81
N PHE M 75 -9.37 26.51 -19.90
CA PHE M 75 -8.87 27.27 -18.76
C PHE M 75 -8.09 28.56 -18.96
N VAL M 76 -8.72 29.71 -19.25
CA VAL M 76 -10.10 30.11 -19.67
C VAL M 76 -9.79 31.57 -19.92
N ASN M 77 -10.66 32.34 -20.55
CA ASN M 77 -10.42 33.78 -20.48
C ASN M 77 -11.72 34.57 -20.37
N ILE M 78 -11.65 35.63 -19.56
CA ILE M 78 -12.75 36.58 -19.42
C ILE M 78 -12.14 37.92 -19.65
N PRO M 79 -12.63 38.69 -20.65
CA PRO M 79 -12.03 39.99 -20.95
C PRO M 79 -12.43 41.07 -19.95
N SER M 80 -11.69 42.17 -20.00
CA SER M 80 -11.93 43.28 -19.10
C SER M 80 -12.99 44.23 -19.61
N HIS M 81 -13.21 44.29 -20.92
CA HIS M 81 -14.23 45.18 -21.44
C HIS M 81 -15.62 44.66 -21.12
N LEU M 82 -15.78 43.34 -21.00
CA LEU M 82 -17.06 42.81 -20.55
C LEU M 82 -17.32 43.19 -19.10
N LEU M 83 -16.27 43.19 -18.28
CA LEU M 83 -16.42 43.64 -16.90
C LEU M 83 -16.74 45.13 -16.85
N THR M 84 -16.11 45.92 -17.72
CA THR M 84 -16.39 47.36 -17.72
C THR M 84 -17.82 47.65 -18.16
N LYS M 85 -18.32 46.91 -19.14
CA LYS M 85 -19.69 47.10 -19.59
C LYS M 85 -20.67 46.69 -18.49
N ALA M 86 -20.40 45.58 -17.81
CA ALA M 86 -21.29 45.18 -16.72
C ALA M 86 -21.21 46.14 -15.55
N LEU M 87 -20.05 46.74 -15.31
CA LEU M 87 -19.94 47.72 -14.23
C LEU M 87 -20.70 48.99 -14.58
N GLU M 88 -20.65 49.40 -15.84
CA GLU M 88 -21.43 50.57 -16.26
C GLU M 88 -22.92 50.30 -16.14
N ILE M 89 -23.34 49.04 -16.32
CA ILE M 89 -24.75 48.73 -16.18
C ILE M 89 -25.15 48.69 -14.71
N VAL M 90 -24.35 48.06 -13.86
CA VAL M 90 -24.79 47.83 -12.49
C VAL M 90 -24.62 49.07 -11.63
N LEU M 91 -23.67 49.95 -11.95
CA LEU M 91 -23.46 51.12 -11.11
C LEU M 91 -24.42 52.25 -11.44
N ASN M 92 -25.21 52.12 -12.49
CA ASN M 92 -26.22 53.13 -12.82
C ASN M 92 -27.42 53.01 -11.88
N PRO M 93 -27.75 54.04 -11.10
CA PRO M 93 -28.92 53.95 -10.21
C PRO M 93 -30.25 53.95 -10.93
N ALA M 94 -30.28 54.29 -12.22
CA ALA M 94 -31.53 54.21 -12.97
C ALA M 94 -31.93 52.77 -13.26
N ASN M 95 -31.02 51.81 -13.05
CA ASN M 95 -31.31 50.40 -13.23
C ASN M 95 -31.37 49.62 -11.91
N GLN M 96 -31.23 50.30 -10.75
CA GLN M 96 -31.19 49.67 -9.44
C GLN M 96 -32.55 49.76 -8.75
N PRO M 97 -32.93 48.77 -7.92
CA PRO M 97 -32.20 47.57 -7.46
C PRO M 97 -31.94 46.55 -8.56
N ILE M 98 -30.68 46.14 -8.69
CA ILE M 98 -30.24 45.25 -9.76
C ILE M 98 -29.69 43.97 -9.14
N LEU M 99 -30.00 42.85 -9.81
CA LEU M 99 -29.50 41.54 -9.40
C LEU M 99 -28.54 41.01 -10.46
N ILE M 100 -27.30 40.74 -10.05
CA ILE M 100 -26.30 40.13 -10.92
C ILE M 100 -26.32 38.64 -10.69
N HIS M 101 -26.43 37.86 -11.76
CA HIS M 101 -26.43 36.42 -11.58
C HIS M 101 -25.79 35.73 -12.76
N SER M 102 -25.43 34.47 -12.51
CA SER M 102 -24.86 33.57 -13.50
C SER M 102 -25.48 32.21 -13.23
N ASN M 103 -24.87 31.15 -13.77
CA ASN M 103 -25.42 29.81 -13.55
C ASN M 103 -25.40 29.42 -12.08
N ARG M 104 -24.23 29.42 -11.45
CA ARG M 104 -24.14 29.10 -10.02
C ARG M 104 -23.65 30.24 -9.14
N GLY M 105 -23.33 31.41 -9.70
CA GLY M 105 -22.97 32.53 -8.85
C GLY M 105 -21.62 32.41 -8.17
N LYS M 106 -20.65 31.73 -8.79
CA LYS M 106 -19.35 31.48 -8.16
C LYS M 106 -18.20 32.20 -8.86
N HIS M 107 -18.07 32.05 -10.17
CA HIS M 107 -16.87 32.49 -10.88
C HIS M 107 -17.06 33.83 -11.59
N ARG M 108 -18.04 33.94 -12.48
CA ARG M 108 -18.22 35.16 -13.26
C ARG M 108 -18.83 36.29 -12.44
N THR M 109 -19.76 35.98 -11.53
CA THR M 109 -20.35 37.02 -10.69
C THR M 109 -19.31 37.60 -9.74
N GLY M 110 -18.45 36.74 -9.19
CA GLY M 110 -17.48 37.17 -8.22
C GLY M 110 -16.40 38.08 -8.78
N CYS M 111 -16.07 37.95 -10.07
CA CYS M 111 -15.04 38.82 -10.63
C CYS M 111 -15.56 40.23 -10.84
N LEU M 112 -16.81 40.36 -11.28
CA LEU M 112 -17.43 41.67 -11.40
C LEU M 112 -17.59 42.31 -10.04
N ILE M 113 -17.98 41.51 -9.04
CA ILE M 113 -18.14 42.07 -7.71
C ILE M 113 -16.79 42.43 -7.10
N GLY M 114 -15.73 41.71 -7.45
CA GLY M 114 -14.40 42.10 -7.02
C GLY M 114 -13.94 43.42 -7.62
N CYS M 115 -14.38 43.70 -8.86
CA CYS M 115 -14.05 45.01 -9.40
C CYS M 115 -14.87 46.10 -8.72
N ILE M 116 -16.08 45.76 -8.29
CA ILE M 116 -16.86 46.71 -7.49
C ILE M 116 -16.15 46.98 -6.16
N ARG M 117 -15.60 45.94 -5.54
CA ARG M 117 -14.90 46.14 -4.27
C ARG M 117 -13.63 46.96 -4.46
N LYS M 118 -12.99 46.85 -5.63
CA LYS M 118 -11.86 47.74 -5.89
C LYS M 118 -12.35 49.17 -6.09
N LEU M 119 -13.59 49.35 -6.56
CA LEU M 119 -14.14 50.71 -6.60
C LEU M 119 -14.38 51.25 -5.19
N GLN M 120 -14.62 50.38 -4.21
CA GLN M 120 -14.70 50.78 -2.82
C GLN M 120 -13.32 50.87 -2.19
N ASN M 121 -12.26 50.63 -2.96
CA ASN M 121 -10.87 50.73 -2.50
C ASN M 121 -10.59 49.80 -1.32
N TRP M 122 -11.09 48.58 -1.41
CA TRP M 122 -10.75 47.56 -0.43
C TRP M 122 -9.38 46.96 -0.73
N SER M 123 -8.76 46.39 0.30
CA SER M 123 -7.55 45.60 0.12
C SER M 123 -7.89 44.31 -0.62
N LEU M 124 -6.91 43.82 -1.39
CA LEU M 124 -7.12 42.61 -2.17
C LEU M 124 -7.31 41.38 -1.30
N THR M 125 -6.81 41.40 -0.06
CA THR M 125 -6.99 40.26 0.83
C THR M 125 -8.47 40.00 1.08
N MET M 126 -9.23 41.05 1.40
CA MET M 126 -10.64 40.87 1.69
C MET M 126 -11.46 40.60 0.44
N ILE M 127 -11.05 41.16 -0.70
CA ILE M 127 -11.75 40.87 -1.95
C ILE M 127 -11.61 39.39 -2.31
N PHE M 128 -10.39 38.85 -2.18
CA PHE M 128 -10.19 37.45 -2.51
C PHE M 128 -10.81 36.54 -1.46
N ASP M 129 -10.90 37.01 -0.22
CA ASP M 129 -11.57 36.20 0.80
C ASP M 129 -13.08 36.14 0.54
N GLU M 130 -13.66 37.24 0.08
CA GLU M 130 -15.07 37.22 -0.29
C GLU M 130 -15.30 36.31 -1.51
N TYR M 131 -14.38 36.37 -2.48
CA TYR M 131 -14.51 35.51 -3.64
C TYR M 131 -14.45 34.04 -3.26
N ARG M 132 -13.50 33.66 -2.40
CA ARG M 132 -13.41 32.25 -2.04
C ARG M 132 -14.58 31.84 -1.15
N ARG M 133 -15.13 32.76 -0.38
CA ARG M 133 -16.31 32.43 0.42
C ARG M 133 -17.50 32.15 -0.47
N PHE M 134 -17.62 32.85 -1.58
CA PHE M 134 -18.76 32.60 -2.46
C PHE M 134 -18.52 31.48 -3.47
N ALA M 135 -17.27 31.25 -3.88
CA ALA M 135 -16.96 30.30 -4.94
C ALA M 135 -16.55 28.91 -4.46
N PHE M 136 -16.61 28.63 -3.16
CA PHE M 136 -16.27 27.28 -2.71
C PHE M 136 -17.32 26.28 -3.17
N PRO M 137 -16.90 25.08 -3.62
CA PRO M 137 -15.55 24.53 -3.65
C PRO M 137 -14.74 24.90 -4.90
N LYS M 138 -15.40 25.32 -5.97
CA LYS M 138 -14.72 25.55 -7.25
C LYS M 138 -14.19 27.00 -7.31
N ALA M 139 -13.32 27.30 -6.33
CA ALA M 139 -12.64 28.59 -6.29
C ALA M 139 -11.48 28.59 -7.28
N ARG M 140 -11.54 29.47 -8.28
CA ARG M 140 -10.57 29.50 -9.36
C ARG M 140 -9.64 30.70 -9.19
N ALA M 141 -8.33 30.46 -9.31
CA ALA M 141 -7.35 31.52 -9.17
C ALA M 141 -7.27 32.44 -10.39
N LEU M 142 -7.75 31.98 -11.54
CA LEU M 142 -7.69 32.81 -12.75
C LEU M 142 -8.68 33.97 -12.66
N ASP M 143 -9.81 33.77 -11.99
CA ASP M 143 -10.73 34.87 -11.77
C ASP M 143 -10.12 35.92 -10.85
N GLN M 144 -9.36 35.47 -9.85
CA GLN M 144 -8.65 36.41 -9.00
C GLN M 144 -7.56 37.14 -9.78
N GLN M 145 -6.96 36.48 -10.77
CA GLN M 145 -6.03 37.18 -11.65
C GLN M 145 -6.74 38.25 -12.46
N PHE M 146 -7.96 37.96 -12.90
CA PHE M 146 -8.72 38.97 -13.65
C PHE M 146 -9.08 40.14 -12.76
N ILE M 147 -9.34 39.87 -11.48
CA ILE M 147 -9.61 40.95 -10.53
C ILE M 147 -8.36 41.77 -10.28
N GLU M 148 -7.21 41.10 -10.13
CA GLU M 148 -5.96 41.76 -9.80
C GLU M 148 -5.43 42.60 -10.96
N MET M 149 -5.68 42.19 -12.19
CA MET M 149 -5.15 42.86 -13.36
C MET M 149 -6.09 43.91 -13.93
N TYR M 150 -7.25 44.11 -13.32
CA TYR M 150 -8.22 45.06 -13.87
C TYR M 150 -7.76 46.48 -13.59
N ASP M 151 -7.67 47.28 -14.65
CA ASP M 151 -7.29 48.68 -14.56
C ASP M 151 -8.50 49.53 -14.20
N ASP M 152 -8.40 50.26 -13.09
CA ASP M 152 -9.53 50.94 -12.48
C ASP M 152 -9.70 52.39 -12.93
N ASP M 153 -9.06 52.81 -14.02
CA ASP M 153 -9.18 54.21 -14.41
C ASP M 153 -10.44 54.49 -15.23
N GLU M 154 -10.80 53.57 -16.13
CA GLU M 154 -11.89 53.84 -17.06
C GLU M 154 -13.23 53.86 -16.35
N ILE M 155 -13.47 52.93 -15.44
CA ILE M 155 -14.75 52.89 -14.76
C ILE M 155 -14.82 53.96 -13.66
N LYS M 156 -13.68 54.34 -13.09
CA LYS M 156 -13.68 55.41 -12.10
C LYS M 156 -13.95 56.77 -12.72
N ARG M 157 -13.51 57.01 -13.95
CA ARG M 157 -13.82 58.29 -14.59
C ARG M 157 -15.32 58.41 -14.84
N ILE M 158 -15.96 57.33 -15.28
CA ILE M 158 -17.39 57.35 -15.53
C ILE M 158 -18.17 57.43 -14.23
N ALA M 159 -17.68 56.79 -13.17
CA ALA M 159 -18.38 56.85 -11.90
C ALA M 159 -18.25 58.22 -11.26
N SER M 160 -17.15 58.92 -11.50
CA SER M 160 -16.99 60.28 -10.99
C SER M 160 -17.77 61.30 -11.83
N LYS M 161 -18.00 61.00 -13.11
CA LYS M 161 -18.73 61.95 -13.94
C LYS M 161 -20.21 62.03 -13.56
N ASN M 162 -20.82 60.90 -13.23
CA ASN M 162 -22.24 60.85 -12.89
C ASN M 162 -22.48 60.84 -11.38
N ASN M 163 -21.45 61.11 -10.59
CA ASN M 163 -21.57 61.14 -9.13
C ASN M 163 -22.06 59.80 -8.61
N TRP M 164 -21.45 58.72 -9.10
CA TRP M 164 -21.72 57.37 -8.62
C TRP M 164 -20.82 57.05 -7.45
N LEU M 165 -19.67 57.67 -7.40
CA LEU M 165 -18.71 57.60 -6.31
C LEU M 165 -19.07 58.64 -5.25
N PRO M 166 -19.03 58.27 -3.95
CA PRO M 166 -18.73 56.96 -3.34
C PRO M 166 -19.94 56.03 -3.39
N LEU M 167 -19.71 54.72 -3.33
CA LEU M 167 -20.79 53.74 -3.30
C LEU M 167 -21.43 53.74 -1.92
N GLN M 168 -22.73 54.00 -1.85
CA GLN M 168 -23.39 54.09 -0.56
C GLN M 168 -23.91 52.72 -0.15
N TRP M 169 -23.83 52.44 1.16
CA TRP M 169 -24.23 51.15 1.70
C TRP M 169 -25.71 51.09 2.05
N ASN N 1 -9.09 -14.59 3.06
CA ASN N 1 -8.44 -13.32 3.39
C ASN N 1 -7.99 -12.58 2.14
N LYS N 2 -8.85 -12.58 1.12
CA LYS N 2 -8.51 -11.92 -0.12
C LYS N 2 -8.75 -10.42 -0.01
N GLU N 3 -8.06 -9.66 -0.84
CA GLU N 3 -8.20 -8.21 -0.84
C GLU N 3 -9.52 -7.81 -1.48
N VAL N 4 -10.31 -7.03 -0.76
CA VAL N 4 -11.61 -6.59 -1.23
C VAL N 4 -11.60 -5.09 -1.36
N ILE N 5 -12.21 -4.59 -2.43
CA ILE N 5 -12.26 -3.15 -2.71
C ILE N 5 -13.72 -2.73 -2.85
N PRO N 6 -14.25 -1.98 -1.89
CA PRO N 6 -15.61 -1.43 -2.03
C PRO N 6 -15.61 -0.23 -2.96
N PRO N 7 -16.76 0.10 -3.55
CA PRO N 7 -16.84 1.29 -4.41
C PRO N 7 -16.69 2.57 -3.61
N GLU N 8 -16.40 3.65 -4.33
CA GLU N 8 -16.28 4.97 -3.73
C GLU N 8 -17.63 5.43 -3.21
N ASN N 9 -17.60 6.19 -2.11
CA ASN N 9 -18.82 6.69 -1.45
C ASN N 9 -19.74 5.55 -1.01
N PHE N 10 -19.19 4.39 -0.70
CA PHE N 10 -19.99 3.30 -0.19
C PHE N 10 -20.24 3.45 1.31
N SER N 11 -21.49 3.24 1.71
CA SER N 11 -21.83 3.13 3.13
C SER N 11 -23.17 2.41 3.22
N HIS N 12 -23.50 1.99 4.44
CA HIS N 12 -24.78 1.37 4.73
C HIS N 12 -25.82 2.44 5.04
N VAL N 13 -27.04 2.22 4.56
CA VAL N 13 -28.11 3.21 4.73
C VAL N 13 -29.02 2.79 5.86
N VAL N 14 -29.74 1.68 5.68
CA VAL N 14 -30.59 1.17 6.76
C VAL N 14 -30.96 -0.28 6.52
N GLY N 15 -30.82 -1.12 7.54
CA GLY N 15 -31.14 -2.53 7.41
C GLY N 15 -30.28 -3.20 6.37
N GLU N 16 -30.90 -3.56 5.23
CA GLU N 16 -30.20 -4.17 4.11
C GLU N 16 -30.27 -3.26 2.88
N ILE N 17 -30.33 -1.95 3.10
CA ILE N 17 -30.31 -0.96 2.04
C ILE N 17 -28.97 -0.25 2.12
N TYR N 18 -28.25 -0.22 0.99
CA TYR N 18 -26.89 0.30 0.91
C TYR N 18 -26.78 1.36 -0.16
N ARG N 19 -25.71 2.14 -0.08
CA ARG N 19 -25.42 3.22 -1.02
C ARG N 19 -24.01 3.07 -1.56
N SER N 20 -23.82 3.49 -2.82
CA SER N 20 -22.49 3.50 -3.41
C SER N 20 -22.47 4.40 -4.62
N SER N 21 -21.27 4.55 -5.19
CA SER N 21 -21.09 5.16 -6.50
C SER N 21 -21.23 4.06 -7.56
N PHE N 22 -20.87 4.37 -8.80
CA PHE N 22 -20.99 3.38 -9.85
C PHE N 22 -19.95 2.28 -9.66
N PRO N 23 -20.36 1.02 -9.52
CA PRO N 23 -19.39 -0.04 -9.26
C PRO N 23 -18.55 -0.34 -10.49
N ARG N 24 -17.30 -0.74 -10.24
CA ARG N 24 -16.34 -1.12 -11.25
C ARG N 24 -16.06 -2.62 -11.13
N GLN N 25 -15.12 -3.11 -11.95
CA GLN N 25 -14.84 -4.54 -11.96
C GLN N 25 -14.24 -5.01 -10.64
N GLU N 26 -13.42 -4.17 -10.01
CA GLU N 26 -12.82 -4.51 -8.72
C GLU N 26 -13.83 -4.50 -7.57
N ASN N 27 -15.02 -3.95 -7.78
CA ASN N 27 -16.04 -3.91 -6.74
C ASN N 27 -16.99 -5.11 -6.79
N PHE N 28 -16.88 -5.96 -7.80
CA PHE N 28 -17.84 -7.04 -7.98
C PHE N 28 -17.73 -8.09 -6.88
N SER N 29 -16.50 -8.42 -6.48
CA SER N 29 -16.32 -9.36 -5.39
C SER N 29 -16.91 -8.81 -4.10
N PHE N 30 -16.81 -7.50 -3.88
CA PHE N 30 -17.41 -6.92 -2.69
C PHE N 30 -18.93 -6.94 -2.76
N LEU N 31 -19.48 -6.74 -3.97
CA LEU N 31 -20.93 -6.71 -4.08
C LEU N 31 -21.52 -8.10 -3.91
N HIS N 32 -20.79 -9.15 -4.28
CA HIS N 32 -21.38 -10.48 -4.26
C HIS N 32 -20.97 -11.32 -3.05
N GLU N 33 -19.69 -11.34 -2.68
CA GLU N 33 -19.23 -12.27 -1.66
C GLU N 33 -19.34 -11.73 -0.24
N ARG N 34 -19.46 -10.41 -0.07
CA ARG N 34 -19.56 -9.83 1.27
C ARG N 34 -20.89 -9.15 1.53
N LEU N 35 -21.42 -8.42 0.55
CA LEU N 35 -22.75 -7.85 0.70
C LEU N 35 -23.83 -8.89 0.43
N LYS N 36 -23.58 -9.82 -0.47
CA LYS N 36 -24.57 -10.82 -0.88
C LYS N 36 -25.85 -10.12 -1.34
N LEU N 37 -25.67 -9.28 -2.36
CA LEU N 37 -26.78 -8.45 -2.82
C LEU N 37 -27.82 -9.29 -3.53
N LYS N 38 -29.08 -8.84 -3.44
CA LYS N 38 -30.17 -9.42 -4.19
C LYS N 38 -30.67 -8.53 -5.31
N SER N 39 -30.55 -7.21 -5.15
CA SER N 39 -30.92 -6.31 -6.22
C SER N 39 -30.02 -5.07 -6.20
N ILE N 40 -30.00 -4.39 -7.34
CA ILE N 40 -29.23 -3.16 -7.50
C ILE N 40 -30.14 -2.17 -8.21
N LEU N 41 -30.35 -1.02 -7.60
CA LEU N 41 -31.11 0.07 -8.20
C LEU N 41 -30.13 1.16 -8.62
N VAL N 42 -30.07 1.42 -9.93
CA VAL N 42 -29.29 2.51 -10.47
C VAL N 42 -30.24 3.58 -10.97
N LEU N 43 -29.95 4.84 -10.62
CA LEU N 43 -30.84 5.96 -10.93
C LEU N 43 -30.38 6.76 -12.13
N ILE N 44 -29.65 6.13 -13.05
CA ILE N 44 -29.13 6.82 -14.22
C ILE N 44 -30.04 6.51 -15.40
N PRO N 45 -30.36 7.49 -16.25
CA PRO N 45 -31.16 7.19 -17.45
C PRO N 45 -30.36 6.57 -18.57
N GLU N 46 -29.04 6.61 -18.49
CA GLU N 46 -28.18 6.04 -19.52
C GLU N 46 -28.27 4.51 -19.49
N GLU N 47 -27.81 3.91 -20.59
CA GLU N 47 -27.83 2.46 -20.72
C GLU N 47 -26.77 1.84 -19.82
N TYR N 48 -27.10 0.70 -19.22
CA TYR N 48 -26.21 0.07 -18.26
C TYR N 48 -25.07 -0.65 -18.99
N PRO N 49 -23.83 -0.50 -18.52
CA PRO N 49 -22.69 -1.05 -19.27
C PRO N 49 -22.66 -2.57 -19.30
N GLN N 50 -21.98 -3.09 -20.31
CA GLN N 50 -22.04 -4.52 -20.62
C GLN N 50 -21.29 -5.37 -19.61
N GLU N 51 -20.19 -4.86 -19.06
CA GLU N 51 -19.44 -5.64 -18.07
C GLU N 51 -20.22 -5.77 -16.77
N ASN N 52 -20.93 -4.70 -16.39
CA ASN N 52 -21.77 -4.77 -15.19
C ASN N 52 -22.98 -5.66 -15.43
N LEU N 53 -23.55 -5.61 -16.64
CA LEU N 53 -24.68 -6.46 -16.95
C LEU N 53 -24.28 -7.94 -16.96
N ASN N 54 -23.05 -8.22 -17.42
CA ASN N 54 -22.59 -9.61 -17.40
C ASN N 54 -22.35 -10.09 -15.97
N PHE N 55 -21.85 -9.21 -15.11
CA PHE N 55 -21.69 -9.61 -13.71
C PHE N 55 -23.03 -9.89 -13.05
N LEU N 56 -24.03 -9.05 -13.33
CA LEU N 56 -25.36 -9.25 -12.75
C LEU N 56 -26.04 -10.49 -13.33
N LYS N 57 -25.78 -10.81 -14.60
CA LYS N 57 -26.38 -12.00 -15.18
C LYS N 57 -25.72 -13.26 -14.66
N LEU N 58 -24.43 -13.20 -14.35
CA LEU N 58 -23.78 -14.37 -13.77
C LEU N 58 -24.20 -14.60 -12.32
N THR N 59 -24.50 -13.53 -11.58
CA THR N 59 -24.82 -13.71 -10.17
C THR N 59 -26.32 -13.83 -9.90
N GLY N 60 -27.17 -13.39 -10.83
CA GLY N 60 -28.60 -13.37 -10.57
C GLY N 60 -29.09 -12.12 -9.88
N ILE N 61 -28.27 -11.09 -9.80
CA ILE N 61 -28.65 -9.85 -9.15
C ILE N 61 -29.56 -9.07 -10.09
N LYS N 62 -30.77 -8.78 -9.63
CA LYS N 62 -31.74 -8.08 -10.48
C LYS N 62 -31.42 -6.59 -10.55
N LEU N 63 -31.52 -6.05 -11.76
CA LEU N 63 -31.26 -4.63 -12.00
C LEU N 63 -32.58 -3.88 -12.05
N TYR N 64 -32.70 -2.85 -11.23
CA TYR N 64 -33.80 -1.91 -11.28
C TYR N 64 -33.27 -0.55 -11.72
N GLN N 65 -34.07 0.16 -12.51
CA GLN N 65 -33.65 1.44 -13.07
C GLN N 65 -34.78 2.44 -12.98
N VAL N 66 -34.52 3.54 -12.29
CA VAL N 66 -35.41 4.69 -12.24
C VAL N 66 -34.60 5.85 -12.81
N GLY N 67 -34.86 6.22 -14.06
CA GLY N 67 -34.02 7.20 -14.71
C GLY N 67 -34.20 8.60 -14.16
N MET N 68 -33.18 9.09 -13.47
CA MET N 68 -33.15 10.44 -12.94
C MET N 68 -32.07 11.25 -13.63
N SER N 69 -32.40 12.49 -13.99
CA SER N 69 -31.46 13.32 -14.72
C SER N 69 -30.34 13.78 -13.79
N GLY N 70 -29.10 13.75 -14.28
CA GLY N 70 -28.03 14.30 -13.47
C GLY N 70 -28.12 15.81 -13.39
N ASN N 71 -27.80 16.48 -14.49
CA ASN N 71 -28.18 17.88 -14.68
C ASN N 71 -29.00 18.04 -15.96
N LYS N 72 -28.46 17.64 -17.10
CA LYS N 72 -29.17 17.49 -18.38
C LYS N 72 -29.78 18.80 -18.87
N GLU N 73 -29.61 19.87 -18.11
CA GLU N 73 -30.25 21.16 -18.31
C GLU N 73 -29.77 22.06 -17.18
N PRO N 74 -29.76 23.38 -17.34
CA PRO N 74 -29.18 24.24 -16.28
C PRO N 74 -29.96 24.28 -14.97
N PHE N 75 -29.67 23.32 -14.08
CA PHE N 75 -29.83 23.57 -12.65
C PHE N 75 -31.24 23.88 -12.13
N VAL N 76 -32.11 22.88 -11.89
CA VAL N 76 -32.00 21.44 -12.14
C VAL N 76 -33.43 21.00 -11.83
N ASN N 77 -33.88 19.81 -12.20
CA ASN N 77 -35.09 19.34 -11.55
C ASN N 77 -35.10 17.82 -11.42
N ILE N 78 -35.63 17.37 -10.28
CA ILE N 78 -35.84 15.95 -10.01
C ILE N 78 -37.30 15.83 -9.60
N PRO N 79 -38.12 15.04 -10.29
CA PRO N 79 -39.52 14.92 -9.91
C PRO N 79 -39.69 14.03 -8.68
N SER N 80 -40.85 14.15 -8.05
CA SER N 80 -41.11 13.40 -6.83
C SER N 80 -41.60 11.99 -7.10
N HIS N 81 -42.23 11.75 -8.25
CA HIS N 81 -42.77 10.42 -8.53
C HIS N 81 -41.65 9.43 -8.83
N LEU N 82 -40.53 9.89 -9.37
CA LEU N 82 -39.39 9.00 -9.53
C LEU N 82 -38.79 8.63 -8.19
N LEU N 83 -38.81 9.57 -7.24
CA LEU N 83 -38.36 9.26 -5.89
C LEU N 83 -39.28 8.25 -5.23
N THR N 84 -40.59 8.39 -5.46
CA THR N 84 -41.54 7.44 -4.87
C THR N 84 -41.38 6.06 -5.48
N LYS N 85 -41.14 5.98 -6.80
CA LYS N 85 -40.94 4.68 -7.44
C LYS N 85 -39.68 4.00 -6.92
N ALA N 86 -38.60 4.77 -6.77
CA ALA N 86 -37.38 4.19 -6.23
C ALA N 86 -37.57 3.77 -4.78
N LEU N 87 -38.41 4.49 -4.04
CA LEU N 87 -38.71 4.10 -2.67
C LEU N 87 -39.50 2.81 -2.62
N GLU N 88 -40.42 2.61 -3.58
CA GLU N 88 -41.15 1.35 -3.64
C GLU N 88 -40.23 0.20 -3.95
N ILE N 89 -39.18 0.45 -4.72
CA ILE N 89 -38.25 -0.64 -5.00
C ILE N 89 -37.35 -0.93 -3.79
N VAL N 90 -36.87 0.11 -3.11
CA VAL N 90 -35.88 -0.13 -2.06
C VAL N 90 -36.52 -0.61 -0.77
N LEU N 91 -37.77 -0.21 -0.50
CA LEU N 91 -38.39 -0.62 0.76
C LEU N 91 -38.99 -2.02 0.70
N ASN N 92 -39.02 -2.63 -0.48
CA ASN N 92 -39.51 -4.01 -0.61
C ASN N 92 -38.45 -4.98 -0.12
N PRO N 93 -38.73 -5.80 0.89
CA PRO N 93 -37.71 -6.76 1.36
C PRO N 93 -37.44 -7.90 0.38
N ALA N 94 -38.29 -8.09 -0.62
CA ALA N 94 -38.01 -9.08 -1.65
C ALA N 94 -36.91 -8.62 -2.60
N ASN N 95 -36.55 -7.35 -2.57
CA ASN N 95 -35.47 -6.80 -3.38
C ASN N 95 -34.21 -6.53 -2.57
N GLN N 96 -34.23 -6.81 -1.29
CA GLN N 96 -33.10 -6.56 -0.41
C GLN N 96 -32.32 -7.84 -0.16
N PRO N 97 -30.98 -7.77 0.02
CA PRO N 97 -30.12 -6.57 0.10
C PRO N 97 -30.06 -5.80 -1.22
N ILE N 98 -30.31 -4.49 -1.14
CA ILE N 98 -30.42 -3.63 -2.29
C ILE N 98 -29.29 -2.62 -2.26
N LEU N 99 -28.70 -2.34 -3.42
CA LEU N 99 -27.66 -1.33 -3.56
C LEU N 99 -28.16 -0.18 -4.41
N ILE N 100 -28.20 1.02 -3.84
CA ILE N 100 -28.56 2.23 -4.57
C ILE N 100 -27.29 2.90 -5.06
N HIS N 101 -27.22 3.17 -6.36
CA HIS N 101 -26.03 3.84 -6.85
C HIS N 101 -26.34 4.71 -8.06
N SER N 102 -25.42 5.63 -8.32
CA SER N 102 -25.47 6.56 -9.44
C SER N 102 -24.04 6.67 -9.96
N ASN N 103 -23.75 7.73 -10.72
CA ASN N 103 -22.40 7.91 -11.23
C ASN N 103 -21.39 7.99 -10.09
N ARG N 104 -21.57 8.95 -9.20
CA ARG N 104 -20.68 9.11 -8.06
C ARG N 104 -21.35 8.87 -6.71
N GLY N 105 -22.65 8.60 -6.68
CA GLY N 105 -23.30 8.32 -5.42
C GLY N 105 -23.43 9.50 -4.48
N LYS N 106 -23.51 10.72 -5.02
CA LYS N 106 -23.51 11.94 -4.22
C LYS N 106 -24.84 12.68 -4.23
N HIS N 107 -25.37 12.97 -5.41
CA HIS N 107 -26.50 13.89 -5.53
C HIS N 107 -27.84 13.17 -5.65
N ARG N 108 -27.97 12.29 -6.64
CA ARG N 108 -29.23 11.58 -6.84
C ARG N 108 -29.43 10.52 -5.76
N THR N 109 -28.37 9.79 -5.42
CA THR N 109 -28.44 8.80 -4.37
C THR N 109 -28.72 9.45 -3.03
N GLY N 110 -28.08 10.59 -2.77
CA GLY N 110 -28.30 11.28 -1.51
C GLY N 110 -29.68 11.87 -1.41
N CYS N 111 -30.29 12.20 -2.55
CA CYS N 111 -31.65 12.74 -2.52
C CYS N 111 -32.66 11.65 -2.20
N LEU N 112 -32.48 10.47 -2.81
CA LEU N 112 -33.39 9.38 -2.47
C LEU N 112 -33.19 8.94 -1.02
N ILE N 113 -31.94 8.88 -0.56
CA ILE N 113 -31.71 8.46 0.81
C ILE N 113 -32.14 9.51 1.81
N GLY N 114 -32.11 10.80 1.45
CA GLY N 114 -32.69 11.80 2.33
C GLY N 114 -34.18 11.61 2.47
N CYS N 115 -34.83 11.13 1.42
CA CYS N 115 -36.25 10.84 1.62
C CYS N 115 -36.48 9.56 2.42
N ILE N 116 -35.56 8.60 2.30
CA ILE N 116 -35.63 7.42 3.17
C ILE N 116 -35.50 7.84 4.63
N ARG N 117 -34.58 8.76 4.90
CA ARG N 117 -34.38 9.26 6.27
C ARG N 117 -35.56 10.10 6.74
N LYS N 118 -36.27 10.75 5.82
CA LYS N 118 -37.49 11.43 6.24
C LYS N 118 -38.56 10.43 6.61
N LEU N 119 -38.56 9.25 5.98
CA LEU N 119 -39.48 8.21 6.42
C LEU N 119 -39.13 7.66 7.80
N GLN N 120 -37.86 7.78 8.21
CA GLN N 120 -37.43 7.41 9.55
C GLN N 120 -37.69 8.50 10.59
N ASN N 121 -38.38 9.57 10.20
CA ASN N 121 -38.71 10.68 11.09
C ASN N 121 -37.45 11.33 11.66
N TRP N 122 -36.45 11.49 10.81
CA TRP N 122 -35.25 12.22 11.20
C TRP N 122 -35.45 13.73 11.12
N SER N 123 -34.64 14.46 11.88
CA SER N 123 -34.57 15.90 11.75
C SER N 123 -33.92 16.28 10.43
N LEU N 124 -34.35 17.42 9.88
CA LEU N 124 -33.76 17.87 8.63
C LEU N 124 -32.30 18.27 8.80
N THR N 125 -31.90 18.65 10.02
CA THR N 125 -30.51 18.98 10.27
C THR N 125 -29.60 17.77 10.05
N MET N 126 -29.99 16.61 10.59
CA MET N 126 -29.16 15.43 10.44
C MET N 126 -29.22 14.88 9.02
N ILE N 127 -30.36 15.04 8.36
CA ILE N 127 -30.48 14.63 6.97
C ILE N 127 -29.58 15.46 6.07
N PHE N 128 -29.57 16.78 6.28
CA PHE N 128 -28.75 17.64 5.44
C PHE N 128 -27.28 17.46 5.76
N ASP N 129 -26.95 17.16 7.02
CA ASP N 129 -25.55 16.92 7.34
C ASP N 129 -25.05 15.62 6.74
N GLU N 130 -25.91 14.59 6.69
CA GLU N 130 -25.51 13.36 6.01
C GLU N 130 -25.39 13.57 4.50
N TYR N 131 -26.28 14.37 3.93
CA TYR N 131 -26.20 14.67 2.51
C TYR N 131 -24.90 15.40 2.19
N ARG N 132 -24.52 16.37 3.01
CA ARG N 132 -23.30 17.12 2.76
C ARG N 132 -22.06 16.29 3.06
N ARG N 133 -22.16 15.33 3.97
CA ARG N 133 -21.03 14.43 4.24
C ARG N 133 -20.75 13.55 3.04
N PHE N 134 -21.81 13.11 2.34
CA PHE N 134 -21.60 12.25 1.18
C PHE N 134 -21.44 13.01 -0.14
N ALA N 135 -22.04 14.18 -0.27
CA ALA N 135 -22.07 14.93 -1.52
C ALA N 135 -20.91 15.91 -1.64
N PHE N 136 -19.98 15.88 -0.70
CA PHE N 136 -18.81 16.73 -0.79
C PHE N 136 -17.94 16.28 -1.96
N PRO N 137 -17.40 17.22 -2.75
CA PRO N 137 -17.48 18.66 -2.55
C PRO N 137 -18.69 19.37 -3.17
N LYS N 138 -19.32 18.74 -4.16
CA LYS N 138 -20.38 19.38 -4.94
C LYS N 138 -21.76 19.15 -4.32
N ALA N 139 -21.88 19.57 -3.06
CA ALA N 139 -23.16 19.49 -2.36
C ALA N 139 -24.04 20.65 -2.78
N ARG N 140 -25.18 20.35 -3.37
CA ARG N 140 -26.07 21.34 -3.93
C ARG N 140 -27.29 21.52 -3.02
N ALA N 141 -27.67 22.77 -2.79
CA ALA N 141 -28.82 23.05 -1.95
C ALA N 141 -30.13 22.68 -2.64
N LEU N 142 -30.13 22.51 -3.96
CA LEU N 142 -31.36 22.15 -4.66
C LEU N 142 -31.76 20.72 -4.35
N ASP N 143 -30.79 19.83 -4.11
CA ASP N 143 -31.12 18.47 -3.71
C ASP N 143 -31.75 18.47 -2.33
N GLN N 144 -31.25 19.32 -1.43
CA GLN N 144 -31.86 19.44 -0.12
C GLN N 144 -33.24 20.10 -0.19
N GLN N 145 -33.45 21.01 -1.15
CA GLN N 145 -34.78 21.56 -1.36
C GLN N 145 -35.73 20.49 -1.86
N PHE N 146 -35.24 19.57 -2.70
CA PHE N 146 -36.07 18.47 -3.17
C PHE N 146 -36.40 17.50 -2.04
N ILE N 147 -35.46 17.29 -1.11
CA ILE N 147 -35.74 16.44 0.05
C ILE N 147 -36.72 17.13 0.99
N GLU N 148 -36.56 18.44 1.18
CA GLU N 148 -37.40 19.19 2.11
C GLU N 148 -38.81 19.37 1.57
N MET N 149 -38.96 19.45 0.25
CA MET N 149 -40.25 19.69 -0.39
C MET N 149 -40.98 18.41 -0.79
N TYR N 150 -40.41 17.24 -0.52
CA TYR N 150 -41.00 15.97 -0.94
C TYR N 150 -42.17 15.59 -0.04
N ASP N 151 -43.33 15.33 -0.66
CA ASP N 151 -44.51 14.86 0.06
C ASP N 151 -44.43 13.34 0.17
N ASP N 152 -44.26 12.82 1.38
CA ASP N 152 -44.04 11.40 1.61
C ASP N 152 -45.30 10.65 2.03
N ASP N 153 -46.48 11.22 1.78
CA ASP N 153 -47.71 10.58 2.25
C ASP N 153 -48.04 9.34 1.42
N GLU N 154 -47.76 9.38 0.12
CA GLU N 154 -48.09 8.25 -0.75
C GLU N 154 -47.24 7.05 -0.42
N ILE N 155 -45.94 7.27 -0.19
CA ILE N 155 -45.07 6.13 0.11
C ILE N 155 -45.29 5.65 1.53
N LYS N 156 -45.75 6.53 2.43
CA LYS N 156 -46.11 6.05 3.75
C LYS N 156 -47.36 5.18 3.69
N ARG N 157 -48.30 5.52 2.81
CA ARG N 157 -49.49 4.68 2.65
C ARG N 157 -49.12 3.33 2.06
N ILE N 158 -48.24 3.33 1.06
CA ILE N 158 -47.89 2.08 0.39
C ILE N 158 -47.05 1.18 1.29
N ALA N 159 -46.08 1.75 2.01
CA ALA N 159 -45.22 0.93 2.85
C ALA N 159 -45.89 0.49 4.15
N SER N 160 -46.79 1.31 4.70
CA SER N 160 -47.51 0.87 5.89
C SER N 160 -48.60 -0.12 5.54
N LYS N 161 -49.12 -0.08 4.31
CA LYS N 161 -50.09 -1.09 3.91
C LYS N 161 -49.41 -2.45 3.77
N ASN N 162 -48.17 -2.47 3.29
CA ASN N 162 -47.41 -3.69 3.10
C ASN N 162 -46.50 -3.98 4.29
N ASN N 163 -46.64 -3.22 5.37
CA ASN N 163 -45.90 -3.43 6.62
C ASN N 163 -44.38 -3.41 6.41
N TRP N 164 -43.90 -2.38 5.73
CA TRP N 164 -42.46 -2.24 5.56
C TRP N 164 -41.81 -1.39 6.64
N LEU N 165 -42.52 -0.35 7.16
CA LEU N 165 -42.12 0.49 8.28
C LEU N 165 -42.60 -0.13 9.59
N PRO N 166 -41.82 0.02 10.68
CA PRO N 166 -40.56 0.76 10.75
C PRO N 166 -39.37 -0.01 10.20
N LEU N 167 -38.37 0.73 9.74
CA LEU N 167 -37.14 0.16 9.20
C LEU N 167 -36.23 -0.31 10.32
N GLN N 168 -35.85 -1.59 10.29
CA GLN N 168 -35.04 -2.16 11.35
C GLN N 168 -33.56 -1.96 11.01
N TRP N 169 -32.76 -1.71 12.04
CA TRP N 169 -31.33 -1.46 11.85
C TRP N 169 -30.53 -2.76 11.90
N ASN O 1 14.10 41.73 -12.09
CA ASN O 1 13.11 41.70 -11.02
C ASN O 1 11.74 42.16 -11.52
N LYS O 2 11.38 41.69 -12.72
CA LYS O 2 10.12 42.02 -13.37
C LYS O 2 9.01 41.12 -12.83
N GLU O 3 7.76 41.53 -13.10
CA GLU O 3 6.61 40.79 -12.57
C GLU O 3 6.47 39.44 -13.24
N VAL O 4 6.41 38.40 -12.42
CA VAL O 4 6.36 37.01 -12.85
C VAL O 4 5.07 36.38 -12.37
N ILE O 5 4.49 35.52 -13.20
CA ILE O 5 3.26 34.82 -12.86
C ILE O 5 3.49 33.32 -13.02
N PRO O 6 3.56 32.56 -11.94
CA PRO O 6 3.63 31.10 -12.07
C PRO O 6 2.27 30.53 -12.42
N PRO O 7 2.21 29.37 -13.06
CA PRO O 7 0.92 28.76 -13.38
C PRO O 7 0.24 28.24 -12.13
N GLU O 8 -1.08 28.04 -12.24
CA GLU O 8 -1.84 27.49 -11.13
C GLU O 8 -1.41 26.05 -10.88
N ASN O 9 -1.51 25.64 -9.61
CA ASN O 9 -1.11 24.29 -9.19
C ASN O 9 0.35 24.01 -9.51
N PHE O 10 1.18 25.04 -9.51
CA PHE O 10 2.61 24.85 -9.72
C PHE O 10 3.27 24.40 -8.44
N SER O 11 4.18 23.43 -8.57
CA SER O 11 5.00 23.02 -7.44
C SER O 11 6.26 22.35 -7.96
N HIS O 12 7.23 22.23 -7.06
CA HIS O 12 8.42 21.46 -7.35
C HIS O 12 8.16 20.03 -6.89
N VAL O 13 8.62 19.05 -7.67
CA VAL O 13 8.35 17.66 -7.32
C VAL O 13 9.59 17.06 -6.69
N VAL O 14 10.67 16.94 -7.47
CA VAL O 14 11.93 16.41 -6.96
C VAL O 14 13.06 16.80 -7.91
N GLY O 15 14.16 17.29 -7.35
CA GLY O 15 15.30 17.68 -8.15
C GLY O 15 15.02 18.80 -9.13
N GLU O 16 14.98 18.48 -10.43
CA GLU O 16 14.69 19.42 -11.50
C GLU O 16 13.40 19.05 -12.23
N ILE O 17 12.46 18.46 -11.51
CA ILE O 17 11.14 18.11 -12.06
C ILE O 17 10.10 19.01 -11.43
N TYR O 18 9.24 19.58 -12.27
CA TYR O 18 8.22 20.50 -11.80
C TYR O 18 6.85 20.03 -12.25
N ARG O 19 5.83 20.50 -11.54
CA ARG O 19 4.44 20.21 -11.87
C ARG O 19 3.67 21.51 -11.93
N SER O 20 2.63 21.54 -12.75
CA SER O 20 1.78 22.72 -12.86
C SER O 20 0.48 22.32 -13.54
N SER O 21 -0.41 23.29 -13.70
CA SER O 21 -1.56 23.13 -14.58
C SER O 21 -1.13 23.48 -15.99
N PHE O 22 -2.07 23.57 -16.92
CA PHE O 22 -1.71 23.91 -18.28
C PHE O 22 -1.30 25.37 -18.36
N PRO O 23 -0.07 25.67 -18.77
CA PRO O 23 0.38 27.07 -18.77
C PRO O 23 -0.25 27.87 -19.90
N ARG O 24 -0.45 29.15 -19.63
CA ARG O 24 -0.89 30.13 -20.62
C ARG O 24 0.25 31.10 -20.89
N GLN O 25 -0.02 32.11 -21.72
CA GLN O 25 1.07 32.99 -22.16
C GLN O 25 1.64 33.82 -21.02
N GLU O 26 0.81 34.25 -20.06
CA GLU O 26 1.32 35.07 -18.97
C GLU O 26 2.24 34.27 -18.04
N ASN O 27 2.21 32.94 -18.12
CA ASN O 27 3.10 32.11 -17.33
C ASN O 27 4.38 31.78 -18.06
N PHE O 28 4.49 32.17 -19.35
CA PHE O 28 5.64 31.76 -20.14
C PHE O 28 6.93 32.36 -19.61
N SER O 29 6.87 33.61 -19.13
CA SER O 29 8.03 34.23 -18.53
C SER O 29 8.56 33.42 -17.36
N PHE O 30 7.66 32.79 -16.61
CA PHE O 30 8.09 31.96 -15.49
C PHE O 30 8.78 30.70 -15.97
N LEU O 31 8.32 30.13 -17.09
CA LEU O 31 8.84 28.85 -17.54
C LEU O 31 10.23 28.95 -18.17
N HIS O 32 10.56 30.09 -18.77
CA HIS O 32 11.82 30.21 -19.48
C HIS O 32 12.88 30.98 -18.72
N GLU O 33 12.53 32.11 -18.11
CA GLU O 33 13.53 32.98 -17.53
C GLU O 33 13.85 32.67 -16.07
N ARG O 34 12.99 31.96 -15.37
CA ARG O 34 13.29 31.61 -13.98
C ARG O 34 13.35 30.11 -13.74
N LEU O 35 12.48 29.32 -14.38
CA LEU O 35 12.63 27.87 -14.32
C LEU O 35 13.68 27.37 -15.30
N LYS O 36 13.80 28.01 -16.46
CA LYS O 36 14.76 27.63 -17.50
C LYS O 36 14.60 26.15 -17.88
N LEU O 37 13.40 25.83 -18.36
CA LEU O 37 13.05 24.45 -18.66
C LEU O 37 13.80 23.94 -19.89
N LYS O 38 14.02 22.63 -19.92
CA LYS O 38 14.56 21.95 -21.09
C LYS O 38 13.55 21.08 -21.82
N SER O 39 12.56 20.54 -21.13
CA SER O 39 11.55 19.69 -21.74
C SER O 39 10.19 19.95 -21.11
N ILE O 40 9.15 19.46 -21.79
CA ILE O 40 7.77 19.54 -21.31
C ILE O 40 7.10 18.21 -21.53
N LEU O 41 6.54 17.62 -20.48
CA LEU O 41 5.71 16.43 -20.60
C LEU O 41 4.26 16.83 -20.39
N VAL O 42 3.43 16.66 -21.41
CA VAL O 42 2.00 16.91 -21.32
C VAL O 42 1.30 15.56 -21.30
N LEU O 43 0.20 15.49 -20.56
CA LEU O 43 -0.48 14.24 -20.30
C LEU O 43 -1.87 14.19 -20.91
N ILE O 44 -2.07 14.93 -22.00
CA ILE O 44 -3.35 14.96 -22.70
C ILE O 44 -3.20 14.25 -24.05
N PRO O 45 -4.22 13.54 -24.52
CA PRO O 45 -4.15 12.94 -25.85
C PRO O 45 -4.46 13.93 -26.98
N GLU O 46 -5.04 15.08 -26.66
CA GLU O 46 -5.38 16.09 -27.65
C GLU O 46 -4.13 16.77 -28.21
N GLU O 47 -4.31 17.45 -29.33
CA GLU O 47 -3.20 18.16 -29.94
C GLU O 47 -2.83 19.37 -29.10
N TYR O 48 -1.54 19.67 -29.05
CA TYR O 48 -1.04 20.74 -28.20
C TYR O 48 -1.37 22.09 -28.84
N PRO O 49 -1.78 23.09 -28.04
CA PRO O 49 -2.24 24.35 -28.62
C PRO O 49 -1.12 25.05 -29.39
N GLN O 50 -1.53 25.90 -30.33
CA GLN O 50 -0.58 26.43 -31.30
C GLN O 50 0.34 27.48 -30.71
N GLU O 51 -0.19 28.36 -29.85
CA GLU O 51 0.66 29.38 -29.24
C GLU O 51 1.63 28.79 -28.22
N ASN O 52 1.20 27.74 -27.51
CA ASN O 52 2.10 27.09 -26.58
C ASN O 52 3.23 26.40 -27.32
N LEU O 53 2.91 25.78 -28.45
CA LEU O 53 3.93 25.15 -29.27
C LEU O 53 4.86 26.19 -29.89
N ASN O 54 4.35 27.39 -30.21
CA ASN O 54 5.22 28.41 -30.77
C ASN O 54 6.21 28.89 -29.73
N PHE O 55 5.77 29.06 -28.47
CA PHE O 55 6.73 29.45 -27.45
C PHE O 55 7.76 28.35 -27.20
N LEU O 56 7.31 27.08 -27.23
CA LEU O 56 8.24 25.98 -27.00
C LEU O 56 9.25 25.83 -28.13
N LYS O 57 8.84 26.12 -29.37
CA LYS O 57 9.78 26.02 -30.48
C LYS O 57 10.75 27.19 -30.52
N LEU O 58 10.31 28.38 -30.11
CA LEU O 58 11.24 29.51 -30.09
C LEU O 58 12.23 29.40 -28.94
N THR O 59 11.85 28.76 -27.84
CA THR O 59 12.75 28.70 -26.69
C THR O 59 13.62 27.46 -26.69
N GLY O 60 13.30 26.46 -27.50
CA GLY O 60 14.04 25.22 -27.52
C GLY O 60 13.61 24.18 -26.52
N ILE O 61 12.45 24.38 -25.88
CA ILE O 61 11.95 23.40 -24.92
C ILE O 61 11.32 22.25 -25.69
N LYS O 62 11.82 21.04 -25.46
CA LYS O 62 11.30 19.87 -26.15
C LYS O 62 9.98 19.44 -25.54
N LEU O 63 9.05 19.04 -26.39
CA LEU O 63 7.74 18.62 -25.94
C LEU O 63 7.65 17.09 -25.90
N TYR O 64 7.27 16.55 -24.76
CA TYR O 64 6.93 15.15 -24.62
C TYR O 64 5.44 15.04 -24.30
N GLN O 65 4.80 14.01 -24.85
CA GLN O 65 3.36 13.84 -24.71
C GLN O 65 3.05 12.38 -24.44
N VAL O 66 2.42 12.09 -23.31
CA VAL O 66 1.89 10.76 -23.00
C VAL O 66 0.38 10.93 -22.83
N GLY O 67 -0.38 10.61 -23.87
CA GLY O 67 -1.81 10.88 -23.87
C GLY O 67 -2.61 9.97 -22.95
N MET O 68 -3.14 10.54 -21.87
CA MET O 68 -3.99 9.83 -20.93
C MET O 68 -5.37 10.46 -20.90
N SER O 69 -6.41 9.61 -20.82
CA SER O 69 -7.78 10.08 -20.94
C SER O 69 -8.22 10.84 -19.70
N GLY O 70 -8.91 11.96 -19.89
CA GLY O 70 -9.47 12.64 -18.74
C GLY O 70 -10.68 11.92 -18.15
N ASN O 71 -11.83 11.99 -18.82
CA ASN O 71 -12.93 11.06 -18.56
C ASN O 71 -13.36 10.33 -19.83
N LYS O 72 -13.86 11.06 -20.84
CA LYS O 72 -14.31 10.57 -22.13
C LYS O 72 -15.42 9.52 -22.01
N GLU O 73 -15.75 9.14 -20.78
CA GLU O 73 -16.77 8.20 -20.38
C GLU O 73 -16.71 8.16 -18.86
N PRO O 74 -17.75 7.77 -18.15
CA PRO O 74 -17.80 8.04 -16.71
C PRO O 74 -16.82 7.28 -15.81
N PHE O 75 -15.60 7.82 -15.63
CA PHE O 75 -14.93 7.59 -14.36
C PHE O 75 -14.53 6.15 -13.97
N VAL O 76 -13.37 5.63 -14.39
CA VAL O 76 -12.33 6.21 -15.24
C VAL O 76 -11.38 5.04 -15.53
N ASN O 77 -10.47 5.16 -16.48
CA ASN O 77 -9.38 4.17 -16.50
C ASN O 77 -8.09 4.82 -16.98
N ILE O 78 -7.00 4.49 -16.28
CA ILE O 78 -5.66 4.91 -16.67
C ILE O 78 -4.75 3.68 -16.63
N PRO O 79 -4.10 3.32 -17.73
CA PRO O 79 -3.24 2.12 -17.73
C PRO O 79 -1.87 2.39 -17.11
N SER O 80 -1.17 1.30 -16.81
CA SER O 80 0.13 1.38 -16.15
C SER O 80 1.28 1.58 -17.12
N HIS O 81 1.12 1.17 -18.38
CA HIS O 81 2.22 1.33 -19.34
C HIS O 81 2.42 2.79 -19.72
N LEU O 82 1.35 3.58 -19.70
CA LEU O 82 1.50 5.01 -19.94
C LEU O 82 2.24 5.67 -18.77
N LEU O 83 2.00 5.17 -17.55
CA LEU O 83 2.75 5.67 -16.41
C LEU O 83 4.23 5.28 -16.52
N THR O 84 4.50 4.07 -17.01
CA THR O 84 5.90 3.67 -17.18
C THR O 84 6.59 4.51 -18.26
N LYS O 85 5.88 4.83 -19.33
CA LYS O 85 6.47 5.66 -20.38
C LYS O 85 6.72 7.07 -19.87
N ALA O 86 5.78 7.63 -19.09
CA ALA O 86 5.99 8.96 -18.55
C ALA O 86 7.12 8.96 -17.53
N LEU O 87 7.30 7.86 -16.80
CA LEU O 87 8.42 7.77 -15.87
C LEU O 87 9.74 7.70 -16.62
N GLU O 88 9.76 6.99 -17.75
CA GLU O 88 10.96 6.94 -18.56
C GLU O 88 11.31 8.31 -19.11
N ILE O 89 10.29 9.14 -19.39
CA ILE O 89 10.58 10.47 -19.90
C ILE O 89 11.08 11.40 -18.80
N VAL O 90 10.42 11.38 -17.64
CA VAL O 90 10.74 12.40 -16.63
C VAL O 90 11.96 12.04 -15.80
N LEU O 91 12.24 10.75 -15.62
CA LEU O 91 13.37 10.39 -14.77
C LEU O 91 14.70 10.46 -15.49
N ASN O 92 14.69 10.70 -16.81
CA ASN O 92 15.92 10.85 -17.55
C ASN O 92 16.51 12.23 -17.29
N PRO O 93 17.74 12.32 -16.76
CA PRO O 93 18.33 13.64 -16.47
C PRO O 93 18.70 14.42 -17.72
N ALA O 94 18.74 13.79 -18.89
CA ALA O 94 19.02 14.53 -20.11
C ALA O 94 17.84 15.38 -20.55
N ASN O 95 16.66 15.19 -19.97
CA ASN O 95 15.48 15.99 -20.30
C ASN O 95 15.11 16.99 -19.21
N GLN O 96 15.87 17.07 -18.12
CA GLN O 96 15.53 17.96 -17.02
C GLN O 96 16.32 19.26 -17.12
N PRO O 97 15.74 20.40 -16.70
CA PRO O 97 14.44 20.63 -16.06
C PRO O 97 13.22 20.38 -16.93
N ILE O 98 12.30 19.57 -16.43
CA ILE O 98 11.08 19.17 -17.13
C ILE O 98 9.88 19.61 -16.32
N LEU O 99 8.84 20.08 -16.99
CA LEU O 99 7.60 20.49 -16.35
C LEU O 99 6.50 19.52 -16.74
N ILE O 100 5.90 18.88 -15.75
CA ILE O 100 4.79 17.97 -15.96
C ILE O 100 3.50 18.75 -15.77
N HIS O 101 2.62 18.70 -16.76
CA HIS O 101 1.36 19.41 -16.63
C HIS O 101 0.25 18.69 -17.36
N SER O 102 -0.98 19.03 -16.98
CA SER O 102 -2.20 18.52 -17.59
C SER O 102 -3.16 19.70 -17.66
N ASN O 103 -4.45 19.42 -17.86
CA ASN O 103 -5.42 20.51 -17.94
C ASN O 103 -5.49 21.31 -16.64
N ARG O 104 -5.28 20.65 -15.50
CA ARG O 104 -5.25 21.36 -14.22
C ARG O 104 -4.10 20.92 -13.31
N GLY O 105 -3.35 19.89 -13.65
CA GLY O 105 -2.29 19.41 -12.77
C GLY O 105 -2.79 18.72 -11.52
N LYS O 106 -3.98 18.12 -11.58
CA LYS O 106 -4.62 17.54 -10.41
C LYS O 106 -4.73 16.02 -10.46
N HIS O 107 -5.29 15.46 -11.53
CA HIS O 107 -5.66 14.05 -11.54
C HIS O 107 -4.62 13.19 -12.26
N ARG O 108 -4.33 13.50 -13.53
CA ARG O 108 -3.32 12.72 -14.24
C ARG O 108 -1.92 13.05 -13.75
N THR O 109 -1.68 14.35 -13.52
CA THR O 109 -0.39 14.78 -13.00
C THR O 109 -0.16 14.25 -11.60
N GLY O 110 -1.20 14.26 -10.77
CA GLY O 110 -1.05 13.78 -9.41
C GLY O 110 -0.79 12.28 -9.33
N CYS O 111 -1.32 11.53 -10.29
CA CYS O 111 -1.05 10.09 -10.31
C CYS O 111 0.37 9.80 -10.78
N LEU O 112 0.84 10.59 -11.75
CA LEU O 112 2.24 10.42 -12.16
C LEU O 112 3.19 10.78 -11.02
N ILE O 113 2.87 11.85 -10.29
CA ILE O 113 3.74 12.25 -9.19
C ILE O 113 3.63 11.26 -8.04
N GLY O 114 2.47 10.64 -7.84
CA GLY O 114 2.37 9.59 -6.84
C GLY O 114 3.22 8.38 -7.20
N CYS O 115 3.34 8.07 -8.48
CA CYS O 115 4.24 6.97 -8.83
C CYS O 115 5.71 7.39 -8.73
N ILE O 116 5.99 8.68 -8.95
CA ILE O 116 7.35 9.17 -8.69
C ILE O 116 7.70 9.04 -7.22
N ARG O 117 6.76 9.39 -6.34
CA ARG O 117 6.99 9.27 -4.90
C ARG O 117 7.05 7.81 -4.46
N LYS O 118 6.36 6.92 -5.18
CA LYS O 118 6.53 5.50 -4.89
C LYS O 118 7.91 5.03 -5.30
N LEU O 119 8.51 5.65 -6.32
CA LEU O 119 9.89 5.32 -6.66
C LEU O 119 10.86 5.84 -5.60
N GLN O 120 10.52 6.91 -4.90
CA GLN O 120 11.32 7.40 -3.79
C GLN O 120 11.03 6.64 -2.49
N ASN O 121 10.19 5.61 -2.56
CA ASN O 121 9.83 4.79 -1.41
C ASN O 121 9.16 5.62 -0.31
N TRP O 122 8.22 6.47 -0.74
CA TRP O 122 7.38 7.17 0.23
C TRP O 122 6.30 6.24 0.76
N SER O 123 5.83 6.55 1.96
CA SER O 123 4.64 5.88 2.48
C SER O 123 3.42 6.34 1.69
N LEU O 124 2.45 5.45 1.53
CA LEU O 124 1.27 5.78 0.75
C LEU O 124 0.43 6.88 1.41
N THR O 125 0.55 7.04 2.73
CA THR O 125 -0.19 8.10 3.42
C THR O 125 0.22 9.47 2.91
N MET O 126 1.54 9.70 2.78
CA MET O 126 2.02 11.00 2.33
C MET O 126 1.78 11.18 0.83
N ILE O 127 1.80 10.10 0.07
CA ILE O 127 1.49 10.17 -1.34
C ILE O 127 0.04 10.62 -1.53
N PHE O 128 -0.88 10.03 -0.77
CA PHE O 128 -2.28 10.40 -0.90
C PHE O 128 -2.54 11.79 -0.33
N ASP O 129 -1.79 12.20 0.69
CA ASP O 129 -1.98 13.55 1.22
C ASP O 129 -1.48 14.62 0.25
N GLU O 130 -0.36 14.37 -0.44
CA GLU O 130 0.10 15.32 -1.45
C GLU O 130 -0.86 15.36 -2.62
N TYR O 131 -1.37 14.19 -3.02
CA TYR O 131 -2.33 14.15 -4.12
C TYR O 131 -3.60 14.92 -3.76
N ARG O 132 -4.09 14.75 -2.53
CA ARG O 132 -5.31 15.44 -2.13
C ARG O 132 -5.06 16.92 -1.91
N ARG O 133 -3.84 17.31 -1.55
CA ARG O 133 -3.56 18.73 -1.41
C ARG O 133 -3.57 19.42 -2.76
N PHE O 134 -3.12 18.73 -3.81
CA PHE O 134 -3.14 19.38 -5.11
C PHE O 134 -4.45 19.21 -5.88
N ALA O 135 -5.16 18.10 -5.67
CA ALA O 135 -6.36 17.81 -6.43
C ALA O 135 -7.63 18.31 -5.76
N PHE O 136 -7.51 19.02 -4.64
CA PHE O 136 -8.69 19.55 -3.97
C PHE O 136 -9.33 20.63 -4.84
N PRO O 137 -10.67 20.65 -4.94
CA PRO O 137 -11.62 19.81 -4.21
C PRO O 137 -11.90 18.46 -4.86
N LYS O 138 -11.51 18.30 -6.13
CA LYS O 138 -11.84 17.10 -6.90
C LYS O 138 -10.79 16.00 -6.67
N ALA O 139 -10.62 15.65 -5.40
CA ALA O 139 -9.71 14.57 -5.02
C ALA O 139 -10.39 13.23 -5.29
N ARG O 140 -9.83 12.44 -6.20
CA ARG O 140 -10.45 11.21 -6.65
C ARG O 140 -9.74 10.00 -6.05
N ALA O 141 -10.52 9.06 -5.53
CA ALA O 141 -9.95 7.84 -4.98
C ALA O 141 -9.46 6.91 -6.08
N LEU O 142 -9.91 7.11 -7.31
CA LEU O 142 -9.48 6.25 -8.41
C LEU O 142 -8.02 6.50 -8.77
N ASP O 143 -7.56 7.74 -8.69
CA ASP O 143 -6.15 8.02 -8.96
C ASP O 143 -5.26 7.42 -7.87
N GLN O 144 -5.72 7.47 -6.63
CA GLN O 144 -4.97 6.83 -5.56
C GLN O 144 -5.00 5.32 -5.68
N GLN O 145 -6.09 4.76 -6.22
CA GLN O 145 -6.13 3.33 -6.51
C GLN O 145 -5.14 2.96 -7.60
N PHE O 146 -5.00 3.82 -8.61
CA PHE O 146 -4.03 3.58 -9.66
C PHE O 146 -2.61 3.72 -9.15
N ILE O 147 -2.39 4.59 -8.18
CA ILE O 147 -1.07 4.70 -7.56
C ILE O 147 -0.78 3.44 -6.73
N GLU O 148 -1.77 2.97 -5.97
CA GLU O 148 -1.56 1.82 -5.11
C GLU O 148 -1.37 0.54 -5.91
N MET O 149 -1.99 0.46 -7.10
CA MET O 149 -1.96 -0.77 -7.89
C MET O 149 -0.79 -0.82 -8.85
N TYR O 150 0.03 0.22 -8.93
CA TYR O 150 1.14 0.24 -9.89
C TYR O 150 2.31 -0.58 -9.35
N ASP O 151 2.72 -1.59 -10.13
CA ASP O 151 3.92 -2.37 -9.83
C ASP O 151 5.12 -1.67 -10.44
N ASP O 152 6.06 -1.26 -9.59
CA ASP O 152 7.19 -0.44 -10.03
C ASP O 152 8.42 -1.29 -10.36
N ASP O 153 8.25 -2.57 -10.71
CA ASP O 153 9.40 -3.44 -10.99
C ASP O 153 10.08 -3.04 -12.29
N GLU O 154 9.27 -2.78 -13.32
CA GLU O 154 9.81 -2.52 -14.65
C GLU O 154 10.54 -1.18 -14.71
N ILE O 155 10.01 -0.16 -14.04
CA ILE O 155 10.68 1.13 -14.06
C ILE O 155 11.83 1.20 -13.06
N LYS O 156 11.79 0.41 -11.99
CA LYS O 156 12.92 0.42 -11.07
C LYS O 156 14.14 -0.22 -11.69
N ARG O 157 13.95 -1.29 -12.49
CA ARG O 157 15.12 -1.85 -13.18
C ARG O 157 15.66 -0.88 -14.22
N ILE O 158 14.78 -0.12 -14.89
CA ILE O 158 15.23 0.84 -15.89
C ILE O 158 15.98 1.99 -15.23
N ALA O 159 15.53 2.41 -14.05
CA ALA O 159 16.21 3.50 -13.37
C ALA O 159 17.54 3.06 -12.78
N SER O 160 17.64 1.79 -12.38
CA SER O 160 18.92 1.28 -11.89
C SER O 160 19.88 0.97 -13.03
N LYS O 161 19.36 0.68 -14.22
CA LYS O 161 20.24 0.41 -15.35
C LYS O 161 20.96 1.67 -15.81
N ASN O 162 20.29 2.81 -15.76
CA ASN O 162 20.86 4.08 -16.17
C ASN O 162 21.36 4.90 -14.99
N ASN O 163 21.40 4.33 -13.79
CA ASN O 163 21.87 5.02 -12.59
C ASN O 163 21.04 6.28 -12.33
N TRP O 164 19.72 6.12 -12.38
CA TRP O 164 18.82 7.23 -12.11
C TRP O 164 18.40 7.33 -10.65
N LEU O 165 18.23 6.19 -9.96
CA LEU O 165 17.94 6.27 -8.54
C LEU O 165 19.24 6.27 -7.73
N PRO O 166 19.27 6.96 -6.57
CA PRO O 166 18.17 7.69 -5.96
C PRO O 166 17.91 9.06 -6.57
N LEU O 167 16.67 9.53 -6.45
CA LEU O 167 16.31 10.86 -6.95
C LEU O 167 16.82 11.90 -5.98
N GLN O 168 17.72 12.76 -6.46
CA GLN O 168 18.38 13.74 -5.61
C GLN O 168 17.65 15.08 -5.65
N TRP O 169 17.65 15.76 -4.51
CA TRP O 169 16.98 17.04 -4.38
C TRP O 169 17.89 18.18 -4.80
N ASN P 1 28.29 -15.27 -54.84
CA ASN P 1 27.04 -15.90 -55.25
C ASN P 1 27.00 -17.35 -54.78
N LYS P 2 27.54 -17.61 -53.60
CA LYS P 2 27.60 -18.95 -53.04
C LYS P 2 26.35 -19.25 -52.21
N GLU P 3 26.40 -20.29 -51.39
CA GLU P 3 25.24 -20.80 -50.66
C GLU P 3 24.79 -19.85 -49.55
N VAL P 4 23.51 -19.45 -49.61
CA VAL P 4 22.86 -18.59 -48.62
C VAL P 4 21.63 -19.33 -48.08
N ILE P 5 21.40 -19.25 -46.78
CA ILE P 5 20.25 -19.92 -46.18
C ILE P 5 19.40 -18.93 -45.40
N PRO P 6 18.18 -18.60 -45.85
CA PRO P 6 17.28 -17.80 -45.04
C PRO P 6 16.71 -18.62 -43.89
N PRO P 7 16.27 -17.98 -42.81
CA PRO P 7 15.66 -18.75 -41.71
C PRO P 7 14.32 -19.33 -42.11
N GLU P 8 13.89 -20.34 -41.35
CA GLU P 8 12.58 -20.94 -41.62
C GLU P 8 11.47 -19.96 -41.29
N ASN P 9 10.39 -20.03 -42.08
CA ASN P 9 9.24 -19.13 -41.95
C ASN P 9 9.65 -17.67 -42.06
N PHE P 10 10.69 -17.40 -42.83
CA PHE P 10 11.12 -16.04 -43.09
C PHE P 10 10.22 -15.38 -44.13
N SER P 11 9.84 -14.14 -43.88
CA SER P 11 9.12 -13.39 -44.89
C SER P 11 9.29 -11.90 -44.64
N HIS P 12 8.96 -11.13 -45.68
CA HIS P 12 8.92 -9.68 -45.62
C HIS P 12 7.52 -9.24 -45.20
N VAL P 13 7.46 -8.16 -44.42
CA VAL P 13 6.16 -7.69 -43.93
C VAL P 13 5.71 -6.51 -44.78
N VAL P 14 6.44 -5.39 -44.69
CA VAL P 14 6.13 -4.21 -45.49
C VAL P 14 7.36 -3.30 -45.46
N GLY P 15 7.74 -2.78 -46.64
CA GLY P 15 8.87 -1.87 -46.70
C GLY P 15 10.19 -2.49 -46.31
N GLU P 16 10.70 -2.11 -45.14
CA GLU P 16 11.95 -2.67 -44.62
C GLU P 16 11.69 -3.45 -43.32
N ILE P 17 10.52 -4.06 -43.21
CA ILE P 17 10.16 -4.88 -42.07
C ILE P 17 10.04 -6.34 -42.53
N TYR P 18 10.70 -7.24 -41.81
CA TYR P 18 10.72 -8.65 -42.17
C TYR P 18 10.30 -9.49 -40.97
N ARG P 19 9.89 -10.72 -41.26
CA ARG P 19 9.53 -11.69 -40.23
C ARG P 19 10.31 -12.97 -40.46
N SER P 20 10.60 -13.67 -39.37
CA SER P 20 11.29 -14.95 -39.46
C SER P 20 11.09 -15.69 -38.14
N SER P 21 11.63 -16.91 -38.09
CA SER P 21 11.80 -17.63 -36.84
C SER P 21 13.13 -17.22 -36.22
N PHE P 22 13.56 -17.95 -35.20
CA PHE P 22 14.83 -17.62 -34.56
C PHE P 22 16.00 -17.94 -35.48
N PRO P 23 16.82 -16.96 -35.85
CA PRO P 23 17.91 -17.22 -36.81
C PRO P 23 19.04 -18.01 -36.18
N ARG P 24 19.72 -18.79 -37.01
CA ARG P 24 20.89 -19.55 -36.63
C ARG P 24 22.11 -18.98 -37.33
N GLN P 25 23.27 -19.61 -37.11
CA GLN P 25 24.49 -19.08 -37.70
C GLN P 25 24.46 -19.18 -39.22
N GLU P 26 23.80 -20.23 -39.74
CA GLU P 26 23.71 -20.38 -41.19
C GLU P 26 22.87 -19.27 -41.80
N ASN P 27 22.08 -18.58 -40.99
CA ASN P 27 21.27 -17.47 -41.44
C ASN P 27 21.93 -16.12 -41.24
N PHE P 28 23.08 -16.06 -40.56
CA PHE P 28 23.64 -14.76 -40.19
C PHE P 28 24.08 -13.97 -41.42
N SER P 29 24.70 -14.64 -42.38
CA SER P 29 25.08 -13.98 -43.62
C SER P 29 23.87 -13.45 -44.36
N PHE P 30 22.74 -14.14 -44.24
CA PHE P 30 21.51 -13.68 -44.87
C PHE P 30 21.02 -12.39 -44.24
N LEU P 31 21.23 -12.22 -42.93
CA LEU P 31 20.72 -11.05 -42.22
C LEU P 31 21.53 -9.78 -42.51
N HIS P 32 22.83 -9.90 -42.78
CA HIS P 32 23.68 -8.73 -42.92
C HIS P 32 23.99 -8.37 -44.36
N GLU P 33 24.30 -9.35 -45.20
CA GLU P 33 24.74 -9.06 -46.56
C GLU P 33 23.59 -8.97 -47.55
N ARG P 34 22.43 -9.55 -47.24
CA ARG P 34 21.28 -9.48 -48.13
C ARG P 34 20.11 -8.74 -47.52
N LEU P 35 19.80 -8.97 -46.24
CA LEU P 35 18.79 -8.17 -45.58
C LEU P 35 19.36 -6.83 -45.16
N LYS P 36 20.63 -6.81 -44.78
CA LYS P 36 21.32 -5.61 -44.33
C LYS P 36 20.54 -4.94 -43.21
N LEU P 37 20.24 -5.72 -42.19
CA LEU P 37 19.42 -5.21 -41.10
C LEU P 37 20.25 -4.26 -40.25
N LYS P 38 19.55 -3.29 -39.66
CA LYS P 38 20.17 -2.41 -38.67
C LYS P 38 19.67 -2.68 -37.26
N SER P 39 18.49 -3.28 -37.11
CA SER P 39 17.96 -3.64 -35.81
C SER P 39 17.26 -5.00 -35.90
N ILE P 40 17.05 -5.60 -34.73
CA ILE P 40 16.32 -6.85 -34.61
C ILE P 40 15.39 -6.74 -33.41
N LEU P 41 14.10 -7.01 -33.64
CA LEU P 41 13.12 -7.01 -32.56
C LEU P 41 12.79 -8.46 -32.20
N VAL P 42 13.06 -8.83 -30.96
CA VAL P 42 12.75 -10.15 -30.45
C VAL P 42 11.56 -10.05 -29.51
N LEU P 43 10.65 -11.02 -29.62
CA LEU P 43 9.44 -11.05 -28.80
C LEU P 43 9.50 -12.17 -27.75
N ILE P 44 10.70 -12.48 -27.28
CA ILE P 44 10.90 -13.57 -26.32
C ILE P 44 11.30 -12.98 -24.98
N PRO P 45 10.83 -13.53 -23.86
CA PRO P 45 11.32 -13.08 -22.55
C PRO P 45 12.63 -13.74 -22.17
N GLU P 46 12.99 -14.83 -22.84
CA GLU P 46 14.18 -15.61 -22.56
C GLU P 46 15.44 -14.84 -23.00
N GLU P 47 16.58 -15.24 -22.45
CA GLU P 47 17.84 -14.56 -22.72
C GLU P 47 18.34 -14.84 -24.13
N TYR P 48 18.90 -13.81 -24.76
CA TYR P 48 19.33 -13.98 -26.15
C TYR P 48 20.63 -14.79 -26.18
N PRO P 49 20.73 -15.81 -27.03
CA PRO P 49 21.91 -16.69 -27.01
C PRO P 49 23.17 -15.97 -27.47
N GLN P 50 24.32 -16.53 -27.04
CA GLN P 50 25.58 -15.81 -27.16
C GLN P 50 26.10 -15.76 -28.59
N GLU P 51 25.86 -16.80 -29.41
CA GLU P 51 26.34 -16.69 -30.79
C GLU P 51 25.56 -15.64 -31.56
N ASN P 52 24.27 -15.49 -31.26
CA ASN P 52 23.46 -14.46 -31.90
C ASN P 52 23.86 -13.07 -31.40
N LEU P 53 24.12 -12.95 -30.10
CA LEU P 53 24.56 -11.66 -29.56
C LEU P 53 25.94 -11.27 -30.07
N ASN P 54 26.82 -12.26 -30.28
CA ASN P 54 28.15 -11.96 -30.79
C ASN P 54 28.08 -11.52 -32.25
N PHE P 55 27.18 -12.13 -33.03
CA PHE P 55 27.02 -11.65 -34.40
C PHE P 55 26.47 -10.23 -34.42
N LEU P 56 25.53 -9.94 -33.51
CA LEU P 56 24.97 -8.59 -33.46
C LEU P 56 26.00 -7.57 -32.99
N LYS P 57 26.92 -7.98 -32.12
CA LYS P 57 27.96 -7.06 -31.67
C LYS P 57 29.02 -6.84 -32.74
N LEU P 58 29.32 -7.85 -33.56
CA LEU P 58 30.27 -7.63 -34.63
C LEU P 58 29.66 -6.78 -35.74
N THR P 59 28.35 -6.88 -35.95
CA THR P 59 27.73 -6.14 -37.05
C THR P 59 27.17 -4.79 -36.63
N GLY P 60 26.98 -4.56 -35.34
CA GLY P 60 26.38 -3.31 -34.92
C GLY P 60 24.88 -3.31 -35.00
N ILE P 61 24.27 -4.47 -35.18
CA ILE P 61 22.82 -4.57 -35.29
C ILE P 61 22.23 -4.41 -33.91
N LYS P 62 21.36 -3.42 -33.75
CA LYS P 62 20.76 -3.13 -32.45
C LYS P 62 19.71 -4.16 -32.10
N LEU P 63 19.74 -4.60 -30.85
CA LEU P 63 18.79 -5.60 -30.37
C LEU P 63 17.68 -4.89 -29.61
N TYR P 64 16.45 -5.13 -30.02
CA TYR P 64 15.28 -4.70 -29.27
C TYR P 64 14.53 -5.92 -28.77
N GLN P 65 13.99 -5.82 -27.56
CA GLN P 65 13.30 -6.96 -26.95
C GLN P 65 12.03 -6.50 -26.28
N VAL P 66 10.91 -7.04 -26.71
CA VAL P 66 9.63 -6.88 -26.05
C VAL P 66 9.24 -8.28 -25.61
N GLY P 67 9.49 -8.60 -24.34
CA GLY P 67 9.32 -9.95 -23.87
C GLY P 67 7.88 -10.38 -23.80
N MET P 68 7.50 -11.31 -24.67
CA MET P 68 6.15 -11.86 -24.66
C MET P 68 6.24 -13.34 -24.30
N SER P 69 5.50 -13.74 -23.27
CA SER P 69 5.59 -15.10 -22.76
C SER P 69 4.89 -16.03 -23.73
N GLY P 70 5.42 -17.24 -23.87
CA GLY P 70 4.76 -18.22 -24.72
C GLY P 70 3.43 -18.68 -24.19
N ASN P 71 3.40 -19.45 -23.10
CA ASN P 71 2.16 -19.71 -22.39
C ASN P 71 2.19 -19.21 -20.95
N LYS P 72 3.14 -19.69 -20.13
CA LYS P 72 3.28 -19.31 -18.72
C LYS P 72 2.11 -19.78 -17.88
N GLU P 73 1.08 -20.33 -18.53
CA GLU P 73 -0.20 -20.72 -17.94
C GLU P 73 -1.04 -21.32 -19.06
N PRO P 74 -2.16 -21.98 -18.75
CA PRO P 74 -2.92 -22.62 -19.83
C PRO P 74 -3.67 -21.68 -20.79
N PHE P 75 -3.02 -21.37 -21.91
CA PHE P 75 -3.73 -21.13 -23.16
C PHE P 75 -4.76 -19.99 -23.21
N VAL P 76 -4.38 -18.72 -23.26
CA VAL P 76 -3.05 -18.11 -23.15
C VAL P 76 -3.47 -16.65 -23.04
N ASN P 77 -2.61 -15.74 -22.58
CA ASN P 77 -2.96 -14.33 -22.77
C ASN P 77 -1.72 -13.47 -22.92
N ILE P 78 -1.84 -12.44 -23.76
CA ILE P 78 -0.78 -11.49 -24.05
C ILE P 78 -1.29 -10.07 -23.80
N PRO P 79 -0.53 -9.22 -23.11
CA PRO P 79 -1.00 -7.85 -22.88
C PRO P 79 -0.92 -7.03 -24.15
N SER P 80 -1.68 -5.93 -24.17
CA SER P 80 -1.77 -5.06 -25.34
C SER P 80 -0.69 -3.99 -25.38
N HIS P 81 -0.16 -3.61 -24.21
CA HIS P 81 0.86 -2.56 -24.18
C HIS P 81 2.18 -3.06 -24.76
N LEU P 82 2.43 -4.38 -24.69
CA LEU P 82 3.58 -4.92 -25.38
C LEU P 82 3.41 -4.80 -26.90
N LEU P 83 2.18 -4.94 -27.38
CA LEU P 83 1.92 -4.76 -28.80
C LEU P 83 2.19 -3.32 -29.22
N THR P 84 1.76 -2.37 -28.38
CA THR P 84 2.00 -0.97 -28.74
C THR P 84 3.49 -0.63 -28.71
N LYS P 85 4.23 -1.18 -27.74
CA LYS P 85 5.67 -0.92 -27.66
C LYS P 85 6.42 -1.49 -28.86
N ALA P 86 6.06 -2.72 -29.27
CA ALA P 86 6.72 -3.29 -30.44
C ALA P 86 6.36 -2.52 -31.71
N LEU P 87 5.14 -1.98 -31.77
CA LEU P 87 4.78 -1.18 -32.93
C LEU P 87 5.58 0.12 -32.98
N GLU P 88 5.84 0.72 -31.82
CA GLU P 88 6.66 1.92 -31.80
C GLU P 88 8.10 1.63 -32.21
N ILE P 89 8.58 0.42 -31.93
CA ILE P 89 9.95 0.11 -32.36
C ILE P 89 9.98 -0.13 -33.87
N VAL P 90 9.00 -0.85 -34.41
CA VAL P 90 9.13 -1.25 -35.81
C VAL P 90 8.73 -0.13 -36.78
N LEU P 91 7.79 0.73 -36.40
CA LEU P 91 7.31 1.72 -37.36
C LEU P 91 8.24 2.92 -37.49
N ASN P 92 9.27 3.00 -36.66
CA ASN P 92 10.27 4.05 -36.77
C ASN P 92 11.20 3.75 -37.95
N PRO P 93 11.30 4.63 -38.95
CA PRO P 93 12.20 4.36 -40.07
C PRO P 93 13.67 4.42 -39.67
N ALA P 94 13.98 4.96 -38.50
CA ALA P 94 15.34 4.96 -37.96
C ALA P 94 15.74 3.59 -37.42
N ASN P 95 14.80 2.66 -37.28
CA ASN P 95 15.10 1.31 -36.82
C ASN P 95 15.03 0.28 -37.93
N GLN P 96 14.76 0.70 -39.14
CA GLN P 96 14.65 -0.20 -40.28
C GLN P 96 15.94 -0.21 -41.08
N PRO P 97 16.36 -1.34 -41.67
CA PRO P 97 15.71 -2.66 -41.75
C PRO P 97 15.65 -3.41 -40.41
N ILE P 98 14.44 -3.84 -40.04
CA ILE P 98 14.20 -4.50 -38.77
C ILE P 98 13.62 -5.88 -39.02
N LEU P 99 14.03 -6.85 -38.22
CA LEU P 99 13.53 -8.22 -38.29
C LEU P 99 12.77 -8.54 -37.02
N ILE P 100 11.50 -8.91 -37.16
CA ILE P 100 10.68 -9.35 -36.04
C ILE P 100 10.73 -10.87 -36.02
N HIS P 101 11.12 -11.45 -34.88
CA HIS P 101 11.17 -12.90 -34.80
C HIS P 101 10.95 -13.39 -33.37
N SER P 102 10.63 -14.67 -33.27
CA SER P 102 10.47 -15.38 -32.02
C SER P 102 11.08 -16.77 -32.22
N ASN P 103 10.76 -17.71 -31.35
CA ASN P 103 11.31 -19.06 -31.51
C ASN P 103 10.81 -19.72 -32.79
N ARG P 104 9.57 -19.45 -33.19
CA ARG P 104 8.98 -20.09 -34.37
C ARG P 104 8.55 -19.11 -35.45
N GLY P 105 8.36 -17.83 -35.14
CA GLY P 105 7.79 -16.92 -36.10
C GLY P 105 6.35 -17.21 -36.44
N LYS P 106 5.61 -17.82 -35.51
CA LYS P 106 4.24 -18.24 -35.73
C LYS P 106 3.24 -17.51 -34.85
N HIS P 107 3.46 -17.49 -33.54
CA HIS P 107 2.46 -17.04 -32.58
C HIS P 107 2.72 -15.61 -32.09
N ARG P 108 3.90 -15.36 -31.52
CA ARG P 108 4.18 -14.02 -31.00
C ARG P 108 4.40 -13.02 -32.13
N THR P 109 5.09 -13.44 -33.18
CA THR P 109 5.29 -12.58 -34.34
C THR P 109 3.99 -12.36 -35.11
N GLY P 110 3.15 -13.38 -35.19
CA GLY P 110 1.94 -13.28 -35.99
C GLY P 110 0.92 -12.29 -35.46
N CYS P 111 0.85 -12.10 -34.15
CA CYS P 111 -0.09 -11.12 -33.62
C CYS P 111 0.41 -9.70 -33.84
N LEU P 112 1.72 -9.48 -33.68
CA LEU P 112 2.27 -8.16 -33.96
C LEU P 112 2.13 -7.82 -35.44
N ILE P 113 2.35 -8.80 -36.31
CA ILE P 113 2.19 -8.53 -37.73
C ILE P 113 0.72 -8.35 -38.08
N GLY P 114 -0.18 -9.04 -37.37
CA GLY P 114 -1.60 -8.79 -37.57
C GLY P 114 -2.01 -7.38 -37.17
N CYS P 115 -1.38 -6.84 -36.13
CA CYS P 115 -1.66 -5.46 -35.77
C CYS P 115 -1.01 -4.47 -36.74
N ILE P 116 0.14 -4.86 -37.32
CA ILE P 116 0.73 -4.04 -38.37
C ILE P 116 -0.20 -3.99 -39.58
N ARG P 117 -0.76 -5.15 -39.96
CA ARG P 117 -1.67 -5.20 -41.10
C ARG P 117 -3.00 -4.50 -40.81
N LYS P 118 -3.45 -4.53 -39.55
CA LYS P 118 -4.63 -3.74 -39.22
C LYS P 118 -4.33 -2.25 -39.27
N LEU P 119 -3.08 -1.87 -39.02
CA LEU P 119 -2.71 -0.47 -39.22
C LEU P 119 -2.73 -0.09 -40.70
N GLN P 120 -2.53 -1.07 -41.58
CA GLN P 120 -2.64 -0.87 -43.02
C GLN P 120 -4.09 -0.92 -43.50
N ASN P 121 -5.05 -1.07 -42.59
CA ASN P 121 -6.48 -1.10 -42.92
C ASN P 121 -6.80 -2.24 -43.88
N TRP P 122 -6.24 -3.41 -43.61
CA TRP P 122 -6.56 -4.62 -44.35
C TRP P 122 -7.90 -5.20 -43.87
N SER P 123 -8.50 -6.02 -44.74
CA SER P 123 -9.68 -6.79 -44.36
C SER P 123 -9.33 -7.88 -43.35
N LEU P 124 -10.29 -8.17 -42.46
CA LEU P 124 -10.06 -9.15 -41.41
C LEU P 124 -9.80 -10.53 -41.98
N THR P 125 -10.40 -10.83 -43.14
CA THR P 125 -10.17 -12.11 -43.79
C THR P 125 -8.71 -12.26 -44.16
N MET P 126 -8.12 -11.21 -44.74
CA MET P 126 -6.73 -11.31 -45.16
C MET P 126 -5.80 -11.30 -43.96
N ILE P 127 -6.18 -10.64 -42.87
CA ILE P 127 -5.36 -10.68 -41.66
C ILE P 127 -5.28 -12.10 -41.14
N PHE P 128 -6.44 -12.76 -41.03
CA PHE P 128 -6.43 -14.10 -40.46
C PHE P 128 -5.87 -15.14 -41.42
N ASP P 129 -6.05 -14.98 -42.73
CA ASP P 129 -5.45 -15.95 -43.63
C ASP P 129 -3.93 -15.78 -43.71
N GLU P 130 -3.43 -14.54 -43.62
CA GLU P 130 -1.97 -14.37 -43.56
C GLU P 130 -1.42 -14.94 -42.25
N TYR P 131 -2.15 -14.77 -41.15
CA TYR P 131 -1.73 -15.39 -39.90
C TYR P 131 -1.72 -16.91 -40.03
N ARG P 132 -2.78 -17.48 -40.62
CA ARG P 132 -2.91 -18.93 -40.72
C ARG P 132 -1.92 -19.55 -41.70
N ARG P 133 -1.50 -18.79 -42.72
CA ARG P 133 -0.51 -19.32 -43.66
C ARG P 133 0.85 -19.48 -43.01
N PHE P 134 1.22 -18.56 -42.11
CA PHE P 134 2.51 -18.63 -41.44
C PHE P 134 2.48 -19.47 -40.18
N ALA P 135 1.34 -19.56 -39.50
CA ALA P 135 1.25 -20.25 -38.23
C ALA P 135 0.86 -21.71 -38.37
N PHE P 136 0.67 -22.21 -39.58
CA PHE P 136 0.39 -23.63 -39.73
C PHE P 136 1.66 -24.43 -39.37
N PRO P 137 1.53 -25.53 -38.61
CA PRO P 137 0.28 -26.14 -38.19
C PRO P 137 -0.34 -25.60 -36.90
N LYS P 138 0.44 -24.92 -36.06
CA LYS P 138 -0.05 -24.50 -34.74
C LYS P 138 -0.71 -23.12 -34.81
N ALA P 139 -1.71 -23.01 -35.68
CA ALA P 139 -2.49 -21.78 -35.78
C ALA P 139 -3.57 -21.76 -34.71
N ARG P 140 -3.52 -20.76 -33.84
CA ARG P 140 -4.42 -20.65 -32.69
C ARG P 140 -5.43 -19.52 -32.92
N ALA P 141 -6.70 -19.79 -32.58
CA ALA P 141 -7.75 -18.80 -32.77
C ALA P 141 -7.68 -17.66 -31.75
N LEU P 142 -7.00 -17.86 -30.63
CA LEU P 142 -6.88 -16.79 -29.64
C LEU P 142 -5.96 -15.68 -30.16
N ASP P 143 -5.00 -16.03 -31.02
CA ASP P 143 -4.17 -15.01 -31.63
C ASP P 143 -4.99 -14.13 -32.55
N GLN P 144 -5.92 -14.74 -33.28
CA GLN P 144 -6.81 -13.97 -34.13
C GLN P 144 -7.79 -13.14 -33.30
N GLN P 145 -8.19 -13.66 -32.13
CA GLN P 145 -9.01 -12.86 -31.23
C GLN P 145 -8.24 -11.66 -30.70
N PHE P 146 -6.94 -11.83 -30.41
CA PHE P 146 -6.13 -10.72 -29.93
C PHE P 146 -5.92 -9.68 -31.02
N ILE P 147 -5.80 -10.12 -32.27
CA ILE P 147 -5.70 -9.14 -33.36
C ILE P 147 -7.02 -8.42 -33.54
N GLU P 148 -8.13 -9.13 -33.39
CA GLU P 148 -9.44 -8.51 -33.54
C GLU P 148 -9.73 -7.54 -32.40
N MET P 149 -9.14 -7.78 -31.23
CA MET P 149 -9.39 -7.01 -30.02
C MET P 149 -8.44 -5.84 -29.80
N TYR P 150 -7.48 -5.62 -30.71
CA TYR P 150 -6.48 -4.57 -30.48
C TYR P 150 -7.05 -3.19 -30.76
N ASP P 151 -6.97 -2.31 -29.77
CA ASP P 151 -7.34 -0.90 -29.91
C ASP P 151 -6.11 -0.16 -30.42
N ASP P 152 -6.16 0.31 -31.67
CA ASP P 152 -5.00 0.89 -32.30
C ASP P 152 -5.01 2.42 -32.31
N ASP P 153 -5.82 3.05 -31.47
CA ASP P 153 -5.90 4.51 -31.54
C ASP P 153 -4.63 5.16 -30.98
N GLU P 154 -4.02 4.56 -29.96
CA GLU P 154 -2.83 5.14 -29.37
C GLU P 154 -1.65 5.06 -30.33
N ILE P 155 -1.49 3.93 -31.01
CA ILE P 155 -0.37 3.79 -31.92
C ILE P 155 -0.63 4.57 -33.20
N LYS P 156 -1.89 4.76 -33.58
CA LYS P 156 -2.19 5.62 -34.71
C LYS P 156 -1.88 7.07 -34.39
N ARG P 157 -2.14 7.50 -33.16
CA ARG P 157 -1.85 8.87 -32.77
C ARG P 157 -0.34 9.13 -32.73
N ILE P 158 0.42 8.18 -32.17
CA ILE P 158 1.85 8.38 -32.05
C ILE P 158 2.52 8.33 -33.42
N ALA P 159 2.10 7.40 -34.28
CA ALA P 159 2.73 7.28 -35.57
C ALA P 159 2.27 8.34 -36.58
N SER P 160 1.02 8.83 -36.47
CA SER P 160 0.59 9.89 -37.38
C SER P 160 1.13 11.26 -36.97
N LYS P 161 1.37 11.49 -35.67
CA LYS P 161 1.98 12.76 -35.28
C LYS P 161 3.44 12.81 -35.73
N ASN P 162 4.11 11.67 -35.73
CA ASN P 162 5.50 11.57 -36.16
C ASN P 162 5.60 11.22 -37.64
N ASN P 163 4.48 11.21 -38.34
CA ASN P 163 4.41 10.95 -39.78
C ASN P 163 5.07 9.63 -40.15
N TRP P 164 4.68 8.57 -39.47
CA TRP P 164 5.17 7.24 -39.81
C TRP P 164 4.28 6.57 -40.84
N LEU P 165 2.95 6.87 -40.82
CA LEU P 165 1.97 6.46 -41.81
C LEU P 165 1.92 7.48 -42.93
N PRO P 166 1.64 7.04 -44.17
CA PRO P 166 1.33 5.64 -44.52
C PRO P 166 2.55 4.73 -44.64
N LEU P 167 2.32 3.43 -44.44
CA LEU P 167 3.36 2.43 -44.60
C LEU P 167 3.56 2.13 -46.09
N GLN P 168 4.77 2.37 -46.59
CA GLN P 168 5.09 2.21 -47.99
C GLN P 168 5.68 0.83 -48.26
N TRP P 169 5.42 0.32 -49.46
CA TRP P 169 5.90 -1.00 -49.87
C TRP P 169 7.31 -0.91 -50.43
N ASN Q 1 -4.85 -66.62 -35.79
CA ASN Q 1 -4.79 -65.33 -36.47
C ASN Q 1 -5.50 -64.26 -35.63
N LYS Q 2 -4.84 -63.85 -34.55
CA LYS Q 2 -5.35 -62.88 -33.59
C LYS Q 2 -5.04 -61.46 -34.06
N GLU Q 3 -5.73 -60.48 -33.47
CA GLU Q 3 -5.62 -59.09 -33.88
C GLU Q 3 -4.26 -58.49 -33.53
N VAL Q 4 -3.62 -57.89 -34.53
CA VAL Q 4 -2.27 -57.33 -34.40
C VAL Q 4 -2.33 -55.83 -34.64
N ILE Q 5 -1.55 -55.09 -33.86
CA ILE Q 5 -1.52 -53.62 -33.96
C ILE Q 5 -0.08 -53.15 -34.23
N PRO Q 6 0.21 -52.64 -35.42
CA PRO Q 6 1.53 -52.05 -35.67
C PRO Q 6 1.64 -50.69 -35.00
N PRO Q 7 2.84 -50.21 -34.72
CA PRO Q 7 2.99 -48.89 -34.09
C PRO Q 7 2.58 -47.77 -35.03
N GLU Q 8 2.34 -46.61 -34.44
CA GLU Q 8 1.98 -45.44 -35.24
C GLU Q 8 3.18 -45.01 -36.08
N ASN Q 9 2.89 -44.52 -37.28
CA ASN Q 9 3.91 -44.10 -38.24
C ASN Q 9 4.86 -45.25 -38.56
N PHE Q 10 4.36 -46.48 -38.51
CA PHE Q 10 5.16 -47.62 -38.92
C PHE Q 10 5.17 -47.71 -40.43
N SER Q 11 6.33 -47.98 -40.99
CA SER Q 11 6.41 -48.24 -42.42
C SER Q 11 7.67 -49.03 -42.70
N HIS Q 12 7.71 -49.60 -43.90
CA HIS Q 12 8.89 -50.28 -44.39
C HIS Q 12 9.79 -49.26 -45.07
N VAL Q 13 11.09 -49.38 -44.87
CA VAL Q 13 12.01 -48.41 -45.45
C VAL Q 13 12.65 -49.02 -46.69
N VAL Q 14 13.45 -50.06 -46.51
CA VAL Q 14 14.04 -50.71 -47.67
C VAL Q 14 14.55 -52.09 -47.27
N GLY Q 15 14.24 -53.10 -48.07
CA GLY Q 15 14.69 -54.45 -47.76
C GLY Q 15 14.14 -54.94 -46.44
N GLU Q 16 15.01 -55.04 -45.44
CA GLU Q 16 14.60 -55.43 -44.08
C GLU Q 16 14.89 -54.34 -43.07
N ILE Q 17 14.83 -53.08 -43.51
CA ILE Q 17 14.96 -51.92 -42.65
C ILE Q 17 13.60 -51.26 -42.57
N TYR Q 18 13.13 -51.02 -41.34
CA TYR Q 18 11.80 -50.50 -41.07
C TYR Q 18 11.90 -49.25 -40.19
N ARG Q 19 10.83 -48.46 -40.18
CA ARG Q 19 10.73 -47.27 -39.35
C ARG Q 19 9.44 -47.30 -38.54
N SER Q 20 9.46 -46.68 -37.37
CA SER Q 20 8.27 -46.61 -36.52
C SER Q 20 8.43 -45.47 -35.52
N SER Q 21 7.38 -45.27 -34.72
CA SER Q 21 7.49 -44.46 -33.52
C SER Q 21 7.96 -45.39 -32.41
N PHE Q 22 8.02 -44.92 -31.16
CA PHE Q 22 8.47 -45.81 -30.10
C PHE Q 22 7.37 -46.82 -29.81
N PRO Q 23 7.63 -48.12 -29.94
CA PRO Q 23 6.55 -49.12 -29.80
C PRO Q 23 6.04 -49.24 -28.37
N ARG Q 24 4.77 -49.63 -28.27
CA ARG Q 24 4.12 -49.91 -27.01
C ARG Q 24 3.89 -51.42 -26.89
N GLN Q 25 3.23 -51.82 -25.79
CA GLN Q 25 3.09 -53.25 -25.50
C GLN Q 25 2.21 -53.97 -26.52
N GLU Q 26 1.17 -53.31 -27.04
CA GLU Q 26 0.32 -53.98 -28.01
C GLU Q 26 1.01 -54.17 -29.35
N ASN Q 27 2.16 -53.54 -29.58
CA ASN Q 27 2.94 -53.68 -30.80
C ASN Q 27 3.99 -54.78 -30.71
N PHE Q 28 4.17 -55.40 -29.54
CA PHE Q 28 5.29 -56.33 -29.35
C PHE Q 28 5.11 -57.59 -30.18
N SER Q 29 3.89 -58.15 -30.22
CA SER Q 29 3.65 -59.31 -31.06
C SER Q 29 3.87 -58.97 -32.53
N PHE Q 30 3.56 -57.74 -32.92
CA PHE Q 30 3.81 -57.34 -34.30
C PHE Q 30 5.30 -57.28 -34.58
N LEU Q 31 6.07 -56.83 -33.60
CA LEU Q 31 7.51 -56.69 -33.82
C LEU Q 31 8.22 -58.05 -33.82
N HIS Q 32 7.67 -59.03 -33.10
CA HIS Q 32 8.35 -60.31 -32.95
C HIS Q 32 7.80 -61.41 -33.87
N GLU Q 33 6.48 -61.56 -33.94
CA GLU Q 33 5.89 -62.67 -34.67
C GLU Q 33 5.57 -62.35 -36.13
N ARG Q 34 5.47 -61.09 -36.50
CA ARG Q 34 5.19 -60.76 -37.90
C ARG Q 34 6.32 -59.99 -38.58
N LEU Q 35 6.96 -59.05 -37.89
CA LEU Q 35 8.16 -58.45 -38.46
C LEU Q 35 9.38 -59.35 -38.27
N LYS Q 36 9.43 -60.09 -37.16
CA LYS Q 36 10.53 -60.98 -36.82
C LYS Q 36 11.86 -60.23 -36.87
N LEU Q 37 11.93 -59.16 -36.07
CA LEU Q 37 13.08 -58.30 -36.10
C LEU Q 37 14.29 -58.97 -35.45
N LYS Q 38 15.48 -58.56 -35.90
CA LYS Q 38 16.73 -58.99 -35.31
C LYS Q 38 17.39 -57.91 -34.48
N SER Q 39 17.17 -56.64 -34.81
CA SER Q 39 17.71 -55.54 -34.02
C SER Q 39 16.75 -54.36 -34.03
N ILE Q 40 16.93 -53.47 -33.06
CA ILE Q 40 16.16 -52.24 -32.98
C ILE Q 40 17.12 -51.10 -32.66
N LEU Q 41 17.09 -50.06 -33.49
CA LEU Q 41 17.88 -48.86 -33.29
C LEU Q 41 16.96 -47.76 -32.76
N VAL Q 42 17.27 -47.28 -31.56
CA VAL Q 42 16.53 -46.19 -30.94
C VAL Q 42 17.39 -44.93 -31.03
N LEU Q 43 16.76 -43.81 -31.36
CA LEU Q 43 17.45 -42.55 -31.55
C LEU Q 43 17.18 -41.58 -30.40
N ILE Q 44 16.97 -42.13 -29.21
CA ILE Q 44 16.64 -41.36 -28.01
C ILE Q 44 17.85 -41.35 -27.09
N PRO Q 45 18.15 -40.22 -26.43
CA PRO Q 45 19.22 -40.24 -25.42
C PRO Q 45 18.76 -40.79 -24.08
N GLU Q 46 17.45 -40.86 -23.85
CA GLU Q 46 16.92 -41.38 -22.60
C GLU Q 46 17.15 -42.88 -22.49
N GLU Q 47 17.09 -43.37 -21.26
CA GLU Q 47 17.25 -44.80 -21.03
C GLU Q 47 16.02 -45.54 -21.51
N TYR Q 48 16.22 -46.74 -21.99
CA TYR Q 48 15.14 -47.52 -22.57
C TYR Q 48 14.24 -48.05 -21.45
N PRO Q 49 12.91 -47.98 -21.62
CA PRO Q 49 12.02 -48.36 -20.53
C PRO Q 49 12.16 -49.85 -20.24
N GLN Q 50 11.83 -50.22 -19.00
CA GLN Q 50 12.20 -51.55 -18.52
C GLN Q 50 11.33 -52.64 -19.12
N GLU Q 51 10.03 -52.39 -19.32
CA GLU Q 51 9.19 -53.41 -19.94
C GLU Q 51 9.56 -53.61 -21.40
N ASN Q 52 9.98 -52.55 -22.08
CA ASN Q 52 10.43 -52.67 -23.46
C ASN Q 52 11.75 -53.42 -23.54
N LEU Q 53 12.66 -53.15 -22.59
CA LEU Q 53 13.93 -53.88 -22.57
C LEU Q 53 13.70 -55.35 -22.22
N ASN Q 54 12.70 -55.63 -21.39
CA ASN Q 54 12.37 -57.00 -21.04
C ASN Q 54 11.79 -57.73 -22.24
N PHE Q 55 11.01 -57.04 -23.08
CA PHE Q 55 10.54 -57.68 -24.30
C PHE Q 55 11.70 -57.96 -25.24
N LEU Q 56 12.67 -57.03 -25.32
CA LEU Q 56 13.80 -57.23 -26.21
C LEU Q 56 14.66 -58.40 -25.74
N LYS Q 57 14.76 -58.60 -24.43
CA LYS Q 57 15.46 -59.75 -23.91
C LYS Q 57 14.62 -61.03 -24.06
N LEU Q 58 13.30 -60.88 -24.10
CA LEU Q 58 12.42 -62.02 -24.30
C LEU Q 58 12.56 -62.58 -25.71
N THR Q 59 12.79 -61.70 -26.69
CA THR Q 59 12.88 -62.13 -28.08
C THR Q 59 14.30 -62.29 -28.59
N GLY Q 60 15.28 -61.72 -27.91
CA GLY Q 60 16.65 -61.73 -28.40
C GLY Q 60 16.97 -60.57 -29.32
N ILE Q 61 16.10 -59.57 -29.39
CA ILE Q 61 16.33 -58.40 -30.23
C ILE Q 61 17.32 -57.48 -29.53
N LYS Q 62 18.45 -57.21 -30.17
CA LYS Q 62 19.46 -56.33 -29.60
C LYS Q 62 19.06 -54.87 -29.80
N LEU Q 63 19.30 -54.07 -28.76
CA LEU Q 63 19.03 -52.64 -28.81
C LEU Q 63 20.32 -51.91 -29.12
N TYR Q 64 20.27 -51.07 -30.14
CA TYR Q 64 21.34 -50.14 -30.47
C TYR Q 64 20.86 -48.73 -30.18
N GLN Q 65 21.75 -47.88 -29.70
CA GLN Q 65 21.34 -46.54 -29.28
C GLN Q 65 22.32 -45.50 -29.80
N VAL Q 66 21.81 -44.59 -30.62
CA VAL Q 66 22.53 -43.40 -31.03
C VAL Q 66 21.67 -42.21 -30.60
N GLY Q 67 22.03 -41.59 -29.48
CA GLY Q 67 21.21 -40.54 -28.90
C GLY Q 67 21.24 -39.25 -29.70
N MET Q 68 20.11 -38.89 -30.30
CA MET Q 68 19.98 -37.69 -31.10
C MET Q 68 18.99 -36.72 -30.47
N SER Q 69 19.21 -35.44 -30.74
CA SER Q 69 18.51 -34.36 -30.05
C SER Q 69 17.03 -34.26 -30.41
N GLY Q 70 16.19 -34.10 -29.39
CA GLY Q 70 14.81 -33.72 -29.60
C GLY Q 70 14.77 -32.26 -29.98
N ASN Q 71 15.04 -31.39 -29.00
CA ASN Q 71 15.40 -29.99 -29.25
C ASN Q 71 16.76 -29.65 -28.64
N LYS Q 72 16.93 -29.89 -27.34
CA LYS Q 72 18.12 -29.61 -26.53
C LYS Q 72 18.33 -28.11 -26.32
N GLU Q 73 17.62 -27.32 -27.11
CA GLU Q 73 17.36 -25.89 -27.03
C GLU Q 73 16.55 -25.62 -28.29
N PRO Q 74 15.94 -24.45 -28.47
CA PRO Q 74 14.96 -24.30 -29.55
C PRO Q 74 15.51 -24.42 -30.97
N PHE Q 75 15.19 -25.56 -31.61
CA PHE Q 75 15.07 -25.60 -33.07
C PHE Q 75 16.28 -25.29 -33.94
N VAL Q 76 17.22 -26.23 -34.15
CA VAL Q 76 17.36 -27.63 -33.68
C VAL Q 76 18.81 -27.92 -34.03
N ASN Q 77 19.42 -28.98 -33.50
CA ASN Q 77 20.68 -29.40 -34.10
C ASN Q 77 20.82 -30.91 -34.04
N ILE Q 78 21.26 -31.51 -35.15
CA ILE Q 78 21.56 -32.92 -35.24
C ILE Q 78 22.92 -33.06 -35.93
N PRO Q 79 23.90 -33.71 -35.33
CA PRO Q 79 25.22 -33.83 -35.97
C PRO Q 79 25.24 -34.90 -37.05
N SER Q 80 26.30 -34.83 -37.87
CA SER Q 80 26.45 -35.76 -38.99
C SER Q 80 27.12 -37.06 -38.60
N HIS Q 81 27.95 -37.03 -37.55
CA HIS Q 81 28.64 -38.24 -37.13
C HIS Q 81 27.70 -39.21 -36.46
N LEU Q 82 26.66 -38.70 -35.79
CA LEU Q 82 25.63 -39.60 -35.26
C LEU Q 82 24.85 -40.26 -36.37
N LEU Q 83 24.62 -39.52 -37.47
CA LEU Q 83 23.98 -40.13 -38.63
C LEU Q 83 24.86 -41.21 -39.23
N THR Q 84 26.17 -40.96 -39.30
CA THR Q 84 27.06 -41.98 -39.85
C THR Q 84 27.09 -43.21 -38.95
N LYS Q 85 27.07 -43.00 -37.64
CA LYS Q 85 27.07 -44.12 -36.70
C LYS Q 85 25.80 -44.94 -36.81
N ALA Q 86 24.64 -44.28 -36.94
CA ALA Q 86 23.39 -45.00 -37.09
C ALA Q 86 23.28 -45.71 -38.44
N LEU Q 87 23.84 -45.11 -39.49
CA LEU Q 87 23.82 -45.75 -40.79
C LEU Q 87 24.69 -47.00 -40.81
N GLU Q 88 25.81 -46.97 -40.09
CA GLU Q 88 26.65 -48.16 -40.01
C GLU Q 88 25.91 -49.32 -39.35
N ILE Q 89 25.00 -49.01 -38.42
CA ILE Q 89 24.21 -50.07 -37.79
C ILE Q 89 23.11 -50.55 -38.72
N VAL Q 90 22.44 -49.63 -39.41
CA VAL Q 90 21.24 -50.06 -40.12
C VAL Q 90 21.57 -50.77 -41.43
N LEU Q 91 22.67 -50.41 -42.09
CA LEU Q 91 22.97 -51.04 -43.37
C LEU Q 91 23.67 -52.38 -43.23
N ASN Q 92 24.08 -52.76 -42.01
CA ASN Q 92 24.73 -54.03 -41.79
C ASN Q 92 23.72 -55.18 -41.86
N PRO Q 93 23.87 -56.14 -42.77
CA PRO Q 93 22.91 -57.24 -42.87
C PRO Q 93 22.94 -58.22 -41.71
N ALA Q 94 23.97 -58.18 -40.86
CA ALA Q 94 23.99 -59.05 -39.69
C ALA Q 94 23.03 -58.57 -38.60
N ASN Q 95 22.51 -57.34 -38.72
CA ASN Q 95 21.55 -56.80 -37.77
C ASN Q 95 20.14 -56.71 -38.31
N GLN Q 96 19.89 -57.17 -39.53
CA GLN Q 96 18.57 -57.05 -40.12
C GLN Q 96 17.79 -58.35 -39.99
N PRO Q 97 16.45 -58.29 -39.84
CA PRO Q 97 15.56 -57.13 -39.90
C PRO Q 97 15.73 -56.15 -38.74
N ILE Q 98 15.90 -54.86 -39.06
CA ILE Q 98 16.17 -53.84 -38.06
C ILE Q 98 15.04 -52.82 -38.09
N LEU Q 99 14.65 -52.36 -36.90
CA LEU Q 99 13.61 -51.35 -36.73
C LEU Q 99 14.21 -50.06 -36.19
N ILE Q 100 14.05 -48.97 -36.92
CA ILE Q 100 14.50 -47.64 -36.52
C ILE Q 100 13.31 -46.91 -35.90
N HIS Q 101 13.49 -46.36 -34.70
CA HIS Q 101 12.39 -45.59 -34.14
C HIS Q 101 12.90 -44.48 -33.24
N SER Q 102 12.01 -43.53 -32.97
CA SER Q 102 12.25 -42.42 -32.07
C SER Q 102 10.94 -42.23 -31.30
N ASN Q 103 10.78 -41.07 -30.66
CA ASN Q 103 9.56 -40.82 -29.91
C ASN Q 103 8.35 -40.79 -30.83
N ARG Q 104 8.41 -39.99 -31.88
CA ARG Q 104 7.29 -39.87 -32.82
C ARG Q 104 7.55 -40.53 -34.15
N GLY Q 105 8.79 -40.93 -34.44
CA GLY Q 105 9.11 -41.47 -35.75
C GLY Q 105 9.00 -40.46 -36.86
N LYS Q 106 9.17 -39.17 -36.55
CA LYS Q 106 8.98 -38.10 -37.51
C LYS Q 106 10.26 -37.35 -37.85
N HIS Q 107 10.99 -36.89 -36.84
CA HIS Q 107 12.09 -35.95 -37.04
C HIS Q 107 13.45 -36.64 -37.08
N ARG Q 108 13.80 -37.39 -36.02
CA ARG Q 108 15.08 -38.08 -36.04
C ARG Q 108 15.04 -39.28 -36.98
N THR Q 109 13.95 -40.03 -36.94
CA THR Q 109 13.78 -41.16 -37.84
C THR Q 109 13.70 -40.70 -39.28
N GLY Q 110 12.98 -39.59 -39.53
CA GLY Q 110 12.86 -39.10 -40.88
C GLY Q 110 14.15 -38.56 -41.43
N CYS Q 111 15.02 -38.03 -40.56
CA CYS Q 111 16.31 -37.53 -41.03
C CYS Q 111 17.25 -38.68 -41.35
N LEU Q 112 17.23 -39.74 -40.52
CA LEU Q 112 18.05 -40.90 -40.84
C LEU Q 112 17.56 -41.59 -42.11
N ILE Q 113 16.24 -41.66 -42.30
CA ILE Q 113 15.70 -42.29 -43.49
C ILE Q 113 15.96 -41.43 -44.72
N GLY Q 114 15.98 -40.11 -44.57
CA GLY Q 114 16.37 -39.26 -45.68
C GLY Q 114 17.81 -39.47 -46.08
N CYS Q 115 18.68 -39.76 -45.12
CA CYS Q 115 20.05 -40.08 -45.50
C CYS Q 115 20.15 -41.47 -46.11
N ILE Q 116 19.27 -42.40 -45.70
CA ILE Q 116 19.22 -43.69 -46.36
C ILE Q 116 18.79 -43.54 -47.82
N ARG Q 117 17.78 -42.71 -48.06
CA ARG Q 117 17.33 -42.50 -49.44
C ARG Q 117 18.38 -41.76 -50.25
N LYS Q 118 19.18 -40.90 -49.61
CA LYS Q 118 20.30 -40.30 -50.32
C LYS Q 118 21.36 -41.34 -50.66
N LEU Q 119 21.48 -42.38 -49.83
CA LEU Q 119 22.34 -43.49 -50.19
C LEU Q 119 21.77 -44.30 -51.34
N GLN Q 120 20.45 -44.30 -51.50
CA GLN Q 120 19.80 -44.92 -52.65
C GLN Q 120 19.80 -44.00 -53.87
N ASN Q 121 20.44 -42.83 -53.76
CA ASN Q 121 20.56 -41.87 -54.85
C ASN Q 121 19.19 -41.39 -55.33
N TRP Q 122 18.30 -41.13 -54.38
CA TRP Q 122 17.02 -40.51 -54.73
C TRP Q 122 17.17 -39.00 -54.90
N SER Q 123 16.25 -38.43 -55.66
CA SER Q 123 16.16 -36.97 -55.74
C SER Q 123 15.64 -36.42 -54.42
N LEU Q 124 16.12 -35.22 -54.07
CA LEU Q 124 15.73 -34.63 -52.79
C LEU Q 124 14.25 -34.30 -52.74
N THR Q 125 13.59 -34.08 -53.89
CA THR Q 125 12.16 -33.81 -53.87
C THR Q 125 11.38 -34.99 -53.31
N MET Q 126 11.71 -36.21 -53.74
CA MET Q 126 10.98 -37.36 -53.24
C MET Q 126 11.36 -37.68 -51.80
N ILE Q 127 12.61 -37.39 -51.41
CA ILE Q 127 13.02 -37.57 -50.03
C ILE Q 127 12.25 -36.63 -49.12
N PHE Q 128 12.10 -35.37 -49.53
CA PHE Q 128 11.39 -34.40 -48.71
C PHE Q 128 9.89 -34.67 -48.73
N ASP Q 129 9.37 -35.22 -49.82
CA ASP Q 129 7.95 -35.55 -49.89
C ASP Q 129 7.63 -36.72 -48.97
N GLU Q 130 8.51 -37.71 -48.90
CA GLU Q 130 8.30 -38.81 -47.96
C GLU Q 130 8.47 -38.35 -46.52
N TYR Q 131 9.47 -37.49 -46.27
CA TYR Q 131 9.70 -36.97 -44.93
C TYR Q 131 8.50 -36.18 -44.43
N ARG Q 132 7.95 -35.30 -45.28
CA ARG Q 132 6.80 -34.53 -44.87
C ARG Q 132 5.53 -35.36 -44.81
N ARG Q 133 5.46 -36.46 -45.58
CA ARG Q 133 4.31 -37.35 -45.44
C ARG Q 133 4.32 -38.02 -44.09
N PHE Q 134 5.50 -38.32 -43.55
CA PHE Q 134 5.57 -38.95 -42.22
C PHE Q 134 5.57 -37.95 -41.07
N ALA Q 135 6.10 -36.74 -41.27
CA ALA Q 135 6.30 -35.77 -40.20
C ALA Q 135 5.15 -34.79 -40.03
N PHE Q 136 4.05 -34.97 -40.76
CA PHE Q 136 2.90 -34.10 -40.59
C PHE Q 136 2.26 -34.35 -39.22
N PRO Q 137 1.80 -33.30 -38.52
CA PRO Q 137 1.74 -31.88 -38.92
C PRO Q 137 3.01 -31.09 -38.64
N LYS Q 138 3.86 -31.61 -37.78
CA LYS Q 138 5.06 -30.91 -37.31
C LYS Q 138 6.24 -31.19 -38.24
N ALA Q 139 6.07 -30.81 -39.50
CA ALA Q 139 7.14 -30.97 -40.49
C ALA Q 139 8.17 -29.87 -40.30
N ARG Q 140 9.41 -30.27 -39.97
CA ARG Q 140 10.47 -29.33 -39.65
C ARG Q 140 11.42 -29.24 -40.83
N ALA Q 141 11.74 -28.01 -41.24
CA ALA Q 141 12.67 -27.79 -42.34
C ALA Q 141 14.11 -28.04 -41.93
N LEU Q 142 14.41 -28.06 -40.63
CA LEU Q 142 15.78 -28.27 -40.18
C LEU Q 142 16.24 -29.70 -40.43
N ASP Q 143 15.32 -30.67 -40.35
CA ASP Q 143 15.68 -32.04 -40.66
C ASP Q 143 15.96 -32.22 -42.15
N GLN Q 144 15.20 -31.54 -43.01
CA GLN Q 144 15.52 -31.60 -44.42
C GLN Q 144 16.82 -30.87 -44.72
N GLN Q 145 17.14 -29.82 -43.96
CA GLN Q 145 18.44 -29.17 -44.13
C GLN Q 145 19.57 -30.09 -43.72
N PHE Q 146 19.36 -30.88 -42.67
CA PHE Q 146 20.39 -31.85 -42.26
C PHE Q 146 20.52 -32.97 -43.27
N ILE Q 147 19.42 -33.36 -43.92
CA ILE Q 147 19.51 -34.36 -44.98
C ILE Q 147 20.20 -33.77 -46.21
N GLU Q 148 19.89 -32.53 -46.55
CA GLU Q 148 20.44 -31.91 -47.74
C GLU Q 148 21.93 -31.63 -47.58
N MET Q 149 22.39 -31.32 -46.36
CA MET Q 149 23.78 -30.97 -46.14
C MET Q 149 24.65 -32.14 -45.70
N TYR Q 150 24.07 -33.33 -45.50
CA TYR Q 150 24.86 -34.46 -45.00
C TYR Q 150 25.72 -35.02 -46.12
N ASP Q 151 27.04 -35.07 -45.90
CA ASP Q 151 28.00 -35.65 -46.83
C ASP Q 151 28.13 -37.14 -46.55
N ASP Q 152 27.77 -37.96 -47.53
CA ASP Q 152 27.71 -39.42 -47.36
C ASP Q 152 28.94 -40.14 -47.91
N ASP Q 153 30.07 -39.44 -48.09
CA ASP Q 153 31.22 -40.09 -48.70
C ASP Q 153 31.87 -41.11 -47.77
N GLU Q 154 31.80 -40.87 -46.45
CA GLU Q 154 32.38 -41.80 -45.50
C GLU Q 154 31.58 -43.09 -45.46
N ILE Q 155 30.26 -42.97 -45.42
CA ILE Q 155 29.40 -44.14 -45.31
C ILE Q 155 29.31 -44.90 -46.63
N LYS Q 156 29.51 -44.22 -47.76
CA LYS Q 156 29.53 -44.94 -49.03
C LYS Q 156 30.77 -45.81 -49.14
N ARG Q 157 31.91 -45.35 -48.61
CA ARG Q 157 33.10 -46.18 -48.61
C ARG Q 157 32.94 -47.36 -47.65
N ILE Q 158 32.29 -47.13 -46.50
CA ILE Q 158 32.10 -48.27 -45.59
C ILE Q 158 31.14 -49.29 -46.22
N ALA Q 159 30.13 -48.81 -46.96
CA ALA Q 159 29.18 -49.72 -47.59
C ALA Q 159 29.79 -50.43 -48.79
N SER Q 160 30.74 -49.78 -49.48
CA SER Q 160 31.38 -50.43 -50.61
C SER Q 160 32.44 -51.43 -50.18
N LYS Q 161 33.06 -51.23 -49.02
CA LYS Q 161 34.02 -52.21 -48.54
C LYS Q 161 33.33 -53.49 -48.08
N ASN Q 162 32.15 -53.37 -47.49
CA ASN Q 162 31.39 -54.51 -47.00
C ASN Q 162 30.27 -54.94 -47.95
N ASN Q 163 30.23 -54.39 -49.17
CA ASN Q 163 29.23 -54.75 -50.17
C ASN Q 163 27.80 -54.56 -49.65
N TRP Q 164 27.53 -53.38 -49.09
CA TRP Q 164 26.18 -53.11 -48.61
C TRP Q 164 25.29 -52.44 -49.66
N LEU Q 165 25.85 -51.49 -50.46
CA LEU Q 165 25.07 -50.96 -51.58
C LEU Q 165 25.36 -51.76 -52.84
N PRO Q 166 24.37 -51.92 -53.75
CA PRO Q 166 23.04 -51.33 -53.65
C PRO Q 166 22.10 -52.03 -52.67
N LEU Q 167 21.18 -51.23 -52.13
CA LEU Q 167 20.19 -51.72 -51.17
C LEU Q 167 19.10 -52.48 -51.91
N GLN Q 168 18.88 -53.72 -51.51
CA GLN Q 168 17.94 -54.59 -52.20
C GLN Q 168 16.54 -54.42 -51.61
N TRP Q 169 15.54 -54.44 -52.48
CA TRP Q 169 14.16 -54.28 -52.06
C TRP Q 169 13.57 -55.65 -51.72
N ASN R 1 -28.77 -8.29 -27.68
CA ASN R 1 -28.30 -8.96 -28.91
C ASN R 1 -26.97 -8.22 -28.95
N LYS R 2 -26.25 -8.53 -27.86
CA LYS R 2 -24.93 -8.09 -27.39
C LYS R 2 -23.81 -8.95 -27.97
N GLU R 3 -22.56 -8.52 -27.73
CA GLU R 3 -21.39 -9.24 -28.25
C GLU R 3 -21.19 -10.56 -27.51
N VAL R 4 -21.14 -11.67 -28.25
CA VAL R 4 -20.98 -13.00 -27.67
C VAL R 4 -19.75 -13.68 -28.26
N ILE R 5 -18.96 -14.33 -27.41
CA ILE R 5 -17.77 -15.07 -27.82
C ILE R 5 -17.82 -16.50 -27.29
N PRO R 6 -18.02 -17.51 -28.13
CA PRO R 6 -17.94 -18.90 -27.65
C PRO R 6 -16.49 -19.33 -27.43
N PRO R 7 -16.26 -20.36 -26.62
CA PRO R 7 -14.90 -20.87 -26.45
C PRO R 7 -14.39 -21.51 -27.73
N GLU R 8 -13.07 -21.70 -27.79
CA GLU R 8 -12.47 -22.32 -28.97
C GLU R 8 -12.92 -23.76 -29.12
N ASN R 9 -13.12 -24.18 -30.37
CA ASN R 9 -13.55 -25.55 -30.69
C ASN R 9 -14.84 -25.93 -29.97
N PHE R 10 -15.74 -24.96 -29.80
CA PHE R 10 -17.03 -25.23 -29.21
C PHE R 10 -17.98 -25.86 -30.23
N SER R 11 -18.70 -26.89 -29.78
CA SER R 11 -19.77 -27.48 -30.58
C SER R 11 -20.73 -28.22 -29.66
N HIS R 12 -21.90 -28.56 -30.20
CA HIS R 12 -22.88 -29.38 -29.52
C HIS R 12 -22.60 -30.86 -29.81
N VAL R 13 -22.81 -31.71 -28.81
CA VAL R 13 -22.51 -33.13 -28.99
C VAL R 13 -23.80 -33.92 -29.22
N VAL R 14 -24.65 -33.98 -28.19
CA VAL R 14 -25.93 -34.68 -28.31
C VAL R 14 -26.85 -34.20 -27.18
N GLY R 15 -28.10 -33.91 -27.51
CA GLY R 15 -29.06 -33.44 -26.52
C GLY R 15 -28.67 -32.10 -25.95
N GLU R 16 -28.27 -32.08 -24.68
CA GLU R 16 -27.79 -30.87 -24.01
C GLU R 16 -26.33 -31.03 -23.57
N ILE R 17 -25.55 -31.77 -24.34
CA ILE R 17 -24.13 -31.99 -24.05
C ILE R 17 -23.31 -31.16 -25.03
N TYR R 18 -22.37 -30.39 -24.52
CA TYR R 18 -21.54 -29.52 -25.33
C TYR R 18 -20.07 -29.83 -25.09
N ARG R 19 -19.24 -29.44 -26.05
CA ARG R 19 -17.80 -29.59 -25.96
C ARG R 19 -17.15 -28.26 -26.29
N SER R 20 -15.98 -28.01 -25.69
CA SER R 20 -15.24 -26.79 -25.96
C SER R 20 -13.80 -26.99 -25.50
N SER R 21 -12.98 -25.96 -25.72
CA SER R 21 -11.66 -25.86 -25.12
C SER R 21 -11.79 -25.22 -23.74
N PHE R 22 -10.68 -24.84 -23.15
CA PHE R 22 -10.70 -24.26 -21.79
C PHE R 22 -11.38 -22.89 -21.82
N PRO R 23 -12.46 -22.69 -21.07
CA PRO R 23 -13.19 -21.42 -21.14
C PRO R 23 -12.42 -20.26 -20.52
N ARG R 24 -12.59 -19.09 -21.11
CA ARG R 24 -12.00 -17.84 -20.63
C ARG R 24 -13.09 -16.89 -20.16
N GLN R 25 -12.69 -15.67 -19.80
CA GLN R 25 -13.65 -14.71 -19.27
C GLN R 25 -14.64 -14.27 -20.33
N GLU R 26 -14.19 -14.14 -21.59
CA GLU R 26 -15.09 -13.73 -22.66
C GLU R 26 -16.11 -14.80 -23.03
N ASN R 27 -15.89 -16.04 -22.61
CA ASN R 27 -16.81 -17.14 -22.91
C ASN R 27 -17.82 -17.42 -21.79
N PHE R 28 -17.70 -16.75 -20.65
CA PHE R 28 -18.55 -17.08 -19.51
C PHE R 28 -20.00 -16.68 -19.76
N SER R 29 -20.21 -15.51 -20.35
CA SER R 29 -21.55 -15.07 -20.70
C SER R 29 -22.19 -16.02 -21.69
N PHE R 30 -21.40 -16.57 -22.61
CA PHE R 30 -21.94 -17.52 -23.57
C PHE R 30 -22.33 -18.82 -22.87
N LEU R 31 -21.52 -19.25 -21.90
CA LEU R 31 -21.81 -20.53 -21.25
C LEU R 31 -23.02 -20.42 -20.32
N HIS R 32 -23.29 -19.23 -19.80
CA HIS R 32 -24.38 -19.11 -18.83
C HIS R 32 -25.67 -18.56 -19.43
N GLU R 33 -25.58 -17.52 -20.26
CA GLU R 33 -26.74 -16.81 -20.75
C GLU R 33 -27.27 -17.32 -22.09
N ARG R 34 -26.48 -18.07 -22.86
CA ARG R 34 -26.92 -18.63 -24.13
C ARG R 34 -26.97 -20.15 -24.11
N LEU R 35 -25.98 -20.79 -23.50
CA LEU R 35 -26.01 -22.24 -23.30
C LEU R 35 -26.82 -22.63 -22.06
N LYS R 36 -26.82 -21.80 -21.02
CA LYS R 36 -27.50 -22.08 -19.75
C LYS R 36 -27.02 -23.41 -19.13
N LEU R 37 -25.73 -23.45 -18.81
CA LEU R 37 -25.13 -24.67 -18.31
C LEU R 37 -25.63 -25.00 -16.91
N LYS R 38 -25.68 -26.31 -16.61
CA LYS R 38 -25.99 -26.80 -15.27
C LYS R 38 -24.80 -27.46 -14.59
N SER R 39 -23.90 -28.07 -15.35
CA SER R 39 -22.70 -28.69 -14.81
C SER R 39 -21.57 -28.50 -15.80
N ILE R 40 -20.34 -28.69 -15.31
CA ILE R 40 -19.16 -28.64 -16.16
C ILE R 40 -18.26 -29.80 -15.77
N LEU R 41 -17.89 -30.62 -16.74
CA LEU R 41 -16.96 -31.72 -16.54
C LEU R 41 -15.61 -31.30 -17.08
N VAL R 42 -14.61 -31.29 -16.22
CA VAL R 42 -13.25 -30.97 -16.60
C VAL R 42 -12.46 -32.28 -16.64
N LEU R 43 -11.57 -32.39 -17.63
CA LEU R 43 -10.83 -33.62 -17.87
C LEU R 43 -9.35 -33.48 -17.55
N ILE R 44 -9.01 -32.55 -16.67
CA ILE R 44 -7.62 -32.32 -16.28
C ILE R 44 -7.46 -32.69 -14.82
N PRO R 45 -6.34 -33.33 -14.45
CA PRO R 45 -6.08 -33.61 -13.02
C PRO R 45 -5.55 -32.40 -12.25
N GLU R 46 -5.14 -31.35 -12.94
CA GLU R 46 -4.64 -30.14 -12.33
C GLU R 46 -5.77 -29.37 -11.65
N GLU R 47 -5.40 -28.43 -10.78
CA GLU R 47 -6.40 -27.66 -10.05
C GLU R 47 -7.17 -26.75 -10.99
N TYR R 48 -8.45 -26.57 -10.71
CA TYR R 48 -9.26 -25.71 -11.57
C TYR R 48 -8.91 -24.27 -11.23
N PRO R 49 -8.64 -23.43 -12.23
CA PRO R 49 -8.16 -22.07 -11.95
C PRO R 49 -9.20 -21.21 -11.24
N GLN R 50 -8.69 -20.18 -10.55
CA GLN R 50 -9.52 -19.42 -9.62
C GLN R 50 -10.55 -18.55 -10.32
N GLU R 51 -10.23 -18.01 -11.50
CA GLU R 51 -11.22 -17.21 -12.21
C GLU R 51 -12.36 -18.09 -12.72
N ASN R 52 -12.04 -19.33 -13.09
CA ASN R 52 -13.08 -20.27 -13.49
C ASN R 52 -13.87 -20.74 -12.27
N LEU R 53 -13.19 -20.93 -11.13
CA LEU R 53 -13.91 -21.34 -9.92
C LEU R 53 -14.84 -20.23 -9.45
N ASN R 54 -14.44 -18.97 -9.63
CA ASN R 54 -15.30 -17.85 -9.30
C ASN R 54 -16.48 -17.77 -10.25
N PHE R 55 -16.27 -18.09 -11.53
CA PHE R 55 -17.41 -18.13 -12.45
C PHE R 55 -18.40 -19.22 -12.03
N LEU R 56 -17.88 -20.35 -11.58
CA LEU R 56 -18.76 -21.44 -11.14
C LEU R 56 -19.48 -21.11 -9.83
N LYS R 57 -18.81 -20.38 -8.93
CA LYS R 57 -19.46 -19.99 -7.68
C LYS R 57 -20.46 -18.86 -7.90
N LEU R 58 -20.22 -18.00 -8.89
CA LEU R 58 -21.17 -16.94 -9.19
C LEU R 58 -22.41 -17.50 -9.88
N THR R 59 -22.24 -18.52 -10.72
CA THR R 59 -23.37 -19.03 -11.49
C THR R 59 -24.06 -20.23 -10.87
N GLY R 60 -23.42 -20.95 -9.97
CA GLY R 60 -24.03 -22.15 -9.41
C GLY R 60 -23.84 -23.39 -10.24
N ILE R 61 -22.94 -23.36 -11.22
CA ILE R 61 -22.70 -24.51 -12.09
C ILE R 61 -21.85 -25.51 -11.32
N LYS R 62 -22.35 -26.74 -11.21
CA LYS R 62 -21.65 -27.76 -10.44
C LYS R 62 -20.44 -28.27 -11.23
N LEU R 63 -19.34 -28.49 -10.53
CA LEU R 63 -18.10 -28.93 -11.14
C LEU R 63 -17.92 -30.44 -10.94
N TYR R 64 -17.69 -31.14 -12.04
CA TYR R 64 -17.25 -32.52 -12.02
C TYR R 64 -15.85 -32.58 -12.60
N GLN R 65 -15.00 -33.45 -12.05
CA GLN R 65 -13.62 -33.54 -12.47
C GLN R 65 -13.22 -35.00 -12.58
N VAL R 66 -12.85 -35.42 -13.80
CA VAL R 66 -12.28 -36.74 -14.04
C VAL R 66 -10.89 -36.48 -14.62
N GLY R 67 -9.87 -36.65 -13.79
CA GLY R 67 -8.53 -36.33 -14.19
C GLY R 67 -7.99 -37.31 -15.21
N MET R 68 -7.80 -36.84 -16.44
CA MET R 68 -7.23 -37.64 -17.50
C MET R 68 -5.88 -37.05 -17.89
N SER R 69 -4.92 -37.92 -18.14
CA SER R 69 -3.54 -37.52 -18.28
C SER R 69 -3.30 -36.74 -19.56
N GLY R 70 -2.47 -35.71 -19.46
CA GLY R 70 -2.05 -34.96 -20.62
C GLY R 70 -1.14 -35.75 -21.52
N ASN R 71 0.08 -36.03 -21.07
CA ASN R 71 0.92 -36.99 -21.79
C ASN R 71 1.38 -38.19 -20.96
N LYS R 72 1.65 -38.01 -19.67
CA LYS R 72 1.75 -39.15 -18.76
C LYS R 72 2.96 -40.05 -19.04
N GLU R 73 3.61 -39.82 -20.17
CA GLU R 73 4.48 -40.82 -20.80
C GLU R 73 4.98 -40.28 -22.12
N PRO R 74 5.98 -40.91 -22.75
CA PRO R 74 6.12 -40.73 -24.20
C PRO R 74 5.03 -41.49 -24.93
N PHE R 75 3.89 -40.81 -25.06
CA PHE R 75 2.90 -41.14 -26.09
C PHE R 75 2.21 -42.50 -26.01
N VAL R 76 1.19 -42.70 -25.16
CA VAL R 76 0.55 -41.86 -24.09
C VAL R 76 -0.30 -42.98 -23.43
N ASN R 77 -0.90 -42.78 -22.26
CA ASN R 77 -1.89 -43.76 -21.82
C ASN R 77 -3.07 -43.14 -21.08
N ILE R 78 -4.26 -43.64 -21.41
CA ILE R 78 -5.52 -43.27 -20.75
C ILE R 78 -6.33 -44.52 -20.45
N PRO R 79 -6.74 -44.74 -19.20
CA PRO R 79 -7.54 -45.93 -18.85
C PRO R 79 -9.01 -45.77 -19.23
N SER R 80 -9.71 -46.90 -19.23
CA SER R 80 -11.12 -46.97 -19.59
C SER R 80 -12.07 -46.73 -18.43
N HIS R 81 -11.64 -46.94 -17.19
CA HIS R 81 -12.53 -46.70 -16.07
C HIS R 81 -12.76 -45.21 -15.89
N LEU R 82 -11.79 -44.40 -16.30
CA LEU R 82 -12.00 -42.95 -16.30
C LEU R 82 -13.05 -42.56 -17.32
N LEU R 83 -13.05 -43.23 -18.47
CA LEU R 83 -14.06 -42.99 -19.49
C LEU R 83 -15.43 -43.43 -19.02
N THR R 84 -15.51 -44.55 -18.31
CA THR R 84 -16.82 -45.00 -17.82
C THR R 84 -17.36 -44.04 -16.77
N LYS R 85 -16.50 -43.55 -15.88
CA LYS R 85 -16.95 -42.61 -14.86
C LYS R 85 -17.42 -41.30 -15.50
N ALA R 86 -16.68 -40.82 -16.50
CA ALA R 86 -17.09 -39.60 -17.17
C ALA R 86 -18.39 -39.80 -17.94
N LEU R 87 -18.62 -41.01 -18.46
CA LEU R 87 -19.87 -41.28 -19.15
C LEU R 87 -21.05 -41.28 -18.17
N GLU R 88 -20.84 -41.80 -16.96
CA GLU R 88 -21.90 -41.74 -15.96
C GLU R 88 -22.18 -40.30 -15.56
N ILE R 89 -21.17 -39.43 -15.62
CA ILE R 89 -21.42 -38.04 -15.28
C ILE R 89 -22.16 -37.33 -16.41
N VAL R 90 -21.76 -37.55 -17.66
CA VAL R 90 -22.32 -36.73 -18.72
C VAL R 90 -23.70 -37.24 -19.15
N LEU R 91 -23.96 -38.54 -19.06
CA LEU R 91 -25.23 -39.06 -19.54
C LEU R 91 -26.35 -38.93 -18.52
N ASN R 92 -26.07 -38.52 -17.30
CA ASN R 92 -27.12 -38.31 -16.31
C ASN R 92 -27.84 -37.00 -16.63
N PRO R 93 -29.14 -37.02 -16.91
CA PRO R 93 -29.84 -35.76 -17.25
C PRO R 93 -29.99 -34.79 -16.09
N ALA R 94 -29.73 -35.22 -14.84
CA ALA R 94 -29.78 -34.29 -13.73
C ALA R 94 -28.58 -33.34 -13.72
N ASN R 95 -27.55 -33.63 -14.51
CA ASN R 95 -26.38 -32.77 -14.63
C ASN R 95 -26.35 -32.02 -15.95
N GLN R 96 -27.34 -32.19 -16.81
CA GLN R 96 -27.33 -31.56 -18.12
C GLN R 96 -28.20 -30.30 -18.12
N PRO R 97 -27.83 -29.25 -18.87
CA PRO R 97 -26.70 -29.11 -19.81
C PRO R 97 -25.31 -29.15 -19.16
N ILE R 98 -24.44 -30.00 -19.70
CA ILE R 98 -23.09 -30.21 -19.19
C ILE R 98 -22.09 -29.85 -20.28
N LEU R 99 -20.97 -29.24 -19.87
CA LEU R 99 -19.90 -28.89 -20.78
C LEU R 99 -18.67 -29.73 -20.47
N ILE R 100 -18.23 -30.49 -21.46
CA ILE R 100 -16.98 -31.26 -21.39
C ILE R 100 -15.90 -30.43 -22.04
N HIS R 101 -14.79 -30.23 -21.33
CA HIS R 101 -13.70 -29.46 -21.90
C HIS R 101 -12.36 -29.94 -21.36
N SER R 102 -11.31 -29.55 -22.06
CA SER R 102 -9.93 -29.85 -21.68
C SER R 102 -9.11 -28.60 -21.96
N ASN R 103 -7.78 -28.75 -22.02
CA ASN R 103 -6.92 -27.60 -22.28
C ASN R 103 -7.21 -26.99 -23.64
N ARG R 104 -7.36 -27.82 -24.68
CA ARG R 104 -7.67 -27.35 -26.02
C ARG R 104 -8.89 -28.02 -26.63
N GLY R 105 -9.45 -29.05 -26.00
CA GLY R 105 -10.68 -29.64 -26.47
C GLY R 105 -10.54 -30.59 -27.64
N LYS R 106 -9.40 -31.24 -27.78
CA LYS R 106 -9.12 -32.06 -28.95
C LYS R 106 -8.99 -33.54 -28.65
N HIS R 107 -8.17 -33.92 -27.67
CA HIS R 107 -7.75 -35.31 -27.50
C HIS R 107 -8.56 -36.06 -26.45
N ARG R 108 -8.58 -35.57 -25.21
CA ARG R 108 -9.37 -36.24 -24.18
C ARG R 108 -10.85 -36.00 -24.40
N THR R 109 -11.19 -34.79 -24.84
CA THR R 109 -12.57 -34.46 -25.16
C THR R 109 -13.06 -35.33 -26.31
N GLY R 110 -12.22 -35.50 -27.33
CA GLY R 110 -12.61 -36.31 -28.47
C GLY R 110 -12.72 -37.78 -28.13
N CYS R 111 -11.95 -38.25 -27.16
CA CYS R 111 -12.04 -39.66 -26.80
C CYS R 111 -13.31 -39.95 -26.01
N LEU R 112 -13.67 -39.05 -25.09
CA LEU R 112 -14.92 -39.23 -24.37
C LEU R 112 -16.11 -39.11 -25.31
N ILE R 113 -16.07 -38.16 -26.23
CA ILE R 113 -17.19 -38.01 -27.15
C ILE R 113 -17.24 -39.15 -28.17
N GLY R 114 -16.10 -39.71 -28.56
CA GLY R 114 -16.13 -40.86 -29.44
C GLY R 114 -16.75 -42.07 -28.80
N CYS R 115 -16.55 -42.25 -27.50
CA CYS R 115 -17.26 -43.34 -26.84
C CYS R 115 -18.73 -43.01 -26.59
N ILE R 116 -19.09 -41.73 -26.47
CA ILE R 116 -20.50 -41.37 -26.46
C ILE R 116 -21.16 -41.74 -27.79
N ARG R 117 -20.46 -41.48 -28.90
CA ARG R 117 -21.00 -41.84 -30.20
C ARG R 117 -21.02 -43.34 -30.41
N LYS R 118 -20.10 -44.06 -29.77
CA LYS R 118 -20.15 -45.52 -29.82
C LYS R 118 -21.33 -46.05 -29.04
N LEU R 119 -21.76 -45.33 -28.00
CA LEU R 119 -22.98 -45.71 -27.30
C LEU R 119 -24.21 -45.46 -28.16
N GLN R 120 -24.14 -44.51 -29.09
CA GLN R 120 -25.22 -44.31 -30.06
C GLN R 120 -25.12 -45.29 -31.22
N ASN R 121 -24.15 -46.20 -31.17
CA ASN R 121 -23.95 -47.21 -32.18
C ASN R 121 -23.70 -46.60 -33.56
N TRP R 122 -22.82 -45.60 -33.57
CA TRP R 122 -22.31 -45.02 -34.81
C TRP R 122 -21.27 -45.94 -35.42
N SER R 123 -21.05 -45.76 -36.72
CA SER R 123 -19.92 -46.43 -37.34
C SER R 123 -18.62 -45.81 -36.82
N LEU R 124 -17.58 -46.63 -36.71
CA LEU R 124 -16.31 -46.12 -36.24
C LEU R 124 -15.72 -45.11 -37.22
N THR R 125 -16.09 -45.19 -38.49
CA THR R 125 -15.61 -44.24 -39.49
C THR R 125 -16.10 -42.83 -39.19
N MET R 126 -17.38 -42.68 -38.87
CA MET R 126 -17.89 -41.33 -38.60
C MET R 126 -17.39 -40.82 -37.26
N ILE R 127 -17.18 -41.72 -36.30
CA ILE R 127 -16.63 -41.32 -35.01
C ILE R 127 -15.21 -40.80 -35.19
N PHE R 128 -14.40 -41.51 -35.97
CA PHE R 128 -13.02 -41.07 -36.16
C PHE R 128 -12.95 -39.82 -37.03
N ASP R 129 -13.90 -39.65 -37.95
CA ASP R 129 -13.91 -38.45 -38.78
C ASP R 129 -14.29 -37.23 -37.95
N GLU R 130 -15.24 -37.38 -37.02
CA GLU R 130 -15.57 -36.29 -36.12
C GLU R 130 -14.42 -35.97 -35.17
N TYR R 131 -13.74 -37.02 -34.68
CA TYR R 131 -12.59 -36.79 -33.81
C TYR R 131 -11.50 -36.04 -34.55
N ARG R 132 -11.22 -36.43 -35.80
CA ARG R 132 -10.17 -35.75 -36.54
C ARG R 132 -10.59 -34.35 -36.95
N ARG R 133 -11.89 -34.11 -37.12
CA ARG R 133 -12.32 -32.74 -37.40
C ARG R 133 -12.06 -31.84 -36.21
N PHE R 134 -12.21 -32.37 -35.00
CA PHE R 134 -11.94 -31.52 -33.84
C PHE R 134 -10.48 -31.51 -33.42
N ALA R 135 -9.74 -32.59 -33.65
CA ALA R 135 -8.37 -32.71 -33.19
C ALA R 135 -7.35 -32.26 -34.23
N PHE R 136 -7.80 -31.72 -35.35
CA PHE R 136 -6.87 -31.23 -36.34
C PHE R 136 -6.15 -29.98 -35.81
N PRO R 137 -4.82 -29.87 -35.97
CA PRO R 137 -3.95 -30.82 -36.67
C PRO R 137 -3.37 -31.92 -35.78
N LYS R 138 -3.44 -31.79 -34.46
CA LYS R 138 -2.79 -32.75 -33.57
C LYS R 138 -3.69 -33.95 -33.27
N ALA R 139 -4.20 -34.58 -34.33
CA ALA R 139 -5.01 -35.78 -34.20
C ALA R 139 -4.11 -37.01 -34.13
N ARG R 140 -4.09 -37.67 -32.99
CA ARG R 140 -3.23 -38.82 -32.74
C ARG R 140 -4.04 -40.11 -32.63
N ALA R 141 -3.51 -41.19 -33.20
CA ALA R 141 -4.21 -42.46 -33.28
C ALA R 141 -4.39 -43.15 -31.93
N LEU R 142 -3.70 -42.71 -30.87
CA LEU R 142 -3.88 -43.37 -29.58
C LEU R 142 -5.26 -43.10 -29.00
N ASP R 143 -5.83 -41.92 -29.23
CA ASP R 143 -7.17 -41.64 -28.75
C ASP R 143 -8.21 -42.48 -29.50
N GLN R 144 -8.03 -42.64 -30.82
CA GLN R 144 -8.93 -43.51 -31.56
C GLN R 144 -8.75 -44.96 -31.19
N GLN R 145 -7.53 -45.35 -30.80
CA GLN R 145 -7.33 -46.71 -30.30
C GLN R 145 -8.06 -46.93 -28.99
N PHE R 146 -8.10 -45.90 -28.14
CA PHE R 146 -8.86 -46.01 -26.91
C PHE R 146 -10.37 -46.05 -27.18
N ILE R 147 -10.82 -45.35 -28.22
CA ILE R 147 -12.22 -45.43 -28.60
C ILE R 147 -12.56 -46.81 -29.16
N GLU R 148 -11.65 -47.39 -29.95
CA GLU R 148 -11.90 -48.72 -30.52
C GLU R 148 -11.84 -49.80 -29.45
N MET R 149 -11.04 -49.60 -28.41
CA MET R 149 -10.84 -50.62 -27.38
C MET R 149 -11.80 -50.50 -26.20
N TYR R 150 -12.68 -49.50 -26.19
CA TYR R 150 -13.58 -49.32 -25.06
C TYR R 150 -14.73 -50.32 -25.12
N ASP R 151 -14.89 -51.12 -24.07
CA ASP R 151 -16.02 -52.03 -23.96
C ASP R 151 -17.15 -51.24 -23.32
N ASP R 152 -18.22 -50.98 -24.09
CA ASP R 152 -19.29 -50.11 -23.66
C ASP R 152 -20.52 -50.86 -23.14
N ASP R 153 -20.38 -52.14 -22.82
CA ASP R 153 -21.54 -52.91 -22.35
C ASP R 153 -21.91 -52.56 -20.92
N GLU R 154 -20.91 -52.26 -20.09
CA GLU R 154 -21.16 -51.95 -18.68
C GLU R 154 -21.90 -50.63 -18.56
N ILE R 155 -21.48 -49.63 -19.35
CA ILE R 155 -22.14 -48.34 -19.29
C ILE R 155 -23.50 -48.44 -19.98
N LYS R 156 -23.68 -49.39 -20.89
CA LYS R 156 -25.00 -49.62 -21.47
C LYS R 156 -25.94 -50.21 -20.43
N ARG R 157 -25.45 -51.08 -19.57
CA ARG R 157 -26.30 -51.61 -18.50
C ARG R 157 -26.63 -50.51 -17.50
N ILE R 158 -25.67 -49.62 -17.23
CA ILE R 158 -25.93 -48.52 -16.30
C ILE R 158 -26.95 -47.55 -16.91
N ALA R 159 -26.87 -47.34 -18.23
CA ALA R 159 -27.79 -46.43 -18.91
C ALA R 159 -29.19 -47.04 -19.06
N SER R 160 -29.28 -48.37 -19.19
CA SER R 160 -30.58 -49.01 -19.27
C SER R 160 -31.25 -49.12 -17.91
N LYS R 161 -30.47 -49.19 -16.82
CA LYS R 161 -31.10 -49.23 -15.51
C LYS R 161 -31.75 -47.89 -15.15
N ASN R 162 -31.12 -46.79 -15.54
CA ASN R 162 -31.61 -45.46 -15.22
C ASN R 162 -32.36 -44.80 -16.38
N ASN R 163 -32.66 -45.54 -17.45
CA ASN R 163 -33.43 -45.03 -18.60
C ASN R 163 -32.76 -43.82 -19.24
N TRP R 164 -31.47 -43.96 -19.55
CA TRP R 164 -30.76 -42.89 -20.24
C TRP R 164 -30.74 -43.06 -21.76
N LEU R 165 -30.70 -44.29 -22.26
CA LEU R 165 -30.77 -44.53 -23.69
C LEU R 165 -32.23 -44.61 -24.16
N PRO R 166 -32.53 -44.15 -25.37
CA PRO R 166 -31.62 -43.56 -26.36
C PRO R 166 -31.30 -42.09 -26.10
N LEU R 167 -30.15 -41.62 -26.59
CA LEU R 167 -29.79 -40.22 -26.48
C LEU R 167 -30.54 -39.43 -27.54
N GLN R 168 -31.38 -38.49 -27.10
CA GLN R 168 -32.23 -37.73 -28.01
C GLN R 168 -31.57 -36.43 -28.44
N TRP R 169 -31.84 -36.03 -29.68
CA TRP R 169 -31.24 -34.83 -30.25
C TRP R 169 -32.06 -33.59 -29.91
N ASN S 1 32.17 -50.91 50.82
CA ASN S 1 30.99 -50.10 50.58
C ASN S 1 30.70 -49.19 51.77
N LYS S 2 31.75 -48.65 52.37
CA LYS S 2 31.60 -47.77 53.52
C LYS S 2 31.38 -46.33 53.08
N GLU S 3 30.84 -45.52 53.99
CA GLU S 3 30.59 -44.11 53.71
C GLU S 3 31.90 -43.33 53.69
N VAL S 4 32.21 -42.69 52.56
CA VAL S 4 33.44 -41.92 52.41
C VAL S 4 33.11 -40.48 52.02
N ILE S 5 33.83 -39.53 52.62
CA ILE S 5 33.66 -38.10 52.36
C ILE S 5 35.02 -37.51 51.99
N PRO S 6 35.23 -37.10 50.74
CA PRO S 6 36.48 -36.42 50.38
C PRO S 6 36.50 -34.99 50.89
N PRO S 7 37.68 -34.41 51.06
CA PRO S 7 37.75 -32.99 51.46
C PRO S 7 37.27 -32.08 50.34
N GLU S 8 36.99 -30.84 50.71
CA GLU S 8 36.51 -29.87 49.74
C GLU S 8 37.58 -29.54 48.70
N ASN S 9 37.13 -29.30 47.47
CA ASN S 9 38.00 -28.97 46.33
C ASN S 9 39.06 -30.04 46.09
N PHE S 10 38.72 -31.30 46.36
CA PHE S 10 39.64 -32.39 46.10
C PHE S 10 39.66 -32.70 44.60
N SER S 11 40.85 -32.95 44.08
CA SER S 11 40.99 -33.39 42.70
C SER S 11 42.31 -34.11 42.53
N HIS S 12 42.41 -34.82 41.40
CA HIS S 12 43.64 -35.48 40.99
C HIS S 12 44.46 -34.52 40.13
N VAL S 13 45.79 -34.55 40.32
CA VAL S 13 46.65 -33.63 39.58
C VAL S 13 47.33 -34.36 38.43
N VAL S 14 48.21 -35.32 38.74
CA VAL S 14 48.85 -36.14 37.72
C VAL S 14 49.46 -37.37 38.38
N GLY S 15 49.23 -38.55 37.79
CA GLY S 15 49.79 -39.76 38.33
C GLY S 15 49.29 -40.08 39.72
N GLU S 16 50.16 -39.91 40.72
CA GLU S 16 49.80 -40.10 42.11
C GLU S 16 49.92 -38.80 42.90
N ILE S 17 49.66 -37.67 42.24
CA ILE S 17 49.67 -36.37 42.89
C ILE S 17 48.23 -35.87 42.96
N TYR S 18 47.81 -35.50 44.16
CA TYR S 18 46.43 -35.05 44.39
C TYR S 18 46.47 -33.70 45.08
N ARG S 19 45.36 -32.97 44.94
CA ARG S 19 45.20 -31.67 45.57
C ARG S 19 43.88 -31.66 46.33
N SER S 20 43.84 -30.89 47.41
CA SER S 20 42.60 -30.74 48.18
C SER S 20 42.70 -29.47 49.02
N SER S 21 41.61 -29.18 49.73
CA SER S 21 41.62 -28.18 50.78
C SER S 21 42.10 -28.83 52.08
N PHE S 22 41.94 -28.13 53.19
CA PHE S 22 42.41 -28.65 54.47
C PHE S 22 41.57 -29.85 54.90
N PRO S 23 42.17 -31.02 55.07
CA PRO S 23 41.38 -32.21 55.41
C PRO S 23 40.88 -32.19 56.85
N ARG S 24 39.71 -32.76 57.04
CA ARG S 24 39.08 -32.89 58.35
C ARG S 24 39.01 -34.34 58.77
N GLN S 25 38.36 -34.57 59.92
CA GLN S 25 38.31 -35.92 60.49
C GLN S 25 37.46 -36.87 59.63
N GLU S 26 36.39 -36.35 59.02
CA GLU S 26 35.54 -37.19 58.17
C GLU S 26 36.21 -37.57 56.85
N ASN S 27 37.28 -36.88 56.46
CA ASN S 27 37.95 -37.15 55.20
C ASN S 27 39.13 -38.11 55.31
N PHE S 28 39.54 -38.50 56.52
CA PHE S 28 40.75 -39.30 56.68
C PHE S 28 40.59 -40.69 56.09
N SER S 29 39.41 -41.29 56.25
CA SER S 29 39.15 -42.61 55.68
C SER S 29 39.32 -42.61 54.18
N PHE S 30 38.90 -41.53 53.52
CA PHE S 30 39.05 -41.45 52.07
C PHE S 30 40.51 -41.33 51.67
N LEU S 31 41.30 -40.58 52.45
CA LEU S 31 42.70 -40.36 52.08
C LEU S 31 43.55 -41.60 52.32
N HIS S 32 43.17 -42.44 53.30
CA HIS S 32 44.00 -43.58 53.65
C HIS S 32 43.51 -44.90 53.06
N GLU S 33 42.21 -45.16 53.06
CA GLU S 33 41.74 -46.46 52.62
C GLU S 33 41.49 -46.54 51.13
N ARG S 34 41.34 -45.42 50.44
CA ARG S 34 41.15 -45.45 48.99
C ARG S 34 42.28 -44.77 48.23
N LEU S 35 42.79 -43.63 48.74
CA LEU S 35 43.99 -43.07 48.15
C LEU S 35 45.25 -43.72 48.72
N LYS S 36 45.25 -44.01 50.02
CA LYS S 36 46.39 -44.59 50.75
C LYS S 36 47.67 -43.79 50.52
N LEU S 37 47.62 -42.53 50.90
CA LEU S 37 48.77 -41.66 50.71
C LEU S 37 49.88 -42.03 51.68
N LYS S 38 51.12 -41.75 51.27
CA LYS S 38 52.28 -41.95 52.11
C LYS S 38 52.87 -40.65 52.65
N SER S 39 52.65 -39.52 51.97
CA SER S 39 53.10 -38.24 52.46
C SER S 39 52.08 -37.16 52.12
N ILE S 40 52.16 -36.04 52.84
CA ILE S 40 51.30 -34.88 52.62
C ILE S 40 52.13 -33.61 52.75
N LEU S 41 51.96 -32.70 51.80
CA LEU S 41 52.60 -31.39 51.82
C LEU S 41 51.58 -30.34 52.21
N VAL S 42 51.85 -29.60 53.29
CA VAL S 42 50.99 -28.51 53.75
C VAL S 42 51.63 -27.18 53.38
N LEU S 43 50.79 -26.21 52.99
CA LEU S 43 51.24 -24.94 52.45
C LEU S 43 50.95 -23.77 53.39
N ILE S 44 51.00 -23.99 54.69
CA ILE S 44 50.73 -22.92 55.64
C ILE S 44 51.93 -22.77 56.58
N PRO S 45 52.28 -21.55 56.99
CA PRO S 45 53.36 -21.40 57.97
C PRO S 45 52.92 -21.68 59.41
N GLU S 46 51.61 -21.69 59.68
CA GLU S 46 51.09 -21.98 61.00
C GLU S 46 51.19 -23.47 61.32
N GLU S 47 51.05 -23.78 62.61
CA GLU S 47 51.18 -25.16 63.06
C GLU S 47 49.98 -26.00 62.62
N TYR S 48 50.25 -27.26 62.31
CA TYR S 48 49.28 -28.24 61.85
C TYR S 48 48.44 -28.71 63.03
N PRO S 49 47.11 -28.82 62.87
CA PRO S 49 46.24 -29.10 64.01
C PRO S 49 46.51 -30.46 64.65
N GLN S 50 46.04 -30.60 65.90
CA GLN S 50 46.54 -31.66 66.78
C GLN S 50 46.08 -33.04 66.35
N GLU S 51 44.77 -33.24 66.14
CA GLU S 51 44.37 -34.57 65.66
C GLU S 51 44.75 -34.79 64.20
N ASN S 52 44.88 -33.70 63.44
CA ASN S 52 45.36 -33.87 62.06
C ASN S 52 46.81 -34.37 62.05
N LEU S 53 47.65 -33.84 62.95
CA LEU S 53 49.02 -34.35 63.05
C LEU S 53 49.05 -35.73 63.69
N ASN S 54 48.15 -36.00 64.63
CA ASN S 54 48.10 -37.30 65.28
C ASN S 54 47.68 -38.39 64.31
N PHE S 55 46.80 -38.06 63.36
CA PHE S 55 46.37 -39.03 62.36
C PHE S 55 47.53 -39.51 61.51
N LEU S 56 48.51 -38.65 61.24
CA LEU S 56 49.65 -39.07 60.43
C LEU S 56 50.51 -40.07 61.18
N LYS S 57 50.67 -39.89 62.50
CA LYS S 57 51.39 -40.87 63.31
C LYS S 57 50.55 -42.12 63.53
N LEU S 58 49.24 -41.97 63.45
CA LEU S 58 48.36 -43.13 63.51
C LEU S 58 48.55 -43.98 62.26
N THR S 59 48.83 -43.33 61.12
CA THR S 59 49.00 -43.99 59.84
C THR S 59 50.45 -44.19 59.44
N GLY S 60 51.38 -43.43 60.02
CA GLY S 60 52.76 -43.50 59.60
C GLY S 60 53.08 -42.62 58.41
N ILE S 61 52.17 -41.72 58.04
CA ILE S 61 52.33 -40.85 56.89
C ILE S 61 53.24 -39.68 57.27
N LYS S 62 54.31 -39.50 56.51
CA LYS S 62 55.24 -38.42 56.78
C LYS S 62 54.64 -37.10 56.29
N LEU S 63 54.74 -36.07 57.13
CA LEU S 63 54.20 -34.75 56.81
C LEU S 63 55.30 -33.83 56.34
N TYR S 64 55.06 -33.16 55.21
CA TYR S 64 55.91 -32.09 54.76
C TYR S 64 55.16 -30.77 54.87
N GLN S 65 55.90 -29.72 55.20
CA GLN S 65 55.32 -28.39 55.33
C GLN S 65 56.26 -27.43 54.64
N VAL S 66 55.77 -26.79 53.59
CA VAL S 66 56.48 -25.71 52.91
C VAL S 66 55.60 -24.49 53.08
N GLY S 67 55.94 -23.65 54.05
CA GLY S 67 55.11 -22.54 54.43
C GLY S 67 55.07 -21.44 53.40
N MET S 68 53.90 -21.24 52.79
CA MET S 68 53.67 -20.17 51.84
C MET S 68 52.71 -19.18 52.46
N SER S 69 52.99 -17.89 52.24
CA SER S 69 52.21 -16.86 52.92
C SER S 69 50.81 -16.79 52.36
N GLY S 70 49.82 -16.69 53.23
CA GLY S 70 48.47 -16.45 52.77
C GLY S 70 48.39 -15.03 52.27
N ASN S 71 48.44 -14.08 53.20
CA ASN S 71 48.73 -12.69 52.86
C ASN S 71 49.97 -12.19 53.59
N LYS S 72 49.96 -12.23 54.93
CA LYS S 72 51.11 -11.91 55.79
C LYS S 72 51.53 -10.46 55.64
N GLU S 73 50.90 -9.78 54.69
CA GLU S 73 51.15 -8.41 54.26
C GLU S 73 50.02 -8.03 53.32
N PRO S 74 49.83 -6.74 53.02
CA PRO S 74 48.69 -6.40 52.17
C PRO S 74 48.87 -6.80 50.72
N PHE S 75 48.59 -8.07 50.40
CA PHE S 75 48.17 -8.46 49.06
C PHE S 75 49.18 -8.13 47.96
N VAL S 76 50.25 -8.92 47.80
CA VAL S 76 50.51 -10.24 48.40
C VAL S 76 52.02 -10.40 48.27
N ASN S 77 52.62 -11.38 48.95
CA ASN S 77 54.00 -11.71 48.64
C ASN S 77 54.22 -13.21 48.75
N ILE S 78 54.85 -13.78 47.72
CA ILE S 78 55.21 -15.20 47.70
C ILE S 78 56.61 -15.36 47.11
N PRO S 79 57.52 -16.09 47.77
CA PRO S 79 58.83 -16.34 47.17
C PRO S 79 58.77 -17.49 46.17
N SER S 80 59.79 -17.55 45.31
CA SER S 80 59.89 -18.59 44.28
C SER S 80 60.63 -19.82 44.78
N HIS S 81 61.49 -19.64 45.79
CA HIS S 81 62.27 -20.76 46.31
C HIS S 81 61.37 -21.73 47.07
N LEU S 82 60.27 -21.24 47.64
CA LEU S 82 59.33 -22.15 48.26
C LEU S 82 58.66 -23.02 47.21
N LEU S 83 58.39 -22.47 46.02
CA LEU S 83 57.83 -23.29 44.95
C LEU S 83 58.83 -24.32 44.46
N THR S 84 60.11 -23.95 44.34
CA THR S 84 61.07 -24.97 43.91
C THR S 84 61.24 -26.04 44.98
N LYS S 85 61.18 -25.65 46.26
CA LYS S 85 61.31 -26.64 47.33
C LYS S 85 60.12 -27.58 47.37
N ALA S 86 58.90 -27.05 47.19
CA ALA S 86 57.71 -27.89 47.19
C ALA S 86 57.68 -28.79 45.97
N LEU S 87 58.19 -28.32 44.82
CA LEU S 87 58.30 -29.20 43.66
C LEU S 87 59.33 -30.30 43.90
N GLU S 88 60.40 -29.96 44.62
CA GLU S 88 61.43 -30.93 44.97
C GLU S 88 60.87 -32.02 45.89
N ILE S 89 59.91 -31.66 46.73
CA ILE S 89 59.26 -32.66 47.58
C ILE S 89 58.26 -33.49 46.79
N VAL S 90 57.45 -32.85 45.96
CA VAL S 90 56.32 -33.53 45.34
C VAL S 90 56.71 -34.39 44.15
N LEU S 91 57.75 -34.00 43.41
CA LEU S 91 58.02 -34.73 42.18
C LEU S 91 58.79 -36.04 42.38
N ASN S 92 59.28 -36.31 43.58
CA ASN S 92 59.93 -37.59 43.85
C ASN S 92 58.86 -38.66 44.02
N PRO S 93 58.85 -39.72 43.19
CA PRO S 93 57.82 -40.77 43.35
C PRO S 93 58.01 -41.61 44.60
N ALA S 94 59.14 -41.51 45.29
CA ALA S 94 59.32 -42.19 46.56
C ALA S 94 58.53 -41.54 47.67
N ASN S 95 57.98 -40.35 47.42
CA ASN S 95 57.12 -39.68 48.37
C ASN S 95 55.66 -39.70 47.94
N GLN S 96 55.34 -40.33 46.79
CA GLN S 96 54.04 -40.48 46.15
C GLN S 96 53.45 -41.85 46.45
N PRO S 97 52.12 -41.97 46.58
CA PRO S 97 51.07 -40.96 46.43
C PRO S 97 51.05 -39.89 47.53
N ILE S 98 51.11 -38.62 47.12
CA ILE S 98 51.19 -37.48 48.03
C ILE S 98 50.03 -36.53 47.77
N LEU S 99 49.51 -35.92 48.84
CA LEU S 99 48.42 -34.94 48.77
C LEU S 99 48.92 -33.56 49.16
N ILE S 100 48.73 -32.58 48.26
CA ILE S 100 49.02 -31.18 48.50
C ILE S 100 47.74 -30.48 48.95
N HIS S 101 47.80 -29.73 50.04
CA HIS S 101 46.62 -29.01 50.49
C HIS S 101 47.01 -27.69 51.12
N SER S 102 46.00 -26.83 51.26
CA SER S 102 46.14 -25.50 51.84
C SER S 102 44.93 -25.27 52.73
N ASN S 103 44.69 -24.00 53.10
CA ASN S 103 43.51 -23.70 53.91
C ASN S 103 42.23 -24.01 53.14
N ARG S 104 42.14 -23.55 51.90
CA ARG S 104 40.99 -23.77 51.04
C ARG S 104 41.37 -24.48 49.75
N GLY S 105 42.66 -24.71 49.51
CA GLY S 105 43.09 -25.42 48.32
C GLY S 105 42.86 -24.67 47.02
N LYS S 106 42.81 -23.35 47.06
CA LYS S 106 42.46 -22.53 45.90
C LYS S 106 43.63 -21.69 45.39
N HIS S 107 44.31 -20.95 46.28
CA HIS S 107 45.28 -19.95 45.88
C HIS S 107 46.71 -20.48 45.91
N ARG S 108 47.15 -20.99 47.06
CA ARG S 108 48.52 -21.50 47.14
C ARG S 108 48.69 -22.82 46.39
N THR S 109 47.66 -23.68 46.40
CA THR S 109 47.74 -24.93 45.65
C THR S 109 47.79 -24.67 44.15
N GLY S 110 46.99 -23.72 43.66
CA GLY S 110 46.98 -23.45 42.23
C GLY S 110 48.30 -22.88 41.75
N CYS S 111 49.03 -22.19 42.64
CA CYS S 111 50.36 -21.70 42.28
C CYS S 111 51.35 -22.85 42.23
N LEU S 112 51.21 -23.78 43.18
CA LEU S 112 52.05 -24.97 43.21
C LEU S 112 51.75 -25.93 42.07
N ILE S 113 50.46 -26.19 41.83
CA ILE S 113 50.07 -27.13 40.78
C ILE S 113 50.26 -26.53 39.38
N GLY S 114 50.15 -25.21 39.25
CA GLY S 114 50.38 -24.59 37.96
C GLY S 114 51.79 -24.75 37.45
N CYS S 115 52.77 -24.78 38.36
CA CYS S 115 54.13 -25.04 37.91
C CYS S 115 54.34 -26.51 37.59
N ILE S 116 53.59 -27.40 38.23
CA ILE S 116 53.61 -28.80 37.83
C ILE S 116 53.09 -28.94 36.41
N ARG S 117 52.04 -28.18 36.08
CA ARG S 117 51.51 -28.21 34.72
C ARG S 117 52.47 -27.57 33.73
N LYS S 118 53.27 -26.60 34.19
CA LYS S 118 54.30 -26.04 33.32
C LYS S 118 55.42 -27.05 33.07
N LEU S 119 55.65 -27.97 34.00
CA LEU S 119 56.63 -29.03 33.73
C LEU S 119 56.14 -29.99 32.65
N GLN S 120 54.83 -30.16 32.50
CA GLN S 120 54.28 -30.98 31.44
C GLN S 120 54.16 -30.24 30.11
N ASN S 121 54.65 -29.01 30.04
CA ASN S 121 54.60 -28.21 28.81
C ASN S 121 53.17 -28.02 28.36
N TRP S 122 52.29 -27.70 29.31
CA TRP S 122 50.92 -27.32 29.01
C TRP S 122 50.89 -25.88 28.50
N SER S 123 49.83 -25.55 27.76
CA SER S 123 49.61 -24.16 27.42
C SER S 123 49.25 -23.40 28.69
N LEU S 124 49.70 -22.15 28.78
CA LEU S 124 49.42 -21.39 29.99
C LEU S 124 47.94 -21.07 30.12
N THR S 125 47.21 -21.08 29.00
CA THR S 125 45.77 -20.87 29.05
C THR S 125 45.09 -22.00 29.83
N MET S 126 45.49 -23.25 29.59
CA MET S 126 44.86 -24.36 30.31
C MET S 126 45.30 -24.40 31.77
N ILE S 127 46.52 -23.94 32.04
CA ILE S 127 46.98 -23.83 33.42
C ILE S 127 46.13 -22.80 34.16
N PHE S 128 45.84 -21.67 33.51
CA PHE S 128 45.04 -20.64 34.13
C PHE S 128 43.59 -21.07 34.27
N ASP S 129 43.10 -21.87 33.32
CA ASP S 129 41.73 -22.35 33.40
C ASP S 129 41.57 -23.32 34.56
N GLU S 130 42.58 -24.16 34.79
CA GLU S 130 42.55 -25.04 35.95
C GLU S 130 42.66 -24.25 37.25
N TYR S 131 43.47 -23.19 37.25
CA TYR S 131 43.57 -22.36 38.46
C TYR S 131 42.24 -21.72 38.80
N ARG S 132 41.58 -21.12 37.81
CA ARG S 132 40.33 -20.41 38.05
C ARG S 132 39.16 -21.33 38.32
N ARG S 133 39.20 -22.57 37.83
CA ARG S 133 38.11 -23.50 38.14
C ARG S 133 38.08 -23.82 39.63
N PHE S 134 39.26 -23.94 40.25
CA PHE S 134 39.33 -24.24 41.67
C PHE S 134 39.29 -22.99 42.55
N ALA S 135 39.78 -21.86 42.06
CA ALA S 135 39.90 -20.67 42.89
C ALA S 135 38.66 -19.79 42.87
N PHE S 136 37.60 -20.19 42.20
CA PHE S 136 36.37 -19.41 42.24
C PHE S 136 35.76 -19.50 43.64
N PRO S 137 35.23 -18.41 44.19
CA PRO S 137 35.08 -17.09 43.54
C PRO S 137 36.28 -16.16 43.66
N LYS S 138 37.15 -16.42 44.63
CA LYS S 138 38.26 -15.52 44.95
C LYS S 138 39.51 -15.87 44.13
N ALA S 139 39.36 -15.89 42.82
CA ALA S 139 40.50 -16.14 41.95
C ALA S 139 41.31 -14.85 41.84
N ARG S 140 42.55 -14.90 42.29
CA ARG S 140 43.39 -13.70 42.36
C ARG S 140 44.31 -13.70 41.15
N ALA S 141 44.37 -12.56 40.46
CA ALA S 141 45.14 -12.50 39.22
C ALA S 141 46.64 -12.48 39.44
N LEU S 142 47.11 -12.09 40.63
CA LEU S 142 48.54 -12.04 40.87
C LEU S 142 49.16 -13.43 41.02
N ASP S 143 48.38 -14.43 41.45
CA ASP S 143 48.91 -15.79 41.56
C ASP S 143 49.27 -16.36 40.18
N GLN S 144 48.49 -16.01 39.17
CA GLN S 144 48.81 -16.44 37.83
C GLN S 144 50.09 -15.78 37.34
N GLN S 145 50.42 -14.60 37.86
CA GLN S 145 51.73 -14.01 37.57
C GLN S 145 52.85 -14.84 38.15
N PHE S 146 52.66 -15.41 39.35
CA PHE S 146 53.70 -16.25 39.91
C PHE S 146 53.85 -17.54 39.12
N ILE S 147 52.77 -18.05 38.55
CA ILE S 147 52.90 -19.20 37.67
C ILE S 147 53.59 -18.80 36.37
N GLU S 148 53.26 -17.63 35.85
CA GLU S 148 53.78 -17.18 34.55
C GLU S 148 55.26 -16.80 34.61
N MET S 149 55.70 -16.23 35.72
CA MET S 149 57.05 -15.70 35.86
C MET S 149 58.05 -16.66 36.49
N TYR S 150 57.61 -17.85 36.91
CA TYR S 150 58.53 -18.77 37.56
C TYR S 150 59.43 -19.39 36.52
N ASP S 151 60.74 -19.29 36.74
CA ASP S 151 61.72 -19.87 35.83
C ASP S 151 61.87 -21.35 36.15
N ASP S 152 61.64 -22.19 35.14
CA ASP S 152 61.55 -23.62 35.31
C ASP S 152 62.88 -24.32 35.13
N ASP S 153 63.98 -23.58 35.10
CA ASP S 153 65.27 -24.22 34.88
C ASP S 153 65.79 -24.90 36.14
N GLU S 154 65.58 -24.28 37.30
CA GLU S 154 66.14 -24.82 38.53
C GLU S 154 65.51 -26.14 38.90
N ILE S 155 64.18 -26.26 38.77
CA ILE S 155 63.56 -27.52 39.15
C ILE S 155 63.72 -28.60 38.08
N LYS S 156 63.85 -28.20 36.81
CA LYS S 156 64.12 -29.18 35.76
C LYS S 156 65.54 -29.72 35.84
N ARG S 157 66.49 -28.97 36.39
CA ARG S 157 67.80 -29.56 36.62
C ARG S 157 67.69 -30.70 37.64
N ILE S 158 66.83 -30.51 38.64
CA ILE S 158 66.63 -31.55 39.64
C ILE S 158 65.86 -32.74 39.06
N ALA S 159 64.86 -32.48 38.22
CA ALA S 159 63.95 -33.55 37.78
C ALA S 159 64.54 -34.47 36.71
N SER S 160 65.30 -33.91 35.75
CA SER S 160 65.91 -34.73 34.71
C SER S 160 67.16 -35.45 35.20
N LYS S 161 67.82 -34.95 36.24
CA LYS S 161 68.93 -35.72 36.80
C LYS S 161 68.42 -37.02 37.39
N ASN S 162 67.22 -36.98 37.97
CA ASN S 162 66.57 -38.16 38.48
C ASN S 162 65.56 -38.71 37.49
N ASN S 163 65.46 -38.10 36.31
CA ASN S 163 64.63 -38.59 35.20
C ASN S 163 63.17 -38.79 35.63
N TRP S 164 62.59 -37.73 36.19
CA TRP S 164 61.21 -37.72 36.61
C TRP S 164 60.27 -37.34 35.48
N LEU S 165 60.74 -36.53 34.54
CA LEU S 165 59.96 -36.23 33.34
C LEU S 165 60.20 -37.32 32.29
N PRO S 166 59.16 -37.69 31.52
CA PRO S 166 57.80 -37.11 31.58
C PRO S 166 56.96 -37.64 32.73
N LEU S 167 56.05 -36.82 33.21
CA LEU S 167 55.11 -37.22 34.24
C LEU S 167 54.01 -38.05 33.59
N GLN S 168 53.92 -39.33 33.97
CA GLN S 168 52.96 -40.22 33.34
C GLN S 168 51.67 -40.24 34.14
N TRP S 169 50.55 -40.41 33.44
CA TRP S 169 49.25 -40.40 34.08
C TRP S 169 48.92 -41.78 34.65
N ASN T 1 2.95 6.89 50.49
CA ASN T 1 3.80 5.78 50.09
C ASN T 1 5.27 6.19 50.13
N LYS T 2 5.95 5.95 51.26
CA LYS T 2 7.35 6.32 51.38
C LYS T 2 8.22 5.30 50.68
N GLU T 3 9.46 5.71 50.42
CA GLU T 3 10.48 4.77 49.97
C GLU T 3 10.91 3.92 51.16
N VAL T 4 10.85 2.60 51.02
CA VAL T 4 11.19 1.66 52.09
C VAL T 4 12.35 0.80 51.60
N ILE T 5 13.30 0.53 52.49
CA ILE T 5 14.50 -0.22 52.12
C ILE T 5 14.63 -1.50 52.95
N PRO T 6 14.46 -2.66 52.34
CA PRO T 6 14.70 -3.94 53.05
C PRO T 6 16.18 -4.21 53.25
N PRO T 7 16.54 -5.08 54.20
CA PRO T 7 17.94 -5.41 54.39
C PRO T 7 18.50 -6.22 53.23
N GLU T 8 19.82 -6.27 53.15
CA GLU T 8 20.50 -7.05 52.12
C GLU T 8 20.27 -8.53 52.36
N ASN T 9 20.20 -9.29 51.25
CA ASN T 9 19.97 -10.73 51.29
C ASN T 9 18.66 -11.07 52.00
N PHE T 10 17.67 -10.18 51.90
CA PHE T 10 16.36 -10.43 52.46
C PHE T 10 15.49 -11.30 51.55
N SER T 11 14.79 -12.25 52.16
CA SER T 11 13.77 -13.02 51.47
C SER T 11 12.83 -13.60 52.51
N HIS T 12 11.68 -14.08 52.04
CA HIS T 12 10.73 -14.79 52.89
C HIS T 12 11.09 -16.27 52.89
N VAL T 13 10.96 -16.91 54.05
CA VAL T 13 11.32 -18.32 54.15
C VAL T 13 10.06 -19.18 54.12
N VAL T 14 9.22 -19.05 55.14
CA VAL T 14 7.98 -19.83 55.13
C VAL T 14 6.96 -19.24 56.10
N GLY T 15 5.72 -19.11 55.64
CA GLY T 15 4.67 -18.56 56.49
C GLY T 15 4.97 -17.12 56.85
N GLU T 16 5.32 -16.90 58.11
CA GLU T 16 5.75 -15.59 58.60
C GLU T 16 7.17 -15.64 59.14
N ILE T 17 8.01 -16.50 58.58
CA ILE T 17 9.42 -16.60 58.94
C ILE T 17 10.24 -16.06 57.78
N TYR T 18 11.13 -15.11 58.08
CA TYR T 18 11.92 -14.42 57.07
C TYR T 18 13.40 -14.53 57.38
N ARG T 19 14.22 -14.27 56.37
CA ARG T 19 15.66 -14.27 56.49
C ARG T 19 16.24 -12.96 55.95
N SER T 20 17.37 -12.56 56.52
CA SER T 20 18.05 -11.37 56.01
C SER T 20 19.50 -11.38 56.50
N SER T 21 20.25 -10.37 56.07
CA SER T 21 21.54 -10.06 56.64
C SER T 21 21.32 -9.15 57.85
N PHE T 22 22.38 -8.57 58.38
CA PHE T 22 22.22 -7.70 59.54
C PHE T 22 21.53 -6.41 59.12
N PRO T 23 20.37 -6.09 59.71
CA PRO T 23 19.64 -4.90 59.28
C PRO T 23 20.33 -3.62 59.77
N ARG T 24 20.18 -2.56 58.98
CA ARG T 24 20.72 -1.25 59.32
C ARG T 24 19.58 -0.29 59.62
N GLN T 25 19.94 0.97 59.86
CA GLN T 25 18.95 1.97 60.22
C GLN T 25 17.98 2.21 59.07
N GLU T 26 18.46 2.08 57.82
CA GLU T 26 17.57 2.20 56.69
C GLU T 26 16.62 1.01 56.58
N ASN T 27 16.93 -0.10 57.27
CA ASN T 27 16.08 -1.28 57.24
C ASN T 27 15.08 -1.34 58.38
N PHE T 28 15.18 -0.45 59.38
CA PHE T 28 14.33 -0.57 60.55
C PHE T 28 12.88 -0.24 60.22
N SER T 29 12.67 0.77 59.37
CA SER T 29 11.32 1.11 58.94
C SER T 29 10.68 -0.07 58.21
N PHE T 30 11.47 -0.80 57.42
CA PHE T 30 10.94 -1.99 56.75
C PHE T 30 10.66 -3.09 57.76
N LEU T 31 11.51 -3.21 58.78
CA LEU T 31 11.36 -4.30 59.74
C LEU T 31 10.13 -4.10 60.59
N HIS T 32 9.70 -2.85 60.77
CA HIS T 32 8.56 -2.58 61.64
C HIS T 32 7.27 -2.32 60.89
N GLU T 33 7.30 -1.50 59.83
CA GLU T 33 6.08 -1.04 59.19
C GLU T 33 5.55 -1.97 58.11
N ARG T 34 6.38 -2.86 57.58
CA ARG T 34 5.93 -3.77 56.53
C ARG T 34 5.92 -5.23 56.94
N LEU T 35 6.95 -5.69 57.65
CA LEU T 35 6.94 -7.06 58.15
C LEU T 35 6.08 -7.22 59.40
N LYS T 36 6.01 -6.18 60.23
CA LYS T 36 5.29 -6.22 61.50
C LYS T 36 5.80 -7.38 62.36
N LEU T 37 7.10 -7.34 62.64
CA LEU T 37 7.76 -8.43 63.33
C LEU T 37 7.39 -8.49 64.80
N LYS T 38 7.45 -9.71 65.36
CA LYS T 38 7.36 -9.92 66.80
C LYS T 38 8.68 -10.34 67.41
N SER T 39 9.55 -11.01 66.66
CA SER T 39 10.84 -11.45 67.20
C SER T 39 11.93 -11.39 66.14
N ILE T 40 13.16 -11.39 66.64
CA ILE T 40 14.35 -11.43 65.80
C ILE T 40 15.31 -12.45 66.39
N LEU T 41 15.72 -13.42 65.58
CA LEU T 41 16.69 -14.44 65.96
C LEU T 41 18.03 -14.16 65.30
N VAL T 42 19.06 -14.00 66.11
CA VAL T 42 20.41 -13.82 65.58
C VAL T 42 21.27 -15.07 65.78
N ILE T 44 24.87 -15.57 66.42
CA ILE T 44 26.16 -14.90 66.40
C ILE T 44 26.69 -14.85 67.83
N PRO T 45 27.99 -15.11 68.02
CA PRO T 45 28.55 -15.06 69.38
C PRO T 45 28.86 -13.65 69.85
N GLU T 46 28.99 -12.67 68.96
CA GLU T 46 29.23 -11.32 69.42
C GLU T 46 27.94 -10.73 69.98
N GLU T 47 28.08 -9.77 70.88
CA GLU T 47 26.93 -9.13 71.49
C GLU T 47 26.28 -8.15 70.51
N TYR T 48 24.99 -7.93 70.71
CA TYR T 48 24.20 -7.17 69.76
C TYR T 48 24.56 -5.68 69.81
N PRO T 49 24.71 -5.04 68.65
CA PRO T 49 25.16 -3.64 68.60
C PRO T 49 24.15 -2.68 69.23
N GLN T 50 24.67 -1.49 69.59
CA GLN T 50 23.92 -0.60 70.48
C GLN T 50 22.72 0.06 69.80
N GLU T 51 22.86 0.51 68.54
CA GLU T 51 21.69 1.10 67.89
C GLU T 51 20.68 0.03 67.50
N ASN T 52 21.14 -1.18 67.22
CA ASN T 52 20.20 -2.27 66.93
C ASN T 52 19.44 -2.64 68.20
N LEU T 53 20.15 -2.68 69.34
CA LEU T 53 19.48 -2.94 70.60
C LEU T 53 18.54 -1.80 70.95
N ASN T 54 18.88 -0.58 70.54
CA ASN T 54 18.03 0.57 70.82
C ASN T 54 16.74 0.51 70.01
N PHE T 55 16.81 0.06 68.75
CA PHE T 55 15.57 -0.13 67.99
C PHE T 55 14.74 -1.26 68.59
N LEU T 56 15.41 -2.32 69.05
CA LEU T 56 14.67 -3.43 69.64
C LEU T 56 13.98 -3.03 70.93
N LYS T 57 14.61 -2.17 71.72
CA LYS T 57 13.98 -1.68 72.94
C LYS T 57 12.91 -0.63 72.66
N LEU T 58 13.06 0.15 71.59
CA LEU T 58 12.04 1.13 71.26
C LEU T 58 10.78 0.47 70.74
N THR T 59 10.90 -0.67 70.05
CA THR T 59 9.71 -1.31 69.51
C THR T 59 9.17 -2.42 70.39
N GLY T 60 9.98 -2.98 71.28
CA GLY T 60 9.52 -4.11 72.06
C GLY T 60 9.66 -5.43 71.35
N ILE T 61 10.39 -5.45 70.22
CA ILE T 61 10.58 -6.67 69.45
C ILE T 61 11.60 -7.51 70.20
N LYS T 62 11.23 -8.73 70.56
CA LYS T 62 12.07 -9.57 71.39
C LYS T 62 13.21 -10.18 70.60
N LEU T 63 14.39 -10.18 71.22
CA LEU T 63 15.61 -10.72 70.63
C LEU T 63 15.90 -12.10 71.20
N TYR T 64 16.11 -13.07 70.32
CA TYR T 64 16.62 -14.38 70.66
C TYR T 64 18.02 -14.53 70.07
N GLN T 65 18.89 -15.21 70.80
CA GLN T 65 20.28 -15.35 70.36
C GLN T 65 20.74 -16.79 70.50
N VAL T 66 21.15 -17.35 69.38
CA VAL T 66 21.80 -18.66 69.32
C VAL T 66 23.20 -18.40 68.76
N GLY T 67 24.20 -18.37 69.63
CA GLY T 67 25.52 -18.00 69.18
C GLY T 67 26.16 -19.06 68.32
N MET T 68 26.32 -18.79 67.03
CA MET T 68 26.96 -19.70 66.10
C MET T 68 28.24 -19.06 65.59
N SER T 69 29.29 -19.87 65.46
CA SER T 69 30.64 -19.34 65.26
C SER T 69 30.83 -18.72 63.88
N GLY T 70 31.48 -17.55 63.85
CA GLY T 70 31.87 -16.95 62.58
C GLY T 70 33.00 -17.73 61.94
N ASN T 71 34.21 -17.63 62.49
CA ASN T 71 35.25 -18.62 62.22
C ASN T 71 35.75 -19.29 63.49
N LYS T 72 36.44 -18.56 64.37
CA LYS T 72 36.89 -19.01 65.68
C LYS T 72 37.87 -20.19 65.61
N GLU T 73 37.98 -20.82 64.43
CA GLU T 73 38.80 -22.00 64.17
C GLU T 73 38.69 -22.38 62.69
N PRO T 74 39.69 -23.07 62.11
CA PRO T 74 39.78 -23.17 60.65
C PRO T 74 38.77 -24.08 59.95
N PHE T 75 37.60 -23.53 59.58
CA PHE T 75 36.86 -24.07 58.44
C PHE T 75 36.41 -25.53 58.57
N VAL T 76 35.34 -25.85 59.31
CA VAL T 76 34.45 -24.97 60.07
C VAL T 76 33.88 -25.94 61.09
N ASN T 77 33.19 -25.45 62.12
CA ASN T 77 32.37 -26.38 62.88
C ASN T 77 31.15 -25.65 63.45
N ILE T 78 30.00 -26.31 63.33
CA ILE T 78 28.75 -25.82 63.90
C ILE T 78 28.07 -26.98 64.60
N PRO T 79 27.69 -26.85 65.88
CA PRO T 79 27.02 -27.95 66.56
C PRO T 79 25.55 -28.05 66.15
N SER T 80 24.97 -29.22 66.44
CA SER T 80 23.58 -29.50 66.08
C SER T 80 22.60 -29.06 67.14
N HIS T 81 23.03 -28.95 68.39
CA HIS T 81 22.11 -28.53 69.45
C HIS T 81 21.75 -27.06 69.31
N LEU T 82 22.66 -26.25 68.78
CA LEU T 82 22.31 -24.86 68.49
C LEU T 82 21.31 -24.79 67.35
N LEU T 83 21.41 -25.71 66.39
CA LEU T 83 20.40 -25.78 65.33
C LEU T 83 19.05 -26.15 65.91
N THR T 84 19.02 -27.07 66.88
CA THR T 84 17.76 -27.44 67.51
C THR T 84 17.18 -26.28 68.31
N LYS T 85 18.04 -25.50 68.97
CA LYS T 85 17.57 -24.35 69.73
C LYS T 85 16.97 -23.29 68.81
N ALA T 86 17.64 -23.01 67.70
CA ALA T 86 17.10 -22.02 66.77
C ALA T 86 15.82 -22.52 66.10
N LEU T 87 15.71 -23.83 65.87
CA LEU T 87 14.49 -24.35 65.27
C LEU T 87 13.33 -24.25 66.25
N GLU T 88 13.57 -24.54 67.53
CA GLU T 88 12.49 -24.40 68.50
C GLU T 88 12.06 -22.96 68.66
N ILE T 89 12.98 -22.02 68.45
CA ILE T 89 12.57 -20.62 68.54
C ILE T 89 11.75 -20.22 67.32
N VAL T 90 12.17 -20.64 66.12
CA VAL T 90 11.52 -20.10 64.93
C VAL T 90 10.19 -20.80 64.62
N LEU T 91 10.05 -22.07 64.96
CA LEU T 91 8.81 -22.76 64.60
C LEU T 91 7.66 -22.50 65.57
N ASN T 92 7.91 -21.78 66.67
CA ASN T 92 6.85 -21.40 67.60
C ASN T 92 6.05 -20.24 67.03
N PRO T 93 4.73 -20.37 66.84
CA PRO T 93 3.94 -19.25 66.29
C PRO T 93 3.78 -18.08 67.25
N ALA T 94 4.08 -18.26 68.54
CA ALA T 94 4.04 -17.15 69.47
C ALA T 94 5.21 -16.20 69.29
N ASN T 95 6.23 -16.59 68.52
CA ASN T 95 7.36 -15.73 68.24
C ASN T 95 7.35 -15.20 66.81
N GLN T 96 6.35 -15.56 66.00
CA GLN T 96 6.26 -15.15 64.61
C GLN T 96 5.25 -14.03 64.45
N PRO T 97 5.46 -13.07 63.52
CA PRO T 97 6.53 -12.97 62.51
C PRO T 97 7.93 -12.79 63.07
N ILE T 98 8.85 -13.66 62.65
CA ILE T 98 10.22 -13.68 63.15
C ILE T 98 11.18 -13.47 61.99
N LEU T 99 12.25 -12.71 62.26
CA LEU T 99 13.31 -12.45 61.29
C LEU T 99 14.60 -13.11 61.76
N ILE T 100 15.15 -14.01 60.94
CA ILE T 100 16.44 -14.65 61.21
C ILE T 100 17.52 -13.88 60.47
N HIS T 101 18.57 -13.47 61.18
CA HIS T 101 19.64 -12.77 60.48
C HIS T 101 20.99 -12.99 61.16
N SER T 102 22.03 -12.74 60.38
CA SER T 102 23.42 -12.81 60.81
C SER T 102 24.14 -11.65 60.13
N ASN T 103 25.48 -11.70 60.09
CA ASN T 103 26.22 -10.65 59.40
C ASN T 103 25.92 -10.66 57.90
N ARG T 104 26.30 -11.73 57.22
CA ARG T 104 26.09 -11.83 55.78
C ARG T 104 24.68 -12.33 55.45
N GLY T 105 24.07 -13.10 56.34
CA GLY T 105 22.83 -13.78 56.03
C GLY T 105 22.99 -14.89 55.02
N LYS T 106 24.17 -15.50 54.94
CA LYS T 106 24.48 -16.50 53.92
C LYS T 106 24.71 -17.89 54.49
N HIS T 107 25.58 -18.03 55.49
CA HIS T 107 26.10 -19.34 55.89
C HIS T 107 25.36 -19.93 57.09
N ARG T 108 25.33 -19.20 58.21
CA ARG T 108 24.64 -19.74 59.38
C ARG T 108 23.13 -19.65 59.19
N THR T 109 22.66 -18.54 58.62
CA THR T 109 21.25 -18.39 58.32
C THR T 109 20.82 -19.42 57.29
N GLY T 110 21.65 -19.63 56.26
CA GLY T 110 21.29 -20.58 55.22
C GLY T 110 21.28 -22.02 55.69
N CYS T 111 22.11 -22.34 56.68
CA CYS T 111 22.11 -23.71 57.21
C CYS T 111 20.90 -23.96 58.09
N LEU T 112 20.53 -22.97 58.91
CA LEU T 112 19.32 -23.14 59.71
C LEU T 112 18.09 -23.24 58.81
N ILE T 113 18.04 -22.43 57.76
CA ILE T 113 16.89 -22.48 56.87
C ILE T 113 16.89 -23.75 56.02
N GLY T 114 18.06 -24.28 55.68
CA GLY T 114 18.08 -25.56 54.97
C GLY T 114 17.56 -26.69 55.82
N CYS T 115 17.82 -26.65 57.13
CA CYS T 115 17.22 -27.69 57.96
C CYS T 115 15.73 -27.43 58.20
N ILE T 116 15.30 -26.17 58.17
CA ILE T 116 13.86 -25.90 58.18
C ILE T 116 13.20 -26.52 56.96
N ARG T 117 13.87 -26.42 55.80
CA ARG T 117 13.34 -27.03 54.59
C ARG T 117 13.39 -28.55 54.67
N LYS T 118 14.34 -29.09 55.44
CA LYS T 118 14.34 -30.54 55.67
C LYS T 118 13.14 -30.96 56.51
N LEU T 119 12.65 -30.08 57.38
CA LEU T 119 11.43 -30.40 58.11
C LEU T 119 10.21 -30.43 57.20
N GLN T 120 10.25 -29.70 56.09
CA GLN T 120 9.21 -29.74 55.08
C GLN T 120 9.39 -30.90 54.09
N ASN T 121 10.38 -31.76 54.32
CA ASN T 121 10.67 -32.91 53.47
C ASN T 121 11.00 -32.47 52.04
N TRP T 122 11.84 -31.45 51.94
CA TRP T 122 12.35 -31.06 50.63
C TRP T 122 13.48 -32.01 50.22
N SER T 123 13.70 -32.07 48.91
CA SER T 123 14.85 -32.78 48.37
C SER T 123 16.14 -32.01 48.66
N LEU T 124 17.24 -32.76 48.83
CA LEU T 124 18.52 -32.11 49.13
C LEU T 124 18.99 -31.23 47.97
N THR T 125 18.57 -31.56 46.76
CA THR T 125 18.94 -30.74 45.61
C THR T 125 18.39 -29.33 45.72
N MET T 126 17.11 -29.20 46.05
CA MET T 126 16.51 -27.88 46.12
C MET T 126 16.96 -27.12 47.37
N ILE T 127 17.21 -27.85 48.46
CA ILE T 127 17.72 -27.21 49.66
C ILE T 127 19.11 -26.63 49.40
N PHE T 128 19.97 -27.40 48.75
CA PHE T 128 21.33 -26.91 48.50
C PHE T 128 21.34 -25.82 47.43
N ASP T 129 20.42 -25.87 46.46
CA ASP T 129 20.37 -24.80 45.48
C ASP T 129 19.87 -23.51 46.09
N GLU T 130 18.93 -23.58 47.04
CA GLU T 130 18.49 -22.39 47.77
C GLU T 130 19.61 -21.82 48.64
N TYR T 131 20.37 -22.71 49.28
CA TYR T 131 21.49 -22.24 50.10
C TYR T 131 22.51 -21.52 49.23
N ARG T 132 22.86 -22.09 48.07
CA ARG T 132 23.85 -21.45 47.23
C ARG T 132 23.31 -20.20 46.55
N ARG T 133 22.00 -20.10 46.33
CA ARG T 133 21.45 -18.87 45.80
C ARG T 133 21.60 -17.74 46.80
N PHE T 134 21.47 -18.03 48.10
CA PHE T 134 21.64 -16.97 49.07
C PHE T 134 23.10 -16.77 49.49
N ALA T 135 23.92 -17.82 49.43
CA ALA T 135 25.29 -17.82 49.93
C ALA T 135 26.32 -17.42 48.88
N PHE T 136 25.90 -17.02 47.70
CA PHE T 136 26.86 -16.56 46.70
C PHE T 136 27.50 -15.25 47.17
N PRO T 137 28.82 -15.10 47.02
CA PRO T 137 29.73 -16.04 46.34
C PRO T 137 30.35 -17.13 47.22
N LYS T 138 30.39 -16.93 48.53
CA LYS T 138 31.12 -17.85 49.43
C LYS T 138 30.21 -18.99 49.90
N ALA T 139 29.73 -19.77 48.95
CA ALA T 139 28.95 -20.95 49.27
C ALA T 139 29.91 -22.05 49.72
N ARG T 140 29.76 -22.50 50.96
CA ARG T 140 30.68 -23.44 51.58
C ARG T 140 30.06 -24.84 51.63
N ALA T 141 30.87 -25.83 51.25
CA ALA T 141 30.36 -27.20 51.18
C ALA T 141 30.15 -27.82 52.56
N LEU T 142 30.81 -27.30 53.58
CA LEU T 142 30.62 -27.84 54.92
C LEU T 142 29.23 -27.50 55.46
N ASP T 143 28.64 -26.40 55.01
CA ASP T 143 27.29 -26.06 55.44
C ASP T 143 26.27 -27.05 54.87
N GLN T 144 26.44 -27.46 53.61
CA GLN T 144 25.54 -28.49 53.11
C GLN T 144 25.82 -29.84 53.76
N GLN T 145 27.08 -30.09 54.14
CA GLN T 145 27.37 -31.31 54.88
C GLN T 145 26.67 -31.29 56.24
N PHE T 146 26.61 -30.11 56.86
CA PHE T 146 25.91 -29.94 58.14
C PHE T 146 24.40 -30.10 57.96
N ILE T 147 23.87 -29.65 56.82
CA ILE T 147 22.46 -29.82 56.54
C ILE T 147 22.13 -31.29 56.28
N GLU T 148 23.00 -31.97 55.53
CA GLU T 148 22.73 -33.36 55.17
C GLU T 148 22.88 -34.30 56.36
N MET T 149 23.78 -34.00 57.30
CA MET T 149 24.02 -34.92 58.41
C MET T 149 23.20 -34.59 59.65
N TYR T 150 22.38 -33.55 59.62
CA TYR T 150 21.62 -33.15 60.80
C TYR T 150 20.44 -34.10 61.00
N ASP T 151 20.37 -34.71 62.18
CA ASP T 151 19.24 -35.56 62.55
C ASP T 151 18.15 -34.66 63.15
N ASP T 152 17.01 -34.58 62.47
CA ASP T 152 15.94 -33.67 62.84
C ASP T 152 14.84 -34.37 63.64
N ASP T 153 15.16 -35.49 64.29
CA ASP T 153 14.11 -36.26 64.99
C ASP T 153 13.61 -35.52 66.22
N GLU T 154 14.50 -34.80 66.92
CA GLU T 154 14.08 -34.09 68.11
C GLU T 154 13.18 -32.92 67.77
N ILE T 155 13.53 -32.17 66.72
CA ILE T 155 12.72 -31.02 66.37
C ILE T 155 11.43 -31.42 65.66
N LYS T 156 11.42 -32.55 64.94
CA LYS T 156 10.15 -33.00 64.39
C LYS T 156 9.22 -33.52 65.48
N ARG T 157 9.80 -34.15 66.51
CA ARG T 157 8.99 -34.62 67.62
C ARG T 157 8.36 -33.44 68.35
N ILE T 158 9.13 -32.40 68.59
CA ILE T 158 8.58 -31.27 69.31
C ILE T 158 7.68 -30.41 68.44
N ALA T 159 7.94 -30.33 67.14
CA ALA T 159 7.06 -29.51 66.33
C ALA T 159 5.70 -30.17 66.10
N SER T 160 5.64 -31.50 66.02
CA SER T 160 4.31 -32.11 65.90
C SER T 160 3.60 -32.29 67.24
N LYS T 161 4.32 -32.37 68.35
CA LYS T 161 3.60 -32.49 69.61
C LYS T 161 2.80 -31.23 69.92
N ASN T 162 3.27 -30.07 69.46
CA ASN T 162 2.59 -28.80 69.67
C ASN T 162 1.75 -28.38 68.47
N ASN T 163 1.60 -29.25 67.47
CA ASN T 163 0.81 -28.97 66.27
C ASN T 163 1.30 -27.70 65.58
N TRP T 164 2.63 -27.59 65.46
CA TRP T 164 3.25 -26.51 64.70
C TRP T 164 3.39 -26.95 63.25
N LEU T 165 3.51 -28.25 63.04
CA LEU T 165 3.55 -28.92 61.77
C LEU T 165 2.13 -29.22 61.29
N PRO T 166 1.86 -29.14 59.97
CA PRO T 166 2.83 -28.79 58.92
C PRO T 166 3.11 -27.30 58.85
N LEU T 167 4.24 -26.92 58.28
CA LEU T 167 4.57 -25.51 58.12
C LEU T 167 3.74 -24.96 56.98
N GLN T 168 2.84 -24.03 57.29
CA GLN T 168 1.87 -23.54 56.32
C GLN T 168 2.37 -22.26 55.66
N TRP T 169 2.06 -22.13 54.37
CA TRP T 169 2.50 -20.99 53.56
C TRP T 169 1.50 -19.85 53.63
N ASN U 1 59.52 -1.48 25.06
CA ASN U 1 59.12 -2.70 24.37
C ASN U 1 59.14 -3.91 25.31
N LYS U 2 59.49 -3.67 26.57
CA LYS U 2 59.56 -4.74 27.55
C LYS U 2 58.16 -5.00 28.10
N GLU U 3 58.02 -6.14 28.79
CA GLU U 3 56.73 -6.55 29.32
C GLU U 3 56.24 -5.56 30.36
N VAL U 4 55.01 -5.07 30.16
CA VAL U 4 54.41 -4.03 30.99
C VAL U 4 53.32 -4.68 31.82
N ILE U 5 53.24 -4.31 33.09
CA ILE U 5 52.30 -4.89 34.03
C ILE U 5 51.45 -3.78 34.64
N PRO U 6 50.21 -3.64 34.21
CA PRO U 6 49.28 -2.73 34.89
C PRO U 6 48.79 -3.36 36.19
N PRO U 7 48.32 -2.56 37.14
CA PRO U 7 47.81 -3.12 38.39
C PRO U 7 46.54 -3.93 38.17
N GLU U 8 46.22 -4.76 39.16
CA GLU U 8 45.01 -5.57 39.09
C GLU U 8 43.78 -4.66 39.15
N ASN U 9 42.74 -5.08 38.44
CA ASN U 9 41.49 -4.32 38.36
C ASN U 9 41.72 -2.92 37.82
N PHE U 10 42.71 -2.78 36.93
CA PHE U 10 42.98 -1.51 36.30
C PHE U 10 42.02 -1.24 35.16
N SER U 11 41.56 0.00 35.06
CA SER U 11 40.77 0.44 33.93
C SER U 11 40.86 1.94 33.81
N HIS U 12 40.43 2.45 32.66
CA HIS U 12 40.30 3.88 32.44
C HIS U 12 38.91 4.29 32.90
N VAL U 13 38.81 5.45 33.55
CA VAL U 13 37.51 5.88 34.06
C VAL U 13 36.93 6.92 33.11
N VAL U 14 37.59 8.08 33.03
CA VAL U 14 37.09 9.10 32.11
C VAL U 14 38.16 10.14 31.81
N GLY U 15 38.34 10.46 30.52
CA GLY U 15 39.35 11.42 30.16
C GLY U 15 40.73 10.92 30.53
N GLU U 16 41.33 11.52 31.55
CA GLU U 16 42.61 11.07 32.09
C GLU U 16 42.48 10.68 33.55
N ILE U 17 41.34 10.13 33.94
CA ILE U 17 41.10 9.60 35.27
C ILE U 17 41.04 8.08 35.16
N TYR U 18 41.84 7.41 35.99
CA TYR U 18 42.00 5.96 35.92
C TYR U 18 41.70 5.33 37.27
N ARG U 19 41.44 4.02 37.25
CA ARG U 19 41.18 3.25 38.45
C ARG U 19 42.10 2.04 38.49
N SER U 20 42.48 1.64 39.70
CA SER U 20 43.25 0.41 39.86
C SER U 20 43.11 -0.07 41.29
N SER U 21 43.70 -1.23 41.56
CA SER U 21 43.90 -1.68 42.93
C SER U 21 45.21 -1.09 43.43
N PHE U 22 45.71 -1.55 44.56
CA PHE U 22 46.93 -0.99 45.11
C PHE U 22 48.11 -1.33 44.22
N PRO U 23 48.82 -0.35 43.67
CA PRO U 23 49.90 -0.67 42.73
C PRO U 23 51.10 -1.24 43.48
N ARG U 24 51.78 -2.16 42.83
CA ARG U 24 52.97 -2.79 43.36
C ARG U 24 54.19 -2.32 42.58
N GLN U 25 55.35 -2.89 42.93
CA GLN U 25 56.58 -2.43 42.30
C GLN U 25 56.60 -2.76 40.81
N GLU U 26 55.98 -3.87 40.41
CA GLU U 26 55.91 -4.22 39.00
C GLU U 26 54.97 -3.31 38.21
N ASN U 27 54.11 -2.56 38.89
CA ASN U 27 53.18 -1.66 38.22
C ASN U 27 53.74 -0.26 38.03
N PHE U 28 54.91 0.02 38.60
CA PHE U 28 55.50 1.34 38.51
C PHE U 28 55.87 1.68 37.08
N SER U 29 56.27 0.66 36.31
CA SER U 29 56.62 0.84 34.92
C SER U 29 55.48 1.48 34.17
N PHE U 30 54.31 0.87 34.28
CA PHE U 30 53.11 1.32 33.59
C PHE U 30 52.61 2.64 34.17
N LEU U 31 52.71 2.82 35.48
CA LEU U 31 52.14 4.02 36.08
C LEU U 31 52.95 5.25 35.72
N HIS U 32 54.25 5.10 35.43
CA HIS U 32 55.06 6.27 35.17
C HIS U 32 55.29 6.51 33.69
N GLU U 33 55.67 5.50 32.91
CA GLU U 33 56.04 5.82 31.54
C GLU U 33 54.90 5.65 30.53
N ARG U 34 53.82 4.98 30.88
CA ARG U 34 52.73 4.73 29.95
C ARG U 34 51.45 5.49 30.30
N LEU U 35 51.11 5.56 31.58
CA LEU U 35 50.02 6.44 31.98
C LEU U 35 50.50 7.88 32.09
N LYS U 36 51.76 8.07 32.47
CA LYS U 36 52.35 9.40 32.68
C LYS U 36 51.51 10.21 33.68
N LEU U 37 51.41 9.63 34.88
CA LEU U 37 50.55 10.21 35.91
C LEU U 37 51.15 11.49 36.47
N LYS U 38 50.26 12.40 36.88
CA LYS U 38 50.64 13.58 37.63
C LYS U 38 50.21 13.54 39.07
N SER U 39 49.12 12.83 39.39
CA SER U 39 48.70 12.68 40.77
C SER U 39 48.06 11.31 40.99
N ILE U 40 48.04 10.91 42.26
CA ILE U 40 47.44 9.65 42.67
C ILE U 40 46.63 9.88 43.93
N LEU U 41 45.37 9.46 43.91
CA LEU U 41 44.51 9.52 45.08
C LEU U 41 44.34 8.11 45.64
N VAL U 42 44.79 7.93 46.89
CA VAL U 42 44.65 6.66 47.59
C VAL U 42 43.52 6.81 48.60
N LEU U 43 42.67 5.80 48.70
CA LEU U 43 41.43 5.88 49.46
C LEU U 43 41.45 4.94 50.66
N ILE U 44 42.58 4.86 51.34
CA ILE U 44 42.67 4.12 52.59
C ILE U 44 43.13 5.10 53.66
N PRO U 45 42.64 5.01 54.90
CA PRO U 45 43.11 5.95 55.93
C PRO U 45 44.45 5.61 56.54
N GLU U 46 44.92 4.36 56.45
CA GLU U 46 46.21 4.10 57.09
C GLU U 46 47.33 4.63 56.20
N GLU U 47 48.49 4.86 56.80
CA GLU U 47 49.59 5.53 56.11
C GLU U 47 50.25 4.65 55.06
N TYR U 48 50.66 5.30 53.96
CA TYR U 48 51.16 4.76 52.69
C TYR U 48 52.57 4.19 52.83
N PRO U 49 52.82 3.03 52.24
CA PRO U 49 54.11 2.37 52.42
C PRO U 49 55.22 3.19 51.78
N GLN U 50 56.42 3.05 52.33
CA GLN U 50 57.53 3.90 51.95
C GLN U 50 58.11 3.52 50.61
N GLU U 51 58.07 2.25 50.23
CA GLU U 51 58.64 1.85 48.95
C GLU U 51 57.84 2.42 47.78
N ASN U 52 56.52 2.53 47.93
CA ASN U 52 55.70 3.17 46.91
C ASN U 52 55.85 4.69 46.96
N LEU U 53 55.96 5.25 48.17
CA LEU U 53 56.14 6.68 48.33
C LEU U 53 57.43 7.14 47.70
N ASN U 54 58.44 6.27 47.69
CA ASN U 54 59.68 6.67 47.06
C ASN U 54 59.48 6.84 45.56
N PHE U 55 58.73 5.93 44.93
CA PHE U 55 58.48 6.07 43.50
C PHE U 55 57.66 7.32 43.22
N LEU U 56 56.70 7.62 44.10
CA LEU U 56 55.86 8.80 43.85
C LEU U 56 56.65 10.09 43.94
N LYS U 57 57.58 10.18 44.90
CA LYS U 57 58.40 11.40 44.99
C LYS U 57 59.50 11.43 43.95
N LEU U 58 60.00 10.27 43.54
CA LEU U 58 61.04 10.19 42.53
C LEU U 58 60.53 10.54 41.14
N THR U 59 59.25 10.29 40.86
CA THR U 59 58.68 10.60 39.56
C THR U 59 57.94 11.93 39.55
N GLY U 60 57.65 12.50 40.71
CA GLY U 60 56.88 13.71 40.83
C GLY U 60 55.38 13.54 40.93
N ILE U 61 54.89 12.33 41.14
CA ILE U 61 53.47 12.10 41.32
C ILE U 61 53.11 12.44 42.77
N LYS U 62 52.29 13.47 42.95
CA LYS U 62 51.86 13.81 44.30
C LYS U 62 50.64 12.99 44.69
N LEU U 63 50.63 12.54 45.94
CA LEU U 63 49.60 11.68 46.47
C LEU U 63 48.60 12.48 47.31
N TYR U 64 47.32 12.25 47.07
CA TYR U 64 46.23 12.72 47.90
C TYR U 64 45.68 11.52 48.65
N GLN U 65 45.24 11.74 49.89
CA GLN U 65 44.76 10.66 50.75
C GLN U 65 43.46 11.10 51.38
N VAL U 66 42.38 10.37 51.08
CA VAL U 66 41.07 10.57 51.69
C VAL U 66 40.69 9.25 52.36
N GLY U 67 40.83 9.22 53.69
CA GLY U 67 40.64 7.99 54.44
C GLY U 67 39.22 7.52 54.62
N MET U 68 38.86 6.40 54.00
CA MET U 68 37.57 5.76 54.16
C MET U 68 37.78 4.39 54.78
N SER U 69 36.89 4.00 55.69
CA SER U 69 37.13 2.83 56.52
C SER U 69 37.10 1.54 55.71
N GLY U 70 38.09 0.68 55.96
CA GLY U 70 38.13 -0.64 55.38
C GLY U 70 37.09 -1.57 55.97
N ASN U 71 37.29 -2.00 57.22
CA ASN U 71 36.22 -2.65 57.96
C ASN U 71 35.86 -1.88 59.23
N LYS U 72 36.71 -1.91 60.27
CA LYS U 72 36.66 -1.06 61.45
C LYS U 72 35.29 -1.00 62.12
N GLU U 73 34.34 -1.80 61.63
CA GLU U 73 32.94 -1.79 62.05
C GLU U 73 32.21 -2.90 61.29
N PRO U 74 31.18 -3.52 61.87
CA PRO U 74 30.45 -4.54 61.12
C PRO U 74 29.50 -3.95 60.07
N PHE U 75 30.03 -3.68 58.88
CA PHE U 75 29.24 -3.66 57.65
C PHE U 75 28.10 -2.66 57.57
N VAL U 76 28.33 -1.38 57.28
CA VAL U 76 29.63 -0.68 57.12
C VAL U 76 29.21 0.78 57.08
N ASN U 77 30.13 1.74 57.25
CA ASN U 77 29.74 3.11 56.91
C ASN U 77 30.90 3.92 56.37
N ILE U 78 30.61 4.70 55.34
CA ILE U 78 31.52 5.64 54.70
C ILE U 78 30.80 6.97 54.55
N PRO U 79 31.38 8.09 55.01
CA PRO U 79 30.69 9.38 54.93
C PRO U 79 30.69 9.98 53.53
N SER U 80 29.80 10.95 53.35
CA SER U 80 29.62 11.60 52.05
C SER U 80 30.53 12.79 51.81
N HIS U 81 30.98 13.47 52.88
CA HIS U 81 31.82 14.66 52.68
C HIS U 81 33.22 14.30 52.21
N LEU U 82 33.73 13.14 52.63
CA LEU U 82 34.99 12.68 52.08
C LEU U 82 34.82 12.30 50.61
N LEU U 83 33.64 11.82 50.24
CA LEU U 83 33.37 11.60 48.83
C LEU U 83 33.45 12.92 48.07
N THR U 84 32.85 13.98 48.63
CA THR U 84 32.89 15.27 47.95
C THR U 84 34.32 15.79 47.83
N LYS U 85 35.13 15.56 48.86
CA LYS U 85 36.54 15.96 48.79
C LYS U 85 37.30 15.18 47.74
N ALA U 86 37.04 13.89 47.63
CA ALA U 86 37.71 13.12 46.60
C ALA U 86 37.25 13.55 45.20
N LEU U 87 35.99 13.96 45.07
CA LEU U 87 35.51 14.44 43.77
C LEU U 87 36.17 15.77 43.40
N GLU U 88 36.33 16.67 44.36
CA GLU U 88 37.00 17.92 44.04
C GLU U 88 38.47 17.68 43.73
N ILE U 89 39.07 16.63 44.29
CA ILE U 89 40.46 16.36 43.96
C ILE U 89 40.58 15.81 42.54
N VAL U 90 39.71 14.87 42.17
CA VAL U 90 39.91 14.21 40.87
C VAL U 90 39.39 15.07 39.74
N LEU U 91 38.39 15.92 39.98
CA LEU U 91 37.80 16.70 38.91
C LEU U 91 38.60 17.94 38.56
N ASN U 92 39.63 18.27 39.33
CA ASN U 92 40.52 19.36 38.97
C ASN U 92 41.46 18.89 37.88
N PRO U 93 41.46 19.51 36.70
CA PRO U 93 42.36 19.06 35.63
C PRO U 93 43.83 19.33 35.88
N ALA U 94 44.16 20.16 36.87
CA ALA U 94 45.56 20.40 37.20
C ALA U 94 46.21 19.22 37.91
N ASN U 95 45.42 18.24 38.35
CA ASN U 95 45.96 17.04 38.96
C ASN U 95 45.90 15.83 38.05
N GLN U 96 45.38 15.98 36.83
CA GLN U 96 45.19 14.88 35.89
C GLN U 96 46.33 14.86 34.87
N PRO U 97 46.75 13.68 34.40
CA PRO U 97 46.26 12.30 34.63
C PRO U 97 46.40 11.81 36.07
N ILE U 98 45.28 11.32 36.63
CA ILE U 98 45.18 10.92 38.03
C ILE U 98 44.80 9.45 38.13
N LEU U 99 45.39 8.77 39.12
CA LEU U 99 45.07 7.37 39.39
C LEU U 99 44.36 7.24 40.74
N ILE U 100 43.14 6.69 40.73
CA ILE U 100 42.38 6.41 41.94
C ILE U 100 42.60 4.95 42.32
N HIS U 101 43.01 4.71 43.57
CA HIS U 101 43.18 3.32 43.99
C HIS U 101 42.90 3.16 45.48
N SER U 102 42.67 1.91 45.85
CA SER U 102 42.43 1.49 47.23
C SER U 102 43.13 0.15 47.40
N ASN U 103 42.77 -0.59 48.45
CA ASN U 103 43.38 -1.90 48.67
C ASN U 103 43.11 -2.85 47.50
N ARG U 104 41.86 -2.89 47.02
CA ARG U 104 41.48 -3.77 45.92
C ARG U 104 40.88 -3.07 44.73
N GLY U 105 40.51 -1.79 44.85
CA GLY U 105 39.92 -1.08 43.73
C GLY U 105 38.51 -1.52 43.39
N LYS U 106 37.78 -2.04 44.37
CA LYS U 106 36.45 -2.59 44.17
C LYS U 106 35.37 -1.78 44.86
N HIS U 107 35.53 -1.52 46.17
CA HIS U 107 34.44 -1.02 47.00
C HIS U 107 34.50 0.50 47.19
N ARG U 108 35.61 1.01 47.73
CA ARG U 108 35.70 2.45 47.94
C ARG U 108 35.93 3.18 46.61
N THR U 109 36.81 2.63 45.79
CA THR U 109 37.05 3.21 44.47
C THR U 109 35.79 3.10 43.61
N GLY U 110 35.09 1.97 43.71
CA GLY U 110 33.89 1.79 42.90
C GLY U 110 32.76 2.72 43.31
N CYS U 111 32.69 3.09 44.59
CA CYS U 111 31.66 4.04 45.02
C CYS U 111 32.01 5.46 44.59
N LEU U 112 33.29 5.81 44.68
CA LEU U 112 33.69 7.13 44.21
C LEU U 112 33.47 7.27 42.70
N ILE U 113 33.78 6.20 41.95
CA ILE U 113 33.59 6.25 40.51
C ILE U 113 32.11 6.18 40.16
N GLY U 114 31.29 5.51 40.97
CA GLY U 114 29.87 5.53 40.70
C GLY U 114 29.27 6.92 40.86
N CYS U 115 29.77 7.70 41.81
CA CYS U 115 29.31 9.08 41.88
C CYS U 115 29.93 9.95 40.80
N ILE U 116 31.12 9.59 40.31
CA ILE U 116 31.66 10.27 39.13
C ILE U 116 30.75 10.03 37.92
N ARG U 117 30.26 8.79 37.78
CA ARG U 117 29.33 8.48 36.69
C ARG U 117 27.99 9.16 36.90
N LYS U 118 27.62 9.39 38.16
CA LYS U 118 26.41 10.18 38.41
C LYS U 118 26.60 11.63 38.02
N LEU U 119 27.83 12.13 38.09
CA LEU U 119 28.10 13.48 37.61
C LEU U 119 27.99 13.57 36.08
N GLN U 120 28.24 12.46 35.39
CA GLN U 120 28.03 12.38 33.95
C GLN U 120 26.58 12.11 33.59
N ASN U 121 25.69 12.05 34.58
CA ASN U 121 24.25 11.82 34.39
C ASN U 121 23.98 10.51 33.65
N TRP U 122 24.68 9.46 34.08
CA TRP U 122 24.40 8.13 33.59
C TRP U 122 23.15 7.55 34.26
N SER U 123 22.56 6.57 33.61
CA SER U 123 21.50 5.80 34.24
C SER U 123 22.09 4.93 35.36
N LEU U 124 21.28 4.71 36.40
CA LEU U 124 21.75 3.92 37.53
C LEU U 124 22.04 2.48 37.16
N THR U 125 21.39 1.96 36.11
CA THR U 125 21.62 0.59 35.68
C THR U 125 23.07 0.41 35.23
N MET U 126 23.58 1.33 34.42
CA MET U 126 24.94 1.19 33.92
C MET U 126 25.95 1.45 35.02
N ILE U 127 25.62 2.32 35.97
CA ILE U 127 26.51 2.55 37.11
C ILE U 127 26.62 1.29 37.95
N PHE U 128 25.50 0.63 38.21
CA PHE U 128 25.54 -0.57 39.02
C PHE U 128 26.19 -1.73 38.26
N ASP U 129 26.02 -1.77 36.95
CA ASP U 129 26.65 -2.82 36.16
C ASP U 129 28.16 -2.65 36.11
N GLU U 130 28.64 -1.41 36.00
CA GLU U 130 30.09 -1.18 36.03
C GLU U 130 30.66 -1.47 37.41
N TYR U 131 29.95 -1.08 38.46
CA TYR U 131 30.43 -1.37 39.81
C TYR U 131 30.53 -2.87 40.03
N ARG U 132 29.50 -3.62 39.65
CA ARG U 132 29.54 -5.06 39.86
C ARG U 132 30.51 -5.76 38.92
N ARG U 133 30.80 -5.16 37.76
CA ARG U 133 31.80 -5.73 36.88
C ARG U 133 33.19 -5.62 37.49
N PHE U 134 33.47 -4.52 38.20
CA PHE U 134 34.80 -4.42 38.80
C PHE U 134 34.89 -5.06 40.18
N ALA U 135 33.80 -5.10 40.94
CA ALA U 135 33.84 -5.60 42.30
C ALA U 135 33.49 -7.09 42.40
N PHE U 136 33.31 -7.77 41.28
CA PHE U 136 33.01 -9.20 41.33
C PHE U 136 34.21 -9.97 41.84
N PRO U 137 34.02 -10.94 42.74
CA PRO U 137 32.75 -11.45 43.29
C PRO U 137 32.23 -10.68 44.50
N LYS U 138 33.08 -9.87 45.14
CA LYS U 138 32.71 -9.21 46.39
C LYS U 138 31.99 -7.88 46.11
N ALA U 139 30.92 -7.98 45.33
CA ALA U 139 30.08 -6.83 45.03
C ALA U 139 29.10 -6.59 46.17
N ARG U 140 29.20 -5.42 46.80
CA ARG U 140 28.41 -5.12 47.99
C ARG U 140 27.28 -4.14 47.63
N ALA U 141 26.06 -4.46 48.08
CA ALA U 141 24.91 -3.62 47.80
C ALA U 141 24.87 -2.35 48.64
N LEU U 142 25.59 -2.32 49.76
CA LEU U 142 25.59 -1.11 50.58
C LEU U 142 26.34 0.01 49.88
N ASP U 143 27.39 -0.34 49.14
CA ASP U 143 28.09 0.66 48.34
C ASP U 143 27.20 1.15 47.20
N GLN U 144 26.36 0.26 46.65
CA GLN U 144 25.45 0.67 45.59
C GLN U 144 24.39 1.63 46.10
N GLN U 145 23.87 1.39 47.32
CA GLN U 145 22.98 2.39 47.89
C GLN U 145 23.73 3.66 48.27
N PHE U 146 25.02 3.53 48.63
CA PHE U 146 25.81 4.73 48.92
C PHE U 146 25.94 5.60 47.68
N ILE U 147 26.04 4.96 46.51
CA ILE U 147 26.06 5.72 45.26
C ILE U 147 24.68 6.28 44.96
N GLU U 148 23.62 5.49 45.21
CA GLU U 148 22.27 5.92 44.83
C GLU U 148 21.77 7.08 45.70
N MET U 149 22.18 7.14 46.95
CA MET U 149 21.66 8.14 47.88
C MET U 149 22.49 9.41 47.94
N TYR U 150 23.56 9.52 47.16
CA TYR U 150 24.44 10.67 47.21
C TYR U 150 23.84 11.87 46.47
N ASP U 151 23.79 13.02 47.14
CA ASP U 151 23.35 14.28 46.55
C ASP U 151 24.54 14.96 45.85
N ASP U 152 24.44 15.09 44.52
CA ASP U 152 25.49 15.63 43.66
C ASP U 152 25.25 17.12 43.41
N ASP U 153 24.51 17.70 44.33
CA ASP U 153 23.95 19.03 44.20
C ASP U 153 25.06 20.08 44.42
N GLU U 154 25.86 19.83 45.47
CA GLU U 154 26.96 20.68 45.88
C GLU U 154 28.13 20.55 44.93
N ILE U 155 28.42 19.34 44.47
CA ILE U 155 29.59 19.16 43.60
C ILE U 155 29.30 19.62 42.18
N LYS U 156 28.04 19.51 41.73
CA LYS U 156 27.70 20.04 40.42
C LYS U 156 27.75 21.56 40.42
N ARG U 157 27.42 22.19 41.54
CA ARG U 157 27.49 23.65 41.58
C ARG U 157 28.93 24.15 41.45
N ILE U 158 29.85 23.55 42.20
CA ILE U 158 31.25 24.00 42.16
C ILE U 158 31.91 23.60 40.84
N ALA U 159 31.51 22.46 40.26
CA ALA U 159 32.10 22.09 38.98
C ALA U 159 31.58 22.97 37.86
N SER U 160 30.36 23.51 38.00
CA SER U 160 29.86 24.43 37.00
C SER U 160 30.51 25.81 37.13
N LYS U 161 30.96 26.18 38.33
CA LYS U 161 31.65 27.46 38.46
C LYS U 161 33.03 27.44 37.80
N ASN U 162 33.73 26.31 37.88
CA ASN U 162 35.11 26.20 37.40
C ASN U 162 35.26 25.57 36.02
N ASN U 163 34.17 25.39 35.27
CA ASN U 163 34.22 24.80 33.93
C ASN U 163 34.84 23.40 33.98
N TRP U 164 34.38 22.61 34.95
CA TRP U 164 34.81 21.22 35.07
C TRP U 164 33.87 20.29 34.32
N LEU U 165 32.61 20.66 34.20
CA LEU U 165 31.51 20.06 33.45
C LEU U 165 31.50 20.57 32.02
N PRO U 166 31.21 19.72 31.02
CA PRO U 166 30.94 18.28 31.09
C PRO U 166 32.25 17.50 31.17
N LEU U 167 32.21 16.27 31.67
CA LEU U 167 33.41 15.44 31.71
C LEU U 167 33.69 14.89 30.32
N GLN U 168 34.85 15.22 29.78
CA GLN U 168 35.23 14.83 28.42
C GLN U 168 36.02 13.53 28.45
N TRP U 169 35.83 12.71 27.42
CA TRP U 169 36.51 11.42 27.35
C TRP U 169 37.89 11.55 26.71
N ASN V 1 46.29 56.11 68.98
CA ASN V 1 45.59 57.31 69.41
C ASN V 1 44.34 57.60 68.52
N LYS V 2 44.25 57.02 67.31
CA LYS V 2 43.08 57.18 66.43
C LYS V 2 41.93 56.23 66.78
N GLU V 3 40.72 56.59 66.30
CA GLU V 3 39.55 55.79 66.64
C GLU V 3 39.55 54.52 65.81
N VAL V 4 39.54 53.40 66.51
CA VAL V 4 39.33 52.07 65.96
C VAL V 4 38.20 51.45 66.77
N ILE V 5 37.31 50.72 66.10
CA ILE V 5 36.13 50.15 66.77
C ILE V 5 36.08 48.64 66.61
N PRO V 6 36.30 47.85 67.67
CA PRO V 6 36.07 46.41 67.56
C PRO V 6 34.59 46.08 67.62
N PRO V 7 34.17 44.98 67.00
CA PRO V 7 32.77 44.56 67.13
C PRO V 7 32.50 43.98 68.51
N GLU V 8 31.21 43.94 68.86
CA GLU V 8 30.82 43.29 70.11
C GLU V 8 30.98 41.77 69.99
N ASN V 9 31.18 41.13 71.13
CA ASN V 9 31.45 39.69 71.21
C ASN V 9 32.71 39.34 70.45
N PHE V 10 33.63 40.29 70.33
CA PHE V 10 34.93 40.02 69.73
C PHE V 10 35.86 39.47 70.79
N SER V 11 36.55 38.38 70.46
CA SER V 11 37.67 37.96 71.29
C SER V 11 38.57 37.04 70.45
N HIS V 12 39.77 36.83 70.98
CA HIS V 12 40.77 35.97 70.38
C HIS V 12 40.54 34.54 70.80
N VAL V 13 40.80 33.62 69.87
CA VAL V 13 40.53 32.19 70.09
C VAL V 13 41.82 31.47 70.46
N VAL V 14 42.77 31.42 69.53
CA VAL V 14 44.08 30.82 69.77
C VAL V 14 45.04 31.30 68.70
N GLY V 15 46.23 31.73 69.11
CA GLY V 15 47.22 32.19 68.15
C GLY V 15 46.73 33.43 67.40
N GLU V 16 46.40 33.24 66.13
CA GLU V 16 45.86 34.29 65.28
C GLU V 16 44.44 33.93 64.82
N ILE V 17 43.68 33.26 65.67
CA ILE V 17 42.29 32.89 65.40
C ILE V 17 41.38 33.76 66.26
N TYR V 18 40.38 34.37 65.62
CA TYR V 18 39.50 35.28 66.33
C TYR V 18 38.05 34.88 66.11
N ARG V 19 37.20 35.33 67.03
CA ARG V 19 35.76 35.19 66.91
C ARG V 19 35.14 36.55 67.20
N SER V 20 34.01 36.83 66.56
CA SER V 20 33.33 38.10 66.78
C SER V 20 31.90 37.98 66.26
N SER V 21 31.17 39.09 66.34
CA SER V 21 29.88 39.22 65.70
C SER V 21 30.08 39.63 64.24
N PHE V 22 28.99 39.97 63.56
CA PHE V 22 29.10 40.41 62.17
C PHE V 22 29.70 41.80 62.12
N PRO V 23 30.82 42.00 61.44
CA PRO V 23 31.44 43.33 61.43
C PRO V 23 30.65 44.31 60.60
N ARG V 24 30.70 45.57 61.01
CA ARG V 24 30.04 46.67 60.33
C ARG V 24 31.12 47.59 59.75
N GLN V 25 30.68 48.72 59.20
CA GLN V 25 31.63 49.62 58.54
C GLN V 25 32.62 50.22 59.52
N GLU V 26 32.20 50.45 60.76
CA GLU V 26 33.09 51.01 61.77
C GLU V 26 34.16 50.02 62.22
N ASN V 27 33.98 48.74 61.93
CA ASN V 27 34.91 47.69 62.34
C ASN V 27 35.99 47.40 61.31
N PHE V 28 35.93 48.00 60.12
CA PHE V 28 36.86 47.63 59.06
C PHE V 28 38.28 48.06 59.37
N SER V 29 38.44 49.27 59.93
CA SER V 29 39.77 49.72 60.33
C SER V 29 40.35 48.82 61.42
N PHE V 30 39.49 48.35 62.32
CA PHE V 30 39.95 47.44 63.36
C PHE V 30 40.33 46.08 62.77
N LEU V 31 39.59 45.63 61.76
CA LEU V 31 39.82 44.32 61.18
C LEU V 31 41.08 44.27 60.33
N HIS V 32 41.43 45.37 59.69
CA HIS V 32 42.59 45.34 58.79
C HIS V 32 43.83 45.95 59.42
N GLU V 33 43.68 47.08 60.10
CA GLU V 33 44.78 47.90 60.54
C GLU V 33 45.32 47.46 61.88
N ARG V 34 44.54 46.70 62.64
CA ARG V 34 44.89 46.17 63.94
C ARG V 34 44.95 44.64 64.01
N LEU V 35 44.01 43.96 63.38
CA LEU V 35 44.06 42.50 63.34
C LEU V 35 45.00 41.97 62.26
N LYS V 36 45.12 42.70 61.14
CA LYS V 36 45.96 42.29 60.01
C LYS V 36 45.55 40.90 59.49
N LEU V 37 44.29 40.81 59.10
CA LEU V 37 43.73 39.54 58.64
C LEU V 37 44.23 39.17 57.25
N LYS V 38 44.27 37.87 56.99
CA LYS V 38 44.46 37.35 55.64
C LYS V 38 43.21 36.68 55.08
N SER V 39 42.35 36.13 55.94
CA SER V 39 41.10 35.52 55.52
C SER V 39 40.02 35.80 56.57
N ILE V 40 38.76 35.59 56.17
CA ILE V 40 37.60 35.75 57.03
C ILE V 40 36.61 34.62 56.74
N LEU V 41 36.15 33.93 57.79
CA LEU V 41 35.14 32.87 57.65
C LEU V 41 33.78 33.35 58.18
N VAL V 42 32.77 33.33 57.31
CA VAL V 42 31.39 33.64 57.68
C VAL V 42 30.59 32.34 57.68
N LEU V 43 29.60 32.26 58.58
CA LEU V 43 28.92 31.01 58.88
C LEU V 43 27.43 31.08 58.52
N ILE V 44 27.09 31.81 57.47
CA ILE V 44 25.69 31.95 57.09
C ILE V 44 25.52 31.55 55.62
N PRO V 45 24.42 30.90 55.25
CA PRO V 45 24.16 30.63 53.83
C PRO V 45 23.69 31.87 53.09
N GLU V 46 23.40 32.95 53.84
CA GLU V 46 22.97 34.20 53.25
C GLU V 46 24.10 34.80 52.44
N GLU V 47 23.76 35.66 51.50
CA GLU V 47 24.79 36.28 50.68
C GLU V 47 25.49 37.36 51.49
N TYR V 48 26.78 37.49 51.28
CA TYR V 48 27.54 38.47 52.03
C TYR V 48 27.28 39.87 51.48
N PRO V 49 27.08 40.87 52.33
CA PRO V 49 26.66 42.20 51.85
C PRO V 49 27.72 42.85 50.97
N GLN V 50 27.25 43.78 50.13
CA GLN V 50 28.07 44.28 49.03
C GLN V 50 29.16 45.23 49.46
N GLU V 51 28.88 46.15 50.39
CA GLU V 51 29.93 47.07 50.82
C GLU V 51 30.97 46.39 51.71
N ASN V 52 30.56 45.41 52.51
CA ASN V 52 31.52 44.65 53.30
C ASN V 52 32.37 43.77 52.39
N LEU V 53 31.74 43.19 51.37
CA LEU V 53 32.50 42.42 50.40
C LEU V 53 33.43 43.32 49.60
N ASN V 54 33.05 44.57 49.37
CA ASN V 54 33.96 45.49 48.67
C ASN V 54 35.17 45.80 49.54
N PHE V 55 34.96 45.94 50.86
CA PHE V 55 36.09 46.16 51.75
C PHE V 55 37.02 44.96 51.77
N LEU V 56 36.44 43.74 51.80
CA LEU V 56 37.26 42.54 51.81
C LEU V 56 37.94 42.29 50.46
N LYS V 57 37.31 42.69 49.36
CA LYS V 57 37.91 42.49 48.05
C LYS V 57 39.06 43.44 47.81
N LEU V 58 38.84 44.73 48.09
CA LEU V 58 39.88 45.71 47.88
C LEU V 58 40.91 45.73 49.02
N THR V 59 40.74 44.94 50.08
CA THR V 59 41.76 44.83 51.12
C THR V 59 42.67 43.63 50.92
N GLY V 60 42.26 42.68 50.10
CA GLY V 60 42.96 41.43 49.93
C GLY V 60 42.58 40.35 50.92
N ILE V 61 41.52 40.57 51.70
CA ILE V 61 41.04 39.56 52.65
C ILE V 61 40.22 38.54 51.87
N LYS V 62 40.65 37.28 51.90
CA LYS V 62 39.92 36.25 51.18
C LYS V 62 38.67 35.88 51.97
N LEU V 63 37.56 35.69 51.26
CA LEU V 63 36.28 35.38 51.87
C LEU V 63 36.05 33.88 51.84
N TYR V 64 35.79 33.30 53.01
CA TYR V 64 35.34 31.93 53.15
C TYR V 64 33.92 31.92 53.69
N GLN V 65 33.09 31.00 53.19
CA GLN V 65 31.69 30.91 53.58
C GLN V 65 31.32 29.45 53.76
N VAL V 66 30.85 29.10 54.95
CA VAL V 66 30.30 27.79 55.24
C VAL V 66 28.83 27.98 55.64
N GLY V 67 27.93 27.38 54.89
CA GLY V 67 26.53 27.62 55.17
C GLY V 67 26.08 26.90 56.43
N MET V 68 25.86 27.66 57.50
CA MET V 68 25.33 27.12 58.74
C MET V 68 24.01 27.81 59.07
N SER V 69 22.99 27.02 59.36
CA SER V 69 21.64 27.53 59.55
C SER V 69 21.46 28.12 60.94
N GLY V 70 20.72 29.23 61.02
CA GLY V 70 20.38 29.72 62.33
C GLY V 70 19.43 28.75 62.99
N ASN V 71 18.18 28.70 62.57
CA ASN V 71 17.34 27.54 62.87
C ASN V 71 16.73 26.86 61.66
N LYS V 72 16.00 27.59 60.81
CA LYS V 72 15.42 27.10 59.58
C LYS V 72 14.36 26.02 59.80
N GLU V 73 14.15 25.64 61.05
CA GLU V 73 13.28 24.55 61.46
C GLU V 73 13.03 24.66 62.96
N PRO V 74 12.12 23.85 63.53
CA PRO V 74 11.96 23.95 65.00
C PRO V 74 13.08 23.32 65.82
N PHE V 75 14.15 24.08 65.99
CA PHE V 75 15.03 23.97 67.15
C PHE V 75 15.71 22.62 67.39
N VAL V 76 16.74 22.22 66.64
CA VAL V 76 17.31 22.79 65.40
C VAL V 76 18.28 21.68 64.96
N ASN V 77 18.78 21.73 63.72
CA ASN V 77 19.81 20.77 63.34
C ASN V 77 20.89 21.39 62.47
N ILE V 78 22.14 20.99 62.73
CA ILE V 78 23.32 21.41 61.96
C ILE V 78 24.16 20.17 61.62
N PRO V 79 24.66 20.04 60.39
CA PRO V 79 25.51 18.88 60.09
C PRO V 79 26.89 19.03 60.69
N SER V 80 27.56 17.88 60.89
CA SER V 80 28.88 17.84 61.49
C SER V 80 29.99 17.92 60.46
N HIS V 81 29.70 17.52 59.22
CA HIS V 81 30.72 17.58 58.17
C HIS V 81 31.03 19.02 57.82
N LEU V 82 30.09 19.94 58.04
CA LEU V 82 30.39 21.35 57.90
C LEU V 82 31.36 21.82 58.98
N LEU V 83 31.26 21.25 60.18
CA LEU V 83 32.25 21.56 61.21
C LEU V 83 33.62 21.07 60.78
N THR V 84 33.66 19.88 60.16
CA THR V 84 34.92 19.36 59.65
C THR V 84 35.46 20.22 58.52
N LYS V 85 34.57 20.73 57.66
CA LYS V 85 34.99 21.58 56.54
C LYS V 85 35.54 22.90 57.03
N ALA V 86 34.88 23.54 57.99
CA ALA V 86 35.39 24.81 58.52
C ALA V 86 36.67 24.62 59.32
N LEU V 87 36.83 23.47 59.97
CA LEU V 87 38.01 23.27 60.81
C LEU V 87 39.31 23.19 59.99
N GLU V 88 39.25 22.61 58.78
CA GLU V 88 40.50 22.55 58.03
C GLU V 88 40.96 23.93 57.58
N ILE V 89 40.04 24.84 57.26
CA ILE V 89 40.49 26.19 56.95
C ILE V 89 40.80 26.98 58.23
N VAL V 90 40.29 26.56 59.39
CA VAL V 90 40.66 27.37 60.57
C VAL V 90 42.06 26.97 61.01
N LEU V 91 42.44 25.70 60.86
CA LEU V 91 43.74 25.23 61.33
C LEU V 91 44.87 25.45 60.32
N ASN V 92 44.54 25.84 59.09
CA ASN V 92 45.56 26.07 58.07
C ASN V 92 46.25 27.41 58.31
N PRO V 93 47.57 27.44 58.50
CA PRO V 93 48.27 28.72 58.71
C PRO V 93 48.32 29.57 57.45
N ALA V 94 48.00 29.02 56.28
CA ALA V 94 47.91 29.81 55.07
C ALA V 94 46.67 30.68 55.04
N ASN V 95 45.70 30.43 55.92
CA ASN V 95 44.51 31.24 56.02
C ASN V 95 44.48 32.11 57.29
N GLN V 96 45.52 32.05 58.11
CA GLN V 96 45.64 32.76 59.38
C GLN V 96 46.46 34.04 59.22
N PRO V 97 46.11 35.16 59.87
CA PRO V 97 45.00 35.41 60.82
C PRO V 97 43.62 35.43 60.15
N ILE V 98 42.70 34.62 60.65
CA ILE V 98 41.36 34.53 60.10
C ILE V 98 40.37 34.88 61.20
N LEU V 99 39.30 35.60 60.83
CA LEU V 99 38.24 35.96 61.74
C LEU V 99 37.02 35.15 61.33
N ILE V 100 36.59 34.26 62.20
CA ILE V 100 35.39 33.45 62.00
C ILE V 100 34.27 34.17 62.75
N HIS V 101 33.19 34.46 62.03
CA HIS V 101 32.10 35.23 62.63
C HIS V 101 30.77 34.81 62.05
N SER V 102 29.72 35.25 62.73
CA SER V 102 28.35 35.05 62.31
C SER V 102 27.60 36.33 62.64
N ASN V 103 26.27 36.27 62.69
CA ASN V 103 25.48 37.48 62.92
C ASN V 103 25.77 38.12 64.29
N ARG V 104 25.88 37.32 65.35
CA ARG V 104 25.89 37.88 66.71
C ARG V 104 27.07 37.45 67.58
N GLY V 105 27.85 36.45 67.19
CA GLY V 105 29.00 36.04 67.95
C GLY V 105 28.70 35.19 69.17
N LYS V 106 27.56 34.50 69.17
CA LYS V 106 27.12 33.71 70.33
C LYS V 106 27.01 32.22 70.02
N HIS V 107 26.28 31.85 68.95
CA HIS V 107 25.81 30.48 68.74
C HIS V 107 26.59 29.65 67.73
N ARG V 108 26.69 30.08 66.47
CA ARG V 108 27.31 29.26 65.44
C ARG V 108 28.83 29.26 65.61
N THR V 109 29.37 30.44 65.88
CA THR V 109 30.80 30.58 66.12
C THR V 109 31.19 29.82 67.37
N GLY V 110 30.33 29.81 68.39
CA GLY V 110 30.69 29.15 69.63
C GLY V 110 30.79 27.65 69.49
N CYS V 111 30.00 27.05 68.60
CA CYS V 111 30.14 25.60 68.41
C CYS V 111 31.37 25.26 67.58
N LEU V 112 31.68 26.09 66.57
CA LEU V 112 32.93 25.83 65.85
C LEU V 112 34.14 26.02 66.76
N ILE V 113 34.11 27.04 67.62
CA ILE V 113 35.21 27.25 68.54
C ILE V 113 35.24 26.14 69.58
N GLY V 114 34.09 25.57 69.93
CA GLY V 114 34.09 24.43 70.82
C GLY V 114 34.77 23.22 70.22
N CYS V 115 34.67 23.05 68.90
CA CYS V 115 35.42 21.94 68.30
C CYS V 115 36.90 22.27 68.18
N ILE V 116 37.25 23.55 68.04
CA ILE V 116 38.67 23.90 68.13
C ILE V 116 39.20 23.62 69.53
N ARG V 117 38.39 23.90 70.55
CA ARG V 117 38.78 23.62 71.92
C ARG V 117 38.87 22.13 72.18
N LYS V 118 38.07 21.34 71.46
CA LYS V 118 38.20 19.89 71.55
C LYS V 118 39.51 19.43 70.93
N LEU V 119 39.99 20.13 69.89
CA LEU V 119 41.31 19.83 69.35
C LEU V 119 42.44 20.26 70.27
N GLN V 120 42.21 21.26 71.12
CA GLN V 120 43.19 21.72 72.10
C GLN V 120 43.21 20.88 73.37
N ASN V 121 42.42 19.81 73.44
CA ASN V 121 42.37 18.94 74.62
C ASN V 121 42.01 19.76 75.86
N TRP V 122 41.02 20.64 75.71
CA TRP V 122 40.50 21.42 76.82
C TRP V 122 39.58 20.59 77.71
N SER V 123 39.38 21.06 78.93
CA SER V 123 38.40 20.45 79.81
C SER V 123 37.01 20.66 79.24
N LEU V 124 36.17 19.62 79.33
CA LEU V 124 34.83 19.74 78.76
C LEU V 124 33.99 20.72 79.55
N THR V 125 34.27 20.81 80.86
CA THR V 125 33.63 21.82 81.68
C THR V 125 34.01 23.20 81.20
N MET V 126 35.30 23.39 80.88
CA MET V 126 35.77 24.71 80.47
C MET V 126 35.34 25.08 79.06
N ILE V 127 35.20 24.11 78.15
CA ILE V 127 34.67 24.44 76.83
C ILE V 127 33.20 24.86 76.96
N PHE V 128 32.43 24.13 77.76
CA PHE V 128 31.04 24.51 77.92
C PHE V 128 30.92 25.81 78.70
N ASP V 129 31.86 26.08 79.60
CA ASP V 129 31.86 27.34 80.34
C ASP V 129 32.26 28.51 79.45
N GLU V 130 33.16 28.32 78.50
CA GLU V 130 33.45 29.41 77.57
C GLU V 130 32.24 29.68 76.69
N TYR V 131 31.55 28.62 76.27
CA TYR V 131 30.32 28.80 75.52
C TYR V 131 29.31 29.58 76.37
N ARG V 132 29.25 29.25 77.67
CA ARG V 132 28.30 29.92 78.56
C ARG V 132 28.69 31.38 78.78
N ARG V 133 29.97 31.64 79.02
CA ARG V 133 30.41 33.00 79.32
C ARG V 133 30.26 33.92 78.12
N PHE V 134 30.49 33.43 76.92
CA PHE V 134 30.36 34.30 75.76
C PHE V 134 28.97 34.31 75.14
N ALA V 135 28.20 33.24 75.30
CA ALA V 135 26.90 33.12 74.64
C ALA V 135 25.74 33.61 75.51
N PHE V 136 26.00 34.18 76.67
CA PHE V 136 24.92 34.70 77.50
C PHE V 136 24.28 35.91 76.85
N PRO V 137 22.94 36.02 76.90
CA PRO V 137 22.08 35.10 77.66
C PRO V 137 21.61 33.88 76.87
N LYS V 138 21.70 33.94 75.54
CA LYS V 138 21.09 32.91 74.69
C LYS V 138 22.05 31.73 74.46
N ALA V 139 22.43 31.10 75.56
CA ALA V 139 23.27 29.90 75.52
C ALA V 139 22.41 28.67 75.21
N ARG V 140 22.75 27.95 74.14
CA ARG V 140 21.95 26.82 73.69
C ARG V 140 22.64 25.51 74.07
N ALA V 141 21.87 24.60 74.67
CA ALA V 141 22.40 23.30 75.06
C ALA V 141 22.58 22.36 73.86
N LEU V 142 21.88 22.63 72.75
CA LEU V 142 22.03 21.78 71.58
C LEU V 142 23.39 21.97 70.94
N ASP V 143 23.95 23.19 71.01
CA ASP V 143 25.31 23.39 70.52
C ASP V 143 26.31 22.66 71.40
N GLN V 144 26.07 22.61 72.71
CA GLN V 144 26.93 21.84 73.58
C GLN V 144 26.79 20.34 73.29
N GLN V 145 25.59 19.91 72.87
CA GLN V 145 25.41 18.53 72.43
C GLN V 145 26.18 18.27 71.14
N PHE V 146 26.21 19.25 70.24
CA PHE V 146 26.96 19.08 69.00
C PHE V 146 28.45 19.04 69.25
N ILE V 147 28.93 19.82 70.23
CA ILE V 147 30.35 19.82 70.57
C ILE V 147 30.75 18.53 71.29
N GLU V 148 29.91 18.05 72.21
CA GLU V 148 30.31 16.92 73.04
C GLU V 148 30.39 15.62 72.25
N MET V 149 29.50 15.42 71.29
CA MET V 149 29.44 14.16 70.54
C MET V 149 30.13 14.21 69.19
N TYR V 150 30.79 15.29 68.83
CA TYR V 150 31.40 15.39 67.52
C TYR V 150 32.62 14.49 67.42
N ASP V 151 32.65 13.63 66.41
CA ASP V 151 33.78 12.73 66.17
C ASP V 151 34.88 13.51 65.46
N ASP V 152 36.00 13.74 66.15
CA ASP V 152 37.12 14.56 65.69
C ASP V 152 38.22 13.70 65.10
N ASP V 153 37.80 12.53 64.63
CA ASP V 153 38.68 11.45 64.22
C ASP V 153 39.36 11.79 62.89
N GLU V 154 38.60 12.41 61.98
CA GLU V 154 39.07 12.81 60.65
C GLU V 154 39.88 14.09 60.70
N ILE V 155 39.44 15.09 61.49
CA ILE V 155 40.14 16.37 61.48
C ILE V 155 41.46 16.25 62.21
N LYS V 156 41.55 15.32 63.16
CA LYS V 156 42.82 15.04 63.81
C LYS V 156 43.80 14.35 62.88
N ARG V 157 43.30 13.45 62.03
CA ARG V 157 44.16 12.77 61.08
C ARG V 157 44.70 13.75 60.04
N ILE V 158 43.83 14.64 59.54
CA ILE V 158 44.30 15.59 58.55
C ILE V 158 45.22 16.64 59.18
N ALA V 159 44.97 17.03 60.43
CA ALA V 159 45.83 18.05 61.05
C ALA V 159 47.19 17.50 61.46
N SER V 160 47.27 16.23 61.90
CA SER V 160 48.55 15.62 62.20
C SER V 160 49.29 15.21 60.94
N LYS V 161 48.56 15.03 59.84
CA LYS V 161 49.21 14.73 58.56
C LYS V 161 50.02 15.92 58.07
N ASN V 162 49.52 17.13 58.30
CA ASN V 162 50.28 18.34 58.01
C ASN V 162 50.94 18.87 59.27
N ASN V 163 50.79 18.13 60.37
CA ASN V 163 51.36 18.48 61.67
C ASN V 163 50.95 19.90 62.05
N TRP V 164 49.65 20.15 62.00
CA TRP V 164 49.10 21.42 62.43
C TRP V 164 49.08 21.51 63.94
N LEU V 165 49.06 20.37 64.61
CA LEU V 165 49.14 20.25 66.05
C LEU V 165 50.60 20.28 66.50
N PRO V 166 50.88 20.87 67.67
CA PRO V 166 49.91 21.56 68.52
C PRO V 166 49.70 23.01 68.06
N LEU V 167 48.52 23.56 68.32
CA LEU V 167 48.24 24.96 68.02
C LEU V 167 48.83 25.84 69.10
N GLN V 168 49.70 26.77 68.71
CA GLN V 168 50.40 27.62 69.66
C GLN V 168 49.65 28.93 69.85
N TRP V 169 49.75 29.48 71.06
CA TRP V 169 49.04 30.71 71.41
C TRP V 169 49.84 31.94 71.00
N ASN W 1 -10.82 52.34 92.83
CA ASN W 1 -9.61 51.69 93.34
C ASN W 1 -9.53 50.25 92.85
N LYS W 2 -9.85 50.07 91.56
CA LYS W 2 -9.86 48.78 90.90
C LYS W 2 -8.45 48.39 90.45
N GLU W 3 -8.31 47.12 90.08
CA GLU W 3 -7.00 46.57 89.69
C GLU W 3 -6.54 47.16 88.36
N VAL W 4 -5.34 47.73 88.37
CA VAL W 4 -4.72 48.38 87.22
C VAL W 4 -3.41 47.66 86.91
N ILE W 5 -3.11 47.51 85.61
CA ILE W 5 -1.93 46.78 85.18
C ILE W 5 -1.04 47.68 84.31
N PRO W 6 0.15 48.04 84.77
CA PRO W 6 1.07 48.81 83.93
C PRO W 6 1.68 47.92 82.85
N PRO W 7 2.16 48.51 81.76
CA PRO W 7 2.81 47.70 80.72
C PRO W 7 4.13 47.14 81.24
N GLU W 8 4.61 46.10 80.56
CA GLU W 8 5.88 45.50 80.92
C GLU W 8 7.02 46.47 80.62
N ASN W 9 8.06 46.40 81.45
CA ASN W 9 9.23 47.27 81.34
C ASN W 9 8.85 48.75 81.45
N PHE W 10 7.81 49.05 82.21
CA PHE W 10 7.43 50.44 82.49
C PHE W 10 8.31 51.03 83.58
N SER W 11 8.72 52.27 83.39
CA SER W 11 9.40 53.02 84.44
C SER W 11 9.25 54.51 84.14
N HIS W 12 9.56 55.32 85.14
CA HIS W 12 9.61 56.76 84.97
C HIS W 12 11.01 57.15 84.52
N VAL W 13 11.08 58.11 83.59
CA VAL W 13 12.38 58.51 83.07
C VAL W 13 12.81 59.81 83.72
N VAL W 14 12.09 60.89 83.43
CA VAL W 14 12.42 62.16 84.07
C VAL W 14 11.28 63.15 83.94
N GLY W 15 10.93 63.80 85.05
CA GLY W 15 9.86 64.78 85.01
C GLY W 15 8.55 64.13 84.62
N GLU W 16 8.07 64.43 83.40
CA GLU W 16 6.86 63.83 82.85
C GLU W 16 7.16 63.01 81.61
N ILE W 17 8.34 62.40 81.56
CA ILE W 17 8.72 61.50 80.48
C ILE W 17 8.80 60.09 81.06
N TYR W 18 8.10 59.15 80.40
CA TYR W 18 7.99 57.76 80.85
C TYR W 18 8.44 56.84 79.72
N ARG W 19 8.77 55.60 80.10
CA ARG W 19 9.19 54.57 79.15
C ARG W 19 8.34 53.33 79.33
N SER W 20 8.17 52.58 78.25
CA SER W 20 7.41 51.33 78.33
C SER W 20 7.73 50.41 77.16
N SER W 21 7.16 49.22 77.24
CA SER W 21 7.07 48.28 76.13
C SER W 21 5.79 48.57 75.36
N PHE W 22 5.42 47.69 74.45
CA PHE W 22 4.19 47.89 73.68
C PHE W 22 2.98 47.66 74.56
N PRO W 23 2.11 48.66 74.74
CA PRO W 23 0.97 48.49 75.64
C PRO W 23 -0.11 47.60 75.06
N ARG W 24 -0.80 46.89 75.96
CA ARG W 24 -1.92 46.04 75.61
C ARG W 24 -3.21 46.65 76.15
N GLN W 25 -4.32 45.95 75.94
CA GLN W 25 -5.61 46.51 76.31
C GLN W 25 -5.74 46.68 77.82
N GLU W 26 -5.24 45.72 78.60
CA GLU W 26 -5.33 45.79 80.05
C GLU W 26 -4.47 46.90 80.63
N ASN W 27 -3.57 47.46 79.83
CA ASN W 27 -2.73 48.56 80.30
C ASN W 27 -3.38 49.91 80.05
N PHE W 28 -4.51 49.93 79.33
CA PHE W 28 -5.09 51.20 78.89
C PHE W 28 -5.59 52.02 80.07
N SER W 29 -6.12 51.37 81.10
CA SER W 29 -6.53 52.09 82.29
C SER W 29 -5.35 52.80 82.97
N PHE W 30 -4.16 52.20 82.90
CA PHE W 30 -3.01 52.80 83.56
C PHE W 30 -2.57 54.10 82.89
N LEU W 31 -2.61 54.16 81.57
CA LEU W 31 -2.07 55.33 80.87
C LEU W 31 -2.98 56.56 80.97
N HIS W 32 -4.29 56.37 81.09
CA HIS W 32 -5.23 57.49 81.04
C HIS W 32 -5.76 57.87 82.42
N GLU W 33 -6.15 56.88 83.22
CA GLU W 33 -6.83 57.13 84.47
C GLU W 33 -5.86 57.35 85.61
N ARG W 34 -4.63 56.89 85.45
CA ARG W 34 -3.63 56.95 86.50
C ARG W 34 -2.39 57.76 86.13
N LEU W 35 -1.89 57.59 84.92
CA LEU W 35 -0.79 58.43 84.45
C LEU W 35 -1.31 59.77 83.91
N LYS W 36 -2.51 59.77 83.33
CA LYS W 36 -3.10 60.94 82.68
C LYS W 36 -2.14 61.50 81.63
N LEU W 37 -1.82 60.64 80.66
CA LEU W 37 -0.87 60.99 79.63
C LEU W 37 -1.45 62.04 78.70
N LYS W 38 -0.58 62.83 78.09
CA LYS W 38 -1.00 63.76 77.05
C LYS W 38 -0.58 63.34 75.66
N SER W 39 0.56 62.66 75.53
CA SER W 39 0.97 62.16 74.24
C SER W 39 1.77 60.87 74.37
N ILE W 40 1.90 60.18 73.25
CA ILE W 40 2.67 58.94 73.19
C ILE W 40 3.55 58.94 71.95
N LEU W 41 4.85 58.74 72.14
CA LEU W 41 5.81 58.60 71.06
C LEU W 41 6.14 57.12 70.91
N VAL W 42 5.85 56.57 69.74
CA VAL W 42 6.12 55.19 69.41
C VAL W 42 7.33 55.12 68.49
N LEU W 43 8.14 54.07 68.65
CA LEU W 43 9.43 53.96 67.99
C LEU W 43 9.46 52.87 66.92
N ILE W 44 8.37 52.69 66.20
CA ILE W 44 8.31 51.61 65.21
C ILE W 44 8.03 52.17 63.82
N PRO W 45 8.63 51.59 62.77
CA PRO W 45 8.26 52.00 61.41
C PRO W 45 6.97 51.33 60.95
N GLU W 46 6.54 50.29 61.64
CA GLU W 46 5.29 49.63 61.31
C GLU W 46 4.11 50.51 61.73
N GLU W 47 2.95 50.21 61.16
CA GLU W 47 1.76 50.97 61.49
C GLU W 47 1.28 50.60 62.89
N TYR W 48 0.76 51.58 63.61
CA TYR W 48 0.28 51.34 64.96
C TYR W 48 -1.06 50.62 64.90
N PRO W 49 -1.27 49.59 65.72
CA PRO W 49 -2.49 48.78 65.60
C PRO W 49 -3.74 49.60 65.90
N GLN W 50 -4.85 49.14 65.34
CA GLN W 50 -6.07 49.95 65.32
C GLN W 50 -6.71 50.04 66.70
N GLU W 51 -6.67 48.96 67.48
CA GLU W 51 -7.24 49.01 68.81
C GLU W 51 -6.45 49.94 69.72
N ASN W 52 -5.16 50.08 69.46
CA ASN W 52 -4.35 51.05 70.21
C ASN W 52 -4.64 52.49 69.77
N LEU W 53 -4.83 52.71 68.46
CA LEU W 53 -5.11 54.05 67.97
C LEU W 53 -6.49 54.54 68.39
N ASN W 54 -7.47 53.63 68.46
CA ASN W 54 -8.82 54.04 68.82
C ASN W 54 -8.93 54.43 70.28
N PHE W 55 -8.18 53.79 71.16
CA PHE W 55 -8.18 54.21 72.56
C PHE W 55 -7.58 55.61 72.69
N LEU W 56 -6.54 55.91 71.90
CA LEU W 56 -5.94 57.24 71.94
C LEU W 56 -6.88 58.28 71.34
N LYS W 57 -7.70 57.90 70.36
CA LYS W 57 -8.66 58.84 69.81
C LYS W 57 -9.82 59.07 70.77
N LEU W 58 -10.19 58.05 71.55
CA LEU W 58 -11.25 58.22 72.54
C LEU W 58 -10.78 59.03 73.74
N THR W 59 -9.50 58.93 74.07
CA THR W 59 -8.98 59.60 75.26
C THR W 59 -8.39 60.97 74.96
N GLY W 60 -8.10 61.26 73.71
CA GLY W 60 -7.48 62.52 73.35
C GLY W 60 -5.97 62.54 73.41
N ILE W 61 -5.33 61.38 73.51
CA ILE W 61 -3.88 61.31 73.57
C ILE W 61 -3.31 61.52 72.18
N LYS W 62 -2.46 62.53 72.02
CA LYS W 62 -1.87 62.80 70.73
C LYS W 62 -0.77 61.78 70.46
N LEU W 63 -0.74 61.27 69.23
CA LEU W 63 0.23 60.25 68.85
C LEU W 63 1.36 60.89 68.06
N TYR W 64 2.59 60.69 68.52
CA TYR W 64 3.79 61.03 67.78
C TYR W 64 4.54 59.74 67.46
N GLN W 65 5.11 59.69 66.26
CA GLN W 65 5.81 58.49 65.82
C GLN W 65 7.08 58.89 65.12
N VAL W 66 8.21 58.45 65.67
CA VAL W 66 9.49 58.55 64.99
C VAL W 66 9.95 57.10 64.85
N GLY W 67 9.67 56.50 63.71
CA GLY W 67 9.92 55.10 63.49
C GLY W 67 11.38 54.76 63.28
N MET W 68 11.98 54.07 64.24
CA MET W 68 13.36 53.61 64.12
C MET W 68 13.35 52.09 63.97
N SER W 69 14.21 51.61 63.09
CA SER W 69 14.13 50.27 62.56
C SER W 69 14.49 49.18 63.57
N GLY W 70 13.77 48.06 63.46
CA GLY W 70 14.04 46.86 64.20
C GLY W 70 15.29 46.12 63.76
N ASN W 71 15.30 45.55 62.56
CA ASN W 71 16.52 44.96 62.02
C ASN W 71 17.18 45.78 60.92
N LYS W 72 16.53 45.89 59.76
CA LYS W 72 16.88 46.84 58.69
C LYS W 72 18.30 46.75 58.16
N GLU W 73 19.12 45.84 58.69
CA GLU W 73 20.56 45.86 58.38
C GLU W 73 21.19 44.59 58.91
N PRO W 74 22.47 44.33 58.64
CA PRO W 74 23.13 43.22 59.33
C PRO W 74 23.33 43.51 60.81
N PHE W 75 22.23 43.70 61.55
CA PHE W 75 22.19 43.50 63.00
C PHE W 75 23.18 44.42 63.72
N VAL W 76 22.88 45.72 63.80
CA VAL W 76 21.73 46.49 63.28
C VAL W 76 22.31 47.89 63.07
N ASN W 77 21.57 48.81 62.46
CA ASN W 77 21.99 50.21 62.48
C ASN W 77 20.79 51.15 62.56
N ILE W 78 20.97 52.22 63.33
CA ILE W 78 19.98 53.27 63.58
C ILE W 78 20.59 54.65 63.36
N PRO W 79 19.97 55.52 62.57
CA PRO W 79 20.53 56.87 62.36
C PRO W 79 20.28 57.80 63.54
N SER W 80 21.03 58.90 63.56
CA SER W 80 21.03 59.87 64.65
C SER W 80 19.97 60.97 64.54
N HIS W 81 19.49 61.29 63.34
CA HIS W 81 18.54 62.39 63.21
C HIS W 81 17.17 62.05 63.77
N LEU W 82 16.80 60.78 63.77
CA LEU W 82 15.54 60.39 64.39
C LEU W 82 15.59 60.60 65.90
N LEU W 83 16.78 60.48 66.50
CA LEU W 83 16.91 60.76 67.92
C LEU W 83 16.64 62.23 68.23
N THR W 84 17.17 63.14 67.42
CA THR W 84 16.88 64.55 67.67
C THR W 84 15.43 64.89 67.38
N LYS W 85 14.83 64.26 66.36
CA LYS W 85 13.43 64.56 66.10
C LYS W 85 12.56 64.08 67.26
N ALA W 86 12.84 62.90 67.80
CA ALA W 86 12.08 62.42 68.95
C ALA W 86 12.37 63.23 70.20
N LEU W 87 13.60 63.72 70.36
CA LEU W 87 13.93 64.54 71.53
C LEU W 87 13.24 65.90 71.50
N GLU W 88 13.05 66.46 70.30
CA GLU W 88 12.40 67.76 70.22
C GLU W 88 10.93 67.68 70.66
N ILE W 89 10.25 66.58 70.36
CA ILE W 89 8.87 66.44 70.82
C ILE W 89 8.83 65.97 72.27
N VAL W 90 9.79 65.16 72.71
CA VAL W 90 9.67 64.61 74.07
C VAL W 90 10.03 65.66 75.11
N LEU W 91 10.98 66.54 74.81
CA LEU W 91 11.38 67.56 75.76
C LEU W 91 10.50 68.80 75.69
N ASN W 92 9.58 68.85 74.73
CA ASN W 92 8.63 69.95 74.65
C ASN W 92 7.55 69.75 75.71
N PRO W 93 7.38 70.69 76.65
CA PRO W 93 6.40 70.49 77.72
C PRO W 93 4.95 70.55 77.27
N ALA W 94 4.67 71.04 76.06
CA ALA W 94 3.30 71.01 75.56
C ALA W 94 2.87 69.61 75.15
N ASN W 95 3.81 68.67 75.06
CA ASN W 95 3.52 67.29 74.71
C ASN W 95 3.61 66.34 75.89
N GLN W 96 3.84 66.86 77.13
CA GLN W 96 3.98 66.04 78.32
C GLN W 96 2.67 66.02 79.12
N PRO W 97 2.34 64.91 79.79
CA PRO W 97 3.08 63.64 80.00
C PRO W 97 3.25 62.83 78.72
N ILE W 98 4.48 62.39 78.44
CA ILE W 98 4.80 61.69 77.21
C ILE W 98 5.23 60.28 77.55
N LEU W 99 4.78 59.33 76.72
CA LEU W 99 5.16 57.92 76.85
C LEU W 99 6.01 57.50 75.67
N ILE W 100 7.25 57.09 75.92
CA ILE W 100 8.12 56.57 74.88
C ILE W 100 8.03 55.04 74.93
N HIS W 101 7.69 54.41 73.80
CA HIS W 101 7.68 52.96 73.84
C HIS W 101 8.02 52.38 72.47
N SER W 102 8.38 51.09 72.50
CA SER W 102 8.73 50.32 71.31
C SER W 102 8.14 48.93 71.50
N ASN W 103 8.62 47.96 70.72
CA ASN W 103 8.12 46.60 70.82
C ASN W 103 8.41 46.02 72.20
N ARG W 104 9.68 45.86 72.54
CA ARG W 104 10.06 45.30 73.83
C ARG W 104 10.43 46.36 74.86
N GLY W 105 10.46 47.64 74.48
CA GLY W 105 10.84 48.68 75.41
C GLY W 105 12.23 48.53 75.99
N LYS W 106 13.13 47.88 75.25
CA LYS W 106 14.47 47.56 75.72
C LYS W 106 15.57 48.28 74.95
N HIS W 107 15.55 48.21 73.62
CA HIS W 107 16.69 48.61 72.81
C HIS W 107 16.56 50.04 72.28
N ARG W 108 15.48 50.34 71.57
CA ARG W 108 15.31 51.68 71.01
C ARG W 108 14.92 52.72 72.06
N THR W 109 14.06 52.33 73.00
CA THR W 109 13.68 53.24 74.07
C THR W 109 14.88 53.56 74.95
N GLY W 110 15.70 52.56 75.25
CA GLY W 110 16.90 52.79 76.04
C GLY W 110 17.88 53.65 75.29
N CYS W 111 17.83 53.63 73.96
CA CYS W 111 18.72 54.44 73.15
C CYS W 111 18.30 55.92 73.23
N LEU W 112 16.99 56.19 73.11
CA LEU W 112 16.52 57.57 73.26
C LEU W 112 16.74 58.08 74.67
N ILE W 113 16.49 57.23 75.67
CA ILE W 113 16.66 57.64 77.05
C ILE W 113 18.15 57.79 77.38
N GLY W 114 19.03 57.05 76.72
CA GLY W 114 20.44 57.30 76.91
C GLY W 114 20.85 58.66 76.40
N CYS W 115 20.20 59.11 75.32
CA CYS W 115 20.49 60.49 74.90
C CYS W 115 19.86 61.51 75.85
N ILE W 116 18.74 61.15 76.49
CA ILE W 116 18.15 62.00 77.52
C ILE W 116 19.08 62.13 78.72
N ARG W 117 19.65 61.01 79.17
CA ARG W 117 20.55 61.04 80.32
C ARG W 117 21.86 61.73 80.00
N LYS W 118 22.31 61.66 78.75
CA LYS W 118 23.48 62.42 78.35
C LYS W 118 23.16 63.91 78.32
N LEU W 119 21.90 64.27 78.07
CA LEU W 119 21.52 65.67 78.17
C LEU W 119 21.49 66.15 79.63
N GLN W 120 21.23 65.26 80.57
CA GLN W 120 21.28 65.60 81.99
C GLN W 120 22.69 65.55 82.56
N ASN W 121 23.69 65.28 81.73
CA ASN W 121 25.10 65.21 82.15
C ASN W 121 25.30 64.14 83.22
N TRP W 122 24.69 62.98 82.99
CA TRP W 122 24.95 61.83 83.85
C TRP W 122 26.28 61.19 83.47
N SER W 123 26.87 60.48 84.43
CA SER W 123 28.04 59.67 84.13
C SER W 123 27.67 58.47 83.28
N LEU W 124 28.60 58.08 82.40
CA LEU W 124 28.33 57.00 81.46
C LEU W 124 28.15 55.65 82.14
N THR W 125 28.77 55.44 83.31
CA THR W 125 28.54 54.18 84.00
C THR W 125 27.08 54.03 84.42
N MET W 126 26.47 55.11 84.92
CA MET W 126 25.08 55.04 85.35
C MET W 126 24.12 54.95 84.18
N ILE W 127 24.46 55.57 83.05
CA ILE W 127 23.65 55.41 81.86
C ILE W 127 23.70 53.97 81.38
N PHE W 128 24.89 53.36 81.40
CA PHE W 128 25.01 51.98 80.96
C PHE W 128 24.34 51.04 81.94
N ASP W 129 24.33 51.37 83.23
CA ASP W 129 23.66 50.53 84.22
C ASP W 129 22.14 50.61 84.08
N GLU W 130 21.59 51.79 83.78
CA GLU W 130 20.15 51.86 83.56
C GLU W 130 19.75 51.14 82.29
N TYR W 131 20.55 51.29 81.22
CA TYR W 131 20.25 50.59 79.98
C TYR W 131 20.32 49.08 80.19
N ARG W 132 21.33 48.60 80.91
CA ARG W 132 21.45 47.17 81.11
C ARG W 132 20.39 46.65 82.07
N ARG W 133 19.94 47.47 83.03
CA ARG W 133 18.89 47.05 83.94
C ARG W 133 17.57 46.88 83.21
N PHE W 134 17.29 47.72 82.22
CA PHE W 134 16.03 47.57 81.52
C PHE W 134 16.10 46.63 80.31
N ALA W 135 17.27 46.48 79.69
CA ALA W 135 17.38 45.68 78.47
C ALA W 135 17.78 44.23 78.74
N PHE W 136 17.90 43.81 79.99
CA PHE W 136 18.21 42.42 80.28
C PHE W 136 17.03 41.55 79.87
N PRO W 137 17.27 40.40 79.21
CA PRO W 137 18.54 39.74 78.90
C PRO W 137 19.25 40.18 77.63
N LYS W 138 18.55 40.83 76.70
CA LYS W 138 19.12 41.18 75.40
C LYS W 138 19.80 42.56 75.48
N ALA W 139 20.81 42.64 76.35
CA ALA W 139 21.52 43.90 76.47
C ALA W 139 22.44 44.07 75.26
N ARG W 140 22.15 45.10 74.46
CA ARG W 140 22.82 45.32 73.20
C ARG W 140 23.80 46.47 73.35
N ALA W 141 25.06 46.22 73.00
CA ALA W 141 26.09 47.25 73.08
C ALA W 141 26.03 48.23 71.92
N LEU W 142 25.32 47.91 70.84
CA LEU W 142 25.22 48.85 69.72
C LEU W 142 24.38 50.07 70.09
N ASP W 143 23.37 49.88 70.92
CA ASP W 143 22.60 51.03 71.42
C ASP W 143 23.46 51.84 72.38
N GLN W 144 24.29 51.16 73.17
CA GLN W 144 25.24 51.87 74.02
C GLN W 144 26.27 52.61 73.17
N GLN W 145 26.59 52.08 71.99
CA GLN W 145 27.46 52.77 71.04
C GLN W 145 26.78 54.02 70.50
N PHE W 146 25.48 53.92 70.24
CA PHE W 146 24.71 55.08 69.79
C PHE W 146 24.57 56.12 70.90
N ILE W 147 24.73 55.71 72.16
CA ILE W 147 24.70 56.69 73.23
C ILE W 147 25.84 57.69 73.04
N GLU W 148 27.05 57.18 72.81
CA GLU W 148 28.22 58.03 72.64
C GLU W 148 28.32 58.66 71.25
N MET W 149 27.81 57.99 70.21
CA MET W 149 28.04 58.54 68.87
C MET W 149 27.22 59.79 68.57
N TYR W 150 26.16 60.03 69.34
CA TYR W 150 25.32 61.20 69.11
C TYR W 150 25.96 62.45 69.68
N ASP W 151 26.17 63.45 68.84
CA ASP W 151 26.60 64.77 69.28
C ASP W 151 25.35 65.60 69.59
N ASP W 152 25.24 66.09 70.82
CA ASP W 152 24.03 66.71 71.33
C ASP W 152 23.99 68.23 71.11
N ASP W 153 24.71 68.74 70.12
CA ASP W 153 24.78 70.20 69.94
C ASP W 153 23.49 70.77 69.36
N GLU W 154 22.86 70.03 68.44
CA GLU W 154 21.64 70.51 67.80
C GLU W 154 20.50 70.59 68.80
N ILE W 155 20.39 69.57 69.63
CA ILE W 155 19.29 69.50 70.58
C ILE W 155 19.53 70.43 71.77
N LYS W 156 20.79 70.68 72.16
CA LYS W 156 21.02 71.67 73.21
C LYS W 156 20.73 73.07 72.70
N ARG W 157 21.01 73.33 71.42
CA ARG W 157 20.71 74.64 70.86
C ARG W 157 19.20 74.88 70.85
N ILE W 158 18.43 73.87 70.45
CA ILE W 158 16.98 74.07 70.43
C ILE W 158 16.39 74.09 71.84
N ALA W 159 16.93 73.29 72.76
CA ALA W 159 16.35 73.24 74.11
C ALA W 159 16.68 74.50 74.91
N SER W 160 17.84 75.09 74.68
CA SER W 160 18.13 76.37 75.32
C SER W 160 17.42 77.52 74.63
N LYS W 161 17.05 77.34 73.35
CA LYS W 161 16.24 78.36 72.70
C LYS W 161 14.85 78.43 73.33
N ASN W 162 14.29 77.27 73.69
CA ASN W 162 12.97 77.19 74.30
C ASN W 162 13.00 77.01 75.81
N ASN W 163 14.17 77.12 76.43
CA ASN W 163 14.33 77.01 77.89
C ASN W 163 13.80 75.68 78.42
N TRP W 164 14.23 74.59 77.79
CA TRP W 164 13.82 73.26 78.23
C TRP W 164 14.78 72.64 79.26
N LEU W 165 16.08 72.94 79.17
CA LEU W 165 17.07 72.51 80.14
C LEU W 165 17.20 73.54 81.27
N PRO W 166 17.45 73.10 82.52
CA PRO W 166 17.61 71.71 82.95
C PRO W 166 16.29 70.97 83.09
N LEU W 167 16.33 69.64 82.98
CA LEU W 167 15.15 68.81 83.14
C LEU W 167 14.81 68.66 84.61
N GLN W 168 13.64 69.14 85.00
CA GLN W 168 13.23 69.15 86.40
C GLN W 168 12.42 67.89 86.71
N TRP W 169 12.60 67.41 87.94
CA TRP W 169 11.94 66.18 88.36
C TRP W 169 10.57 66.43 88.95
N ASN X 1 22.85 0.32 81.01
CA ASN X 1 23.96 1.24 81.23
C ASN X 1 24.19 2.09 79.98
N LYS X 2 23.12 2.54 79.34
CA LYS X 2 23.25 3.31 78.12
C LYS X 2 23.47 4.79 78.41
N GLU X 3 24.04 5.47 77.41
CA GLU X 3 24.18 6.93 77.44
C GLU X 3 22.84 7.53 77.02
N VAL X 4 22.03 7.89 77.99
CA VAL X 4 20.71 8.45 77.70
C VAL X 4 20.84 9.96 77.61
N ILE X 5 20.06 10.55 76.71
CA ILE X 5 20.10 11.99 76.48
C ILE X 5 18.71 12.54 76.80
N PRO X 6 18.57 13.22 77.95
CA PRO X 6 17.29 13.87 78.21
C PRO X 6 17.13 15.13 77.37
N PRO X 7 15.90 15.53 77.08
CA PRO X 7 15.67 16.76 76.32
C PRO X 7 16.01 18.00 77.14
N GLU X 8 16.12 19.12 76.43
CA GLU X 8 16.40 20.39 77.08
C GLU X 8 15.24 20.79 77.99
N ASN X 9 15.58 21.40 79.13
CA ASN X 9 14.59 21.88 80.10
C ASN X 9 13.62 20.78 80.51
N PHE X 10 14.12 19.55 80.58
CA PHE X 10 13.30 18.43 81.04
C PHE X 10 13.18 18.45 82.55
N SER X 11 11.97 18.22 83.05
CA SER X 11 11.77 18.06 84.47
C SER X 11 10.49 17.27 84.71
N HIS X 12 10.36 16.78 85.94
CA HIS X 12 9.13 16.15 86.40
C HIS X 12 8.25 17.23 87.01
N VAL X 13 6.95 17.14 86.75
CA VAL X 13 6.04 18.16 87.26
C VAL X 13 5.33 17.60 88.48
N VAL X 14 4.52 16.57 88.29
CA VAL X 14 3.82 15.98 89.42
C VAL X 14 3.33 14.58 89.11
N GLY X 15 3.57 13.64 90.01
CA GLY X 15 3.13 12.28 89.80
C GLY X 15 3.81 11.66 88.60
N GLU X 16 3.03 11.47 87.53
CA GLU X 16 3.56 10.95 86.27
C GLU X 16 3.43 11.99 85.16
N ILE X 17 3.47 13.27 85.52
CA ILE X 17 3.41 14.37 84.56
C ILE X 17 4.76 15.04 84.49
N TYR X 18 5.30 15.15 83.27
CA TYR X 18 6.63 15.70 83.00
C TYR X 18 6.52 16.87 82.04
N ARG X 19 7.58 17.67 81.99
CA ARG X 19 7.69 18.81 81.09
C ARG X 19 8.98 18.72 80.30
N SER X 20 8.98 19.29 79.09
CA SER X 20 10.21 19.34 78.32
C SER X 20 10.11 20.39 77.22
N SER X 21 11.21 20.54 76.50
CA SER X 21 11.25 21.25 75.23
C SER X 21 10.85 20.26 74.14
N PHE X 22 11.03 20.63 72.88
CA PHE X 22 10.64 19.72 71.80
C PHE X 22 11.61 18.54 71.72
N PRO X 23 11.15 17.31 71.91
CA PRO X 23 12.07 16.17 71.92
C PRO X 23 12.55 15.85 70.51
N ARG X 24 13.80 15.40 70.43
CA ARG X 24 14.42 14.97 69.18
C ARG X 24 14.73 13.48 69.27
N GLN X 25 15.40 12.96 68.23
CA GLN X 25 15.66 11.53 68.15
C GLN X 25 16.59 11.04 69.25
N GLU X 26 17.55 11.87 69.67
CA GLU X 26 18.47 11.44 70.72
C GLU X 26 17.79 11.29 72.08
N ASN X 27 16.59 11.85 72.25
CA ASN X 27 15.85 11.74 73.50
C ASN X 27 14.87 10.58 73.53
N PHE X 28 14.73 9.84 72.42
CA PHE X 28 13.68 8.83 72.34
C PHE X 28 13.95 7.65 73.28
N SER X 29 15.21 7.24 73.42
CA SER X 29 15.52 6.18 74.36
C SER X 29 15.17 6.60 75.78
N PHE X 30 15.42 7.87 76.11
CA PHE X 30 15.10 8.36 77.45
C PHE X 30 13.59 8.44 77.65
N LEU X 31 12.86 8.82 76.60
CA LEU X 31 11.41 8.98 76.74
C LEU X 31 10.72 7.64 76.81
N HIS X 32 11.31 6.59 76.24
CA HIS X 32 10.62 5.31 76.18
C HIS X 32 11.07 4.31 77.23
N GLU X 33 12.37 4.16 77.49
CA GLU X 33 12.78 3.07 78.35
C GLU X 33 12.78 3.43 79.84
N ARG X 34 12.88 4.71 80.18
CA ARG X 34 12.92 5.09 81.59
C ARG X 34 11.75 5.96 82.02
N LEU X 35 11.27 6.86 81.16
CA LEU X 35 10.06 7.60 81.51
C LEU X 35 8.80 6.77 81.31
N LYS X 36 8.79 5.89 80.31
CA LYS X 36 7.64 5.03 80.00
C LYS X 36 6.37 5.86 79.81
N LEU X 37 6.43 6.78 78.84
CA LEU X 37 5.31 7.69 78.62
C LEU X 37 4.12 6.97 77.99
N LYS X 38 2.92 7.46 78.31
CA LYS X 38 1.68 7.02 77.69
C LYS X 38 1.03 8.07 76.81
N SER X 39 1.24 9.35 77.09
CA SER X 39 0.67 10.41 76.27
C SER X 39 1.65 11.56 76.14
N ILE X 40 1.43 12.37 75.10
CA ILE X 40 2.22 13.56 74.84
C ILE X 40 1.28 14.70 74.48
N LEU X 41 1.38 15.81 75.20
CA LEU X 41 0.63 17.02 74.89
C LEU X 41 1.58 18.04 74.29
N VAL X 42 1.32 18.41 73.04
CA VAL X 42 2.12 19.42 72.34
C VAL X 42 1.30 20.70 72.24
N LEU X 43 1.82 21.77 72.82
CA LEU X 43 1.14 23.06 72.82
C LEU X 43 1.55 23.93 71.63
N ILE X 44 1.47 23.37 70.43
CA ILE X 44 1.78 24.10 69.21
C ILE X 44 0.57 23.97 68.28
N PRO X 45 0.18 25.04 67.55
CA PRO X 45 -0.98 24.90 66.65
C PRO X 45 -0.68 24.27 65.31
N GLU X 46 0.56 24.36 64.83
CA GLU X 46 0.91 23.81 63.53
C GLU X 46 1.08 22.29 63.59
N GLU X 47 1.49 21.72 62.47
CA GLU X 47 1.61 20.28 62.30
C GLU X 47 2.75 19.67 63.11
N TYR X 48 2.54 18.43 63.54
CA TYR X 48 3.55 17.66 64.26
C TYR X 48 4.55 17.08 63.28
N PRO X 49 5.85 17.18 63.54
CA PRO X 49 6.84 16.69 62.58
C PRO X 49 6.81 15.17 62.46
N GLN X 50 7.26 14.68 61.30
CA GLN X 50 7.07 13.27 60.97
C GLN X 50 8.01 12.36 61.74
N GLU X 51 9.21 12.83 62.11
CA GLU X 51 10.09 11.96 62.87
C GLU X 51 9.52 11.65 64.25
N ASN X 52 8.83 12.62 64.84
CA ASN X 52 8.14 12.39 66.11
C ASN X 52 6.84 11.61 65.92
N LEU X 53 6.12 11.85 64.81
CA LEU X 53 4.89 11.11 64.53
C LEU X 53 5.19 9.64 64.29
N ASN X 54 6.35 9.33 63.71
CA ASN X 54 6.78 7.95 63.52
C ASN X 54 7.08 7.30 64.86
N PHE X 55 7.66 8.07 65.79
CA PHE X 55 7.92 7.54 67.13
C PHE X 55 6.63 7.26 67.87
N LEU X 56 5.62 8.12 67.70
CA LEU X 56 4.34 7.88 68.35
C LEU X 56 3.60 6.69 67.74
N LYS X 57 3.73 6.50 66.42
CA LYS X 57 3.11 5.33 65.81
C LYS X 57 3.86 4.06 66.13
N LEU X 58 5.17 4.16 66.35
CA LEU X 58 5.97 3.00 66.70
C LEU X 58 5.73 2.56 68.14
N THR X 59 5.48 3.50 69.06
CA THR X 59 5.30 3.14 70.45
C THR X 59 3.85 3.10 70.92
N GLY X 60 2.93 3.75 70.21
CA GLY X 60 1.57 3.82 70.68
C GLY X 60 1.29 4.95 71.65
N ILE X 61 2.19 5.91 71.79
CA ILE X 61 1.97 7.02 72.71
C ILE X 61 0.98 8.00 72.05
N LYS X 62 -0.13 8.25 72.71
CA LYS X 62 -1.18 9.09 72.14
C LYS X 62 -0.84 10.58 72.22
N LEU X 63 -1.17 11.30 71.15
CA LEU X 63 -0.92 12.72 71.03
C LEU X 63 -2.17 13.55 71.29
N TYR X 64 -2.03 14.53 72.19
CA TYR X 64 -3.01 15.59 72.35
C TYR X 64 -2.35 16.90 71.93
N GLN X 65 -3.14 17.78 71.30
CA GLN X 65 -2.62 19.03 70.79
C GLN X 65 -3.58 20.16 71.13
N VAL X 66 -3.10 21.15 71.88
CA VAL X 66 -3.85 22.37 72.17
C VAL X 66 -3.06 23.53 71.57
N GLY X 67 -3.51 24.03 70.42
CA GLY X 67 -2.80 25.02 69.65
C GLY X 67 -2.81 26.38 70.32
N MET X 68 -1.66 26.79 70.84
CA MET X 68 -1.46 28.06 71.54
C MET X 68 -0.39 28.88 70.82
N SER X 69 -0.59 30.20 70.77
CA SER X 69 0.24 31.07 69.92
C SER X 69 1.66 31.20 70.47
N GLY X 70 2.64 31.08 69.58
CA GLY X 70 3.99 31.38 70.01
C GLY X 70 4.23 32.86 70.21
N ASN X 71 4.40 33.59 69.11
CA ASN X 71 4.21 35.03 69.08
C ASN X 71 3.23 35.42 67.97
N LYS X 72 3.59 35.12 66.71
CA LYS X 72 2.81 35.25 65.50
C LYS X 72 2.58 36.72 65.13
N GLU X 73 2.81 37.61 66.08
CA GLU X 73 2.51 39.04 66.07
C GLU X 73 3.01 39.61 67.40
N PRO X 74 3.09 40.93 67.56
CA PRO X 74 3.71 41.47 68.78
C PRO X 74 2.91 41.35 70.07
N PHE X 75 3.27 40.36 70.89
CA PHE X 75 3.16 40.48 72.34
C PHE X 75 1.81 40.71 73.01
N VAL X 76 0.96 39.69 73.18
CA VAL X 76 0.69 38.46 72.42
C VAL X 76 -0.57 38.05 73.19
N ASN X 77 -1.36 37.08 72.73
CA ASN X 77 -2.55 36.74 73.50
C ASN X 77 -2.75 35.24 73.63
N ILE X 78 -3.11 34.81 74.84
CA ILE X 78 -3.49 33.42 75.11
C ILE X 78 -4.75 33.43 75.92
N PRO X 79 -5.83 32.77 75.44
CA PRO X 79 -7.11 32.76 76.18
C PRO X 79 -7.09 31.78 77.35
N SER X 80 -8.16 31.85 78.14
CA SER X 80 -8.29 31.00 79.32
C SER X 80 -8.94 29.64 79.06
N HIS X 81 -9.72 29.49 78.00
CA HIS X 81 -10.44 28.23 77.76
C HIS X 81 -9.52 27.11 77.28
N LEU X 82 -8.52 27.44 76.47
CA LEU X 82 -7.58 26.43 76.00
C LEU X 82 -6.68 25.91 77.11
N LEU X 83 -6.38 26.75 78.10
CA LEU X 83 -5.56 26.27 79.22
C LEU X 83 -6.31 25.20 80.00
N THR X 84 -7.61 25.39 80.25
CA THR X 84 -8.36 24.34 80.93
C THR X 84 -8.55 23.14 80.02
N LYS X 85 -8.58 23.34 78.70
CA LYS X 85 -8.65 22.17 77.82
C LYS X 85 -7.40 21.31 77.97
N ALA X 86 -6.24 21.96 78.06
CA ALA X 86 -5.01 21.21 78.30
C ALA X 86 -5.01 20.60 79.69
N LEU X 87 -5.64 21.26 80.65
CA LEU X 87 -5.76 20.71 82.01
C LEU X 87 -6.67 19.49 82.01
N GLU X 88 -7.70 19.49 81.17
CA GLU X 88 -8.57 18.33 81.03
C GLU X 88 -7.82 17.17 80.42
N ILE X 89 -6.84 17.47 79.57
CA ILE X 89 -6.05 16.38 78.99
C ILE X 89 -5.05 15.82 80.00
N VAL X 90 -4.34 16.69 80.73
CA VAL X 90 -3.19 16.22 81.49
C VAL X 90 -3.57 15.59 82.83
N LEU X 91 -4.63 16.05 83.48
CA LEU X 91 -4.92 15.57 84.83
C LEU X 91 -5.63 14.23 84.87
N ASN X 92 -6.03 13.69 83.73
CA ASN X 92 -6.64 12.36 83.70
C ASN X 92 -5.59 11.29 83.89
N PRO X 93 -5.67 10.45 84.92
CA PRO X 93 -4.65 9.41 85.11
C PRO X 93 -4.72 8.30 84.09
N ALA X 94 -5.80 8.22 83.30
CA ALA X 94 -5.86 7.24 82.22
C ALA X 94 -4.98 7.64 81.03
N ASN X 95 -4.50 8.88 81.00
CA ASN X 95 -3.60 9.35 79.97
C ASN X 95 -2.17 9.54 80.47
N GLN X 96 -1.90 9.26 81.74
CA GLN X 96 -0.58 9.45 82.32
C GLN X 96 0.18 8.13 82.34
N PRO X 97 1.52 8.14 82.20
CA PRO X 97 2.47 9.27 82.14
C PRO X 97 2.38 10.14 80.89
N ILE X 98 2.26 11.44 81.09
CA ILE X 98 2.11 12.40 80.00
C ILE X 98 3.28 13.38 80.02
N LEU X 99 3.74 13.72 78.83
CA LEU X 99 4.81 14.70 78.64
C LEU X 99 4.23 15.94 77.98
N ILE X 100 4.32 17.08 78.67
CA ILE X 100 3.91 18.36 78.11
C ILE X 100 5.14 19.03 77.51
N HIS X 101 5.05 19.41 76.24
CA HIS X 101 6.20 20.09 75.67
C HIS X 101 5.77 21.08 74.59
N SER X 102 6.69 21.96 74.27
CA SER X 102 6.52 22.98 73.24
C SER X 102 7.88 23.09 72.53
N ASN X 103 8.10 24.19 71.82
CA ASN X 103 9.36 24.37 71.10
C ASN X 103 10.55 24.35 72.05
N ARG X 104 10.60 25.31 72.99
CA ARG X 104 11.72 25.42 73.91
C ARG X 104 11.39 25.00 75.33
N GLY X 105 10.11 24.80 75.67
CA GLY X 105 9.74 24.42 77.02
C GLY X 105 9.81 25.55 78.01
N LYS X 106 9.64 26.80 77.56
CA LYS X 106 9.79 27.97 78.40
C LYS X 106 8.49 28.73 78.60
N HIS X 107 7.79 29.10 77.53
CA HIS X 107 6.70 30.05 77.62
C HIS X 107 5.33 29.36 77.69
N ARG X 108 5.00 28.56 76.68
CA ARG X 108 3.70 27.88 76.66
C ARG X 108 3.65 26.70 77.62
N THR X 109 4.77 25.99 77.79
CA THR X 109 4.81 24.89 78.75
C THR X 109 4.66 25.42 80.17
N GLY X 110 5.34 26.51 80.46
CA GLY X 110 5.32 27.07 81.80
C GLY X 110 3.98 27.64 82.20
N CYS X 111 3.18 28.09 81.22
CA CYS X 111 1.88 28.66 81.55
C CYS X 111 0.89 27.57 81.98
N LEU X 112 0.91 26.44 81.28
CA LEU X 112 0.07 25.31 81.68
C LEU X 112 0.53 24.74 83.00
N ILE X 113 1.85 24.67 83.21
CA ILE X 113 2.32 24.13 84.48
C ILE X 113 2.04 25.12 85.62
N GLY X 114 2.06 26.43 85.36
CA GLY X 114 1.73 27.38 86.39
C GLY X 114 0.29 27.29 86.83
N CYS X 115 -0.62 26.99 85.90
CA CYS X 115 -2.00 26.76 86.30
C CYS X 115 -2.21 25.38 86.92
N ILE X 116 -1.37 24.40 86.56
CA ILE X 116 -1.40 23.13 87.31
C ILE X 116 -0.99 23.34 88.74
N ARG X 117 0.04 24.17 88.96
CA ARG X 117 0.47 24.47 90.32
C ARG X 117 -0.55 25.32 91.07
N LYS X 118 -1.33 26.12 90.33
CA LYS X 118 -2.45 26.80 90.97
C LYS X 118 -3.55 25.81 91.34
N LEU X 119 -3.66 24.71 90.60
CA LEU X 119 -4.55 23.63 90.99
C LEU X 119 -4.03 22.89 92.21
N GLN X 120 -2.72 22.90 92.42
CA GLN X 120 -2.12 22.33 93.62
C GLN X 120 -2.18 23.29 94.80
N ASN X 121 -2.82 24.45 94.60
CA ASN X 121 -2.96 25.47 95.64
C ASN X 121 -1.60 25.92 96.14
N TRP X 122 -0.67 26.12 95.21
CA TRP X 122 0.61 26.71 95.53
C TRP X 122 0.49 28.23 95.63
N SER X 123 1.44 28.83 96.33
CA SER X 123 1.52 30.29 96.32
C SER X 123 1.99 30.74 94.94
N LEU X 124 1.49 31.90 94.52
CA LEU X 124 1.86 32.41 93.20
C LEU X 124 3.32 32.78 93.12
N THR X 125 3.96 33.11 94.25
CA THR X 125 5.37 33.42 94.23
C THR X 125 6.20 32.20 93.81
N MET X 126 5.89 31.03 94.37
CA MET X 126 6.65 29.84 94.02
C MET X 126 6.32 29.36 92.62
N ILE X 127 5.09 29.59 92.16
CA ILE X 127 4.72 29.27 90.79
C ILE X 127 5.50 30.14 89.81
N PHE X 128 5.59 31.44 90.09
CA PHE X 128 6.32 32.32 89.18
C PHE X 128 7.81 32.06 89.24
N ASP X 129 8.31 31.64 90.41
CA ASP X 129 9.73 31.32 90.52
C ASP X 129 10.06 30.05 89.76
N GLU X 130 9.17 29.05 89.80
CA GLU X 130 9.39 27.86 89.00
C GLU X 130 9.30 28.16 87.51
N TYR X 131 8.39 29.05 87.12
CA TYR X 131 8.33 29.44 85.71
C TYR X 131 9.62 30.12 85.28
N ARG X 132 10.13 31.04 86.10
CA ARG X 132 11.35 31.78 85.74
C ARG X 132 12.59 30.91 85.80
N ARG X 133 12.58 29.84 86.59
CA ARG X 133 13.73 28.94 86.60
C ARG X 133 13.88 28.20 85.28
N PHE X 134 12.76 27.86 84.63
CA PHE X 134 12.81 27.16 83.34
C PHE X 134 12.84 28.11 82.16
N ALA X 135 12.27 29.30 82.29
CA ALA X 135 12.11 30.23 81.18
C ALA X 135 13.31 31.16 81.02
N PHE X 136 14.38 30.93 81.77
CA PHE X 136 15.58 31.73 81.60
C PHE X 136 16.19 31.46 80.23
N PRO X 137 16.63 32.50 79.51
CA PRO X 137 16.63 33.89 79.97
C PRO X 137 15.38 34.72 79.68
N LYS X 138 14.58 34.30 78.70
CA LYS X 138 13.46 35.13 78.23
C LYS X 138 12.17 34.83 79.00
N ALA X 139 12.23 35.04 80.32
CA ALA X 139 11.05 34.88 81.17
C ALA X 139 10.19 36.14 81.01
N ARG X 140 8.98 35.95 80.49
CA ARG X 140 8.09 37.06 80.16
C ARG X 140 6.94 37.16 81.14
N ALA X 141 6.64 38.38 81.54
CA ALA X 141 5.58 38.63 82.51
C ALA X 141 4.18 38.43 81.94
N LEU X 142 4.02 38.34 80.61
CA LEU X 142 2.69 38.13 80.05
C LEU X 142 2.18 36.72 80.32
N ASP X 143 3.08 35.72 80.30
CA ASP X 143 2.66 34.37 80.68
C ASP X 143 2.34 34.32 82.16
N GLN X 144 3.08 35.07 82.96
CA GLN X 144 2.77 35.18 84.37
C GLN X 144 1.43 35.85 84.58
N GLN X 145 1.08 36.79 83.70
CA GLN X 145 -0.24 37.42 83.74
C GLN X 145 -1.34 36.42 83.40
N PHE X 146 -1.07 35.52 82.46
CA PHE X 146 -2.07 34.51 82.12
C PHE X 146 -2.26 33.53 83.26
N ILE X 147 -1.19 33.24 84.00
CA ILE X 147 -1.33 32.39 85.19
C ILE X 147 -2.07 33.13 86.29
N GLU X 148 -1.80 34.42 86.47
CA GLU X 148 -2.40 35.17 87.57
C GLU X 148 -3.89 35.42 87.35
N MET X 149 -4.32 35.66 86.11
CA MET X 149 -5.70 36.05 85.88
C MET X 149 -6.64 34.88 85.57
N TYR X 150 -6.13 33.66 85.46
CA TYR X 150 -6.98 32.53 85.10
C TYR X 150 -7.79 32.06 86.29
N ASP X 151 -9.11 31.97 86.11
CA ASP X 151 -10.00 31.46 87.16
C ASP X 151 -10.02 29.93 87.09
N ASP X 152 -9.56 29.29 88.17
CA ASP X 152 -9.38 27.84 88.22
C ASP X 152 -10.58 27.12 88.83
N ASP X 153 -11.75 27.77 88.85
CA ASP X 153 -12.93 27.22 89.51
C ASP X 153 -13.58 26.08 88.72
N GLU X 154 -13.55 26.11 87.39
CA GLU X 154 -14.25 25.09 86.62
C GLU X 154 -13.55 23.73 86.69
N ILE X 155 -12.23 23.72 86.50
CA ILE X 155 -11.56 22.42 86.51
C ILE X 155 -11.41 21.86 87.92
N LYS X 156 -11.51 22.69 88.96
CA LYS X 156 -11.51 22.12 90.30
C LYS X 156 -12.77 21.31 90.55
N ARG X 157 -13.91 21.76 90.03
CA ARG X 157 -15.11 20.94 90.13
C ARG X 157 -15.00 19.73 89.23
N ILE X 158 -14.36 19.86 88.07
CA ILE X 158 -14.22 18.68 87.20
C ILE X 158 -13.33 17.63 87.86
N ALA X 159 -12.30 18.08 88.59
CA ALA X 159 -11.40 17.15 89.28
C ALA X 159 -12.05 16.57 90.53
N SER X 160 -12.95 17.32 91.17
CA SER X 160 -13.65 16.78 92.32
C SER X 160 -14.71 15.77 91.88
N LYS X 161 -15.21 15.89 90.64
CA LYS X 161 -16.16 14.91 90.13
C LYS X 161 -15.49 13.59 89.79
N ASN X 162 -14.28 13.63 89.23
CA ASN X 162 -13.58 12.43 88.79
C ASN X 162 -12.55 11.95 89.81
N ASN X 163 -12.54 12.54 91.00
CA ASN X 163 -11.63 12.16 92.08
C ASN X 163 -10.18 12.23 91.62
N TRP X 164 -9.83 13.33 90.96
CA TRP X 164 -8.44 13.52 90.54
C TRP X 164 -7.61 14.27 91.57
N LEU X 165 -8.13 15.37 92.08
CA LEU X 165 -7.38 16.04 93.13
C LEU X 165 -7.76 15.46 94.50
N PRO X 166 -6.80 15.34 95.43
CA PRO X 166 -5.43 15.82 95.22
C PRO X 166 -4.52 14.94 94.35
N LEU X 167 -3.58 15.63 93.72
CA LEU X 167 -2.55 15.03 92.87
C LEU X 167 -1.43 14.46 93.72
N GLN X 168 -1.10 13.19 93.51
CA GLN X 168 -0.09 12.52 94.29
C GLN X 168 1.28 12.68 93.62
N TRP X 169 2.32 12.79 94.44
CA TRP X 169 3.68 12.96 93.94
C TRP X 169 4.36 11.62 93.68
S SO4 Y . 27.26 -30.50 28.27
O1 SO4 Y . 26.40 -31.60 27.83
O2 SO4 Y . 28.31 -30.27 27.28
O3 SO4 Y . 26.47 -29.28 28.42
O4 SO4 Y . 27.87 -30.87 29.54
S SO4 Z . 30.13 -12.09 21.82
O1 SO4 Z . 30.39 -13.25 20.97
O2 SO4 Z . 28.79 -11.58 21.54
O3 SO4 Z . 30.22 -12.47 23.22
O4 SO4 Z . 31.11 -11.04 21.54
S SO4 AA . 13.43 -16.43 31.66
O1 SO4 AA . 14.04 -16.71 30.36
O2 SO4 AA . 12.63 -15.21 31.58
O3 SO4 AA . 14.48 -16.25 32.66
O4 SO4 AA . 12.60 -17.56 32.06
S SO4 BA . -17.58 32.28 16.57
O1 SO4 BA . -16.69 31.27 16.03
O2 SO4 BA . -18.32 32.91 15.47
O3 SO4 BA . -18.50 31.68 17.53
O4 SO4 BA . -16.78 33.31 17.24
S SO4 CA . 0.95 27.09 12.28
O1 SO4 CA . -0.15 26.49 11.55
O2 SO4 CA . 2.06 27.35 11.36
O3 SO4 CA . 1.36 26.18 13.33
O4 SO4 CA . 0.52 28.36 12.87
S SO4 DA . -12.31 12.76 17.85
O1 SO4 DA . -13.00 11.84 16.96
O2 SO4 DA . -12.15 14.06 17.21
O3 SO4 DA . -13.09 12.94 19.07
O4 SO4 DA . -11.01 12.20 18.20
S SO4 EA . -32.45 15.51 -72.50
O1 SO4 EA . -31.76 16.52 -73.30
O2 SO4 EA . -33.45 14.86 -73.34
O3 SO4 EA . -33.09 16.16 -71.37
O4 SO4 EA . -31.50 14.52 -72.02
S SO4 FA . -44.05 2.70 -63.37
O1 SO4 FA . -45.08 1.75 -62.95
O2 SO4 FA . -44.42 3.25 -64.67
O3 SO4 FA . -42.79 1.99 -63.50
O4 SO4 FA . -43.93 3.78 -62.41
S SO4 GA . -51.28 21.36 -65.99
O1 SO4 GA . -52.08 21.10 -67.19
O2 SO4 GA . -50.37 22.47 -66.27
O3 SO4 GA . -52.16 21.71 -64.89
O4 SO4 GA . -50.50 20.16 -65.66
S SO4 HA . -6.92 -41.72 -56.50
O1 SO4 HA . -8.33 -41.68 -56.87
O2 SO4 HA . -6.08 -41.64 -57.68
O3 SO4 HA . -6.63 -42.97 -55.79
O4 SO4 HA . -6.64 -40.59 -55.63
S SO4 IA . -2.01 -22.11 -59.97
O1 SO4 IA . -1.33 -22.95 -60.94
O2 SO4 IA . -3.05 -21.34 -60.65
O3 SO4 IA . -2.62 -22.96 -58.96
O4 SO4 IA . -1.07 -21.20 -59.33
S SO4 JA . -19.84 -27.51 -50.92
O1 SO4 JA . -20.77 -28.44 -51.57
O2 SO4 JA . -20.07 -26.17 -51.43
O3 SO4 JA . -20.07 -27.55 -49.47
O4 SO4 JA . -18.47 -27.91 -51.21
S SO4 KA . -20.65 30.69 -12.72
O1 SO4 KA . -21.66 29.88 -13.40
O2 SO4 KA . -20.04 31.60 -13.69
O3 SO4 KA . -21.24 31.48 -11.65
O4 SO4 KA . -19.64 29.81 -12.15
S SO4 LA . -24.29 11.52 -8.50
O1 SO4 LA . -25.65 11.04 -8.33
O2 SO4 LA . -23.76 11.02 -9.78
O3 SO4 LA . -23.45 11.01 -7.42
O4 SO4 LA . -24.27 12.97 -8.50
S SO4 MA . -6.50 16.88 -15.06
O1 SO4 MA . -6.23 15.60 -15.69
O2 SO4 MA . -7.96 17.10 -15.05
O3 SO4 MA . -5.85 17.97 -15.79
O4 SO4 MA . -5.99 16.87 -13.70
S SO4 NA . 6.35 -18.11 -31.76
O1 SO4 NA . 6.52 -17.67 -33.14
O2 SO4 NA . 5.51 -19.31 -31.71
O3 SO4 NA . 5.70 -17.03 -31.03
O4 SO4 NA . 7.64 -18.42 -31.16
S SO4 OA . 11.04 -37.38 -32.97
O1 SO4 OA . 12.22 -37.70 -33.77
O2 SO4 OA . 10.00 -36.79 -33.83
O3 SO4 OA . 11.39 -36.42 -31.94
O4 SO4 OA . 10.52 -38.60 -32.36
S SO4 PA . -6.54 -31.68 -24.79
O1 SO4 PA . -7.83 -31.31 -25.37
O2 SO4 PA . -5.51 -31.70 -25.82
O3 SO4 PA . -6.62 -33.00 -24.17
O4 SO4 PA . -6.17 -30.71 -23.76
S SO4 QA . 44.18 -20.43 50.43
O1 SO4 QA . 43.95 -21.60 49.59
O2 SO4 QA . 43.87 -19.20 49.70
O3 SO4 QA . 43.34 -20.47 51.61
O4 SO4 QA . 45.59 -20.41 50.83
S SO4 RA . 26.97 -15.25 57.77
O1 SO4 RA . 27.53 -15.72 56.50
O2 SO4 RA . 25.68 -14.60 57.51
O3 SO4 RA . 27.88 -14.31 58.38
O4 SO4 RA . 26.75 -16.39 58.67
S SO4 SA . 38.71 -1.70 48.79
O1 SO4 SA . 38.42 -1.29 47.42
O2 SO4 SA . 38.66 -3.15 48.90
O3 SO4 SA . 37.73 -1.09 49.68
O4 SO4 SA . 40.05 -1.24 49.15
S SO4 TA . 27.36 33.17 66.57
O1 SO4 TA . 26.68 32.34 65.59
O2 SO4 TA . 28.35 34.00 65.91
O3 SO4 TA . 26.34 34.02 67.19
O4 SO4 TA . 28.04 32.34 67.55
S SO4 UA . 13.08 46.79 71.37
O1 SO4 UA . 13.75 47.46 70.26
O2 SO4 UA . 11.63 46.95 71.24
O3 SO4 UA . 13.43 45.37 71.36
O4 SO4 UA . 13.52 47.39 72.63
S SO4 VA . 8.30 27.50 74.21
O1 SO4 VA . 9.19 27.90 73.12
O2 SO4 VA . 6.92 27.76 73.84
O3 SO4 VA . 8.63 28.27 75.41
O4 SO4 VA . 8.50 26.09 74.50
#